data_8AA2
#
_entry.id   8AA2
#
_cell.length_a   1.00
_cell.length_b   1.00
_cell.length_c   1.00
_cell.angle_alpha   90.00
_cell.angle_beta   90.00
_cell.angle_gamma   90.00
#
_symmetry.space_group_name_H-M   'P 1'
#
loop_
_entity.id
_entity.type
_entity.pdbx_description
1 polymer 'Glycoside hydrolase family 32'
2 polymer 'DUF4960 domain-containing protein'
3 polymer 'SusD homolog'
4 polymer 'SusC homolog'
5 branched beta-D-fructofuranose-(2-6)-beta-D-fructofuranose-(2-6)-beta-D-fructofuranose-(2-6)-beta-D-fructofuranose-(2-6)-beta-D-fructofuranose-(2-6)-beta-D-fructofuranose-(2-6)-[beta-D-fructofuranose-(2-1)]beta-D-fructofuranose-(2-6)-beta-D-fructofuranose-(2-6)-beta-D-fructofuranose-(2-6)-beta-D-fructofuranose-(2-6)-beta-D-fructofuranose-(2-6)-beta-D-fructofuranose
6 branched beta-D-fructofuranose-(2-6)-beta-D-fructofuranose-(2-6)-beta-D-fructofuranose-(2-6)-beta-D-fructofuranose-(2-6)-beta-D-fructofuranose
7 branched beta-D-fructofuranose-(2-6)-beta-D-fructofuranose-(2-6)-beta-D-fructofuranose-(2-6)-beta-D-fructofuranose-(2-6)-[beta-D-fructofuranose-(2-1)]beta-D-fructofuranose-(2-6)-beta-D-fructofuranose
8 branched beta-D-fructofuranose-(2-6)-beta-D-fructofuranose-(2-6)-beta-D-fructofuranose-(2-6)-beta-D-fructofuranose
9 non-polymer 'MAGNESIUM ION'
#
loop_
_entity_poly.entity_id
_entity_poly.type
_entity_poly.pdbx_seq_one_letter_code
_entity_poly.pdbx_strand_id
1 'polypeptide(L)'
;MMKNMILPIAFTALIASMTACSDETDPILTQKNWDGTATYFQSSDEHGFSMYYKPQVGFVGAPMPFYDPVAKDFKVMYLQ
DYRPNPEATYHPIFGVATKDGATYESLGELISCGGRDEQDAAIGTGGTIYNPADKLYYTFYTGNKFKPSSDQNAQVVMVA
TSPDFKTWTKNRTFYLKGDTYGYDKNDFRDPFLFQTEDGVYHMLIATRKNGKGHIAEFTSADLKEWESAGTFMTMMWDRF
YECPDVFKMGDWWYLIYSEQASFMRKVQYFKGRTLEDLKATTANDAGIWPDNREGMLDSRAFYAGKTASDGTNRYIWGWC
PTRAGNDNGNVGDVEPEWAGNLVAQRLIQHEDGTLTLGVPDAIDRKYTSAQEVKVMAKDGNMIESGKTYTLGEGASVIFN
RLKVHNKISFTVKTASNTDRFGISFVRGTDSASWYSIHVNADEGKANFEKDGDDAKYLFDNKFNIPADNEYRVTIYSDQS
VCVTYINDQLSFTNRIYQMQKNPWSLCCYKGEITVSDVQVSTY
;
E,M
2 'polypeptide(L)'
;MKSIIKQLYTILLVTVACLTVTGCSDDFKSGLRLDGDVWVNSIRLDEYAGTVDYQNKAIVVGVPYDYDITRMVVTEMNLS
EGAKASIAIGETIDFSLPVSLTVKNGDVQMSYTITVKRDEAKILTFKLNDTYVGKVDQLSKTISVVVPLTVDITQLKGTF
TVTDGATVTPASGSIQDFTNPVTYTATYRSAVTPYVVTVTQGNVIPTAFVGTASSVSLLTSPEEKAAAQWMMDNVSMSEY
ISFKDVVDGKVDLGKYTAIWWHFHADNGDNPPLPDDAKAAAEKFKVYYQNGGNLLLTRYATFYIANLGIAKDERVPNNSW
GGNEDSPEITSAPWSFLITGSESHPLFQDLRWKDGDKSTVYTCDAGYAITNSTAQWHIGTDWGGYDDLNAWRNLTGGIDL
AHGGDGAVVIAEFEPRSNSGRTLCIGSGCYDWYGKGVDASADYYHYNVEQMTLNAINYLCKHHHHHH
;
T,G
3 'polypeptide(L)'
;MKKIIYIATIGITLLTTSCDDFLDRQVPQGIVTGDQIASPEYVDNLVISAYAIWATGDDINSSFSLWNYDVRSDDCYKGG
SGTEDGGVFNALEISKGINTTDWNINDIWKRLYQCITRANTALQSLDQMDEKTYPLKNQRIAEMRFLRGHAHFMLKQLFK
KIVIVNDENMEPDAYNELSNTTYTNDEQWQKIADDFQFAYDNLPEVQIEKGRPAQAAAAAYLAKTYLYKAYRQDGADNAL
TGINEEDLKQVVKYTDPLIMAKGGYGLETDYSMNFLPQYENGAESVWAIQYSINDGTYNGNLNWGMGLTTPQILGCCDFH
KPSQNLVNAFKTDSQGKPLFSTYDNENYEVATDNVDPRLFHTVGMPGFPYKYNEGYIIQKNDDWSRSKGLYGYYVSLKEN
VDPDCDCLKKGSYWASSLNHIVIRYADVLLMRAEALIQLNDGRITDAISLINEVRSRAAGSTMLIFNYKEDYGVNFKVTP
YDLKAYAQDEAMKMLKWERRVEFGMESSRFFDLVRWGEAKDVINAYYVTEASRCSIYKNAGFTENKNEYLPVPFEQISAS
NGNYTQNFGW
;
B,J
4 'polypeptide(L)'
;MPGIMKNKKLLCSVCFLFAFMSALWGQNITVKGNVTSKTDGQPIIGASVVETTATTNGTITDFDGNFTLSVPVNSTLKIT
YIGYKPVTVKAAAIVNVLLEEDTQMVDEVVVTGYTTQRKADLTGAVSVVKVDEIQKQGENNPVKALQGRVPGMNITADGN
PSGSATVRIRGIGTLNNNDPLYIIDGVPTKAGMHELNGNDIESIQVLKDAASASIYGSRAANGVIIITTKQGKKGQIKIN
FDASVSASMYQSKMNVLNTEQYGRAMWQAYVNDGENPNGNALGYAYNWGYNADGNPVLYGMTLSKYLDSKNTMPVADTDW
FDEITRTGVIQQYNLSVSNGSEKGSSFFSLGYYKNLGVIKDTDFDRFSARMNSDYKLIDDILTIGQHFTLNRTSEVQAPG
GIIETALDIPSAIPVYASDGSWGGPVGGWPDRRNPRAVLEYNKDNRYTYWRMFGDAYVNLTPFKGFNLRSTFGLDYANKQ
ARYFTYPYQEGTQTNNGKSAVEAKQEHWTKWMWNAIATYQLEVGKHRGDVMIGMELNREDDSHFSGYKEDFSILTPDYMW
PDAGSGTAQAYGAGEGYSLVSFFGKMNYSYADRYLLSLTLRRDGSSRFGKNHRYATFPSVSLGWRITQENFMKELTWLDD
LKLRASWGQTGNQEISNLARYTIYAPNYGTTDSFGGQSYGTAYDITGSNGGGVLPSGFKRNQIGNDNIKWETTTQTNVGI
DFSLFKQSLYGSLEYYYKKATDILTEMAGVGVLGEGGSRWINSGAMKNQGFEFNLGYRNKTAFGLTYDLNGNISTYRNEI
LELPETVAANGKFGGNGVKSVVGHTYGAQVGYIADGIFKSQDEVDNHATQEGAAVGRIRYRDIDHNGVIDERDQNWIYDP
TPSFSYGLNIYLEYKNFDLTMFWQGVQGVDIISDVKKKSDFWSASNVGFLNKGTRLLNAWSPTNPNSDIPALTRSDTNNE
QRVSTYFVENGSFLKLRNIQLGYTVPAVISKKMRMDRLRFYCSAQNLLTIKSKNFTGEDPENPNFSYPIPVNITFGLNIG
F
;
A,I
#
# COMPACT_ATOMS: atom_id res chain seq x y z
N PRO A 27 17.24 -57.74 18.61
CA PRO A 27 18.50 -57.23 18.07
C PRO A 27 19.72 -57.93 18.66
N ILE A 28 20.51 -58.60 17.83
CA ILE A 28 21.70 -59.31 18.27
C ILE A 28 22.89 -58.37 18.14
N LEU A 29 23.57 -58.10 19.26
CA LEU A 29 24.72 -57.21 19.25
C LEU A 29 25.93 -57.91 18.68
N THR A 30 26.75 -57.15 17.94
CA THR A 30 27.95 -57.66 17.30
C THR A 30 29.17 -57.15 18.05
N GLN A 31 30.10 -58.05 18.33
CA GLN A 31 31.34 -57.73 19.04
C GLN A 31 32.51 -57.86 18.09
N LYS A 32 33.32 -56.81 17.99
CA LYS A 32 34.48 -56.83 17.11
C LYS A 32 35.65 -57.55 17.78
N ASN A 33 36.61 -57.94 16.95
CA ASN A 33 37.79 -58.67 17.42
C ASN A 33 38.81 -57.66 17.95
N TRP A 34 38.59 -57.23 19.19
CA TRP A 34 39.50 -56.29 19.82
C TRP A 34 40.87 -56.91 20.04
N ASP A 35 40.90 -58.14 20.55
CA ASP A 35 42.15 -58.86 20.79
C ASP A 35 42.49 -59.66 19.55
N GLY A 36 43.43 -59.16 18.76
CA GLY A 36 43.82 -59.83 17.54
C GLY A 36 44.06 -58.88 16.39
N THR A 37 43.75 -57.60 16.60
CA THR A 37 43.94 -56.57 15.59
C THR A 37 44.80 -55.44 16.16
N ALA A 38 45.62 -54.85 15.30
CA ALA A 38 46.47 -53.74 15.68
C ALA A 38 46.14 -52.46 14.91
N THR A 39 44.95 -52.40 14.31
CA THR A 39 44.54 -51.23 13.57
C THR A 39 44.15 -50.11 14.51
N TYR A 40 44.55 -48.88 14.17
CA TYR A 40 44.22 -47.73 15.00
C TYR A 40 42.71 -47.54 15.08
N PHE A 41 42.22 -47.29 16.28
CA PHE A 41 40.79 -47.13 16.53
C PHE A 41 40.53 -45.80 17.21
N GLN A 42 39.45 -45.14 16.80
CA GLN A 42 39.06 -43.85 17.36
C GLN A 42 38.27 -44.09 18.64
N SER A 43 38.95 -44.04 19.77
CA SER A 43 38.31 -44.23 21.06
C SER A 43 37.62 -42.93 21.48
N SER A 44 37.04 -42.95 22.69
CA SER A 44 36.39 -41.79 23.25
C SER A 44 36.52 -41.83 24.76
N ASP A 45 36.39 -40.66 25.38
CA ASP A 45 36.51 -40.52 26.82
C ASP A 45 35.13 -40.31 27.43
N GLU A 46 34.84 -41.06 28.47
CA GLU A 46 33.58 -40.89 29.19
C GLU A 46 33.59 -39.56 29.94
N HIS A 47 32.39 -39.03 30.19
CA HIS A 47 32.27 -37.77 30.90
C HIS A 47 32.74 -37.87 32.34
N GLY A 48 32.81 -39.07 32.89
CA GLY A 48 33.24 -39.27 34.26
C GLY A 48 34.47 -40.15 34.33
N PHE A 49 35.26 -39.96 35.37
CA PHE A 49 36.47 -40.73 35.61
C PHE A 49 36.40 -41.35 37.00
N SER A 50 37.02 -42.52 37.16
CA SER A 50 36.97 -43.25 38.41
C SER A 50 38.27 -43.16 39.20
N MET A 51 39.41 -43.49 38.57
CA MET A 51 40.68 -43.49 39.28
C MET A 51 41.23 -42.07 39.43
N TYR A 52 41.54 -41.43 38.31
CA TYR A 52 41.95 -40.02 38.31
C TYR A 52 40.66 -39.20 38.21
N TYR A 53 40.15 -38.80 39.37
CA TYR A 53 38.76 -38.35 39.46
C TYR A 53 38.48 -37.16 38.56
N LYS A 54 37.29 -37.18 37.95
CA LYS A 54 36.76 -36.09 37.15
C LYS A 54 35.25 -36.17 37.19
N PRO A 55 34.57 -35.16 37.70
CA PRO A 55 33.11 -35.23 37.80
C PRO A 55 32.45 -35.28 36.43
N GLN A 56 31.26 -35.87 36.39
CA GLN A 56 30.54 -35.95 35.12
C GLN A 56 30.25 -34.58 34.55
N VAL A 57 30.14 -33.56 35.41
CA VAL A 57 29.90 -32.19 34.98
C VAL A 57 31.10 -31.35 35.39
N GLY A 58 31.72 -30.69 34.42
CA GLY A 58 32.82 -29.80 34.70
C GLY A 58 34.15 -30.51 34.84
N PHE A 59 35.17 -29.71 35.13
CA PHE A 59 36.54 -30.18 35.27
C PHE A 59 37.12 -29.70 36.59
N VAL A 60 38.11 -30.44 37.08
CA VAL A 60 38.75 -30.15 38.35
C VAL A 60 39.89 -29.17 38.13
N GLY A 61 39.95 -28.11 38.93
CA GLY A 61 41.08 -27.21 38.91
C GLY A 61 41.54 -26.87 40.32
N ALA A 62 42.86 -26.68 40.45
CA ALA A 62 43.48 -26.19 41.68
C ALA A 62 43.05 -26.99 42.90
N PRO A 63 43.52 -28.23 43.05
CA PRO A 63 43.09 -29.04 44.19
C PRO A 63 43.49 -28.42 45.52
N MET A 64 42.63 -28.64 46.53
CA MET A 64 42.86 -28.18 47.90
C MET A 64 42.68 -29.39 48.79
N PRO A 65 43.75 -30.12 49.09
CA PRO A 65 43.63 -31.30 49.94
C PRO A 65 43.53 -30.93 51.41
N PHE A 66 42.95 -31.85 52.17
CA PHE A 66 42.77 -31.66 53.60
C PHE A 66 42.52 -33.02 54.23
N TYR A 67 43.04 -33.22 55.45
CA TYR A 67 42.86 -34.45 56.19
C TYR A 67 41.87 -34.21 57.32
N ASP A 68 40.80 -34.97 57.34
CA ASP A 68 39.76 -34.80 58.35
C ASP A 68 40.15 -35.54 59.62
N PRO A 69 40.39 -34.85 60.73
CA PRO A 69 40.73 -35.57 61.98
C PRO A 69 39.58 -36.39 62.53
N VAL A 70 38.35 -36.10 62.14
CA VAL A 70 37.18 -36.80 62.68
C VAL A 70 36.90 -38.05 61.84
N ALA A 71 36.63 -37.85 60.55
CA ALA A 71 36.32 -38.96 59.67
C ALA A 71 37.54 -39.79 59.28
N LYS A 72 38.74 -39.29 59.56
CA LYS A 72 39.99 -39.99 59.24
C LYS A 72 40.05 -40.34 57.76
N ASP A 73 39.84 -39.33 56.92
CA ASP A 73 39.89 -39.50 55.47
C ASP A 73 40.42 -38.21 54.85
N PHE A 74 40.45 -38.18 53.53
CA PHE A 74 40.95 -37.04 52.78
C PHE A 74 39.78 -36.36 52.08
N LYS A 75 39.58 -35.08 52.37
CA LYS A 75 38.50 -34.30 51.81
C LYS A 75 39.13 -33.23 50.91
N VAL A 76 39.29 -33.57 49.64
CA VAL A 76 39.93 -32.68 48.68
C VAL A 76 38.85 -31.85 48.00
N MET A 77 38.97 -30.54 48.10
CA MET A 77 38.11 -29.62 47.34
C MET A 77 38.83 -29.19 46.08
N TYR A 78 38.13 -28.46 45.24
CA TYR A 78 38.70 -27.96 43.99
C TYR A 78 37.78 -26.88 43.44
N LEU A 79 38.08 -26.41 42.24
CA LEU A 79 37.25 -25.46 41.52
C LEU A 79 36.66 -26.16 40.30
N GLN A 80 35.35 -26.00 40.14
CA GLN A 80 34.60 -26.65 39.06
C GLN A 80 34.66 -25.76 37.84
N ASP A 81 35.68 -25.96 37.01
CA ASP A 81 35.82 -25.20 35.78
C ASP A 81 34.88 -25.75 34.72
N TYR A 82 34.47 -24.88 33.81
CA TYR A 82 33.62 -25.25 32.69
C TYR A 82 34.20 -24.66 31.41
N ARG A 83 33.94 -25.33 30.29
CA ARG A 83 34.38 -24.77 29.01
C ARG A 83 33.70 -23.44 28.69
N PRO A 84 32.36 -23.30 28.80
CA PRO A 84 31.78 -21.94 28.69
C PRO A 84 31.63 -21.27 30.05
N ASN A 85 32.74 -20.83 30.62
CA ASN A 85 32.69 -20.14 31.90
C ASN A 85 31.91 -18.83 31.77
N PRO A 86 31.09 -18.48 32.74
CA PRO A 86 30.46 -17.15 32.72
C PRO A 86 31.50 -16.05 32.85
N GLU A 87 31.18 -14.89 32.27
CA GLU A 87 32.16 -13.82 32.15
C GLU A 87 32.45 -13.16 33.50
N ALA A 88 31.52 -13.20 34.45
CA ALA A 88 31.65 -12.46 35.68
C ALA A 88 31.83 -13.37 36.90
N THR A 89 30.88 -14.27 37.14
CA THR A 89 30.92 -15.15 38.31
C THR A 89 31.12 -16.59 37.84
N TYR A 90 32.07 -17.27 38.46
CA TYR A 90 32.45 -18.62 38.04
C TYR A 90 33.38 -19.20 39.12
N HIS A 91 33.87 -20.40 38.84
CA HIS A 91 34.80 -21.12 39.70
C HIS A 91 34.25 -21.31 41.11
N PRO A 92 33.20 -22.11 41.29
CA PRO A 92 32.76 -22.45 42.65
C PRO A 92 33.70 -23.46 43.28
N ILE A 93 33.37 -23.94 44.47
CA ILE A 93 34.18 -24.94 45.16
C ILE A 93 33.35 -26.19 45.35
N PHE A 94 33.86 -27.32 44.87
CA PHE A 94 33.22 -28.61 45.02
C PHE A 94 34.12 -29.53 45.85
N GLY A 95 33.50 -30.28 46.76
CA GLY A 95 34.24 -31.14 47.67
C GLY A 95 34.24 -32.59 47.20
N VAL A 96 35.38 -33.24 47.37
CA VAL A 96 35.53 -34.65 47.04
C VAL A 96 36.15 -35.36 48.23
N ALA A 97 35.49 -36.42 48.70
CA ALA A 97 35.97 -37.21 49.81
C ALA A 97 36.64 -38.47 49.29
N THR A 98 37.82 -38.77 49.84
CA THR A 98 38.56 -39.97 49.54
C THR A 98 39.30 -40.41 50.79
N LYS A 99 39.84 -41.63 50.76
CA LYS A 99 40.59 -42.14 51.90
C LYS A 99 41.89 -42.80 51.48
N ASP A 100 42.03 -43.10 50.19
CA ASP A 100 43.19 -43.83 49.70
C ASP A 100 43.82 -43.19 48.48
N GLY A 101 43.08 -42.35 47.76
CA GLY A 101 43.57 -41.76 46.54
C GLY A 101 43.08 -42.44 45.28
N ALA A 102 42.43 -43.59 45.40
CA ALA A 102 41.90 -44.33 44.25
C ALA A 102 40.40 -44.11 44.07
N THR A 103 39.61 -44.32 45.12
CA THR A 103 38.18 -44.09 45.06
C THR A 103 37.87 -42.67 45.52
N TYR A 104 36.87 -42.07 44.88
CA TYR A 104 36.50 -40.68 45.16
C TYR A 104 34.99 -40.57 45.14
N GLU A 105 34.41 -39.93 46.15
CA GLU A 105 32.99 -39.60 46.15
C GLU A 105 32.85 -38.07 46.18
N SER A 106 31.73 -37.59 45.65
CA SER A 106 31.51 -36.16 45.53
C SER A 106 30.50 -35.69 46.56
N LEU A 107 30.82 -34.61 47.27
CA LEU A 107 29.93 -34.02 48.25
C LEU A 107 29.12 -32.86 47.70
N GLY A 108 29.23 -32.60 46.40
CA GLY A 108 28.50 -31.51 45.79
C GLY A 108 29.19 -30.17 45.99
N GLU A 109 28.46 -29.12 45.62
CA GLU A 109 28.97 -27.77 45.79
C GLU A 109 29.03 -27.42 47.27
N LEU A 110 30.19 -26.93 47.71
CA LEU A 110 30.40 -26.55 49.11
C LEU A 110 30.30 -25.04 49.30
N ILE A 111 31.14 -24.28 48.59
CA ILE A 111 31.13 -22.82 48.64
C ILE A 111 30.80 -22.31 47.24
N SER A 112 29.75 -21.51 47.13
CA SER A 112 29.28 -21.02 45.86
C SER A 112 29.83 -19.63 45.58
N CYS A 113 29.99 -19.33 44.29
CA CYS A 113 30.48 -18.03 43.88
C CYS A 113 29.45 -16.94 44.20
N GLY A 114 29.94 -15.74 44.45
CA GLY A 114 29.09 -14.62 44.82
C GLY A 114 28.45 -13.97 43.62
N GLY A 115 27.93 -12.76 43.84
CA GLY A 115 27.28 -12.01 42.80
C GLY A 115 28.26 -11.37 41.84
N ARG A 116 27.70 -10.71 40.82
CA ARG A 116 28.53 -10.05 39.83
C ARG A 116 29.35 -8.92 40.45
N ASP A 117 28.74 -8.15 41.34
CA ASP A 117 29.42 -7.01 41.95
C ASP A 117 30.17 -7.37 43.23
N GLU A 118 30.02 -8.59 43.74
CA GLU A 118 30.70 -8.98 44.95
C GLU A 118 32.19 -9.21 44.69
N GLN A 119 32.98 -9.10 45.75
CA GLN A 119 34.42 -9.33 45.63
C GLN A 119 34.73 -10.80 45.37
N ASP A 120 33.87 -11.71 45.80
CA ASP A 120 34.08 -13.15 45.61
C ASP A 120 33.31 -13.69 44.41
N ALA A 121 33.23 -12.90 43.33
CA ALA A 121 32.57 -13.39 42.12
C ALA A 121 33.29 -14.62 41.57
N ALA A 122 34.62 -14.59 41.57
CA ALA A 122 35.43 -15.73 41.20
C ALA A 122 36.28 -16.13 42.39
N ILE A 123 36.25 -17.42 42.73
CA ILE A 123 36.96 -17.94 43.90
C ILE A 123 38.26 -18.58 43.44
N GLY A 124 39.36 -18.18 44.06
CA GLY A 124 40.66 -18.73 43.77
C GLY A 124 41.02 -19.88 44.71
N THR A 125 42.26 -20.33 44.58
CA THR A 125 42.75 -21.43 45.41
C THR A 125 42.84 -20.99 46.87
N GLY A 126 42.59 -21.94 47.77
CA GLY A 126 42.64 -21.64 49.19
C GLY A 126 43.19 -22.76 50.06
N GLY A 127 42.96 -22.64 51.37
CA GLY A 127 43.39 -23.64 52.32
C GLY A 127 42.29 -23.95 53.31
N THR A 128 42.49 -25.03 54.06
CA THR A 128 41.48 -25.52 55.00
C THR A 128 42.16 -25.95 56.28
N ILE A 129 41.54 -25.63 57.42
CA ILE A 129 42.11 -25.97 58.72
C ILE A 129 40.99 -26.20 59.73
N TYR A 130 41.16 -27.18 60.61
CA TYR A 130 40.16 -27.47 61.62
C TYR A 130 40.55 -26.86 62.96
N ASN A 131 39.57 -26.24 63.63
CA ASN A 131 39.74 -25.73 64.98
C ASN A 131 38.95 -26.61 65.95
N PRO A 132 39.65 -27.42 66.74
CA PRO A 132 38.99 -28.09 67.87
C PRO A 132 38.43 -27.11 68.89
N ALA A 133 38.98 -25.89 68.97
CA ALA A 133 38.55 -24.91 69.96
C ALA A 133 37.04 -24.66 69.87
N ASP A 134 36.53 -24.52 68.64
CA ASP A 134 35.11 -24.32 68.41
C ASP A 134 34.52 -25.42 67.51
N LYS A 135 35.24 -26.50 67.29
CA LYS A 135 34.80 -27.61 66.44
C LYS A 135 34.34 -27.12 65.08
N LEU A 136 35.17 -26.30 64.43
CA LEU A 136 34.78 -25.66 63.18
C LEU A 136 35.86 -25.83 62.11
N TYR A 137 35.43 -26.15 60.89
CA TYR A 137 36.32 -26.12 59.74
C TYR A 137 36.34 -24.71 59.16
N TYR A 138 37.54 -24.15 59.00
CA TYR A 138 37.73 -22.84 58.39
C TYR A 138 38.39 -23.03 57.05
N THR A 139 37.75 -22.56 55.98
CA THR A 139 38.31 -22.57 54.65
C THR A 139 38.58 -21.13 54.23
N PHE A 140 39.84 -20.81 54.00
CA PHE A 140 40.25 -19.48 53.56
C PHE A 140 40.50 -19.53 52.06
N TYR A 141 39.72 -18.77 51.30
CA TYR A 141 39.80 -18.74 49.85
C TYR A 141 40.10 -17.33 49.37
N THR A 142 40.26 -17.19 48.06
CA THR A 142 40.58 -15.90 47.44
C THR A 142 39.43 -15.51 46.53
N GLY A 143 38.87 -14.33 46.77
CA GLY A 143 37.82 -13.78 45.92
C GLY A 143 38.42 -12.78 44.96
N ASN A 144 38.03 -12.90 43.70
CA ASN A 144 38.53 -12.06 42.61
C ASN A 144 37.42 -11.12 42.17
N LYS A 145 37.66 -9.82 42.26
CA LYS A 145 36.69 -8.84 41.84
C LYS A 145 36.58 -8.82 40.33
N PHE A 146 35.36 -8.84 39.80
CA PHE A 146 35.15 -8.78 38.37
C PHE A 146 35.29 -7.35 37.88
N LYS A 147 36.26 -7.12 36.99
CA LYS A 147 36.58 -5.80 36.48
C LYS A 147 36.86 -4.85 37.64
N PRO A 148 37.93 -5.06 38.40
CA PRO A 148 38.18 -4.19 39.56
C PRO A 148 38.52 -2.77 39.14
N SER A 149 38.17 -1.83 40.02
CA SER A 149 38.48 -0.43 39.79
C SER A 149 39.87 -0.11 40.34
N SER A 150 40.28 1.15 40.17
CA SER A 150 41.60 1.57 40.65
C SER A 150 41.69 1.49 42.17
N ASP A 151 40.62 1.87 42.87
CA ASP A 151 40.61 1.88 44.32
C ASP A 151 40.12 0.57 44.92
N GLN A 152 39.81 -0.43 44.10
CA GLN A 152 39.29 -1.71 44.57
C GLN A 152 40.38 -2.77 44.44
N ASN A 153 40.59 -3.52 45.51
CA ASN A 153 41.57 -4.60 45.49
C ASN A 153 41.06 -5.74 44.60
N ALA A 154 41.93 -6.21 43.71
CA ALA A 154 41.52 -7.24 42.76
C ALA A 154 41.30 -8.57 43.45
N GLN A 155 42.11 -8.89 44.45
CA GLN A 155 42.06 -10.18 45.13
C GLN A 155 42.02 -9.98 46.63
N VAL A 156 41.06 -10.62 47.29
CA VAL A 156 40.87 -10.47 48.73
C VAL A 156 40.69 -11.85 49.36
N VAL A 157 41.37 -12.08 50.47
CA VAL A 157 41.24 -13.35 51.18
C VAL A 157 40.00 -13.32 52.05
N MET A 158 39.15 -14.33 51.91
CA MET A 158 37.93 -14.50 52.69
C MET A 158 37.95 -15.83 53.40
N VAL A 159 37.03 -16.00 54.35
CA VAL A 159 36.93 -17.22 55.15
C VAL A 159 35.48 -17.69 55.18
N ALA A 160 35.30 -19.01 55.15
CA ALA A 160 34.01 -19.64 55.32
C ALA A 160 34.12 -20.70 56.40
N THR A 161 33.12 -20.76 57.28
CA THR A 161 33.11 -21.68 58.41
C THR A 161 32.06 -22.74 58.22
N SER A 162 32.38 -23.97 58.64
CA SER A 162 31.45 -25.08 58.59
C SER A 162 31.48 -25.86 59.90
N PRO A 163 30.32 -26.31 60.38
CA PRO A 163 30.30 -27.12 61.61
C PRO A 163 30.52 -28.60 61.36
N ASP A 164 30.15 -29.07 60.17
CA ASP A 164 30.27 -30.50 59.86
C ASP A 164 30.81 -30.73 58.46
N PHE A 165 31.46 -29.73 57.85
CA PHE A 165 32.07 -29.78 56.53
C PHE A 165 31.02 -29.84 55.42
N LYS A 166 29.74 -29.95 55.75
CA LYS A 166 28.69 -30.06 54.74
C LYS A 166 28.19 -28.69 54.30
N THR A 167 27.68 -27.89 55.23
CA THR A 167 27.18 -26.56 54.93
C THR A 167 28.20 -25.51 55.37
N TRP A 168 28.38 -24.50 54.53
CA TRP A 168 29.39 -23.47 54.75
C TRP A 168 28.75 -22.09 54.77
N THR A 169 29.17 -21.26 55.73
CA THR A 169 28.71 -19.89 55.84
C THR A 169 29.91 -18.96 55.73
N LYS A 170 29.86 -18.02 54.79
CA LYS A 170 30.96 -17.10 54.58
C LYS A 170 30.92 -15.99 55.63
N ASN A 171 32.07 -15.70 56.23
CA ASN A 171 32.17 -14.61 57.19
C ASN A 171 32.21 -13.30 56.42
N ARG A 172 31.14 -12.51 56.54
CA ARG A 172 31.04 -11.26 55.80
C ARG A 172 31.84 -10.12 56.43
N THR A 173 32.37 -10.32 57.63
CA THR A 173 33.15 -9.29 58.31
C THR A 173 34.65 -9.45 58.14
N PHE A 174 35.10 -10.44 57.37
CA PHE A 174 36.51 -10.73 57.19
C PHE A 174 36.93 -10.34 55.79
N TYR A 175 37.90 -9.42 55.68
CA TYR A 175 38.40 -8.96 54.38
C TYR A 175 39.88 -8.63 54.55
N LEU A 176 40.74 -9.60 54.25
CA LEU A 176 42.18 -9.42 54.39
C LEU A 176 42.71 -8.75 53.13
N LYS A 177 42.67 -7.42 53.12
CA LYS A 177 43.11 -6.67 51.96
C LYS A 177 44.62 -6.75 51.81
N GLY A 178 45.09 -7.00 50.59
CA GLY A 178 46.52 -7.10 50.35
C GLY A 178 47.24 -5.76 50.52
N ASP A 179 46.61 -4.68 50.05
CA ASP A 179 47.25 -3.37 50.09
C ASP A 179 47.35 -2.79 51.49
N THR A 180 46.69 -3.39 52.48
CA THR A 180 46.79 -2.88 53.84
C THR A 180 48.21 -2.98 54.36
N TYR A 181 48.91 -4.07 54.06
CA TYR A 181 50.26 -4.31 54.54
C TYR A 181 51.33 -4.00 53.50
N GLY A 182 51.00 -3.18 52.50
CA GLY A 182 51.98 -2.77 51.51
C GLY A 182 52.21 -3.75 50.39
N TYR A 183 51.37 -4.78 50.26
CA TYR A 183 51.53 -5.76 49.19
C TYR A 183 50.71 -5.34 47.97
N ASP A 184 50.91 -6.08 46.88
CA ASP A 184 50.26 -5.75 45.62
C ASP A 184 48.75 -5.95 45.72
N LYS A 185 48.00 -5.04 45.08
CA LYS A 185 46.55 -5.17 45.08
C LYS A 185 46.08 -6.29 44.15
N ASN A 186 46.71 -6.42 42.98
CA ASN A 186 46.26 -7.35 41.96
C ASN A 186 46.88 -8.74 42.09
N ASP A 187 47.85 -8.92 42.98
CA ASP A 187 48.53 -10.21 43.16
C ASP A 187 48.54 -10.52 44.65
N PHE A 188 47.48 -11.18 45.12
CA PHE A 188 47.37 -11.58 46.52
C PHE A 188 46.53 -12.87 46.54
N ARG A 189 47.22 -14.01 46.49
CA ARG A 189 46.56 -15.27 46.19
C ARG A 189 47.07 -16.38 47.11
N ASP A 190 46.38 -17.52 47.03
CA ASP A 190 46.78 -18.81 47.59
C ASP A 190 47.06 -18.74 49.08
N PRO A 191 46.04 -18.58 49.93
CA PRO A 191 46.25 -18.65 51.37
C PRO A 191 46.43 -20.09 51.81
N PHE A 192 47.60 -20.39 52.38
CA PHE A 192 47.88 -21.73 52.91
C PHE A 192 48.06 -21.63 54.42
N LEU A 193 47.28 -22.42 55.16
CA LEU A 193 47.28 -22.37 56.62
C LEU A 193 47.95 -23.62 57.18
N PHE A 194 48.80 -23.41 58.19
CA PHE A 194 49.42 -24.54 58.87
C PHE A 194 49.69 -24.16 60.33
N GLN A 195 49.55 -25.14 61.22
CA GLN A 195 49.76 -24.95 62.64
C GLN A 195 51.06 -25.61 63.06
N THR A 196 51.90 -24.87 63.78
CA THR A 196 53.17 -25.38 64.26
C THR A 196 53.01 -25.88 65.70
N GLU A 197 54.12 -26.37 66.26
CA GLU A 197 54.08 -26.96 67.60
C GLU A 197 53.81 -25.92 68.67
N ASP A 198 54.22 -24.68 68.44
CA ASP A 198 54.04 -23.64 69.45
C ASP A 198 52.58 -23.26 69.65
N GLY A 199 51.68 -23.67 68.77
CA GLY A 199 50.27 -23.45 68.95
C GLY A 199 49.68 -22.25 68.23
N VAL A 200 50.42 -21.62 67.33
CA VAL A 200 49.93 -20.47 66.57
C VAL A 200 49.83 -20.87 65.11
N TYR A 201 48.74 -20.44 64.47
CA TYR A 201 48.49 -20.75 63.07
C TYR A 201 49.17 -19.71 62.19
N HIS A 202 49.82 -20.17 61.12
CA HIS A 202 50.50 -19.32 60.17
C HIS A 202 49.84 -19.46 58.81
N MET A 203 49.56 -18.32 58.17
CA MET A 203 49.02 -18.26 56.83
C MET A 203 50.07 -17.69 55.89
N LEU A 204 50.31 -18.40 54.79
CA LEU A 204 51.23 -17.95 53.76
C LEU A 204 50.43 -17.46 52.57
N ILE A 205 50.76 -16.27 52.09
CA ILE A 205 50.11 -15.65 50.94
C ILE A 205 51.19 -15.38 49.89
N ALA A 206 50.95 -15.85 48.66
CA ALA A 206 51.87 -15.60 47.56
C ALA A 206 51.50 -14.29 46.91
N THR A 207 52.15 -13.20 47.32
CA THR A 207 51.83 -11.88 46.81
C THR A 207 53.05 -11.22 46.20
N ARG A 208 52.92 -9.94 45.82
CA ARG A 208 54.02 -9.19 45.24
C ARG A 208 54.25 -7.93 46.05
N LYS A 209 55.51 -7.62 46.33
CA LYS A 209 55.90 -6.38 46.97
C LYS A 209 56.93 -5.68 46.09
N ASN A 210 56.70 -4.40 45.84
CA ASN A 210 57.59 -3.50 45.08
C ASN A 210 58.29 -4.22 43.92
N GLY A 211 57.50 -4.96 43.15
CA GLY A 211 58.01 -5.65 41.98
C GLY A 211 58.68 -6.98 42.24
N LYS A 212 58.65 -7.48 43.48
CA LYS A 212 59.31 -8.73 43.84
C LYS A 212 58.29 -9.69 44.43
N GLY A 213 58.40 -10.96 44.08
CA GLY A 213 57.50 -11.96 44.60
C GLY A 213 57.84 -12.32 46.04
N HIS A 214 56.85 -12.19 46.92
CA HIS A 214 57.04 -12.45 48.34
C HIS A 214 55.96 -13.39 48.84
N ILE A 215 56.38 -14.41 49.57
CA ILE A 215 55.45 -15.24 50.35
C ILE A 215 55.40 -14.64 51.74
N ALA A 216 54.27 -14.02 52.06
CA ALA A 216 54.08 -13.31 53.32
C ALA A 216 53.42 -14.20 54.35
N GLU A 217 53.78 -13.99 55.61
CA GLU A 217 53.30 -14.81 56.72
C GLU A 217 52.43 -13.97 57.65
N PHE A 218 51.27 -14.51 58.01
CA PHE A 218 50.37 -13.90 58.97
C PHE A 218 50.15 -14.88 60.11
N THR A 219 50.40 -14.42 61.34
CA THR A 219 50.26 -15.26 62.52
C THR A 219 48.93 -14.96 63.21
N SER A 220 48.33 -16.00 63.77
CA SER A 220 47.09 -15.87 64.53
C SER A 220 47.05 -16.93 65.62
N ALA A 221 46.25 -16.65 66.64
CA ALA A 221 46.00 -17.61 67.71
C ALA A 221 44.57 -18.10 67.77
N ASP A 222 43.65 -17.45 67.07
CA ASP A 222 42.25 -17.85 67.02
C ASP A 222 41.67 -17.85 65.62
N LEU A 223 42.47 -17.54 64.60
CA LEU A 223 42.09 -17.48 63.20
C LEU A 223 41.04 -16.41 62.92
N LYS A 224 40.81 -15.49 63.84
CA LYS A 224 39.90 -14.37 63.63
C LYS A 224 40.61 -13.03 63.54
N GLU A 225 41.74 -12.87 64.23
CA GLU A 225 42.58 -11.69 64.14
C GLU A 225 43.97 -12.12 63.69
N TRP A 226 44.57 -11.34 62.79
CA TRP A 226 45.84 -11.70 62.18
C TRP A 226 46.87 -10.59 62.36
N GLU A 227 48.13 -10.99 62.52
CA GLU A 227 49.24 -10.04 62.58
C GLU A 227 50.25 -10.43 61.51
N SER A 228 50.60 -9.46 60.66
CA SER A 228 51.54 -9.71 59.58
C SER A 228 52.95 -9.83 60.16
N ALA A 229 53.45 -11.06 60.24
CA ALA A 229 54.77 -11.31 60.83
C ALA A 229 55.86 -11.19 59.76
N GLY A 230 55.93 -10.01 59.14
CA GLY A 230 56.91 -9.77 58.12
C GLY A 230 56.66 -10.59 56.87
N THR A 231 57.73 -10.93 56.18
CA THR A 231 57.68 -11.73 54.96
C THR A 231 58.33 -13.08 55.22
N PHE A 232 57.59 -14.16 54.95
CA PHE A 232 58.11 -15.49 55.21
C PHE A 232 59.28 -15.81 54.28
N MET A 233 59.14 -15.53 52.99
CA MET A 233 60.17 -15.91 52.04
C MET A 233 60.07 -15.01 50.81
N THR A 234 61.15 -15.01 50.03
CA THR A 234 61.21 -14.29 48.76
C THR A 234 61.35 -15.30 47.63
N MET A 235 60.82 -14.94 46.46
CA MET A 235 60.84 -15.84 45.32
C MET A 235 62.15 -15.72 44.56
N MET A 236 62.39 -16.67 43.68
CA MET A 236 63.66 -16.81 42.99
C MET A 236 63.57 -16.18 41.60
N TRP A 237 64.42 -15.18 41.34
CA TRP A 237 64.53 -14.54 40.04
C TRP A 237 63.18 -14.04 39.55
N ASP A 238 62.61 -13.11 40.31
CA ASP A 238 61.37 -12.38 40.02
C ASP A 238 60.30 -13.22 39.35
N ARG A 239 60.17 -14.48 39.78
CA ARG A 239 59.12 -15.36 39.30
C ARG A 239 57.90 -15.26 40.22
N PHE A 240 56.89 -16.07 39.95
CA PHE A 240 55.72 -16.14 40.79
C PHE A 240 55.46 -17.58 41.19
N TYR A 241 55.11 -17.79 42.46
CA TYR A 241 54.87 -19.11 43.01
C TYR A 241 53.37 -19.28 43.24
N GLU A 242 52.82 -20.38 42.75
CA GLU A 242 51.39 -20.67 42.88
C GLU A 242 51.18 -21.81 43.87
N CYS A 243 50.22 -21.62 44.77
CA CYS A 243 49.82 -22.63 45.75
C CYS A 243 50.99 -23.09 46.60
N PRO A 244 51.55 -22.23 47.43
CA PRO A 244 52.62 -22.68 48.33
C PRO A 244 52.11 -23.66 49.37
N ASP A 245 52.97 -24.60 49.74
CA ASP A 245 52.61 -25.63 50.72
C ASP A 245 53.86 -25.96 51.51
N VAL A 246 53.90 -25.54 52.78
CA VAL A 246 55.02 -25.83 53.67
C VAL A 246 54.63 -26.95 54.62
N PHE A 247 55.45 -27.98 54.68
CA PHE A 247 55.18 -29.10 55.59
C PHE A 247 56.50 -29.67 56.08
N LYS A 248 56.40 -30.65 56.97
CA LYS A 248 57.56 -31.32 57.55
C LYS A 248 57.40 -32.82 57.36
N MET A 249 58.42 -33.47 56.81
CA MET A 249 58.40 -34.90 56.54
C MET A 249 59.60 -35.54 57.24
N GLY A 250 59.42 -35.89 58.51
CA GLY A 250 60.44 -36.59 59.26
C GLY A 250 61.51 -35.69 59.84
N ASP A 251 62.44 -35.23 58.98
CA ASP A 251 63.55 -34.41 59.45
C ASP A 251 63.82 -33.21 58.56
N TRP A 252 62.96 -32.92 57.59
CA TRP A 252 63.17 -31.81 56.67
C TRP A 252 61.88 -31.01 56.52
N TRP A 253 62.04 -29.74 56.20
CA TRP A 253 60.92 -28.85 55.90
C TRP A 253 60.88 -28.62 54.40
N TYR A 254 59.73 -28.86 53.79
CA TYR A 254 59.57 -28.80 52.35
C TYR A 254 58.55 -27.75 51.97
N LEU A 255 58.88 -26.99 50.92
CA LEU A 255 57.99 -26.00 50.33
C LEU A 255 57.69 -26.42 48.90
N ILE A 256 56.47 -26.90 48.67
CA ILE A 256 56.00 -27.24 47.34
C ILE A 256 55.32 -26.01 46.74
N TYR A 257 55.66 -25.69 45.51
CA TYR A 257 55.06 -24.55 44.83
C TYR A 257 54.96 -24.85 43.34
N SER A 258 54.07 -24.12 42.67
CA SER A 258 53.90 -24.22 41.23
C SER A 258 54.37 -22.92 40.60
N GLU A 259 55.25 -23.03 39.60
CA GLU A 259 55.78 -21.87 38.94
C GLU A 259 54.76 -21.30 37.96
N GLN A 260 54.47 -20.01 38.11
CA GLN A 260 53.51 -19.33 37.24
C GLN A 260 54.13 -18.83 35.94
N ALA A 261 55.45 -18.88 35.81
CA ALA A 261 56.09 -18.40 34.60
C ALA A 261 55.67 -19.23 33.40
N SER A 262 55.41 -18.55 32.28
CA SER A 262 54.91 -19.24 31.09
C SER A 262 55.93 -20.24 30.56
N PHE A 263 57.21 -19.87 30.58
CA PHE A 263 58.23 -20.77 30.06
C PHE A 263 58.49 -21.97 30.96
N MET A 264 58.19 -21.88 32.25
CA MET A 264 58.39 -23.02 33.13
C MET A 264 57.11 -23.84 33.29
N ARG A 265 56.07 -23.23 33.88
CA ARG A 265 54.75 -23.86 34.06
C ARG A 265 54.87 -25.28 34.62
N LYS A 266 55.67 -25.41 35.69
CA LYS A 266 55.89 -26.72 36.30
C LYS A 266 55.80 -26.63 37.82
N VAL A 267 56.10 -27.73 38.50
CA VAL A 267 56.03 -27.80 39.95
C VAL A 267 57.43 -28.11 40.48
N GLN A 268 57.93 -27.25 41.36
CA GLN A 268 59.23 -27.44 42.01
C GLN A 268 59.03 -27.48 43.52
N TYR A 269 60.16 -27.61 44.23
CA TYR A 269 60.13 -27.69 45.68
C TYR A 269 61.46 -27.23 46.24
N PHE A 270 61.46 -26.94 47.54
CA PHE A 270 62.67 -26.53 48.25
C PHE A 270 62.78 -27.35 49.54
N LYS A 271 64.01 -27.62 49.93
CA LYS A 271 64.29 -28.44 51.10
C LYS A 271 65.02 -27.61 52.15
N GLY A 272 64.86 -28.03 53.41
CA GLY A 272 65.52 -27.37 54.52
C GLY A 272 65.42 -28.19 55.79
N ARG A 273 66.53 -28.28 56.54
CA ARG A 273 66.53 -29.07 57.76
C ARG A 273 65.56 -28.50 58.79
N THR A 274 65.52 -27.18 58.94
CA THR A 274 64.60 -26.51 59.83
C THR A 274 63.85 -25.43 59.07
N LEU A 275 62.85 -24.84 59.74
CA LEU A 275 62.10 -23.74 59.13
C LEU A 275 63.01 -22.56 58.84
N GLU A 276 63.97 -22.29 59.73
CA GLU A 276 64.93 -21.21 59.50
C GLU A 276 65.76 -21.47 58.25
N ASP A 277 66.23 -22.72 58.08
CA ASP A 277 67.00 -23.06 56.89
C ASP A 277 66.15 -22.95 55.63
N LEU A 278 64.88 -23.38 55.71
CA LEU A 278 64.00 -23.26 54.55
C LEU A 278 63.78 -21.81 54.17
N LYS A 279 63.58 -20.94 55.16
CA LYS A 279 63.43 -19.52 54.88
C LYS A 279 64.71 -18.93 54.30
N ALA A 280 65.86 -19.31 54.85
CA ALA A 280 67.14 -18.81 54.33
C ALA A 280 67.42 -19.31 52.92
N THR A 281 66.85 -20.45 52.54
CA THR A 281 66.96 -20.90 51.16
C THR A 281 66.37 -19.85 50.22
N THR A 282 67.04 -19.64 49.09
CA THR A 282 66.72 -18.62 48.09
C THR A 282 66.28 -17.30 48.73
N ALA A 283 66.96 -16.91 49.81
CA ALA A 283 66.61 -15.68 50.50
C ALA A 283 66.80 -14.46 49.60
N ASN A 284 67.94 -14.41 48.89
CA ASN A 284 68.16 -13.35 47.91
C ASN A 284 69.02 -13.94 46.78
N ASP A 285 68.34 -14.46 45.76
CA ASP A 285 68.99 -15.06 44.60
C ASP A 285 70.05 -16.08 45.01
N ALA A 286 69.77 -16.84 46.08
CA ALA A 286 70.72 -17.82 46.55
C ALA A 286 70.76 -19.03 45.64
N GLY A 287 69.60 -19.49 45.17
CA GLY A 287 69.55 -20.64 44.28
C GLY A 287 70.03 -21.93 44.90
N ILE A 288 69.62 -22.20 46.14
CA ILE A 288 70.01 -23.43 46.84
C ILE A 288 69.02 -24.50 46.41
N TRP A 289 69.30 -25.15 45.28
CA TRP A 289 68.39 -26.15 44.77
C TRP A 289 68.42 -27.40 45.65
N PRO A 290 67.27 -28.01 45.93
CA PRO A 290 67.26 -29.21 46.78
C PRO A 290 68.06 -30.37 46.23
N ASP A 291 68.11 -30.52 44.92
CA ASP A 291 68.79 -31.65 44.29
C ASP A 291 69.43 -31.17 42.99
N ASN A 292 69.94 -32.11 42.21
CA ASN A 292 70.66 -31.79 40.97
C ASN A 292 69.73 -31.51 39.80
N ARG A 293 68.42 -31.71 39.95
CA ARG A 293 67.47 -31.45 38.88
C ARG A 293 66.65 -30.20 39.13
N GLU A 294 67.15 -29.27 39.95
CA GLU A 294 66.48 -28.00 40.23
C GLU A 294 65.11 -28.21 40.87
N GLY A 295 64.95 -29.26 41.66
CA GLY A 295 63.70 -29.47 42.36
C GLY A 295 62.54 -29.91 41.51
N MET A 296 62.80 -30.52 40.36
CA MET A 296 61.72 -31.01 39.50
C MET A 296 60.97 -32.15 40.17
N LEU A 297 59.65 -32.16 40.00
CA LEU A 297 58.81 -33.29 40.38
C LEU A 297 58.08 -33.91 39.21
N ASP A 298 57.51 -33.10 38.33
CA ASP A 298 56.74 -33.62 37.21
C ASP A 298 56.78 -32.60 36.08
N SER A 299 56.32 -33.03 34.91
CA SER A 299 56.45 -32.25 33.69
C SER A 299 55.29 -31.25 33.57
N ARG A 300 55.13 -30.68 32.38
CA ARG A 300 54.13 -29.65 32.13
C ARG A 300 52.72 -30.12 32.42
N ALA A 301 52.46 -31.43 32.39
CA ALA A 301 51.12 -31.97 32.55
C ALA A 301 50.71 -32.14 34.01
N PHE A 302 51.39 -31.47 34.94
CA PHE A 302 51.03 -31.53 36.35
C PHE A 302 51.22 -30.15 36.95
N TYR A 303 50.15 -29.61 37.53
CA TYR A 303 50.18 -28.24 38.05
C TYR A 303 49.36 -28.16 39.33
N ALA A 304 49.61 -27.10 40.09
CA ALA A 304 48.90 -26.83 41.34
C ALA A 304 49.01 -28.00 42.30
N GLY A 305 50.18 -28.61 42.37
CA GLY A 305 50.40 -29.72 43.27
C GLY A 305 50.40 -29.30 44.72
N LYS A 306 49.42 -29.77 45.48
CA LYS A 306 49.33 -29.48 46.90
C LYS A 306 49.23 -30.79 47.68
N THR A 307 49.95 -30.87 48.80
CA THR A 307 50.13 -32.11 49.53
C THR A 307 49.35 -32.10 50.83
N ALA A 308 48.95 -33.30 51.26
CA ALA A 308 48.32 -33.51 52.55
C ALA A 308 48.75 -34.86 53.10
N SER A 309 48.86 -34.95 54.42
CA SER A 309 49.32 -36.16 55.09
C SER A 309 48.26 -36.65 56.06
N ASP A 310 48.06 -37.96 56.07
CA ASP A 310 47.14 -38.59 57.01
C ASP A 310 47.84 -39.10 58.26
N GLY A 311 49.12 -38.80 58.42
CA GLY A 311 49.90 -39.25 59.56
C GLY A 311 50.83 -40.40 59.26
N THR A 312 50.66 -41.09 58.13
CA THR A 312 51.52 -42.21 57.78
C THR A 312 52.04 -42.07 56.35
N ASN A 313 51.29 -41.36 55.50
CA ASN A 313 51.68 -41.15 54.12
C ASN A 313 51.33 -39.72 53.71
N ARG A 314 52.04 -39.22 52.71
CA ARG A 314 51.79 -37.90 52.15
C ARG A 314 51.39 -38.05 50.70
N TYR A 315 50.27 -37.45 50.33
CA TYR A 315 49.75 -37.53 48.97
C TYR A 315 49.63 -36.12 48.41
N ILE A 316 50.10 -35.94 47.18
CA ILE A 316 50.04 -34.67 46.48
C ILE A 316 48.98 -34.78 45.38
N TRP A 317 48.12 -33.77 45.31
CA TRP A 317 47.06 -33.71 44.31
C TRP A 317 47.34 -32.55 43.35
N GLY A 318 47.17 -32.82 42.06
CA GLY A 318 47.28 -31.81 41.03
C GLY A 318 46.27 -32.07 39.94
N TRP A 319 46.32 -31.33 38.83
CA TRP A 319 45.40 -31.56 37.72
C TRP A 319 46.19 -31.69 36.43
N CYS A 320 45.98 -32.81 35.74
CA CYS A 320 46.48 -32.97 34.39
C CYS A 320 45.61 -32.18 33.42
N PRO A 321 46.17 -31.27 32.65
CA PRO A 321 45.34 -30.40 31.80
C PRO A 321 44.80 -31.15 30.59
N THR A 322 43.74 -30.60 30.04
CA THR A 322 43.17 -31.08 28.78
C THR A 322 43.86 -30.40 27.61
N ARG A 323 43.63 -30.94 26.42
CA ARG A 323 44.21 -30.40 25.19
C ARG A 323 43.08 -29.93 24.28
N ALA A 324 43.24 -28.72 23.73
CA ALA A 324 42.24 -28.18 22.82
C ALA A 324 42.13 -29.03 21.57
N GLY A 325 40.91 -29.34 21.16
CA GLY A 325 40.69 -30.17 20.00
C GLY A 325 40.96 -31.64 20.19
N ASN A 326 41.20 -32.07 21.43
CA ASN A 326 41.50 -33.48 21.73
C ASN A 326 42.72 -33.96 20.94
N ASP A 327 43.71 -33.08 20.80
CA ASP A 327 44.95 -33.40 20.10
C ASP A 327 46.07 -33.44 21.12
N ASN A 328 46.72 -34.61 21.24
CA ASN A 328 47.79 -34.75 22.22
C ASN A 328 48.97 -33.85 21.88
N GLY A 329 49.25 -33.65 20.60
CA GLY A 329 50.32 -32.76 20.21
C GLY A 329 50.01 -31.28 20.32
N ASN A 330 48.75 -30.92 20.55
CA ASN A 330 48.36 -29.52 20.70
C ASN A 330 48.51 -29.12 22.17
N VAL A 331 49.78 -29.05 22.60
CA VAL A 331 50.07 -28.62 23.97
C VAL A 331 49.64 -27.17 24.16
N GLY A 332 49.87 -26.33 23.16
CA GLY A 332 49.50 -24.94 23.23
C GLY A 332 50.69 -24.04 23.53
N ASP A 333 50.56 -22.78 23.12
CA ASP A 333 51.61 -21.81 23.34
C ASP A 333 51.61 -21.35 24.80
N VAL A 334 52.60 -20.53 25.14
CA VAL A 334 52.87 -20.03 26.49
C VAL A 334 52.54 -21.05 27.57
N GLU A 335 51.25 -21.24 27.88
CA GLU A 335 50.84 -22.13 28.96
C GLU A 335 49.62 -22.91 28.52
N PRO A 336 49.47 -24.16 29.00
CA PRO A 336 48.40 -25.03 28.48
C PRO A 336 47.01 -24.64 28.96
N GLU A 337 46.02 -25.47 28.61
CA GLU A 337 44.66 -25.22 29.07
C GLU A 337 44.54 -25.41 30.57
N TRP A 338 43.65 -24.63 31.18
CA TRP A 338 43.47 -24.70 32.62
C TRP A 338 42.53 -25.84 32.99
N ALA A 339 42.64 -26.30 34.23
CA ALA A 339 41.84 -27.40 34.78
C ALA A 339 42.06 -28.69 34.03
N GLY A 340 41.37 -29.76 34.46
CA GLY A 340 41.50 -31.05 33.82
C GLY A 340 41.10 -32.21 34.71
N ASN A 341 41.95 -33.23 34.79
CA ASN A 341 41.68 -34.42 35.59
C ASN A 341 42.48 -34.37 36.88
N LEU A 342 41.81 -34.65 38.00
CA LEU A 342 42.50 -34.72 39.28
C LEU A 342 43.42 -35.92 39.31
N VAL A 343 44.69 -35.70 39.69
CA VAL A 343 45.70 -36.74 39.74
C VAL A 343 46.33 -36.74 41.12
N ALA A 344 46.43 -37.92 41.73
CA ALA A 344 47.00 -38.07 43.06
C ALA A 344 48.25 -38.93 42.98
N GLN A 345 49.33 -38.46 43.60
CA GLN A 345 50.58 -39.20 43.67
C GLN A 345 51.03 -39.25 45.12
N ARG A 346 51.95 -40.17 45.41
CA ARG A 346 52.46 -40.38 46.76
C ARG A 346 53.87 -39.82 46.85
N LEU A 347 54.11 -38.94 47.83
CA LEU A 347 55.43 -38.38 48.03
C LEU A 347 56.35 -39.41 48.64
N ILE A 348 57.56 -39.54 48.09
CA ILE A 348 58.57 -40.46 48.59
C ILE A 348 59.81 -39.66 48.97
N GLN A 349 60.25 -39.81 50.21
CA GLN A 349 61.39 -39.10 50.73
C GLN A 349 62.57 -40.06 50.82
N HIS A 350 63.68 -39.69 50.18
CA HIS A 350 64.88 -40.51 50.18
C HIS A 350 65.72 -40.20 51.42
N GLU A 351 66.88 -40.86 51.51
CA GLU A 351 67.75 -40.67 52.65
C GLU A 351 68.46 -39.31 52.64
N ASP A 352 68.56 -38.68 51.48
CA ASP A 352 69.21 -37.38 51.37
C ASP A 352 68.23 -36.22 51.43
N GLY A 353 66.95 -36.49 51.68
CA GLY A 353 65.95 -35.45 51.74
C GLY A 353 65.28 -35.13 50.42
N THR A 354 65.72 -35.74 49.32
CA THR A 354 65.10 -35.49 48.03
C THR A 354 63.69 -36.09 47.99
N LEU A 355 62.85 -35.49 47.16
CA LEU A 355 61.46 -35.89 47.03
C LEU A 355 61.19 -36.44 45.65
N THR A 356 60.51 -37.58 45.58
CA THR A 356 60.09 -38.19 44.33
C THR A 356 58.65 -38.64 44.46
N LEU A 357 57.95 -38.69 43.33
CA LEU A 357 56.54 -39.07 43.29
C LEU A 357 56.39 -40.54 42.93
N GLY A 358 55.53 -41.24 43.66
CA GLY A 358 55.27 -42.64 43.41
C GLY A 358 53.79 -42.90 43.29
N VAL A 359 53.47 -44.06 42.72
CA VAL A 359 52.07 -44.46 42.56
C VAL A 359 51.46 -44.74 43.91
N PRO A 360 50.22 -44.31 44.17
CA PRO A 360 49.56 -44.67 45.42
C PRO A 360 49.36 -46.17 45.54
N ASP A 361 49.44 -46.66 46.78
CA ASP A 361 49.34 -48.09 47.03
C ASP A 361 47.97 -48.64 46.63
N ALA A 362 46.90 -47.88 46.94
CA ALA A 362 45.56 -48.31 46.56
C ALA A 362 45.41 -48.39 45.04
N ILE A 363 45.94 -47.40 44.32
CA ILE A 363 45.89 -47.43 42.87
C ILE A 363 46.65 -48.63 42.33
N ASP A 364 47.82 -48.91 42.90
CA ASP A 364 48.61 -50.05 42.44
C ASP A 364 47.87 -51.36 42.70
N ARG A 365 47.25 -51.50 43.86
CA ARG A 365 46.58 -52.76 44.21
C ARG A 365 45.21 -52.92 43.59
N LYS A 366 44.63 -51.85 43.05
CA LYS A 366 43.31 -51.96 42.42
C LYS A 366 43.36 -52.87 41.20
N TYR A 367 44.45 -52.81 40.43
CA TYR A 367 44.61 -53.67 39.26
C TYR A 367 44.77 -55.12 39.70
N THR A 368 43.80 -55.96 39.36
CA THR A 368 43.81 -57.36 39.76
C THR A 368 43.90 -58.30 38.57
N SER A 369 43.02 -58.15 37.58
CA SER A 369 43.03 -59.03 36.42
C SER A 369 44.28 -58.79 35.58
N ALA A 370 44.79 -59.87 35.00
CA ALA A 370 45.98 -59.83 34.16
C ALA A 370 45.60 -60.16 32.72
N GLN A 371 46.25 -59.48 31.77
CA GLN A 371 45.97 -59.64 30.36
C GLN A 371 47.18 -60.21 29.66
N GLU A 372 46.96 -61.24 28.83
CA GLU A 372 48.05 -61.82 28.06
C GLU A 372 48.53 -60.83 27.00
N VAL A 373 49.85 -60.75 26.83
CA VAL A 373 50.47 -59.84 25.89
C VAL A 373 51.20 -60.65 24.83
N LYS A 374 51.08 -60.22 23.58
CA LYS A 374 51.76 -60.89 22.48
C LYS A 374 52.10 -59.87 21.41
N VAL A 375 53.10 -60.21 20.60
CA VAL A 375 53.62 -59.28 19.60
C VAL A 375 52.66 -59.16 18.44
N MET A 376 52.41 -57.93 18.00
CA MET A 376 51.57 -57.65 16.84
C MET A 376 52.38 -57.45 15.57
N ALA A 377 53.38 -56.57 15.60
CA ALA A 377 54.14 -56.22 14.41
C ALA A 377 55.61 -56.52 14.62
N LYS A 378 56.28 -56.91 13.54
CA LYS A 378 57.71 -57.21 13.52
C LYS A 378 58.34 -56.34 12.44
N ASP A 379 58.71 -55.12 12.81
CA ASP A 379 59.25 -54.17 11.84
C ASP A 379 60.77 -54.02 11.95
N GLY A 380 61.31 -54.11 13.16
CA GLY A 380 62.74 -53.96 13.37
C GLY A 380 63.47 -55.29 13.32
N ASN A 381 64.76 -55.22 13.64
CA ASN A 381 65.62 -56.40 13.70
C ASN A 381 65.61 -57.07 15.06
N MET A 382 64.58 -56.84 15.87
CA MET A 382 64.53 -57.40 17.21
C MET A 382 64.27 -58.91 17.14
N ILE A 383 64.66 -59.59 18.22
CA ILE A 383 64.49 -61.03 18.34
C ILE A 383 63.74 -61.32 19.63
N GLU A 384 63.07 -62.47 19.65
CA GLU A 384 62.28 -62.90 20.80
C GLU A 384 62.81 -64.22 21.31
N SER A 385 62.98 -64.31 22.63
CA SER A 385 63.43 -65.53 23.30
C SER A 385 62.56 -65.82 24.51
N GLY A 386 61.24 -65.71 24.31
CA GLY A 386 60.29 -65.87 25.39
C GLY A 386 59.83 -64.53 25.92
N LYS A 387 59.97 -64.32 27.22
CA LYS A 387 59.62 -63.04 27.82
C LYS A 387 60.66 -61.96 27.51
N THR A 388 61.83 -62.35 27.02
CA THR A 388 62.91 -61.41 26.76
C THR A 388 62.90 -61.00 25.29
N TYR A 389 62.94 -59.68 25.05
CA TYR A 389 63.03 -59.14 23.70
C TYR A 389 64.25 -58.23 23.62
N THR A 390 65.14 -58.51 22.68
CA THR A 390 66.35 -57.73 22.47
C THR A 390 66.16 -56.83 21.25
N LEU A 391 66.35 -55.53 21.44
CA LEU A 391 66.12 -54.54 20.40
C LEU A 391 67.40 -53.74 20.16
N GLY A 392 67.75 -53.55 18.89
CA GLY A 392 68.82 -52.67 18.50
C GLY A 392 68.30 -51.32 18.05
N GLU A 393 69.23 -50.48 17.59
CA GLU A 393 68.85 -49.16 17.12
C GLU A 393 67.99 -49.26 15.88
N GLY A 394 66.91 -48.48 15.83
CA GLY A 394 65.99 -48.50 14.72
C GLY A 394 64.98 -49.63 14.74
N ALA A 395 65.00 -50.49 15.76
CA ALA A 395 64.08 -51.61 15.86
C ALA A 395 62.98 -51.30 16.87
N SER A 396 61.79 -51.82 16.61
CA SER A 396 60.66 -51.61 17.50
C SER A 396 59.74 -52.82 17.46
N VAL A 397 58.97 -52.98 18.53
CA VAL A 397 58.00 -54.07 18.68
C VAL A 397 56.67 -53.48 19.11
N ILE A 398 55.59 -54.01 18.53
CA ILE A 398 54.23 -53.52 18.80
C ILE A 398 53.45 -54.62 19.50
N PHE A 399 52.80 -54.26 20.60
CA PHE A 399 52.02 -55.21 21.39
C PHE A 399 50.54 -55.11 21.06
N ASN A 400 49.74 -55.86 21.80
CA ASN A 400 48.30 -55.91 21.56
C ASN A 400 47.62 -54.65 22.12
N ARG A 401 46.31 -54.59 21.98
CA ARG A 401 45.55 -53.42 22.38
C ARG A 401 45.50 -53.30 23.90
N LEU A 402 45.24 -52.08 24.36
CA LEU A 402 45.07 -51.78 25.77
C LEU A 402 43.58 -51.76 26.10
N LYS A 403 43.26 -51.33 27.32
CA LYS A 403 41.86 -51.21 27.74
C LYS A 403 41.62 -49.83 28.36
N VAL A 404 40.45 -49.65 28.97
CA VAL A 404 40.13 -48.35 29.56
C VAL A 404 41.09 -48.03 30.70
N HIS A 405 41.33 -49.00 31.58
CA HIS A 405 42.29 -48.87 32.66
C HIS A 405 43.39 -49.89 32.46
N ASN A 406 44.64 -49.42 32.40
CA ASN A 406 45.77 -50.27 32.10
C ASN A 406 46.91 -50.03 33.08
N LYS A 407 47.65 -51.09 33.37
CA LYS A 407 48.87 -51.02 34.17
C LYS A 407 49.91 -51.86 33.46
N ILE A 408 50.90 -51.19 32.88
CA ILE A 408 51.95 -51.85 32.09
C ILE A 408 53.24 -51.78 32.88
N SER A 409 53.79 -52.93 33.24
CA SER A 409 55.01 -53.01 34.02
C SER A 409 56.03 -53.86 33.30
N PHE A 410 57.25 -53.35 33.17
CA PHE A 410 58.32 -54.14 32.55
C PHE A 410 59.66 -53.60 33.02
N THR A 411 60.72 -54.31 32.64
CA THR A 411 62.09 -53.96 33.01
C THR A 411 62.95 -53.91 31.76
N VAL A 412 63.71 -52.83 31.61
CA VAL A 412 64.56 -52.61 30.43
C VAL A 412 66.00 -52.48 30.91
N LYS A 413 66.88 -53.31 30.35
CA LYS A 413 68.30 -53.23 30.59
C LYS A 413 68.97 -52.68 29.33
N THR A 414 69.70 -51.58 29.48
CA THR A 414 70.37 -50.97 28.35
C THR A 414 71.84 -51.38 28.31
N ALA A 415 72.43 -51.29 27.11
CA ALA A 415 73.83 -51.65 26.96
C ALA A 415 74.74 -50.75 27.77
N SER A 416 74.43 -49.46 27.82
CA SER A 416 75.26 -48.49 28.50
C SER A 416 74.37 -47.39 29.05
N ASN A 417 74.96 -46.25 29.39
CA ASN A 417 74.23 -45.10 29.91
C ASN A 417 74.04 -44.01 28.87
N THR A 418 73.93 -44.38 27.60
CA THR A 418 73.74 -43.41 26.52
C THR A 418 72.73 -43.90 25.50
N ASP A 419 71.73 -44.66 25.94
CA ASP A 419 70.74 -45.25 25.05
C ASP A 419 69.47 -44.41 25.00
N ARG A 420 68.74 -44.57 23.90
CA ARG A 420 67.48 -43.86 23.66
C ARG A 420 66.41 -44.88 23.30
N PHE A 421 65.76 -45.45 24.31
CA PHE A 421 64.57 -46.24 24.10
C PHE A 421 63.33 -45.39 24.36
N GLY A 422 62.18 -45.92 23.99
CA GLY A 422 60.95 -45.16 24.09
C GLY A 422 59.73 -46.04 24.09
N ILE A 423 58.66 -45.52 24.70
CA ILE A 423 57.36 -46.18 24.75
C ILE A 423 56.39 -45.31 23.98
N SER A 424 55.73 -45.90 22.98
CA SER A 424 54.83 -45.17 22.10
C SER A 424 53.40 -45.66 22.29
N PHE A 425 52.48 -44.71 22.45
CA PHE A 425 51.06 -44.98 22.52
C PHE A 425 50.36 -44.39 21.30
N VAL A 426 49.13 -44.85 21.10
CA VAL A 426 48.35 -44.59 19.88
C VAL A 426 49.20 -45.08 18.72
N ARG A 427 49.58 -46.36 18.77
CA ARG A 427 50.43 -46.98 17.77
C ARG A 427 49.65 -48.08 17.09
N GLY A 428 49.56 -48.01 15.75
CA GLY A 428 48.88 -49.03 14.99
C GLY A 428 49.62 -49.32 13.70
N THR A 429 49.11 -50.33 12.98
CA THR A 429 49.71 -50.67 11.69
C THR A 429 49.58 -49.53 10.70
N ASP A 430 48.42 -48.88 10.67
CA ASP A 430 48.16 -47.77 9.77
C ASP A 430 48.23 -46.41 10.46
N SER A 431 48.75 -46.36 11.69
CA SER A 431 48.84 -45.10 12.40
C SER A 431 49.88 -44.20 11.74
N ALA A 432 49.43 -43.06 11.22
CA ALA A 432 50.36 -42.10 10.64
C ALA A 432 51.27 -41.50 11.70
N SER A 433 50.72 -41.20 12.88
CA SER A 433 51.49 -40.59 13.96
C SER A 433 51.17 -41.29 15.28
N TRP A 434 52.19 -41.39 16.13
CA TRP A 434 52.04 -41.94 17.47
C TRP A 434 52.75 -41.02 18.45
N TYR A 435 52.33 -41.09 19.71
CA TYR A 435 52.86 -40.19 20.74
C TYR A 435 53.77 -40.98 21.66
N SER A 436 55.02 -40.54 21.79
CA SER A 436 56.05 -41.35 22.42
C SER A 436 56.69 -40.62 23.60
N ILE A 437 57.19 -41.42 24.54
CA ILE A 437 58.03 -40.95 25.63
C ILE A 437 59.37 -41.64 25.46
N HIS A 438 60.40 -40.85 25.16
CA HIS A 438 61.74 -41.37 24.95
C HIS A 438 62.59 -41.09 26.18
N VAL A 439 63.15 -42.14 26.78
CA VAL A 439 64.03 -42.01 27.93
C VAL A 439 65.45 -41.95 27.40
N ASN A 440 66.00 -40.74 27.32
CA ASN A 440 67.35 -40.53 26.80
C ASN A 440 68.32 -40.56 27.97
N ALA A 441 69.17 -41.58 28.02
CA ALA A 441 70.16 -41.67 29.08
C ALA A 441 71.34 -40.72 28.84
N ASP A 442 71.71 -40.51 27.58
CA ASP A 442 72.78 -39.56 27.28
C ASP A 442 72.39 -38.15 27.70
N GLU A 443 71.16 -37.73 27.42
CA GLU A 443 70.65 -36.46 27.91
C GLU A 443 70.21 -36.53 29.36
N GLY A 444 70.09 -37.73 29.92
CA GLY A 444 69.71 -37.88 31.32
C GLY A 444 68.33 -37.39 31.64
N LYS A 445 67.35 -37.69 30.79
CA LYS A 445 65.99 -37.21 31.02
C LYS A 445 65.02 -38.06 30.20
N ALA A 446 63.76 -37.65 30.19
CA ALA A 446 62.73 -38.24 29.35
C ALA A 446 62.06 -37.12 28.57
N ASN A 447 61.60 -37.43 27.38
CA ASN A 447 60.99 -36.44 26.49
C ASN A 447 59.69 -36.98 25.95
N PHE A 448 58.60 -36.23 26.14
CA PHE A 448 57.33 -36.52 25.51
C PHE A 448 57.27 -35.79 24.18
N GLU A 449 57.15 -36.55 23.09
CA GLU A 449 57.16 -36.01 21.74
C GLU A 449 56.08 -36.70 20.93
N LYS A 450 55.83 -36.15 19.73
CA LYS A 450 54.91 -36.73 18.77
C LYS A 450 55.73 -37.25 17.60
N ASP A 451 55.60 -38.54 17.31
CA ASP A 451 56.31 -39.17 16.20
C ASP A 451 55.38 -39.30 15.01
N GLY A 452 55.92 -39.84 13.92
CA GLY A 452 55.13 -40.04 12.71
C GLY A 452 55.45 -39.04 11.62
N ASP A 453 54.42 -38.47 11.01
CA ASP A 453 54.60 -37.54 9.90
C ASP A 453 54.88 -36.11 10.36
N ASP A 454 54.84 -35.84 11.66
CA ASP A 454 55.11 -34.51 12.19
C ASP A 454 56.43 -34.43 12.94
N ALA A 455 56.78 -35.45 13.71
CA ALA A 455 58.04 -35.50 14.45
C ALA A 455 58.23 -34.25 15.32
N LYS A 456 57.20 -33.95 16.11
CA LYS A 456 57.17 -32.74 16.92
C LYS A 456 57.61 -33.04 18.35
N TYR A 457 58.42 -32.16 18.90
CA TYR A 457 58.87 -32.25 20.28
C TYR A 457 57.96 -31.42 21.17
N LEU A 458 57.41 -32.06 22.21
CA LEU A 458 56.42 -31.40 23.07
C LEU A 458 57.02 -30.87 24.37
N PHE A 459 57.58 -31.75 25.20
CA PHE A 459 58.26 -31.28 26.42
C PHE A 459 59.11 -32.41 26.97
N ASP A 460 59.65 -32.21 28.18
CA ASP A 460 60.57 -33.17 28.76
C ASP A 460 60.49 -33.11 30.28
N ASN A 461 61.34 -33.91 30.93
CA ASN A 461 61.44 -33.97 32.38
C ASN A 461 62.76 -34.65 32.74
N LYS A 462 63.55 -33.99 33.58
CA LYS A 462 64.83 -34.53 34.01
C LYS A 462 64.65 -35.44 35.22
N PHE A 463 65.52 -36.44 35.33
CA PHE A 463 65.50 -37.38 36.44
C PHE A 463 66.87 -38.01 36.58
N ASN A 464 67.01 -38.88 37.59
CA ASN A 464 68.29 -39.48 37.92
C ASN A 464 68.48 -40.76 37.13
N ILE A 465 69.58 -40.86 36.39
CA ILE A 465 69.89 -42.03 35.58
C ILE A 465 70.49 -43.11 36.47
N PRO A 466 69.92 -44.31 36.50
CA PRO A 466 70.53 -45.40 37.28
C PRO A 466 71.90 -45.77 36.75
N ALA A 467 72.78 -46.16 37.68
CA ALA A 467 74.15 -46.51 37.31
C ALA A 467 74.27 -47.92 36.77
N ASP A 468 73.27 -48.76 36.96
CA ASP A 468 73.31 -50.15 36.50
C ASP A 468 72.61 -50.36 35.17
N ASN A 469 72.18 -49.27 34.52
CA ASN A 469 71.52 -49.33 33.21
C ASN A 469 70.25 -50.17 33.27
N GLU A 470 69.56 -50.15 34.41
CA GLU A 470 68.34 -50.91 34.62
C GLU A 470 67.19 -49.94 34.89
N TYR A 471 66.07 -50.15 34.19
CA TYR A 471 64.91 -49.29 34.32
C TYR A 471 63.69 -50.15 34.63
N ARG A 472 62.92 -49.76 35.63
CA ARG A 472 61.68 -50.44 35.98
C ARG A 472 60.53 -49.51 35.60
N VAL A 473 59.92 -49.77 34.45
CA VAL A 473 58.92 -48.88 33.87
C VAL A 473 57.54 -49.38 34.25
N THR A 474 56.75 -48.51 34.88
CA THR A 474 55.37 -48.82 35.24
C THR A 474 54.47 -47.67 34.83
N ILE A 475 53.56 -47.94 33.90
CA ILE A 475 52.61 -46.94 33.40
C ILE A 475 51.23 -47.30 33.93
N TYR A 476 50.60 -46.36 34.63
CA TYR A 476 49.22 -46.48 35.07
C TYR A 476 48.38 -45.51 34.25
N SER A 477 47.46 -46.04 33.45
CA SER A 477 46.67 -45.24 32.54
C SER A 477 45.19 -45.43 32.84
N ASP A 478 44.47 -44.33 33.00
CA ASP A 478 43.02 -44.33 33.14
C ASP A 478 42.46 -43.53 31.97
N GLN A 479 41.73 -44.22 31.08
CA GLN A 479 41.16 -43.60 29.90
C GLN A 479 42.23 -42.87 29.10
N SER A 480 42.36 -41.55 29.31
CA SER A 480 43.28 -40.75 28.52
C SER A 480 44.35 -40.05 29.35
N VAL A 481 44.50 -40.40 30.63
CA VAL A 481 45.53 -39.82 31.49
C VAL A 481 46.45 -40.94 31.94
N CYS A 482 47.74 -40.82 31.64
CA CYS A 482 48.69 -41.88 31.96
C CYS A 482 49.87 -41.32 32.74
N VAL A 483 50.27 -42.04 33.79
CA VAL A 483 51.40 -41.66 34.62
C VAL A 483 52.45 -42.75 34.53
N THR A 484 53.68 -42.36 34.16
CA THR A 484 54.79 -43.27 33.98
C THR A 484 55.77 -43.11 35.13
N TYR A 485 56.21 -44.22 35.70
CA TYR A 485 57.18 -44.24 36.79
C TYR A 485 58.39 -45.04 36.34
N ILE A 486 59.57 -44.44 36.52
CA ILE A 486 60.84 -45.02 36.12
C ILE A 486 61.65 -45.27 37.39
N ASN A 487 61.83 -46.55 37.72
CA ASN A 487 62.63 -47.05 38.85
C ASN A 487 62.56 -46.14 40.06
N ASP A 488 61.33 -45.75 40.41
CA ASP A 488 61.07 -44.93 41.59
C ASP A 488 61.91 -43.66 41.59
N GLN A 489 62.25 -43.18 40.40
CA GLN A 489 63.10 -41.99 40.28
C GLN A 489 62.47 -40.95 39.37
N LEU A 490 61.65 -41.38 38.42
CA LEU A 490 60.99 -40.44 37.51
C LEU A 490 59.48 -40.64 37.55
N SER A 491 58.75 -39.54 37.69
CA SER A 491 57.30 -39.52 37.55
C SER A 491 56.95 -38.59 36.40
N PHE A 492 56.13 -39.08 35.47
CA PHE A 492 55.86 -38.36 34.22
C PHE A 492 54.38 -38.49 33.89
N THR A 493 53.64 -37.39 34.03
CA THR A 493 52.21 -37.39 33.74
C THR A 493 51.98 -36.93 32.31
N ASN A 494 51.01 -37.56 31.63
CA ASN A 494 50.73 -37.26 30.25
C ASN A 494 49.23 -37.37 30.00
N ARG A 495 48.75 -36.51 29.09
CA ARG A 495 47.39 -36.57 28.57
C ARG A 495 47.48 -37.11 27.14
N ILE A 496 47.11 -38.37 26.95
CA ILE A 496 47.19 -39.01 25.65
C ILE A 496 45.79 -39.49 25.31
N TYR A 497 45.08 -38.75 24.47
CA TYR A 497 43.78 -39.20 23.99
C TYR A 497 43.95 -40.36 23.04
N GLN A 498 42.87 -41.14 22.88
CA GLN A 498 42.81 -42.31 22.01
C GLN A 498 43.77 -43.41 22.44
N MET A 499 44.41 -43.29 23.60
CA MET A 499 45.38 -44.29 24.02
C MET A 499 44.71 -45.57 24.50
N GLN A 500 43.48 -45.48 25.00
CA GLN A 500 42.76 -46.67 25.41
C GLN A 500 42.28 -47.44 24.19
N LYS A 501 42.24 -48.77 24.32
CA LYS A 501 41.82 -49.66 23.25
C LYS A 501 42.66 -49.47 22.00
N ASN A 502 43.95 -49.19 22.19
CA ASN A 502 44.89 -49.05 21.10
C ASN A 502 46.20 -49.73 21.46
N PRO A 503 46.92 -50.27 20.48
CA PRO A 503 48.19 -50.94 20.78
C PRO A 503 49.25 -49.95 21.24
N TRP A 504 50.19 -50.47 22.02
CA TRP A 504 51.36 -49.72 22.46
C TRP A 504 52.63 -50.44 22.01
N SER A 505 53.71 -49.69 21.84
CA SER A 505 54.92 -50.23 21.27
C SER A 505 56.14 -49.77 22.05
N LEU A 506 57.20 -50.57 21.96
CA LEU A 506 58.51 -50.21 22.47
C LEU A 506 59.47 -50.03 21.31
N CYS A 507 60.28 -48.98 21.36
CA CYS A 507 61.20 -48.66 20.28
C CYS A 507 62.57 -48.32 20.85
N CYS A 508 63.59 -48.49 20.01
CA CYS A 508 64.95 -48.08 20.32
C CYS A 508 65.49 -47.28 19.15
N TYR A 509 66.31 -46.27 19.44
CA TYR A 509 66.75 -45.35 18.40
C TYR A 509 68.26 -45.30 18.23
N LYS A 510 69.01 -45.35 19.31
CA LYS A 510 70.46 -45.19 19.18
C LYS A 510 71.25 -46.31 19.83
N GLY A 511 70.80 -46.84 20.97
CA GLY A 511 71.52 -47.85 21.70
C GLY A 511 70.96 -49.25 21.50
N GLU A 512 71.25 -50.11 22.47
CA GLU A 512 70.76 -51.48 22.50
C GLU A 512 70.04 -51.72 23.81
N ILE A 513 68.85 -52.31 23.75
CA ILE A 513 68.02 -52.52 24.92
C ILE A 513 67.55 -53.96 24.98
N THR A 514 67.17 -54.39 26.17
CA THR A 514 66.63 -55.72 26.40
C THR A 514 65.47 -55.58 27.38
N VAL A 515 64.25 -55.86 26.92
CA VAL A 515 63.04 -55.68 27.71
C VAL A 515 62.53 -57.04 28.16
N SER A 516 62.00 -57.09 29.37
CA SER A 516 61.51 -58.34 29.93
C SER A 516 60.45 -58.03 30.98
N ASP A 517 59.81 -59.11 31.46
CA ASP A 517 58.80 -59.03 32.52
C ASP A 517 57.65 -58.10 32.13
N VAL A 518 57.26 -58.15 30.85
CA VAL A 518 56.17 -57.31 30.37
C VAL A 518 54.85 -57.88 30.88
N GLN A 519 54.15 -57.10 31.71
CA GLN A 519 52.88 -57.51 32.28
C GLN A 519 51.87 -56.38 32.11
N VAL A 520 50.66 -56.72 31.68
CA VAL A 520 49.58 -55.76 31.52
C VAL A 520 48.42 -56.21 32.39
N SER A 521 47.96 -55.32 33.26
CA SER A 521 46.85 -55.59 34.16
C SER A 521 45.73 -54.60 33.92
N THR A 522 44.49 -55.09 33.97
CA THR A 522 43.32 -54.26 33.75
C THR A 522 42.28 -54.58 34.81
N TYR A 523 41.38 -53.62 35.03
CA TYR A 523 40.26 -53.84 35.93
C TYR A 523 38.99 -53.17 35.40
N ASP B 27 -38.65 9.00 -45.36
CA ASP B 27 -38.15 10.27 -45.86
C ASP B 27 -37.22 10.93 -44.85
N PHE B 28 -36.70 10.15 -43.91
CA PHE B 28 -35.79 10.68 -42.91
C PHE B 28 -34.46 11.09 -43.52
N LYS B 29 -33.99 10.35 -44.53
CA LYS B 29 -32.69 10.61 -45.12
C LYS B 29 -32.65 12.00 -45.75
N SER B 30 -31.55 12.70 -45.53
CA SER B 30 -31.34 14.04 -46.06
C SER B 30 -30.46 13.99 -47.28
N GLY B 31 -30.77 14.84 -48.27
CA GLY B 31 -30.04 14.85 -49.52
C GLY B 31 -28.67 15.48 -49.43
N LEU B 32 -27.74 14.79 -48.75
CA LEU B 32 -26.40 15.31 -48.53
C LEU B 32 -25.34 14.63 -49.37
N ARG B 33 -25.57 13.38 -49.79
CA ARG B 33 -24.62 12.56 -50.55
C ARG B 33 -23.19 12.74 -50.03
N LEU B 34 -23.03 12.75 -48.70
CA LEU B 34 -21.72 12.91 -48.09
C LEU B 34 -20.79 11.74 -48.40
N ASP B 35 -21.35 10.59 -48.76
CA ASP B 35 -20.55 9.38 -49.02
C ASP B 35 -19.87 9.51 -50.38
N GLY B 36 -18.86 10.37 -50.43
CA GLY B 36 -18.08 10.59 -51.63
C GLY B 36 -16.63 10.89 -51.30
N ASP B 37 -15.72 10.21 -51.97
CA ASP B 37 -14.30 10.37 -51.69
C ASP B 37 -13.75 11.59 -52.42
N VAL B 38 -12.99 12.40 -51.71
CA VAL B 38 -12.38 13.61 -52.26
C VAL B 38 -10.87 13.52 -52.02
N TRP B 39 -10.11 13.44 -53.10
CA TRP B 39 -8.66 13.37 -53.01
C TRP B 39 -8.05 14.00 -54.25
N VAL B 40 -6.80 14.43 -54.11
CA VAL B 40 -5.97 14.86 -55.22
C VAL B 40 -4.72 14.01 -55.24
N ASN B 41 -4.40 13.46 -56.40
CA ASN B 41 -3.28 12.52 -56.49
C ASN B 41 -2.44 12.74 -57.75
N SER B 42 -2.48 13.93 -58.34
CA SER B 42 -1.74 14.19 -59.57
C SER B 42 -1.55 15.69 -59.73
N ILE B 43 -0.31 16.14 -59.72
CA ILE B 43 0.05 17.52 -60.04
C ILE B 43 0.98 17.49 -61.23
N ARG B 44 0.65 18.27 -62.25
CA ARG B 44 1.38 18.23 -63.52
C ARG B 44 1.59 19.65 -64.05
N LEU B 45 2.04 20.54 -63.17
CA LEU B 45 2.29 21.93 -63.57
C LEU B 45 3.26 21.98 -64.73
N ASP B 46 2.80 22.50 -65.87
CA ASP B 46 3.58 22.53 -67.10
C ASP B 46 4.10 21.14 -67.43
N GLU B 47 5.40 20.92 -67.28
CA GLU B 47 6.03 19.62 -67.48
C GLU B 47 6.77 19.20 -66.23
N TYR B 48 6.20 19.50 -65.07
CA TYR B 48 6.81 19.20 -63.78
C TYR B 48 5.81 18.46 -62.90
N ALA B 49 6.31 17.54 -62.10
CA ALA B 49 5.51 16.81 -61.13
C ALA B 49 5.75 17.38 -59.74
N GLY B 50 5.18 16.74 -58.73
CA GLY B 50 5.37 17.20 -57.36
C GLY B 50 4.85 16.17 -56.38
N THR B 51 5.09 16.47 -55.11
CA THR B 51 4.71 15.58 -54.01
C THR B 51 3.45 16.12 -53.33
N VAL B 52 2.68 15.19 -52.75
CA VAL B 52 1.43 15.51 -52.08
C VAL B 52 1.50 14.97 -50.65
N ASP B 53 1.18 15.83 -49.69
CA ASP B 53 1.07 15.46 -48.28
C ASP B 53 -0.35 15.71 -47.84
N TYR B 54 -1.10 14.64 -47.57
CA TYR B 54 -2.49 14.75 -47.18
C TYR B 54 -2.67 15.21 -45.73
N GLN B 55 -1.69 14.97 -44.87
CA GLN B 55 -1.80 15.40 -43.48
C GLN B 55 -1.86 16.93 -43.38
N ASN B 56 -1.02 17.62 -44.14
CA ASN B 56 -0.99 19.07 -44.15
C ASN B 56 -1.74 19.68 -45.32
N LYS B 57 -2.36 18.86 -46.17
CA LYS B 57 -3.12 19.32 -47.33
C LYS B 57 -2.26 20.18 -48.24
N ALA B 58 -1.08 19.66 -48.59
CA ALA B 58 -0.10 20.42 -49.34
C ALA B 58 0.32 19.67 -50.60
N ILE B 59 0.56 20.42 -51.66
CA ILE B 59 1.16 19.91 -52.89
C ILE B 59 2.36 20.78 -53.21
N VAL B 60 3.55 20.19 -53.18
CA VAL B 60 4.79 20.93 -53.35
C VAL B 60 5.45 20.47 -54.64
N VAL B 61 5.75 21.43 -55.52
CA VAL B 61 6.33 21.15 -56.83
C VAL B 61 7.71 21.82 -56.89
N GLY B 62 8.71 21.05 -57.26
CA GLY B 62 10.08 21.56 -57.33
C GLY B 62 10.46 21.96 -58.75
N VAL B 63 11.08 23.12 -58.88
CA VAL B 63 11.59 23.59 -60.16
C VAL B 63 13.02 24.08 -59.96
N PRO B 64 13.82 24.12 -61.02
CA PRO B 64 15.18 24.67 -60.91
C PRO B 64 15.15 26.12 -60.43
N TYR B 65 16.31 26.58 -59.96
CA TYR B 65 16.41 27.92 -59.38
C TYR B 65 16.04 29.01 -60.38
N ASP B 66 16.13 28.75 -61.68
CA ASP B 66 15.77 29.70 -62.72
C ASP B 66 14.56 29.16 -63.46
N TYR B 67 13.39 29.75 -63.21
CA TYR B 67 12.18 29.36 -63.90
C TYR B 67 11.21 30.52 -63.86
N ASP B 68 10.39 30.64 -64.91
CA ASP B 68 9.56 31.84 -65.06
C ASP B 68 8.48 31.94 -63.99
N ILE B 69 7.99 30.80 -63.49
CA ILE B 69 6.94 30.64 -62.47
C ILE B 69 5.74 31.56 -62.66
N THR B 70 5.90 32.73 -63.28
CA THR B 70 4.79 33.63 -63.48
C THR B 70 3.79 33.12 -64.52
N ARG B 71 4.11 32.05 -65.23
CA ARG B 71 3.20 31.50 -66.23
C ARG B 71 3.34 29.98 -66.21
N MET B 72 2.46 29.33 -65.44
CA MET B 72 2.39 27.88 -65.37
C MET B 72 1.00 27.43 -65.79
N VAL B 73 0.94 26.43 -66.66
CA VAL B 73 -0.33 25.87 -67.11
C VAL B 73 -0.50 24.49 -66.48
N VAL B 74 -1.75 24.14 -66.21
CA VAL B 74 -2.09 22.86 -65.59
C VAL B 74 -2.55 21.92 -66.71
N THR B 75 -1.87 20.78 -66.82
CA THR B 75 -2.13 19.84 -67.91
C THR B 75 -2.82 18.56 -67.46
N GLU B 76 -2.50 18.06 -66.27
CA GLU B 76 -3.04 16.78 -65.80
C GLU B 76 -3.37 16.90 -64.33
N MET B 77 -4.66 16.96 -64.00
CA MET B 77 -5.13 17.17 -62.64
C MET B 77 -6.27 16.19 -62.34
N ASN B 78 -6.04 14.91 -62.61
CA ASN B 78 -7.08 13.93 -62.32
C ASN B 78 -7.28 13.80 -60.82
N LEU B 79 -8.50 13.46 -60.43
CA LEU B 79 -8.90 13.41 -59.03
C LEU B 79 -9.69 12.13 -58.80
N SER B 80 -10.34 12.04 -57.65
CA SER B 80 -11.20 10.92 -57.35
C SER B 80 -12.43 10.95 -58.27
N GLU B 81 -13.16 9.84 -58.29
CA GLU B 81 -14.32 9.72 -59.17
C GLU B 81 -15.37 10.75 -58.82
N GLY B 82 -15.74 11.57 -59.81
CA GLY B 82 -16.73 12.61 -59.63
C GLY B 82 -16.25 13.86 -58.95
N ALA B 83 -14.95 13.98 -58.66
CA ALA B 83 -14.43 15.13 -57.95
C ALA B 83 -14.18 16.28 -58.92
N LYS B 84 -14.62 17.48 -58.55
CA LYS B 84 -14.41 18.68 -59.34
C LYS B 84 -13.53 19.64 -58.56
N ALA B 85 -12.58 20.26 -59.27
CA ALA B 85 -11.64 21.18 -58.65
C ALA B 85 -11.82 22.57 -59.25
N SER B 86 -11.49 23.59 -58.45
CA SER B 86 -11.59 24.96 -58.94
C SER B 86 -10.62 25.22 -60.08
N ILE B 87 -9.41 24.69 -59.98
CA ILE B 87 -8.42 24.84 -61.04
C ILE B 87 -8.70 23.81 -62.13
N ALA B 88 -8.85 24.28 -63.37
CA ALA B 88 -9.15 23.43 -64.50
C ALA B 88 -7.89 23.15 -65.30
N ILE B 89 -8.05 22.48 -66.44
CA ILE B 89 -6.95 22.11 -67.31
C ILE B 89 -6.87 23.13 -68.44
N GLY B 90 -5.67 23.66 -68.68
CA GLY B 90 -5.44 24.61 -69.75
C GLY B 90 -5.32 26.05 -69.28
N GLU B 91 -5.77 26.37 -68.08
CA GLU B 91 -5.63 27.71 -67.56
C GLU B 91 -4.22 27.92 -67.01
N THR B 92 -3.79 29.18 -67.01
CA THR B 92 -2.47 29.54 -66.52
C THR B 92 -2.59 30.35 -65.24
N ILE B 93 -1.71 30.06 -64.28
CA ILE B 93 -1.77 30.64 -62.95
C ILE B 93 -0.37 31.08 -62.54
N ASP B 94 -0.25 32.29 -62.01
CA ASP B 94 1.01 32.73 -61.41
C ASP B 94 1.22 32.02 -60.08
N PHE B 95 2.39 31.42 -59.92
CA PHE B 95 2.70 30.61 -58.74
C PHE B 95 3.81 31.22 -57.90
N SER B 96 3.87 32.56 -57.85
CA SER B 96 4.84 33.22 -56.99
C SER B 96 4.53 33.02 -55.51
N LEU B 97 3.28 32.70 -55.18
CA LEU B 97 2.83 32.50 -53.82
C LEU B 97 1.95 31.26 -53.79
N PRO B 98 1.77 30.65 -52.61
CA PRO B 98 0.93 29.45 -52.54
C PRO B 98 -0.48 29.73 -53.03
N VAL B 99 -1.06 28.74 -53.71
CA VAL B 99 -2.36 28.86 -54.35
C VAL B 99 -3.31 27.87 -53.71
N SER B 100 -4.50 28.34 -53.32
CA SER B 100 -5.50 27.48 -52.69
C SER B 100 -6.33 26.78 -53.76
N LEU B 101 -6.54 25.48 -53.57
CA LEU B 101 -7.35 24.66 -54.44
C LEU B 101 -8.45 23.99 -53.64
N THR B 102 -9.67 23.98 -54.19
CA THR B 102 -10.82 23.38 -53.55
C THR B 102 -11.36 22.26 -54.42
N VAL B 103 -11.48 21.07 -53.85
CA VAL B 103 -12.01 19.89 -54.54
C VAL B 103 -13.37 19.58 -53.96
N LYS B 104 -14.38 19.46 -54.84
CA LYS B 104 -15.77 19.31 -54.42
C LYS B 104 -16.44 18.32 -55.37
N ASN B 105 -16.50 17.06 -54.96
CA ASN B 105 -17.22 16.07 -55.77
C ASN B 105 -18.72 16.33 -55.74
N GLY B 106 -19.27 16.51 -54.55
CA GLY B 106 -20.65 16.89 -54.37
C GLY B 106 -20.73 18.16 -53.53
N ASP B 107 -21.39 18.08 -52.40
CA ASP B 107 -21.34 19.14 -51.40
C ASP B 107 -20.24 18.92 -50.39
N VAL B 108 -19.42 17.89 -50.56
CA VAL B 108 -18.26 17.65 -49.72
C VAL B 108 -17.05 18.36 -50.33
N GLN B 109 -16.39 19.19 -49.54
CA GLN B 109 -15.28 20.00 -50.03
C GLN B 109 -14.01 19.68 -49.25
N MET B 110 -12.88 19.87 -49.92
CA MET B 110 -11.57 19.71 -49.29
C MET B 110 -10.62 20.74 -49.89
N SER B 111 -9.85 21.39 -49.03
CA SER B 111 -8.99 22.49 -49.45
C SER B 111 -7.52 22.08 -49.31
N TYR B 112 -6.77 22.24 -50.38
CA TYR B 112 -5.32 22.05 -50.40
C TYR B 112 -4.63 23.35 -50.76
N THR B 113 -3.32 23.39 -50.51
CA THR B 113 -2.48 24.51 -50.92
C THR B 113 -1.33 23.98 -51.76
N ILE B 114 -1.08 24.64 -52.90
CA ILE B 114 -0.03 24.26 -53.82
C ILE B 114 1.06 25.31 -53.77
N THR B 115 2.29 24.88 -53.54
CA THR B 115 3.45 25.76 -53.51
C THR B 115 4.54 25.19 -54.40
N VAL B 116 5.39 26.08 -54.91
CA VAL B 116 6.47 25.72 -55.81
C VAL B 116 7.78 26.18 -55.18
N LYS B 117 8.70 25.23 -55.00
CA LYS B 117 10.03 25.58 -54.54
C LYS B 117 10.95 25.78 -55.74
N ARG B 118 11.91 26.70 -55.57
CA ARG B 118 12.91 27.00 -56.58
C ARG B 118 14.23 26.39 -56.11
N ASP B 119 14.62 25.27 -56.72
CA ASP B 119 15.82 24.55 -56.33
C ASP B 119 17.07 25.41 -56.54
N ASP C 27 -4.63 -32.67 39.49
CA ASP C 27 -4.25 -33.85 38.70
C ASP C 27 -3.06 -33.54 37.81
N PHE C 28 -2.82 -32.25 37.57
CA PHE C 28 -1.71 -31.81 36.74
C PHE C 28 -0.69 -30.95 37.47
N LYS C 29 -1.12 -30.21 38.49
CA LYS C 29 -0.20 -29.31 39.19
C LYS C 29 0.87 -30.12 39.92
N SER C 30 2.08 -29.53 39.98
CA SER C 30 3.23 -30.18 40.57
C SER C 30 3.35 -29.93 42.07
N GLY C 31 2.52 -29.08 42.64
CA GLY C 31 2.60 -28.80 44.07
C GLY C 31 3.89 -28.13 44.49
N LEU C 32 4.39 -27.20 43.67
CA LEU C 32 5.59 -26.47 44.02
C LEU C 32 5.34 -25.26 44.91
N ARG C 33 4.08 -24.86 45.09
CA ARG C 33 3.71 -23.71 45.92
C ARG C 33 4.42 -22.45 45.42
N LEU C 34 4.03 -22.06 44.20
CA LEU C 34 4.60 -20.91 43.52
C LEU C 34 3.85 -19.62 43.79
N ASP C 35 2.83 -19.65 44.64
CA ASP C 35 1.99 -18.48 44.88
C ASP C 35 2.58 -17.50 45.89
N GLY C 36 3.72 -17.83 46.49
CA GLY C 36 4.30 -16.96 47.49
C GLY C 36 4.81 -15.67 46.90
N ASP C 37 5.01 -14.68 47.76
CA ASP C 37 5.50 -13.37 47.37
C ASP C 37 6.87 -13.13 47.99
N VAL C 38 7.75 -12.47 47.24
CA VAL C 38 9.14 -12.29 47.66
C VAL C 38 9.53 -10.83 47.62
N TRP C 39 8.55 -9.93 47.72
CA TRP C 39 8.87 -8.51 47.71
C TRP C 39 9.53 -8.10 49.01
N VAL C 40 10.34 -7.05 48.94
CA VAL C 40 10.98 -6.44 50.10
C VAL C 40 10.41 -5.04 50.27
N ASN C 41 9.77 -4.78 51.40
CA ASN C 41 9.14 -3.49 51.62
C ASN C 41 10.19 -2.42 51.91
N SER C 42 10.94 -2.59 52.98
CA SER C 42 11.99 -1.64 53.32
C SER C 42 12.93 -2.29 54.32
N ILE C 43 14.20 -1.87 54.29
CA ILE C 43 15.20 -2.32 55.23
C ILE C 43 15.85 -1.10 55.85
N ARG C 44 16.39 -1.29 57.06
CA ARG C 44 17.06 -0.24 57.80
C ARG C 44 18.41 -0.74 58.26
N LEU C 45 19.47 -0.06 57.84
CA LEU C 45 20.83 -0.37 58.27
C LEU C 45 21.24 0.64 59.34
N ASP C 46 21.55 0.14 60.53
CA ASP C 46 21.82 1.00 61.68
C ASP C 46 20.68 1.97 61.89
N GLU C 47 20.83 3.20 61.40
CA GLU C 47 19.80 4.22 61.50
C GLU C 47 19.63 4.94 60.17
N TYR C 48 19.64 4.18 59.07
CA TYR C 48 19.54 4.76 57.74
C TYR C 48 18.66 3.85 56.88
N ALA C 49 17.46 4.31 56.55
CA ALA C 49 16.55 3.53 55.74
C ALA C 49 17.02 3.51 54.29
N GLY C 50 16.63 2.45 53.57
CA GLY C 50 17.03 2.25 52.19
C GLY C 50 15.86 2.37 51.24
N THR C 51 16.14 2.87 50.05
CA THR C 51 15.15 2.98 48.99
C THR C 51 15.28 1.78 48.05
N VAL C 52 14.15 1.13 47.76
CA VAL C 52 14.13 -0.12 47.01
C VAL C 52 13.54 0.14 45.64
N ASP C 53 14.25 -0.25 44.60
CA ASP C 53 13.76 -0.23 43.23
C ASP C 53 13.57 -1.65 42.76
N TYR C 54 12.33 -2.00 42.39
CA TYR C 54 12.01 -3.36 41.98
C TYR C 54 12.34 -3.65 40.53
N GLN C 55 12.52 -2.62 39.70
CA GLN C 55 12.83 -2.85 38.30
C GLN C 55 14.20 -3.51 38.15
N ASN C 56 15.19 -3.05 38.91
CA ASN C 56 16.53 -3.61 38.87
C ASN C 56 16.88 -4.38 40.14
N LYS C 57 15.93 -4.55 41.05
CA LYS C 57 16.13 -5.26 42.31
C LYS C 57 17.32 -4.69 43.07
N ALA C 58 17.26 -3.38 43.31
CA ALA C 58 18.36 -2.66 43.93
C ALA C 58 17.89 -1.88 45.13
N ILE C 59 18.50 -2.13 46.28
CA ILE C 59 18.31 -1.32 47.48
C ILE C 59 19.50 -0.40 47.60
N VAL C 60 19.23 0.89 47.80
CA VAL C 60 20.27 1.90 47.95
C VAL C 60 20.11 2.55 49.32
N VAL C 61 21.18 2.54 50.10
CA VAL C 61 21.18 3.13 51.44
C VAL C 61 22.17 4.28 51.45
N GLY C 62 21.69 5.50 51.71
CA GLY C 62 22.54 6.67 51.76
C GLY C 62 23.08 6.89 53.16
N VAL C 63 24.37 7.17 53.25
CA VAL C 63 25.03 7.38 54.54
C VAL C 63 25.90 8.63 54.43
N PRO C 64 26.22 9.24 55.58
CA PRO C 64 27.13 10.40 55.55
C PRO C 64 28.50 10.03 55.00
N TYR C 65 29.19 11.05 54.47
CA TYR C 65 30.47 10.82 53.80
C TYR C 65 31.51 10.25 54.76
N ASP C 66 31.53 10.73 56.00
CA ASP C 66 32.51 10.27 56.97
C ASP C 66 32.08 9.00 57.69
N TYR C 67 30.88 8.49 57.41
CA TYR C 67 30.40 7.28 58.07
C TYR C 67 31.22 6.07 57.65
N ASP C 68 31.45 5.16 58.60
CA ASP C 68 32.20 3.94 58.36
C ASP C 68 31.22 2.80 58.08
N ILE C 69 31.37 2.16 56.92
CA ILE C 69 30.43 1.15 56.47
C ILE C 69 31.05 -0.24 56.48
N THR C 70 32.16 -0.41 57.19
CA THR C 70 32.83 -1.71 57.24
C THR C 70 32.25 -2.64 58.30
N ARG C 71 31.43 -2.13 59.21
CA ARG C 71 30.88 -2.94 60.29
C ARG C 71 29.41 -2.60 60.51
N MET C 72 28.65 -2.49 59.43
CA MET C 72 27.25 -2.11 59.54
C MET C 72 26.45 -3.23 60.20
N VAL C 73 25.33 -2.86 60.80
CA VAL C 73 24.47 -3.80 61.52
C VAL C 73 23.07 -3.73 60.93
N VAL C 74 22.52 -4.89 60.61
CA VAL C 74 21.14 -4.95 60.10
C VAL C 74 20.19 -4.84 61.29
N THR C 75 19.27 -3.88 61.21
CA THR C 75 18.32 -3.64 62.30
C THR C 75 16.94 -4.20 62.04
N GLU C 76 16.41 -4.04 60.82
CA GLU C 76 15.10 -4.58 60.49
C GLU C 76 15.04 -4.86 59.00
N MET C 77 14.17 -5.80 58.63
CA MET C 77 14.00 -6.18 57.22
C MET C 77 12.59 -6.71 57.07
N ASN C 78 11.70 -5.85 56.55
CA ASN C 78 10.28 -6.19 56.42
C ASN C 78 10.05 -6.82 55.06
N LEU C 79 9.96 -8.14 55.02
CA LEU C 79 9.71 -8.88 53.80
C LEU C 79 8.20 -9.09 53.63
N SER C 80 7.83 -9.91 52.66
CA SER C 80 6.42 -10.25 52.45
C SER C 80 6.00 -11.28 53.50
N GLU C 81 4.77 -11.77 53.38
CA GLU C 81 4.26 -12.76 54.32
C GLU C 81 4.84 -14.12 53.98
N GLY C 82 5.54 -14.73 54.95
CA GLY C 82 6.14 -16.03 54.76
C GLY C 82 7.47 -16.01 54.04
N ALA C 83 7.97 -14.85 53.66
CA ALA C 83 9.25 -14.76 52.98
C ALA C 83 10.40 -14.91 53.97
N LYS C 84 11.50 -15.48 53.50
CA LYS C 84 12.70 -15.67 54.31
C LYS C 84 13.91 -15.20 53.51
N ALA C 85 14.72 -14.36 54.13
CA ALA C 85 15.89 -13.79 53.47
C ALA C 85 17.17 -14.47 53.92
N SER C 86 18.22 -14.30 53.12
CA SER C 86 19.52 -14.87 53.46
C SER C 86 20.09 -14.24 54.72
N ILE C 87 20.02 -12.92 54.82
CA ILE C 87 20.53 -12.21 55.98
C ILE C 87 19.48 -12.21 57.08
N ALA C 88 19.94 -12.22 58.32
CA ALA C 88 19.07 -12.20 59.48
C ALA C 88 19.17 -10.85 60.19
N ILE C 89 18.12 -10.53 60.94
CA ILE C 89 18.10 -9.27 61.68
C ILE C 89 19.13 -9.33 62.80
N GLY C 90 19.99 -8.32 62.85
CA GLY C 90 21.07 -8.26 63.82
C GLY C 90 22.42 -8.70 63.31
N GLU C 91 22.52 -9.05 62.04
CA GLU C 91 23.80 -9.48 61.47
C GLU C 91 24.72 -8.29 61.22
N THR C 92 26.01 -8.51 61.44
CA THR C 92 27.03 -7.51 61.18
C THR C 92 27.67 -7.81 59.83
N ILE C 93 27.59 -6.85 58.92
CA ILE C 93 28.02 -7.04 57.54
C ILE C 93 28.98 -5.92 57.15
N ASP C 94 29.94 -6.27 56.31
CA ASP C 94 30.81 -5.28 55.67
C ASP C 94 30.17 -4.86 54.35
N PHE C 95 29.82 -3.58 54.24
CA PHE C 95 29.09 -3.06 53.09
C PHE C 95 29.97 -2.20 52.19
N SER C 96 31.27 -2.47 52.17
CA SER C 96 32.17 -1.72 51.28
C SER C 96 31.90 -2.01 49.81
N LEU C 97 31.21 -3.10 49.51
CA LEU C 97 30.87 -3.50 48.16
C LEU C 97 29.41 -3.95 48.16
N PRO C 98 28.77 -3.96 46.98
CA PRO C 98 27.37 -4.41 46.92
C PRO C 98 27.21 -5.82 47.46
N VAL C 99 26.12 -6.04 48.19
CA VAL C 99 25.85 -7.30 48.86
C VAL C 99 24.63 -7.95 48.24
N SER C 100 24.74 -9.20 47.82
CA SER C 100 23.62 -9.91 47.25
C SER C 100 22.73 -10.48 48.35
N LEU C 101 21.42 -10.42 48.12
CA LEU C 101 20.43 -10.96 49.04
C LEU C 101 19.44 -11.81 48.26
N THR C 102 19.04 -12.94 48.85
CA THR C 102 18.04 -13.81 48.24
C THR C 102 16.84 -13.90 49.18
N VAL C 103 15.67 -13.58 48.66
CA VAL C 103 14.42 -13.67 49.40
C VAL C 103 13.65 -14.86 48.83
N LYS C 104 13.32 -15.82 49.69
CA LYS C 104 12.68 -17.07 49.29
C LYS C 104 11.33 -17.19 49.97
N ASN C 105 10.31 -17.50 49.17
CA ASN C 105 8.98 -17.81 49.68
C ASN C 105 8.55 -19.13 49.06
N GLY C 106 8.34 -20.14 49.90
CA GLY C 106 8.02 -21.46 49.38
C GLY C 106 9.11 -21.98 48.47
N ASP C 107 8.83 -22.01 47.17
CA ASP C 107 9.81 -22.45 46.18
C ASP C 107 10.08 -21.38 45.13
N VAL C 108 9.76 -20.12 45.41
CA VAL C 108 10.12 -19.02 44.53
C VAL C 108 11.15 -18.16 45.25
N GLN C 109 12.00 -17.49 44.47
CA GLN C 109 13.05 -16.67 45.04
C GLN C 109 13.28 -15.45 44.18
N MET C 110 13.84 -14.42 44.79
CA MET C 110 14.24 -13.20 44.09
C MET C 110 15.56 -12.72 44.65
N SER C 111 16.43 -12.23 43.76
CA SER C 111 17.76 -11.76 44.13
C SER C 111 17.79 -10.24 44.06
N TYR C 112 18.14 -9.61 45.17
CA TYR C 112 18.34 -8.17 45.25
C TYR C 112 19.82 -7.87 45.50
N THR C 113 20.20 -6.63 45.23
CA THR C 113 21.54 -6.16 45.56
C THR C 113 21.43 -4.90 46.41
N ILE C 114 22.14 -4.89 47.52
CA ILE C 114 22.14 -3.76 48.46
C ILE C 114 23.45 -3.01 48.32
N THR C 115 23.35 -1.70 48.09
CA THR C 115 24.51 -0.84 47.94
C THR C 115 24.40 0.30 48.94
N VAL C 116 25.45 0.48 49.73
CA VAL C 116 25.53 1.56 50.70
C VAL C 116 26.45 2.63 50.11
N LYS C 117 25.89 3.79 49.81
CA LYS C 117 26.63 4.89 49.21
C LYS C 117 26.80 6.02 50.21
N ARG C 118 28.04 6.47 50.37
CA ARG C 118 28.31 7.66 51.17
C ARG C 118 27.95 8.90 50.38
N ASP C 119 27.58 9.95 51.11
CA ASP C 119 27.16 11.20 50.47
C ASP C 119 28.35 11.82 49.73
N GLU C 120 28.21 11.97 48.42
CA GLU C 120 29.26 12.53 47.58
C GLU C 120 28.66 13.58 46.65
N ALA C 121 29.50 14.54 46.27
CA ALA C 121 29.09 15.61 45.34
C ALA C 121 30.32 15.96 44.50
N LYS C 122 30.40 15.34 43.32
CA LYS C 122 31.54 15.52 42.43
C LYS C 122 31.07 16.17 41.13
N ILE C 123 31.75 17.24 40.74
CA ILE C 123 31.48 17.89 39.47
C ILE C 123 32.15 17.09 38.36
N LEU C 124 31.35 16.63 37.39
CA LEU C 124 31.91 15.81 36.32
C LEU C 124 32.56 16.68 35.25
N THR C 125 31.78 17.53 34.58
CA THR C 125 32.30 18.30 33.46
C THR C 125 32.07 19.78 33.69
N PHE C 126 32.96 20.60 33.13
CA PHE C 126 32.88 22.05 33.26
C PHE C 126 33.21 22.70 31.92
N LYS C 127 32.46 23.73 31.58
CA LYS C 127 32.62 24.44 30.31
C LYS C 127 32.52 25.94 30.56
N LEU C 128 33.46 26.69 30.01
CA LEU C 128 33.40 28.16 30.09
C LEU C 128 32.71 28.75 28.86
N ASN C 129 31.55 28.18 28.53
CA ASN C 129 30.64 28.67 27.49
C ASN C 129 31.22 28.48 26.10
N ASP C 130 32.50 28.12 26.02
CA ASP C 130 33.17 27.97 24.72
C ASP C 130 34.07 26.77 24.62
N THR C 131 34.46 26.14 25.73
CA THR C 131 35.46 25.07 25.72
C THR C 131 34.97 23.97 26.64
N TYR C 132 34.40 22.92 26.05
CA TYR C 132 33.92 21.78 26.84
C TYR C 132 35.06 21.11 27.57
N VAL C 133 36.19 20.91 26.90
CA VAL C 133 37.32 20.24 27.51
C VAL C 133 37.92 21.12 28.60
N GLY C 134 38.42 20.48 29.66
CA GLY C 134 39.04 21.17 30.77
C GLY C 134 39.61 20.16 31.75
N LYS C 135 40.85 20.35 32.18
CA LYS C 135 41.52 19.34 33.00
C LYS C 135 40.96 19.42 34.41
N VAL C 136 40.15 18.43 34.78
CA VAL C 136 39.48 18.39 36.07
C VAL C 136 40.00 17.18 36.84
N ASP C 137 40.52 17.41 38.05
CA ASP C 137 40.93 16.32 38.92
C ASP C 137 40.27 16.48 40.27
N GLN C 138 39.58 15.43 40.72
CA GLN C 138 38.89 15.42 42.00
C GLN C 138 39.81 15.11 43.17
N LEU C 139 41.02 14.61 42.91
CA LEU C 139 41.96 14.35 44.00
C LEU C 139 42.32 15.63 44.73
N SER C 140 42.53 16.72 43.99
CA SER C 140 42.79 18.02 44.56
C SER C 140 41.63 18.99 44.35
N LYS C 141 40.53 18.53 43.75
CA LYS C 141 39.35 19.38 43.50
C LYS C 141 39.73 20.62 42.69
N THR C 142 40.41 20.40 41.57
CA THR C 142 40.91 21.50 40.76
C THR C 142 40.45 21.34 39.32
N ILE C 143 40.26 22.49 38.67
CA ILE C 143 39.88 22.57 37.26
C ILE C 143 40.78 23.60 36.60
N SER C 144 41.42 23.21 35.50
CA SER C 144 42.26 24.11 34.72
C SER C 144 41.70 24.20 33.31
N VAL C 145 41.56 25.44 32.83
CA VAL C 145 40.93 25.72 31.55
C VAL C 145 41.85 26.62 30.73
N VAL C 146 41.81 26.44 29.41
CA VAL C 146 42.73 27.12 28.49
C VAL C 146 41.95 27.99 27.52
N VAL C 147 40.85 28.58 27.97
CA VAL C 147 40.12 29.52 27.11
C VAL C 147 41.03 30.70 26.77
N PRO C 148 41.13 31.11 25.51
CA PRO C 148 42.05 32.19 25.15
C PRO C 148 41.66 33.51 25.80
N LEU C 149 42.68 34.34 26.04
CA LEU C 149 42.48 35.64 26.67
C LEU C 149 41.79 36.64 25.77
N THR C 150 41.60 36.30 24.48
CA THR C 150 40.90 37.22 23.58
C THR C 150 39.47 37.47 24.05
N VAL C 151 38.79 36.44 24.53
CA VAL C 151 37.47 36.61 25.11
C VAL C 151 37.62 37.32 26.44
N ASP C 152 36.78 38.33 26.67
CA ASP C 152 36.87 39.12 27.90
C ASP C 152 36.64 38.24 29.12
N ILE C 153 37.50 38.40 30.13
CA ILE C 153 37.44 37.56 31.31
C ILE C 153 36.23 37.87 32.17
N THR C 154 35.80 39.14 32.19
CA THR C 154 34.75 39.55 33.12
C THR C 154 33.44 38.81 32.86
N GLN C 155 32.96 38.84 31.63
CA GLN C 155 31.67 38.24 31.29
C GLN C 155 31.84 36.82 30.75
N LEU C 156 32.45 35.97 31.59
CA LEU C 156 32.58 34.55 31.32
C LEU C 156 31.57 33.79 32.18
N LYS C 157 30.70 33.03 31.53
CA LYS C 157 29.74 32.18 32.23
C LYS C 157 30.20 30.73 32.19
N GLY C 158 29.97 30.01 33.28
CA GLY C 158 30.43 28.65 33.38
C GLY C 158 29.33 27.64 33.67
N THR C 159 29.16 26.69 32.76
CA THR C 159 28.21 25.60 32.93
C THR C 159 28.94 24.36 33.42
N PHE C 160 28.20 23.46 34.05
CA PHE C 160 28.81 22.26 34.60
C PHE C 160 27.77 21.15 34.70
N THR C 161 28.27 19.91 34.64
CA THR C 161 27.46 18.72 34.82
C THR C 161 27.99 17.94 36.01
N VAL C 162 27.07 17.59 36.92
CA VAL C 162 27.37 16.96 38.21
C VAL C 162 26.61 15.64 38.27
N THR C 163 27.11 14.74 39.11
CA THR C 163 26.62 13.36 39.10
C THR C 163 25.13 13.26 39.42
N ASP C 164 24.69 13.84 40.54
CA ASP C 164 23.28 13.77 40.91
C ASP C 164 23.00 14.65 42.12
N GLY C 165 21.83 15.29 42.11
CA GLY C 165 21.27 15.94 43.28
C GLY C 165 22.15 16.90 44.04
N ALA C 166 23.31 17.25 43.48
CA ALA C 166 24.26 18.11 44.16
C ALA C 166 24.07 19.54 43.68
N THR C 167 23.97 20.47 44.62
CA THR C 167 23.77 21.88 44.33
C THR C 167 25.10 22.61 44.42
N VAL C 168 25.42 23.38 43.39
CA VAL C 168 26.66 24.15 43.32
C VAL C 168 26.31 25.61 43.61
N THR C 169 27.02 26.20 44.58
CA THR C 169 26.64 27.54 45.04
C THR C 169 26.68 28.58 43.93
N PRO C 170 27.73 28.70 43.12
CA PRO C 170 27.62 29.56 41.93
C PRO C 170 26.59 28.97 40.97
N ALA C 171 25.76 29.85 40.41
CA ALA C 171 24.70 29.41 39.52
C ALA C 171 25.28 28.84 38.23
N SER C 172 24.62 27.82 37.70
CA SER C 172 25.05 27.24 36.44
C SER C 172 24.84 28.23 35.30
N GLY C 173 25.87 28.43 34.48
CA GLY C 173 25.78 29.40 33.41
C GLY C 173 25.61 30.82 33.91
N SER C 174 26.33 31.20 34.94
CA SER C 174 26.23 32.54 35.53
C SER C 174 27.46 33.35 35.17
N ILE C 175 27.25 34.61 34.80
CA ILE C 175 28.36 35.48 34.41
C ILE C 175 29.19 35.82 35.64
N GLN C 176 30.44 35.37 35.65
CA GLN C 176 31.36 35.63 36.74
C GLN C 176 32.73 36.00 36.17
N ASP C 177 33.49 36.75 36.96
CA ASP C 177 34.85 37.10 36.55
C ASP C 177 35.81 35.97 36.93
N PHE C 178 36.67 35.59 35.99
CA PHE C 178 37.55 34.45 36.17
C PHE C 178 39.03 34.85 36.24
N THR C 179 39.30 36.14 36.48
CA THR C 179 40.69 36.57 36.59
C THR C 179 41.37 35.91 37.78
N ASN C 180 40.69 35.84 38.91
CA ASN C 180 41.16 35.16 40.10
C ASN C 180 40.67 33.72 40.12
N PRO C 181 41.38 32.84 40.84
CA PRO C 181 40.89 31.46 40.98
C PRO C 181 39.51 31.43 41.64
N VAL C 182 38.52 30.97 40.88
CA VAL C 182 37.14 30.99 41.34
C VAL C 182 36.88 29.77 42.22
N THR C 183 36.11 29.97 43.27
CA THR C 183 35.81 28.93 44.24
C THR C 183 34.36 28.49 44.09
N TYR C 184 34.15 27.18 43.97
CA TYR C 184 32.82 26.58 43.91
C TYR C 184 32.64 25.67 45.11
N THR C 185 31.40 25.56 45.59
CA THR C 185 31.07 24.63 46.65
C THR C 185 29.89 23.77 46.23
N ALA C 186 30.06 22.46 46.31
CA ALA C 186 29.02 21.49 45.98
C ALA C 186 28.49 20.88 47.26
N THR C 187 27.16 20.87 47.40
CA THR C 187 26.48 20.39 48.59
C THR C 187 25.48 19.32 48.21
N TYR C 188 25.48 18.21 48.95
CA TYR C 188 24.54 17.12 48.74
C TYR C 188 24.31 16.48 50.10
N ARG C 189 23.19 16.82 50.73
CA ARG C 189 22.88 16.41 52.10
C ARG C 189 24.01 16.74 53.05
N SER C 190 24.72 15.72 53.51
CA SER C 190 25.79 15.89 54.50
C SER C 190 27.16 16.06 53.85
N ALA C 191 27.24 16.11 52.53
CA ALA C 191 28.52 16.22 51.83
C ALA C 191 28.69 17.65 51.32
N VAL C 192 29.76 18.31 51.75
CA VAL C 192 30.12 19.64 51.28
C VAL C 192 31.56 19.60 50.78
N THR C 193 31.78 19.96 49.53
CA THR C 193 33.12 19.91 48.98
C THR C 193 33.45 21.20 48.24
N PRO C 194 34.71 21.63 48.28
CA PRO C 194 35.14 22.79 47.51
C PRO C 194 35.73 22.39 46.16
N TYR C 195 35.89 23.40 45.31
CA TYR C 195 36.48 23.24 43.98
C TYR C 195 37.14 24.55 43.61
N VAL C 196 38.32 24.47 42.98
CA VAL C 196 39.05 25.65 42.55
C VAL C 196 39.19 25.60 41.04
N VAL C 197 38.68 26.63 40.36
CA VAL C 197 38.68 26.70 38.91
C VAL C 197 39.59 27.85 38.48
N THR C 198 40.53 27.56 37.59
CA THR C 198 41.42 28.57 37.03
C THR C 198 41.45 28.43 35.52
N VAL C 199 41.25 29.54 34.81
CA VAL C 199 41.37 29.59 33.36
C VAL C 199 42.48 30.57 33.01
N THR C 200 43.43 30.13 32.18
CA THR C 200 44.56 30.98 31.84
C THR C 200 45.38 30.45 30.67
N GLN C 201 45.62 31.30 29.67
CA GLN C 201 46.70 31.09 28.72
C GLN C 201 47.02 32.41 28.05
N GLY C 202 48.19 32.46 27.42
CA GLY C 202 48.61 33.62 26.65
C GLY C 202 48.79 33.28 25.18
N ASN C 203 47.88 32.47 24.65
CA ASN C 203 47.90 31.94 23.28
C ASN C 203 49.03 30.94 23.06
N VAL C 204 49.85 30.67 24.07
CA VAL C 204 50.90 29.67 24.00
C VAL C 204 50.67 28.65 25.11
N ILE C 205 50.63 27.38 24.75
CA ILE C 205 50.32 26.34 25.74
C ILE C 205 51.51 26.19 26.69
N PRO C 206 51.30 26.27 28.00
CA PRO C 206 52.41 26.09 28.94
C PRO C 206 52.99 24.69 28.88
N THR C 207 54.29 24.60 29.15
CA THR C 207 55.00 23.34 29.18
C THR C 207 55.92 23.34 30.41
N ALA C 208 55.97 22.21 31.11
CA ALA C 208 56.64 22.14 32.40
C ALA C 208 57.82 21.17 32.34
N PHE C 209 58.82 21.43 33.17
CA PHE C 209 59.96 20.56 33.35
C PHE C 209 59.98 20.07 34.80
N VAL C 210 60.14 18.77 34.98
CA VAL C 210 60.13 18.16 36.30
C VAL C 210 61.56 17.90 36.74
N GLY C 211 61.92 18.39 37.92
CA GLY C 211 63.23 18.17 38.50
C GLY C 211 63.16 17.32 39.76
N THR C 212 64.34 17.01 40.28
CA THR C 212 64.44 16.15 41.46
C THR C 212 63.81 16.83 42.68
N ALA C 213 64.22 18.05 42.97
CA ALA C 213 63.72 18.80 44.12
C ALA C 213 64.18 20.24 43.99
N SER C 214 63.61 21.08 44.86
CA SER C 214 63.98 22.51 44.97
C SER C 214 63.73 23.18 43.61
N SER C 215 64.50 24.23 43.31
CA SER C 215 64.36 24.97 42.07
C SER C 215 65.53 24.67 41.14
N VAL C 216 65.53 25.32 39.97
CA VAL C 216 66.58 25.11 38.99
C VAL C 216 67.92 25.60 39.53
N SER C 217 67.94 26.77 40.17
CA SER C 217 69.19 27.34 40.66
C SER C 217 69.83 26.44 41.71
N LEU C 218 69.06 26.06 42.73
CA LEU C 218 69.55 25.19 43.79
C LEU C 218 69.18 23.77 43.40
N LEU C 219 70.11 23.09 42.72
CA LEU C 219 69.85 21.75 42.22
C LEU C 219 71.19 21.08 41.91
N THR C 220 71.21 19.76 42.06
CA THR C 220 72.36 18.95 41.67
C THR C 220 72.16 18.50 40.21
N SER C 221 72.96 17.53 39.78
CA SER C 221 72.87 16.99 38.42
C SER C 221 73.01 18.09 37.37
N PRO C 222 74.23 18.59 37.14
CA PRO C 222 74.41 19.65 36.15
C PRO C 222 73.88 19.28 34.77
N GLU C 223 73.80 17.99 34.44
CA GLU C 223 73.14 17.57 33.20
C GLU C 223 71.70 18.07 33.16
N GLU C 224 70.93 17.76 34.20
CA GLU C 224 69.55 18.23 34.26
C GLU C 224 69.46 19.74 34.41
N LYS C 225 70.42 20.35 35.11
CA LYS C 225 70.42 21.80 35.23
C LYS C 225 70.56 22.46 33.86
N ALA C 226 71.51 21.98 33.06
CA ALA C 226 71.70 22.52 31.72
C ALA C 226 70.49 22.24 30.84
N ALA C 227 69.89 21.05 30.97
CA ALA C 227 68.70 20.74 30.18
C ALA C 227 67.57 21.72 30.50
N ALA C 228 67.32 21.94 31.80
CA ALA C 228 66.26 22.86 32.19
C ALA C 228 66.56 24.28 31.76
N GLN C 229 67.82 24.70 31.89
CA GLN C 229 68.18 26.05 31.48
C GLN C 229 67.96 26.24 29.98
N TRP C 230 68.35 25.25 29.17
CA TRP C 230 68.12 25.34 27.74
C TRP C 230 66.63 25.37 27.43
N MET C 231 65.84 24.57 28.16
CA MET C 231 64.40 24.58 27.95
C MET C 231 63.81 25.96 28.23
N MET C 232 64.22 26.60 29.32
CA MET C 232 63.73 27.95 29.60
C MET C 232 64.20 28.94 28.55
N ASP C 233 65.44 28.79 28.07
CA ASP C 233 65.95 29.70 27.06
C ASP C 233 65.19 29.58 25.75
N ASN C 234 64.87 28.37 25.34
CA ASN C 234 64.29 28.14 24.01
C ASN C 234 62.77 28.14 24.03
N VAL C 235 62.16 27.25 24.80
CA VAL C 235 60.72 27.08 24.77
C VAL C 235 60.05 28.30 25.37
N SER C 236 59.12 28.88 24.62
CA SER C 236 58.38 30.04 25.10
C SER C 236 57.36 29.61 26.14
N MET C 237 57.28 30.37 27.25
CA MET C 237 56.36 30.10 28.34
C MET C 237 56.57 28.68 28.88
N SER C 238 57.76 28.48 29.44
CA SER C 238 58.15 27.20 30.04
C SER C 238 58.32 27.39 31.54
N GLU C 239 57.81 26.44 32.31
CA GLU C 239 57.85 26.50 33.75
C GLU C 239 58.59 25.29 34.32
N TYR C 240 58.96 25.39 35.59
CA TYR C 240 59.65 24.32 36.28
C TYR C 240 58.85 23.93 37.51
N ILE C 241 58.66 22.62 37.71
CA ILE C 241 57.97 22.10 38.87
C ILE C 241 58.82 20.99 39.48
N SER C 242 58.61 20.75 40.77
CA SER C 242 59.37 19.77 41.52
C SER C 242 58.45 18.69 42.06
N PHE C 243 59.06 17.54 42.38
CA PHE C 243 58.29 16.41 42.89
C PHE C 243 57.63 16.74 44.21
N LYS C 244 58.34 17.43 45.11
CA LYS C 244 57.72 17.83 46.37
C LYS C 244 56.55 18.79 46.13
N ASP C 245 56.70 19.70 45.17
CA ASP C 245 55.62 20.63 44.86
C ASP C 245 54.39 19.91 44.34
N VAL C 246 54.59 18.94 43.44
CA VAL C 246 53.43 18.22 42.91
C VAL C 246 52.82 17.32 43.98
N VAL C 247 53.64 16.81 44.91
CA VAL C 247 53.10 15.97 45.98
C VAL C 247 52.25 16.80 46.94
N ASP C 248 52.76 17.93 47.40
CA ASP C 248 52.05 18.72 48.39
C ASP C 248 51.04 19.68 47.77
N GLY C 249 50.94 19.74 46.45
CA GLY C 249 49.88 20.50 45.81
C GLY C 249 50.18 21.95 45.53
N LYS C 250 51.44 22.36 45.61
CA LYS C 250 51.79 23.74 45.24
C LYS C 250 51.47 24.01 43.78
N VAL C 251 51.72 23.04 42.91
CA VAL C 251 51.45 23.17 41.49
C VAL C 251 50.54 22.04 41.05
N ASP C 252 49.79 22.27 39.98
CA ASP C 252 48.86 21.30 39.44
C ASP C 252 49.39 20.77 38.11
N LEU C 253 49.41 19.45 37.96
CA LEU C 253 49.89 18.85 36.73
C LEU C 253 48.96 19.14 35.56
N GLY C 254 47.65 19.24 35.82
CA GLY C 254 46.69 19.45 34.75
C GLY C 254 46.81 20.80 34.06
N LYS C 255 47.44 21.78 34.72
CA LYS C 255 47.61 23.08 34.10
C LYS C 255 48.51 23.00 32.88
N TYR C 256 49.58 22.22 32.97
CA TYR C 256 50.50 22.04 31.85
C TYR C 256 50.06 20.89 30.98
N THR C 257 50.32 21.02 29.68
CA THR C 257 50.00 19.97 28.72
C THR C 257 51.14 18.99 28.54
N ALA C 258 52.34 19.51 28.27
CA ALA C 258 53.52 18.69 28.08
C ALA C 258 54.44 18.82 29.29
N ILE C 259 54.93 17.70 29.79
CA ILE C 259 55.85 17.65 30.91
C ILE C 259 57.10 16.90 30.48
N TRP C 260 58.26 17.49 30.71
CA TRP C 260 59.54 16.92 30.31
C TRP C 260 60.32 16.50 31.54
N TRP C 261 60.77 15.25 31.55
CA TRP C 261 61.65 14.72 32.58
C TRP C 261 62.93 14.19 31.94
N HIS C 262 64.06 14.52 32.54
CA HIS C 262 65.38 14.15 32.05
C HIS C 262 66.20 13.55 33.18
N PHE C 263 65.61 12.62 33.92
CA PHE C 263 66.29 12.01 35.05
C PHE C 263 67.58 11.33 34.60
N HIS C 264 68.66 11.59 35.34
CA HIS C 264 69.97 11.06 34.98
C HIS C 264 70.77 10.85 36.26
N ALA C 265 71.02 9.59 36.61
CA ALA C 265 71.84 9.28 37.76
C ALA C 265 73.30 9.55 37.46
N ASP C 266 74.07 9.85 38.52
CA ASP C 266 75.48 10.13 38.35
C ASP C 266 76.25 8.91 37.85
N ASN C 267 75.92 7.73 38.38
CA ASN C 267 76.62 6.51 38.01
C ASN C 267 75.74 5.32 38.37
N GLY C 268 76.10 4.17 37.82
CA GLY C 268 75.42 2.93 38.10
C GLY C 268 74.32 2.62 37.09
N ASP C 269 74.02 1.33 36.98
CA ASP C 269 72.96 0.86 36.10
C ASP C 269 71.63 0.79 36.86
N ASN C 270 70.53 0.82 36.08
CA ASN C 270 69.13 0.72 36.49
C ASN C 270 68.88 1.28 37.88
N PRO C 271 69.23 2.55 38.13
CA PRO C 271 69.15 3.07 39.50
C PRO C 271 67.69 3.15 39.94
N PRO C 272 67.42 2.95 41.23
CA PRO C 272 66.05 3.12 41.72
C PRO C 272 65.60 4.56 41.58
N LEU C 273 64.31 4.73 41.30
CA LEU C 273 63.75 6.06 41.17
C LEU C 273 63.67 6.73 42.55
N PRO C 274 63.68 8.06 42.59
CA PRO C 274 63.59 8.74 43.88
C PRO C 274 62.28 8.43 44.59
N ASP C 275 62.33 8.43 45.92
CA ASP C 275 61.15 8.15 46.72
C ASP C 275 60.06 9.19 46.48
N ASP C 276 60.46 10.45 46.31
CA ASP C 276 59.49 11.50 46.00
C ASP C 276 58.82 11.24 44.66
N ALA C 277 59.60 10.80 43.67
CA ALA C 277 59.03 10.44 42.37
C ALA C 277 58.06 9.27 42.52
N LYS C 278 58.42 8.27 43.33
CA LYS C 278 57.53 7.15 43.55
C LYS C 278 56.22 7.59 44.20
N ALA C 279 56.32 8.52 45.16
CA ALA C 279 55.10 9.04 45.80
C ALA C 279 54.25 9.82 44.81
N ALA C 280 54.87 10.63 43.95
CA ALA C 280 54.13 11.43 42.98
C ALA C 280 53.70 10.63 41.76
N ALA C 281 54.11 9.36 41.67
CA ALA C 281 53.71 8.53 40.53
C ALA C 281 52.19 8.44 40.40
N GLU C 282 51.47 8.41 41.53
CA GLU C 282 50.02 8.32 41.46
C GLU C 282 49.42 9.56 40.82
N LYS C 283 49.87 10.74 41.23
CA LYS C 283 49.39 11.97 40.64
C LYS C 283 49.78 12.07 39.17
N PHE C 284 50.99 11.61 38.84
CA PHE C 284 51.42 11.63 37.44
C PHE C 284 50.56 10.69 36.59
N LYS C 285 50.21 9.53 37.13
CA LYS C 285 49.33 8.61 36.40
C LYS C 285 47.94 9.22 36.23
N VAL C 286 47.44 9.91 37.25
CA VAL C 286 46.16 10.60 37.12
C VAL C 286 46.22 11.66 36.03
N TYR C 287 47.32 12.41 35.98
CA TYR C 287 47.49 13.42 34.94
C TYR C 287 47.56 12.80 33.56
N TYR C 288 48.29 11.68 33.43
CA TYR C 288 48.38 10.99 32.15
C TYR C 288 47.03 10.48 31.70
N GLN C 289 46.24 9.93 32.63
CA GLN C 289 44.88 9.51 32.29
C GLN C 289 44.03 10.70 31.87
N ASN C 290 44.20 11.83 32.54
CA ASN C 290 43.52 13.05 32.14
C ASN C 290 43.97 13.51 30.76
N GLY C 291 45.13 13.07 30.31
CA GLY C 291 45.52 13.31 28.93
C GLY C 291 46.64 14.31 28.71
N GLY C 292 47.65 14.28 29.57
CA GLY C 292 48.82 15.14 29.42
C GLY C 292 49.94 14.41 28.73
N ASN C 293 50.70 15.15 27.92
CA ASN C 293 51.79 14.60 27.15
C ASN C 293 53.07 14.54 27.99
N LEU C 294 53.86 13.50 27.79
CA LEU C 294 55.07 13.28 28.55
C LEU C 294 56.25 13.07 27.61
N LEU C 295 57.35 13.76 27.89
CA LEU C 295 58.62 13.57 27.19
C LEU C 295 59.64 13.12 28.22
N LEU C 296 60.03 11.85 28.14
CA LEU C 296 60.94 11.24 29.10
C LEU C 296 62.25 10.91 28.41
N THR C 297 63.37 11.31 29.02
CA THR C 297 64.68 11.12 28.42
C THR C 297 65.66 10.56 29.43
N ARG C 298 66.72 9.94 28.91
CA ARG C 298 67.83 9.38 29.70
C ARG C 298 67.26 8.32 30.64
N TYR C 299 67.50 8.40 31.93
CA TYR C 299 67.09 7.36 32.87
C TYR C 299 65.64 7.49 33.32
N ALA C 300 64.93 8.52 32.85
CA ALA C 300 63.52 8.62 33.18
C ALA C 300 62.70 7.75 32.24
N THR C 301 63.12 6.51 32.06
CA THR C 301 62.38 5.54 31.26
C THR C 301 61.90 4.35 32.07
N PHE C 302 62.45 4.14 33.26
CA PHE C 302 61.90 3.16 34.21
C PHE C 302 60.60 3.65 34.82
N TYR C 303 60.25 4.92 34.61
CA TYR C 303 59.06 5.52 35.19
C TYR C 303 57.79 5.12 34.44
N ILE C 304 57.92 4.63 33.20
CA ILE C 304 56.75 4.16 32.48
C ILE C 304 56.16 2.92 33.15
N ALA C 305 57.00 2.12 33.80
CA ALA C 305 56.49 0.97 34.54
C ALA C 305 55.59 1.41 35.69
N ASN C 306 56.01 2.44 36.42
CA ASN C 306 55.17 2.98 37.49
C ASN C 306 53.90 3.62 36.92
N LEU C 307 54.03 4.36 35.82
CA LEU C 307 52.86 5.01 35.24
C LEU C 307 51.91 4.06 34.56
N GLY C 308 52.34 2.83 34.28
CA GLY C 308 51.49 1.90 33.55
C GLY C 308 51.36 2.20 32.08
N ILE C 309 52.29 2.96 31.51
CA ILE C 309 52.20 3.32 30.09
C ILE C 309 52.39 2.09 29.22
N ALA C 310 53.43 1.29 29.49
CA ALA C 310 53.70 0.11 28.69
C ALA C 310 52.77 -1.02 29.09
N LYS C 311 52.31 -1.77 28.07
CA LYS C 311 51.45 -2.92 28.35
C LYS C 311 52.20 -3.98 29.14
N ASP C 312 53.49 -4.19 28.83
CA ASP C 312 54.28 -5.19 29.53
C ASP C 312 54.51 -4.83 30.99
N GLU C 313 54.35 -3.55 31.36
CA GLU C 313 54.59 -3.08 32.72
C GLU C 313 56.02 -3.38 33.16
N ARG C 314 56.97 -3.31 32.24
CA ARG C 314 58.35 -3.66 32.52
C ARG C 314 59.27 -2.56 32.04
N VAL C 315 60.32 -2.30 32.82
CA VAL C 315 61.31 -1.27 32.51
C VAL C 315 62.18 -1.74 31.35
N PRO C 316 62.85 -0.84 30.63
CA PRO C 316 63.77 -1.29 29.58
C PRO C 316 64.86 -2.18 30.15
N ASN C 317 65.21 -3.21 29.38
CA ASN C 317 66.16 -4.21 29.88
C ASN C 317 67.58 -3.65 29.92
N ASN C 318 68.01 -2.97 28.87
CA ASN C 318 69.38 -2.47 28.81
C ASN C 318 69.53 -1.21 29.65
N SER C 319 70.56 -1.16 30.48
CA SER C 319 70.85 0.01 31.29
C SER C 319 72.28 -0.10 31.80
N TRP C 320 73.11 0.88 31.49
CA TRP C 320 74.45 0.98 32.06
C TRP C 320 74.74 2.43 32.36
N GLY C 321 75.64 2.66 33.31
CA GLY C 321 75.94 4.01 33.75
C GLY C 321 77.43 4.24 33.87
N GLY C 322 77.80 5.52 33.88
CA GLY C 322 79.18 5.93 34.07
C GLY C 322 79.25 7.26 34.78
N ASN C 323 80.26 7.44 35.63
CA ASN C 323 80.38 8.68 36.39
C ASN C 323 80.65 9.85 35.45
N GLU C 324 79.96 10.96 35.68
CA GLU C 324 80.15 12.15 34.88
C GLU C 324 81.48 12.84 35.14
N ASP C 325 82.19 12.46 36.22
CA ASP C 325 83.47 13.08 36.51
C ASP C 325 84.49 12.79 35.43
N SER C 326 84.54 11.56 34.94
CA SER C 326 85.48 11.14 33.90
C SER C 326 84.72 10.41 32.80
N PRO C 327 83.95 11.13 31.98
CA PRO C 327 83.24 10.48 30.88
C PRO C 327 84.20 10.03 29.79
N GLU C 328 83.79 8.98 29.08
CA GLU C 328 84.59 8.49 27.97
C GLU C 328 84.55 9.47 26.80
N ILE C 329 85.65 9.52 26.07
CA ILE C 329 85.77 10.37 24.89
C ILE C 329 86.14 9.47 23.71
N THR C 330 85.24 9.37 22.74
CA THR C 330 85.46 8.56 21.55
C THR C 330 85.07 9.36 20.32
N SER C 331 85.79 9.12 19.22
CA SER C 331 85.52 9.78 17.95
C SER C 331 84.54 9.01 17.07
N ALA C 332 84.00 7.90 17.55
CA ALA C 332 83.08 7.12 16.75
C ALA C 332 81.78 7.91 16.54
N PRO C 333 81.32 8.06 15.31
CA PRO C 333 80.08 8.82 15.04
C PRO C 333 78.82 8.05 15.41
N TRP C 334 78.47 8.12 16.70
CA TRP C 334 77.25 7.49 17.17
C TRP C 334 76.04 8.14 16.49
N SER C 335 75.10 7.31 16.04
CA SER C 335 74.02 7.80 15.21
C SER C 335 72.78 6.93 15.38
N PHE C 336 71.64 7.50 15.00
CA PHE C 336 70.39 6.77 14.92
C PHE C 336 70.16 6.27 13.49
N LEU C 337 69.34 5.24 13.38
CA LEU C 337 69.14 4.48 12.14
C LEU C 337 67.67 4.44 11.77
N ILE C 338 67.03 5.60 11.71
CA ILE C 338 65.59 5.65 11.48
C ILE C 338 65.31 5.15 10.06
N THR C 339 64.54 4.07 9.96
CA THR C 339 64.25 3.45 8.67
C THR C 339 62.92 3.93 8.09
N GLY C 340 61.82 3.71 8.81
CA GLY C 340 60.51 4.10 8.35
C GLY C 340 59.87 5.25 9.11
N SER C 341 60.61 5.95 9.97
CA SER C 341 60.07 7.03 10.78
C SER C 341 60.60 8.39 10.36
N GLU C 342 61.11 8.52 9.13
CA GLU C 342 61.59 9.80 8.66
C GLU C 342 60.47 10.82 8.48
N SER C 343 59.24 10.36 8.30
CA SER C 343 58.10 11.27 8.18
C SER C 343 57.56 11.71 9.53
N HIS C 344 58.05 11.13 10.62
CA HIS C 344 57.60 11.53 11.94
C HIS C 344 58.02 12.98 12.21
N PRO C 345 57.14 13.82 12.77
CA PRO C 345 57.52 15.19 13.06
C PRO C 345 58.69 15.32 14.03
N LEU C 346 59.01 14.25 14.78
CA LEU C 346 60.18 14.30 15.65
C LEU C 346 61.47 14.46 14.85
N PHE C 347 61.59 13.75 13.73
CA PHE C 347 62.78 13.81 12.90
C PHE C 347 62.54 14.76 11.72
N GLN C 348 62.53 16.04 12.04
CA GLN C 348 62.32 17.08 11.05
C GLN C 348 63.38 18.17 11.21
N ASP C 349 63.75 18.78 10.09
CA ASP C 349 64.71 19.88 10.07
C ASP C 349 66.03 19.48 10.73
N LEU C 350 66.47 18.26 10.48
CA LEU C 350 67.73 17.78 11.02
C LEU C 350 68.88 18.09 10.06
N ARG C 351 70.09 18.11 10.61
CA ARG C 351 71.29 18.41 9.84
C ARG C 351 72.04 17.12 9.55
N TRP C 352 71.62 16.44 8.48
CA TRP C 352 72.27 15.21 8.08
C TRP C 352 73.62 15.52 7.44
N LYS C 353 74.62 14.70 7.78
CA LYS C 353 75.96 14.90 7.20
C LYS C 353 75.94 14.68 5.69
N ASP C 354 75.25 13.65 5.24
CA ASP C 354 75.21 13.31 3.82
C ASP C 354 73.78 13.11 3.34
N GLY C 355 73.62 12.59 2.13
CA GLY C 355 72.29 12.35 1.59
C GLY C 355 71.55 11.21 2.25
N ASP C 356 72.21 10.45 3.13
CA ASP C 356 71.55 9.35 3.84
C ASP C 356 70.64 9.89 4.94
N LYS C 357 69.37 10.12 4.60
CA LYS C 357 68.44 10.64 5.58
C LYS C 357 68.12 9.63 6.68
N SER C 358 68.32 8.34 6.41
CA SER C 358 68.01 7.32 7.41
C SER C 358 68.96 7.37 8.59
N THR C 359 70.22 7.75 8.37
CA THR C 359 71.20 7.85 9.44
C THR C 359 71.22 9.28 9.97
N VAL C 360 71.00 9.43 11.27
CA VAL C 360 70.98 10.73 11.92
C VAL C 360 72.18 10.79 12.84
N TYR C 361 73.13 11.66 12.53
CA TYR C 361 74.36 11.79 13.29
C TYR C 361 74.18 12.75 14.46
N THR C 362 74.85 12.44 15.57
CA THR C 362 74.73 13.25 16.77
C THR C 362 76.00 13.12 17.60
N CYS C 363 76.53 14.26 18.04
CA CYS C 363 77.70 14.35 18.91
C CYS C 363 78.83 13.44 18.43
N ASP C 364 79.21 13.63 17.18
CA ASP C 364 80.29 12.86 16.58
C ASP C 364 81.64 13.42 17.03
N ALA C 365 82.71 12.78 16.56
CA ALA C 365 84.09 13.15 16.88
C ALA C 365 84.36 13.15 18.37
N GLY C 366 85.50 13.69 18.79
CA GLY C 366 85.86 13.71 20.19
C GLY C 366 85.02 14.67 21.01
N TYR C 367 84.14 14.13 21.85
CA TYR C 367 83.27 14.95 22.68
C TYR C 367 82.90 14.16 23.93
N ALA C 368 82.69 14.88 25.02
CA ALA C 368 82.36 14.25 26.30
C ALA C 368 80.98 13.60 26.20
N ILE C 369 80.96 12.27 26.11
CA ILE C 369 79.73 11.50 26.05
C ILE C 369 79.76 10.46 27.15
N THR C 370 78.67 10.36 27.91
CA THR C 370 78.56 9.40 29.01
C THR C 370 77.61 8.29 28.59
N ASN C 371 78.03 7.04 28.79
CA ASN C 371 77.23 5.88 28.45
C ASN C 371 76.12 5.69 29.49
N SER C 372 75.17 6.62 29.46
CA SER C 372 74.01 6.58 30.35
C SER C 372 72.74 6.20 29.62
N THR C 373 72.84 5.51 28.50
CA THR C 373 71.68 5.14 27.72
C THR C 373 70.91 4.00 28.39
N ALA C 374 69.62 3.92 28.06
CA ALA C 374 68.75 2.86 28.58
C ALA C 374 67.70 2.57 27.52
N GLN C 375 67.89 1.47 26.80
CA GLN C 375 67.02 1.10 25.69
C GLN C 375 66.58 -0.35 25.83
N TRP C 376 65.85 -0.82 24.83
CA TRP C 376 65.42 -2.21 24.76
C TRP C 376 66.34 -3.01 23.84
N HIS C 377 66.35 -4.31 24.06
CA HIS C 377 67.15 -5.23 23.25
C HIS C 377 66.20 -6.12 22.45
N ILE C 378 66.39 -6.15 21.12
CA ILE C 378 65.58 -7.01 20.26
C ILE C 378 66.36 -8.32 20.13
N GLY C 379 66.03 -9.26 21.00
CA GLY C 379 66.68 -10.55 21.01
C GLY C 379 65.87 -11.53 21.81
N THR C 380 66.23 -12.81 21.66
CA THR C 380 65.49 -13.91 22.28
C THR C 380 66.35 -14.75 23.21
N ASP C 381 67.47 -14.21 23.69
CA ASP C 381 68.37 -15.00 24.52
C ASP C 381 68.50 -14.50 25.94
N TRP C 382 68.14 -13.24 26.23
CA TRP C 382 67.95 -12.87 27.64
C TRP C 382 66.64 -12.09 27.82
N GLY C 383 66.18 -11.43 26.77
CA GLY C 383 64.98 -10.60 26.83
C GLY C 383 63.83 -11.23 26.07
N GLY C 384 62.61 -10.90 26.50
CA GLY C 384 61.42 -11.40 25.86
C GLY C 384 60.99 -10.52 24.69
N TYR C 385 61.94 -10.20 23.82
CA TYR C 385 61.74 -9.29 22.70
C TYR C 385 62.36 -9.89 21.44
N ASP C 386 61.96 -11.13 21.12
CA ASP C 386 62.60 -11.89 20.06
C ASP C 386 62.73 -11.11 18.76
N ASP C 387 61.68 -10.38 18.38
CA ASP C 387 61.73 -9.57 17.18
C ASP C 387 60.94 -8.28 17.41
N LEU C 388 60.98 -7.42 16.39
CA LEU C 388 60.30 -6.14 16.48
C LEU C 388 58.79 -6.32 16.66
N ASN C 389 58.22 -7.33 16.01
CA ASN C 389 56.79 -7.58 16.18
C ASN C 389 56.46 -7.97 17.61
N ALA C 390 57.27 -8.83 18.22
CA ALA C 390 57.03 -9.22 19.61
C ALA C 390 57.20 -8.02 20.54
N TRP C 391 58.23 -7.21 20.34
CA TRP C 391 58.42 -6.04 21.17
C TRP C 391 57.25 -5.07 21.03
N ARG C 392 56.77 -4.88 19.80
CA ARG C 392 55.66 -3.98 19.56
C ARG C 392 54.38 -4.49 20.20
N ASN C 393 54.14 -5.80 20.12
CA ASN C 393 52.93 -6.37 20.69
C ASN C 393 52.96 -6.35 22.21
N LEU C 394 54.14 -6.55 22.81
CA LEU C 394 54.22 -6.60 24.26
C LEU C 394 54.24 -5.21 24.87
N THR C 395 55.13 -4.34 24.40
CA THR C 395 55.22 -3.00 24.96
C THR C 395 54.07 -2.10 24.49
N GLY C 396 53.50 -2.38 23.33
CA GLY C 396 52.44 -1.54 22.80
C GLY C 396 52.91 -0.16 22.40
N GLY C 397 54.10 -0.07 21.79
CA GLY C 397 54.64 1.20 21.35
C GLY C 397 55.18 1.11 19.94
N ILE C 398 55.68 2.24 19.46
CA ILE C 398 56.24 2.37 18.13
C ILE C 398 57.71 2.71 18.25
N ASP C 399 58.56 1.93 17.59
CA ASP C 399 60.01 2.15 17.62
C ASP C 399 60.37 3.15 16.53
N LEU C 400 60.60 4.40 16.91
CA LEU C 400 60.92 5.41 15.92
C LEU C 400 62.35 5.29 15.43
N ALA C 401 63.28 4.91 16.30
CA ALA C 401 64.69 4.82 15.95
C ALA C 401 65.27 3.52 16.45
N HIS C 402 66.38 3.12 15.83
CA HIS C 402 67.11 1.91 16.22
C HIS C 402 68.56 2.26 16.50
N GLY C 403 69.16 1.52 17.42
CA GLY C 403 70.53 1.77 17.82
C GLY C 403 71.60 1.18 16.93
N GLY C 404 71.22 0.53 15.83
CA GLY C 404 72.17 -0.08 14.94
C GLY C 404 72.59 -1.48 15.33
N ASP C 405 72.13 -1.99 16.47
CA ASP C 405 72.44 -3.34 16.92
C ASP C 405 71.19 -4.02 17.43
N GLY C 406 70.07 -3.80 16.75
CA GLY C 406 68.79 -4.35 17.18
C GLY C 406 68.35 -3.83 18.52
N ALA C 407 68.43 -2.51 18.71
CA ALA C 407 68.04 -1.88 19.97
C ALA C 407 67.09 -0.74 19.69
N VAL C 408 65.97 -0.69 20.41
CA VAL C 408 65.00 0.37 20.27
C VAL C 408 65.39 1.49 21.23
N VAL C 409 65.87 2.61 20.69
CA VAL C 409 66.39 3.69 21.51
C VAL C 409 65.35 4.78 21.68
N ILE C 410 64.46 4.94 20.70
CA ILE C 410 63.43 5.96 20.73
C ILE C 410 62.07 5.29 20.56
N ALA C 411 61.19 5.48 21.53
CA ALA C 411 59.89 4.85 21.53
C ALA C 411 58.79 5.90 21.66
N GLU C 412 57.64 5.61 21.06
CA GLU C 412 56.48 6.49 21.14
C GLU C 412 55.28 5.66 21.60
N PHE C 413 54.54 6.16 22.57
CA PHE C 413 53.37 5.48 23.11
C PHE C 413 52.16 6.39 22.89
N GLU C 414 51.28 5.97 21.99
CA GLU C 414 50.06 6.69 21.69
C GLU C 414 49.03 6.52 22.80
N PRO C 415 48.03 7.39 22.87
CA PRO C 415 47.03 7.28 23.93
C PRO C 415 46.29 5.94 23.89
N ARG C 416 45.94 5.45 25.08
CA ARG C 416 45.21 4.20 25.25
C ARG C 416 43.71 4.42 25.42
N SER C 417 43.33 5.34 26.30
CA SER C 417 41.92 5.71 26.46
C SER C 417 41.89 7.17 26.88
N ASN C 418 41.79 8.06 25.88
CA ASN C 418 41.79 9.50 26.10
C ASN C 418 42.97 9.95 26.95
N SER C 419 44.06 9.20 26.91
CA SER C 419 45.23 9.48 27.73
C SER C 419 46.21 10.33 26.95
N GLY C 420 47.38 10.56 27.53
CA GLY C 420 48.42 11.36 26.90
C GLY C 420 49.31 10.53 26.00
N ARG C 421 50.22 11.24 25.33
CA ARG C 421 51.20 10.63 24.46
C ARG C 421 52.58 10.70 25.10
N THR C 422 53.31 9.59 25.06
CA THR C 422 54.62 9.50 25.69
C THR C 422 55.71 9.36 24.64
N LEU C 423 56.80 10.11 24.82
CA LEU C 423 57.96 10.03 23.95
C LEU C 423 59.17 9.69 24.81
N CYS C 424 59.68 8.47 24.66
CA CYS C 424 60.80 7.97 25.46
C CYS C 424 62.07 8.00 24.61
N ILE C 425 63.09 8.68 25.11
CA ILE C 425 64.40 8.76 24.46
C ILE C 425 65.39 8.08 25.39
N GLY C 426 65.93 6.94 24.95
CA GLY C 426 66.86 6.20 25.76
C GLY C 426 68.19 5.93 25.07
N SER C 427 68.68 6.91 24.32
CA SER C 427 69.91 6.79 23.57
C SER C 427 71.02 7.61 24.22
N GLY C 428 72.26 7.15 24.03
CA GLY C 428 73.40 7.84 24.59
C GLY C 428 73.82 9.08 23.85
N CYS C 429 73.31 9.29 22.63
CA CYS C 429 73.60 10.51 21.90
C CYS C 429 72.92 11.72 22.52
N TYR C 430 71.88 11.52 23.32
CA TYR C 430 71.12 12.62 23.91
C TYR C 430 71.90 13.14 25.11
N ASP C 431 72.53 14.31 24.95
CA ASP C 431 73.29 14.93 26.01
C ASP C 431 73.16 16.44 25.93
N TRP C 432 73.31 17.09 27.08
CA TRP C 432 73.23 18.54 27.18
C TRP C 432 74.47 19.16 27.81
N TYR C 433 75.06 18.51 28.81
CA TYR C 433 76.23 19.02 29.49
C TYR C 433 77.28 17.93 29.59
N GLY C 434 78.55 18.31 29.45
CA GLY C 434 79.66 17.40 29.59
C GLY C 434 80.89 18.16 30.01
N LYS C 435 81.97 17.42 30.26
CA LYS C 435 83.23 18.05 30.63
C LYS C 435 83.78 18.90 29.50
N GLY C 436 83.50 18.53 28.25
CA GLY C 436 83.90 19.32 27.11
C GLY C 436 83.30 20.72 27.10
N VAL C 437 84.12 21.72 26.88
CA VAL C 437 83.67 23.11 26.87
C VAL C 437 83.04 23.42 25.52
N ASP C 438 81.93 24.18 25.54
CA ASP C 438 81.23 24.60 24.34
C ASP C 438 80.77 23.40 23.52
N ALA C 439 79.85 22.64 24.12
CA ALA C 439 79.30 21.46 23.46
C ALA C 439 78.64 21.81 22.15
N SER C 440 78.10 23.02 22.02
CA SER C 440 77.46 23.45 20.78
C SER C 440 78.46 23.64 19.64
N ALA C 441 79.76 23.64 19.93
CA ALA C 441 80.78 23.80 18.89
C ALA C 441 81.17 22.45 18.32
N ASP C 442 80.16 21.74 17.82
CA ASP C 442 80.35 20.43 17.19
C ASP C 442 79.62 20.28 15.87
N TYR C 443 78.57 21.08 15.61
CA TYR C 443 77.81 21.10 14.36
C TYR C 443 76.94 19.86 14.22
N TYR C 444 77.08 18.90 15.14
CA TYR C 444 76.24 17.71 15.16
C TYR C 444 75.44 17.58 16.45
N HIS C 445 75.89 18.17 17.55
CA HIS C 445 75.12 18.16 18.78
C HIS C 445 73.85 18.97 18.67
N TYR C 446 73.77 19.87 17.67
CA TYR C 446 72.56 20.65 17.44
C TYR C 446 71.36 19.77 17.12
N ASN C 447 71.60 18.54 16.66
CA ASN C 447 70.51 17.61 16.44
C ASN C 447 69.75 17.32 17.73
N VAL C 448 70.44 17.33 18.87
CA VAL C 448 69.76 17.11 20.15
C VAL C 448 68.74 18.21 20.40
N GLU C 449 69.17 19.47 20.24
CA GLU C 449 68.25 20.59 20.43
C GLU C 449 67.11 20.54 19.43
N GLN C 450 67.41 20.23 18.16
CA GLN C 450 66.37 20.17 17.15
C GLN C 450 65.34 19.09 17.46
N MET C 451 65.81 17.91 17.88
CA MET C 451 64.91 16.82 18.22
C MET C 451 64.06 17.17 19.44
N THR C 452 64.67 17.80 20.45
CA THR C 452 63.90 18.18 21.62
C THR C 452 62.82 19.20 21.27
N LEU C 453 63.16 20.19 20.45
CA LEU C 453 62.17 21.18 20.04
C LEU C 453 61.07 20.53 19.21
N ASN C 454 61.43 19.62 18.31
CA ASN C 454 60.43 18.92 17.51
C ASN C 454 59.50 18.11 18.39
N ALA C 455 60.05 17.40 19.37
CA ALA C 455 59.22 16.62 20.28
C ALA C 455 58.28 17.51 21.08
N ILE C 456 58.80 18.64 21.57
CA ILE C 456 57.97 19.55 22.35
C ILE C 456 56.82 20.08 21.50
N ASN C 457 57.12 20.50 20.27
CA ASN C 457 56.07 21.00 19.39
C ASN C 457 55.06 19.92 19.04
N TYR C 458 55.54 18.69 18.79
CA TYR C 458 54.64 17.60 18.43
C TYR C 458 53.73 17.24 19.59
N LEU C 459 54.24 17.26 20.81
CA LEU C 459 53.40 16.99 21.97
C LEU C 459 52.43 18.13 22.25
N CYS C 460 52.86 19.37 21.99
CA CYS C 460 51.97 20.52 22.20
C CYS C 460 50.83 20.53 21.19
N LYS C 461 51.11 20.13 19.95
CA LYS C 461 50.12 20.12 18.87
C LYS C 461 49.48 21.50 18.67
N PRO D 27 -52.20 36.69 -23.02
CA PRO D 27 -51.32 37.74 -22.51
C PRO D 27 -51.62 39.10 -23.13
N ILE D 28 -52.00 40.07 -22.30
CA ILE D 28 -52.32 41.41 -22.77
C ILE D 28 -51.06 42.27 -22.68
N LEU D 29 -50.62 42.79 -23.82
CA LEU D 29 -49.42 43.62 -23.86
C LEU D 29 -49.70 45.00 -23.30
N THR D 30 -48.71 45.56 -22.61
CA THR D 30 -48.82 46.87 -21.99
C THR D 30 -47.98 47.87 -22.78
N GLN D 31 -48.56 49.03 -23.06
CA GLN D 31 -47.89 50.08 -23.80
C GLN D 31 -47.63 51.27 -22.89
N LYS D 32 -46.38 51.72 -22.83
CA LYS D 32 -46.03 52.83 -21.97
C LYS D 32 -46.37 54.15 -22.66
N ASN D 33 -46.43 55.22 -21.86
CA ASN D 33 -46.77 56.56 -22.35
C ASN D 33 -45.51 57.20 -22.92
N TRP D 34 -45.19 56.83 -24.15
CA TRP D 34 -44.03 57.40 -24.82
C TRP D 34 -44.22 58.89 -25.08
N ASP D 35 -45.38 59.28 -25.56
CA ASP D 35 -45.69 60.69 -25.83
C ASP D 35 -46.32 61.28 -24.57
N GLY D 36 -45.54 62.04 -23.82
CA GLY D 36 -46.03 62.64 -22.59
C GLY D 36 -45.02 62.60 -21.47
N THR D 37 -43.90 61.92 -21.69
CA THR D 37 -42.85 61.80 -20.70
C THR D 37 -41.53 62.26 -21.31
N ALA D 38 -40.69 62.87 -20.49
CA ALA D 38 -39.38 63.34 -20.91
C ALA D 38 -38.25 62.64 -20.14
N THR D 39 -38.54 61.50 -19.52
CA THR D 39 -37.53 60.76 -18.78
C THR D 39 -36.60 60.02 -19.74
N TYR D 40 -35.31 60.04 -19.43
CA TYR D 40 -34.33 59.36 -20.26
C TYR D 40 -34.62 57.86 -20.31
N PHE D 41 -34.55 57.29 -21.50
CA PHE D 41 -34.85 55.89 -21.72
C PHE D 41 -33.68 55.20 -22.41
N GLN D 42 -33.38 53.99 -21.98
CA GLN D 42 -32.28 53.20 -22.55
C GLN D 42 -32.78 52.51 -23.80
N SER D 43 -32.54 53.13 -24.96
CA SER D 43 -32.95 52.53 -26.22
C SER D 43 -31.94 51.48 -26.66
N SER D 44 -32.17 50.91 -27.85
CA SER D 44 -31.26 49.93 -28.41
C SER D 44 -31.30 50.03 -29.92
N ASP D 45 -30.25 49.55 -30.55
CA ASP D 45 -30.10 49.59 -32.00
C ASP D 45 -30.34 48.20 -32.58
N GLU D 46 -31.18 48.12 -33.60
CA GLU D 46 -31.41 46.86 -34.29
C GLU D 46 -30.17 46.44 -35.05
N HIS D 47 -30.04 45.13 -35.28
CA HIS D 47 -28.88 44.62 -36.01
C HIS D 47 -28.87 45.08 -37.47
N GLY D 48 -30.01 45.49 -38.00
CA GLY D 48 -30.09 45.94 -39.38
C GLY D 48 -30.56 47.39 -39.45
N PHE D 49 -30.15 48.06 -40.53
CA PHE D 49 -30.53 49.44 -40.78
C PHE D 49 -31.18 49.53 -42.16
N SER D 50 -32.09 50.48 -42.31
CA SER D 50 -32.83 50.64 -43.56
C SER D 50 -32.36 51.83 -44.37
N MET D 51 -32.32 53.02 -43.78
CA MET D 51 -31.94 54.22 -44.52
C MET D 51 -30.44 54.32 -44.70
N TYR D 52 -29.70 54.42 -43.60
CA TYR D 52 -28.24 54.37 -43.64
C TYR D 52 -27.85 52.92 -43.52
N TYR D 53 -27.65 52.27 -44.67
CA TYR D 53 -27.65 50.81 -44.74
C TYR D 53 -26.59 50.20 -43.83
N LYS D 54 -26.95 49.09 -43.21
CA LYS D 54 -26.06 48.27 -42.41
C LYS D 54 -26.60 46.85 -42.41
N PRO D 55 -25.85 45.88 -42.91
CA PRO D 55 -26.38 44.50 -42.98
C PRO D 55 -26.59 43.93 -41.59
N GLN D 56 -27.51 42.98 -41.50
CA GLN D 56 -27.79 42.34 -40.21
C GLN D 56 -26.55 41.65 -39.66
N VAL D 57 -25.64 41.23 -40.53
CA VAL D 57 -24.40 40.58 -40.12
C VAL D 57 -23.24 41.46 -40.58
N GLY D 58 -22.40 41.86 -39.63
CA GLY D 58 -21.21 42.63 -39.96
C GLY D 58 -21.49 44.11 -40.12
N PHE D 59 -20.43 44.84 -40.45
CA PHE D 59 -20.46 46.28 -40.62
C PHE D 59 -19.86 46.66 -41.95
N VAL D 60 -20.26 47.81 -42.46
CA VAL D 60 -19.82 48.31 -43.76
C VAL D 60 -18.54 49.11 -43.57
N GLY D 61 -17.53 48.82 -44.39
CA GLY D 61 -16.33 49.62 -44.42
C GLY D 61 -15.89 49.92 -45.84
N ALA D 62 -15.31 51.10 -46.01
CA ALA D 62 -14.69 51.54 -47.26
C ALA D 62 -15.61 51.34 -48.46
N PRO D 63 -16.65 52.17 -48.61
CA PRO D 63 -17.58 51.99 -49.72
C PRO D 63 -16.90 52.15 -51.07
N MET D 64 -17.38 51.38 -52.05
CA MET D 64 -16.91 51.43 -53.43
C MET D 64 -18.14 51.61 -54.30
N PRO D 65 -18.51 52.85 -54.61
CA PRO D 65 -19.68 53.08 -55.44
C PRO D 65 -19.41 52.85 -56.92
N PHE D 66 -20.48 52.56 -57.65
CA PHE D 66 -20.39 52.31 -59.08
C PHE D 66 -21.77 52.48 -59.68
N TYR D 67 -21.83 53.00 -60.90
CA TYR D 67 -23.08 53.19 -61.62
C TYR D 67 -23.17 52.15 -62.72
N ASP D 68 -24.24 51.37 -62.70
CA ASP D 68 -24.39 50.31 -63.69
C ASP D 68 -25.02 50.88 -64.96
N PRO D 69 -24.32 50.88 -66.10
CA PRO D 69 -24.92 51.39 -67.33
C PRO D 69 -26.07 50.54 -67.84
N VAL D 70 -26.17 49.28 -67.42
CA VAL D 70 -27.20 48.39 -67.92
C VAL D 70 -28.45 48.51 -67.06
N ALA D 71 -28.31 48.22 -65.76
CA ALA D 71 -29.45 48.28 -64.86
C ALA D 71 -29.85 49.70 -64.48
N LYS D 72 -29.01 50.69 -64.79
CA LYS D 72 -29.30 52.09 -64.50
C LYS D 72 -29.57 52.29 -63.01
N ASP D 73 -28.66 51.79 -62.19
CA ASP D 73 -28.78 51.92 -60.74
C ASP D 73 -27.38 52.05 -60.16
N PHE D 74 -27.30 52.08 -58.84
CA PHE D 74 -26.04 52.23 -58.12
C PHE D 74 -25.73 50.93 -57.40
N LYS D 75 -24.59 50.33 -57.71
CA LYS D 75 -24.16 49.07 -57.12
C LYS D 75 -22.94 49.36 -56.27
N VAL D 76 -23.17 49.65 -54.99
CA VAL D 76 -22.12 50.00 -54.05
C VAL D 76 -21.63 48.73 -53.37
N MET D 77 -20.35 48.44 -53.49
CA MET D 77 -19.73 47.37 -52.73
C MET D 77 -19.06 47.95 -51.49
N TYR D 78 -18.56 47.06 -50.65
CA TYR D 78 -17.88 47.48 -49.42
C TYR D 78 -17.13 46.28 -48.87
N LEU D 79 -16.56 46.46 -47.68
CA LEU D 79 -15.89 45.39 -46.95
C LEU D 79 -16.71 45.05 -45.72
N GLN D 80 -16.96 43.76 -45.51
CA GLN D 80 -17.79 43.28 -44.42
C GLN D 80 -16.89 43.08 -43.20
N ASP D 81 -16.74 44.14 -42.40
CA ASP D 81 -15.95 44.05 -41.20
C ASP D 81 -16.74 43.35 -40.09
N TYR D 82 -16.01 42.71 -39.18
CA TYR D 82 -16.60 42.04 -38.03
C TYR D 82 -15.83 42.43 -36.78
N ARG D 83 -16.52 42.42 -35.64
CA ARG D 83 -15.82 42.68 -34.39
C ARG D 83 -14.75 41.63 -34.08
N PRO D 84 -15.04 40.32 -34.15
CA PRO D 84 -13.93 39.35 -34.05
C PRO D 84 -13.36 38.97 -35.41
N ASN D 85 -12.61 39.88 -36.02
CA ASN D 85 -12.00 39.60 -37.31
C ASN D 85 -10.98 38.47 -37.17
N PRO D 86 -10.92 37.55 -38.14
CA PRO D 86 -9.86 36.54 -38.12
C PRO D 86 -8.49 37.19 -38.30
N GLU D 87 -7.47 36.53 -37.73
CA GLU D 87 -6.16 37.15 -37.66
C GLU D 87 -5.47 37.21 -39.02
N ALA D 88 -5.82 36.31 -39.93
CA ALA D 88 -5.09 36.19 -41.20
C ALA D 88 -5.93 36.60 -42.40
N THR D 89 -7.09 35.98 -42.60
CA THR D 89 -7.94 36.26 -43.75
C THR D 89 -9.24 36.89 -43.27
N TYR D 90 -9.61 38.01 -43.90
CA TYR D 90 -10.77 38.78 -43.47
C TYR D 90 -11.06 39.82 -44.55
N HIS D 91 -12.05 40.66 -44.28
CA HIS D 91 -12.46 41.75 -45.15
C HIS D 91 -12.85 41.27 -46.54
N PRO D 92 -13.93 40.50 -46.67
CA PRO D 92 -14.42 40.16 -48.01
C PRO D 92 -15.11 41.35 -48.66
N ILE D 93 -15.70 41.17 -49.83
CA ILE D 93 -16.42 42.23 -50.52
C ILE D 93 -17.88 41.82 -50.68
N PHE D 94 -18.78 42.67 -50.20
CA PHE D 94 -20.21 42.44 -50.30
C PHE D 94 -20.83 43.56 -51.14
N GLY D 95 -21.74 43.20 -52.02
CA GLY D 95 -22.36 44.14 -52.94
C GLY D 95 -23.73 44.59 -52.45
N VAL D 96 -24.01 45.87 -52.63
CA VAL D 96 -25.29 46.46 -52.28
C VAL D 96 -25.81 47.24 -53.47
N ALA D 97 -27.02 46.92 -53.90
CA ALA D 97 -27.66 47.60 -55.02
C ALA D 97 -28.64 48.64 -54.51
N THR D 98 -28.58 49.84 -55.07
CA THR D 98 -29.49 50.92 -54.76
C THR D 98 -29.71 51.74 -56.03
N LYS D 99 -30.71 52.62 -56.00
CA LYS D 99 -31.00 53.47 -57.15
C LYS D 99 -31.21 54.91 -56.75
N ASP D 100 -31.42 55.17 -55.47
CA ASP D 100 -31.75 56.51 -54.99
C ASP D 100 -30.92 56.94 -53.80
N GLY D 101 -30.34 55.98 -53.06
CA GLY D 101 -29.58 56.29 -51.87
C GLY D 101 -30.35 56.06 -50.58
N ALA D 102 -31.66 55.79 -50.67
CA ALA D 102 -32.49 55.53 -49.51
C ALA D 102 -32.74 54.05 -49.28
N THR D 103 -33.20 53.34 -50.31
CA THR D 103 -33.42 51.91 -50.22
C THR D 103 -32.17 51.17 -50.69
N TYR D 104 -31.89 50.05 -50.03
CA TYR D 104 -30.70 49.26 -50.33
C TYR D 104 -31.05 47.79 -50.27
N GLU D 105 -30.65 47.02 -51.28
CA GLU D 105 -30.75 45.57 -51.24
C GLU D 105 -29.35 44.97 -51.30
N SER D 106 -29.22 43.77 -50.74
CA SER D 106 -27.92 43.12 -50.65
C SER D 106 -27.82 42.00 -51.66
N LEU D 107 -26.71 41.95 -52.39
CA LEU D 107 -26.45 40.91 -53.36
C LEU D 107 -25.57 39.80 -52.80
N GLY D 108 -25.26 39.83 -51.51
CA GLY D 108 -24.43 38.83 -50.89
C GLY D 108 -22.95 39.07 -51.15
N GLU D 109 -22.16 38.06 -50.76
CA GLU D 109 -20.72 38.13 -50.98
C GLU D 109 -20.40 38.05 -52.46
N LEU D 110 -19.60 39.00 -52.94
CA LEU D 110 -19.20 39.05 -54.34
C LEU D 110 -17.79 38.49 -54.56
N ILE D 111 -16.81 39.06 -53.88
CA ILE D 111 -15.43 38.61 -53.96
C ILE D 111 -15.01 38.17 -52.57
N SER D 112 -14.56 36.93 -52.44
CA SER D 112 -14.21 36.34 -51.16
C SER D 112 -12.71 36.45 -50.91
N CYS D 113 -12.35 36.54 -49.64
CA CYS D 113 -10.95 36.61 -49.25
C CYS D 113 -10.24 35.29 -49.58
N GLY D 114 -8.95 35.39 -49.86
CA GLY D 114 -8.15 34.24 -50.23
C GLY D 114 -7.69 33.44 -49.02
N GLY D 115 -6.71 32.58 -49.25
CA GLY D 115 -6.17 31.74 -48.19
C GLY D 115 -5.24 32.50 -47.28
N ARG D 116 -4.77 31.78 -46.25
CA ARG D 116 -3.85 32.39 -45.29
C ARG D 116 -2.55 32.82 -45.96
N ASP D 117 -2.01 31.99 -46.84
CA ASP D 117 -0.74 32.27 -47.49
C ASP D 117 -0.88 33.06 -48.78
N GLU D 118 -2.10 33.28 -49.26
CA GLU D 118 -2.29 34.04 -50.49
C GLU D 118 -2.06 35.52 -50.25
N GLN D 119 -1.73 36.23 -51.34
CA GLN D 119 -1.50 37.66 -51.25
C GLN D 119 -2.80 38.42 -50.97
N ASP D 120 -3.94 37.87 -51.37
CA ASP D 120 -5.23 38.52 -51.16
C ASP D 120 -5.95 37.97 -49.94
N ALA D 121 -5.21 37.66 -48.87
CA ALA D 121 -5.85 37.22 -47.64
C ALA D 121 -6.78 38.29 -47.08
N ALA D 122 -6.35 39.54 -47.11
CA ALA D 122 -7.18 40.67 -46.74
C ALA D 122 -7.33 41.58 -47.95
N ILE D 123 -8.57 41.94 -48.27
CA ILE D 123 -8.88 42.75 -49.44
C ILE D 123 -9.08 44.19 -49.01
N GLY D 124 -8.37 45.11 -49.67
CA GLY D 124 -8.50 46.53 -49.40
C GLY D 124 -9.50 47.19 -50.33
N THR D 125 -9.55 48.52 -50.23
CA THR D 125 -10.46 49.29 -51.06
C THR D 125 -10.06 49.22 -52.53
N GLY D 126 -11.05 49.26 -53.40
CA GLY D 126 -10.78 49.20 -54.82
C GLY D 126 -11.70 50.03 -55.69
N GLY D 127 -11.69 49.76 -56.99
CA GLY D 127 -12.54 50.46 -57.94
C GLY D 127 -13.19 49.47 -58.89
N THR D 128 -14.17 49.99 -59.63
CA THR D 128 -14.97 49.16 -60.54
C THR D 128 -15.20 49.91 -61.83
N ILE D 129 -15.11 49.20 -62.96
CA ILE D 129 -15.30 49.83 -64.27
C ILE D 129 -15.87 48.81 -65.24
N TYR D 130 -16.78 49.25 -66.11
CA TYR D 130 -17.38 48.37 -67.08
C TYR D 130 -16.71 48.53 -68.44
N ASN D 131 -16.44 47.39 -69.09
CA ASN D 131 -15.94 47.37 -70.46
C ASN D 131 -17.02 46.88 -71.40
N PRO D 132 -17.61 47.77 -72.20
CA PRO D 132 -18.47 47.32 -73.30
C PRO D 132 -17.74 46.47 -74.32
N ALA D 133 -16.42 46.62 -74.43
CA ALA D 133 -15.64 45.89 -75.42
C ALA D 133 -15.85 44.38 -75.29
N ASP D 134 -15.86 43.88 -74.07
CA ASP D 134 -16.10 42.47 -73.79
C ASP D 134 -17.29 42.25 -72.87
N LYS D 135 -18.10 43.29 -72.64
CA LYS D 135 -19.28 43.21 -71.77
C LYS D 135 -18.92 42.66 -70.39
N LEU D 136 -17.87 43.22 -69.78
CA LEU D 136 -17.34 42.67 -68.54
C LEU D 136 -17.15 43.77 -67.50
N TYR D 137 -17.56 43.48 -66.26
CA TYR D 137 -17.23 44.35 -65.13
C TYR D 137 -15.87 43.94 -64.57
N TYR D 138 -14.96 44.90 -64.46
CA TYR D 138 -13.65 44.69 -63.87
C TYR D 138 -13.59 45.42 -62.54
N THR D 139 -13.31 44.68 -61.48
CA THR D 139 -13.12 45.26 -60.15
C THR D 139 -11.66 45.07 -59.77
N PHE D 140 -10.96 46.19 -59.57
CA PHE D 140 -9.56 46.16 -59.17
C PHE D 140 -9.50 46.45 -57.67
N TYR D 141 -9.00 45.48 -56.91
CA TYR D 141 -8.91 45.59 -55.46
C TYR D 141 -7.46 45.45 -55.02
N THR D 142 -7.25 45.59 -53.71
CA THR D 142 -5.93 45.50 -53.11
C THR D 142 -5.87 44.30 -52.18
N GLY D 143 -4.93 43.40 -52.42
CA GLY D 143 -4.70 42.26 -51.56
C GLY D 143 -3.54 42.54 -50.63
N ASN D 144 -3.75 42.23 -49.36
CA ASN D 144 -2.78 42.47 -48.29
C ASN D 144 -2.21 41.13 -47.84
N LYS D 145 -0.90 40.97 -47.97
CA LYS D 145 -0.25 39.74 -47.53
C LYS D 145 -0.22 39.67 -46.02
N PHE D 146 -0.61 38.51 -45.47
CA PHE D 146 -0.60 38.32 -44.02
C PHE D 146 0.83 38.04 -43.57
N LYS D 147 1.36 38.90 -42.70
CA LYS D 147 2.73 38.82 -42.23
C LYS D 147 3.70 38.77 -43.40
N PRO D 148 3.81 39.83 -44.19
CA PRO D 148 4.68 39.79 -45.37
C PRO D 148 6.14 39.69 -44.99
N SER D 149 6.91 39.05 -45.86
CA SER D 149 8.35 38.91 -45.67
C SER D 149 9.07 40.13 -46.25
N SER D 150 10.39 40.13 -46.12
CA SER D 150 11.18 41.25 -46.64
C SER D 150 11.10 41.33 -48.16
N ASP D 151 11.11 40.18 -48.84
CA ASP D 151 11.09 40.14 -50.30
C ASP D 151 9.68 40.06 -50.86
N GLN D 152 8.65 40.09 -50.01
CA GLN D 152 7.27 39.99 -50.44
C GLN D 152 6.59 41.34 -50.32
N ASN D 153 5.91 41.76 -51.40
CA ASN D 153 5.18 43.02 -51.38
C ASN D 153 3.98 42.91 -50.46
N ALA D 154 3.82 43.90 -49.58
CA ALA D 154 2.73 43.84 -48.60
C ALA D 154 1.37 44.02 -49.27
N GLN D 155 1.29 44.87 -50.28
CA GLN D 155 0.04 45.20 -50.93
C GLN D 155 0.18 45.07 -52.45
N VAL D 156 -0.74 44.35 -53.07
CA VAL D 156 -0.68 44.09 -54.50
C VAL D 156 -2.06 44.33 -55.10
N VAL D 157 -2.11 45.03 -56.23
CA VAL D 157 -3.37 45.28 -56.91
C VAL D 157 -3.75 44.07 -57.75
N MET D 158 -4.97 43.57 -57.57
CA MET D 158 -5.51 42.45 -58.31
C MET D 158 -6.80 42.86 -59.01
N VAL D 159 -7.26 42.01 -59.92
CA VAL D 159 -8.47 42.27 -60.70
C VAL D 159 -9.36 41.05 -60.70
N ALA D 160 -10.66 41.27 -60.63
CA ALA D 160 -11.68 40.24 -60.76
C ALA D 160 -12.67 40.65 -61.83
N THR D 161 -13.05 39.70 -62.68
CA THR D 161 -13.95 39.96 -63.79
C THR D 161 -15.29 39.28 -63.55
N SER D 162 -16.36 39.96 -63.97
CA SER D 162 -17.71 39.40 -63.88
C SER D 162 -18.46 39.65 -65.17
N PRO D 163 -19.26 38.68 -65.62
CA PRO D 163 -20.06 38.88 -66.83
C PRO D 163 -21.40 39.56 -66.56
N ASP D 164 -21.94 39.37 -65.35
CA ASP D 164 -23.25 39.92 -65.03
C ASP D 164 -23.28 40.54 -63.64
N PHE D 165 -22.11 40.86 -63.07
CA PHE D 165 -21.93 41.47 -61.76
C PHE D 165 -22.30 40.53 -60.62
N LYS D 166 -22.80 39.33 -60.91
CA LYS D 166 -23.20 38.38 -59.88
C LYS D 166 -22.03 37.50 -59.44
N THR D 167 -21.45 36.75 -60.38
CA THR D 167 -20.33 35.87 -60.08
C THR D 167 -19.04 36.51 -60.57
N TRP D 168 -17.98 36.39 -59.75
CA TRP D 168 -16.71 37.04 -60.01
C TRP D 168 -15.60 36.00 -60.04
N THR D 169 -14.70 36.13 -61.02
CA THR D 169 -13.54 35.26 -61.14
C THR D 169 -12.29 36.14 -61.08
N LYS D 170 -11.39 35.80 -60.15
CA LYS D 170 -10.17 36.58 -59.98
C LYS D 170 -9.14 36.18 -61.05
N ASN D 171 -8.54 37.17 -61.68
CA ASN D 171 -7.49 36.91 -62.66
C ASN D 171 -6.21 36.56 -61.92
N ARG D 172 -5.78 35.30 -62.02
CA ARG D 172 -4.60 34.84 -61.30
C ARG D 172 -3.30 35.23 -61.97
N THR D 173 -3.35 35.79 -63.18
CA THR D 173 -2.15 36.19 -63.89
C THR D 173 -1.84 37.67 -63.76
N PHE D 174 -2.63 38.42 -62.99
CA PHE D 174 -2.45 39.86 -62.85
C PHE D 174 -1.93 40.16 -61.45
N TYR D 175 -0.77 40.81 -61.39
CA TYR D 175 -0.15 41.16 -60.11
C TYR D 175 0.63 42.47 -60.33
N LEU D 176 -0.03 43.59 -60.03
CA LEU D 176 0.59 44.91 -60.20
C LEU D 176 1.41 45.22 -58.97
N LYS D 177 2.66 44.78 -58.99
CA LYS D 177 3.55 45.00 -57.85
C LYS D 177 3.93 46.46 -57.74
N GLY D 178 3.87 47.01 -56.53
CA GLY D 178 4.22 48.41 -56.33
C GLY D 178 5.70 48.67 -56.52
N ASP D 179 6.55 47.75 -56.08
CA ASP D 179 7.99 47.96 -56.13
C ASP D 179 8.55 47.85 -57.55
N THR D 180 7.74 47.39 -58.51
CA THR D 180 8.21 47.30 -59.89
C THR D 180 8.56 48.67 -60.44
N TYR D 181 7.74 49.67 -60.14
CA TYR D 181 7.92 51.03 -60.66
C TYR D 181 8.56 51.96 -59.65
N GLY D 182 9.27 51.42 -58.66
CA GLY D 182 9.96 52.24 -57.69
C GLY D 182 9.13 52.79 -56.56
N TYR D 183 7.91 52.31 -56.40
CA TYR D 183 7.06 52.78 -55.31
C TYR D 183 7.22 51.90 -54.07
N ASP D 184 6.61 52.34 -52.98
CA ASP D 184 6.75 51.63 -51.71
C ASP D 184 6.10 50.25 -51.77
N LYS D 185 6.74 49.29 -51.12
CA LYS D 185 6.18 47.94 -51.08
C LYS D 185 4.99 47.86 -50.13
N ASN D 186 5.09 48.52 -48.97
CA ASN D 186 4.08 48.39 -47.93
C ASN D 186 2.96 49.42 -48.05
N ASP D 187 3.06 50.39 -48.96
CA ASP D 187 2.04 51.41 -49.14
C ASP D 187 1.70 51.49 -50.63
N PHE D 188 0.74 50.67 -51.05
CA PHE D 188 0.29 50.66 -52.45
C PHE D 188 -1.18 50.26 -52.42
N ARG D 189 -2.06 51.26 -52.37
CA ARG D 189 -3.46 51.03 -52.03
C ARG D 189 -4.37 51.83 -52.94
N ASP D 190 -5.68 51.53 -52.83
CA ASP D 190 -6.78 52.30 -53.38
C ASP D 190 -6.67 52.52 -54.88
N PRO D 191 -6.86 51.47 -55.69
CA PRO D 191 -6.89 51.67 -57.15
C PRO D 191 -8.22 52.28 -57.57
N PHE D 192 -8.16 53.47 -58.17
CA PHE D 192 -9.35 54.13 -58.68
C PHE D 192 -9.24 54.23 -60.19
N LEU D 193 -10.24 53.73 -60.90
CA LEU D 193 -10.24 53.69 -62.35
C LEU D 193 -11.22 54.69 -62.92
N PHE D 194 -10.80 55.42 -63.95
CA PHE D 194 -11.69 56.35 -64.63
C PHE D 194 -11.29 56.45 -66.10
N GLN D 195 -12.28 56.59 -66.97
CA GLN D 195 -12.07 56.72 -68.41
C GLN D 195 -12.31 58.15 -68.83
N THR D 196 -11.36 58.70 -69.59
CA THR D 196 -11.47 60.05 -70.11
C THR D 196 -12.04 60.04 -71.52
N GLU D 197 -12.19 61.24 -72.11
CA GLU D 197 -12.79 61.35 -73.43
C GLU D 197 -11.90 60.76 -74.52
N ASP D 198 -10.58 60.76 -74.32
CA ASP D 198 -9.67 60.25 -75.34
C ASP D 198 -9.76 58.74 -75.51
N GLY D 199 -10.41 58.04 -74.60
CA GLY D 199 -10.63 56.61 -74.74
C GLY D 199 -9.66 55.70 -74.03
N VAL D 200 -8.81 56.24 -73.16
CA VAL D 200 -7.85 55.43 -72.41
C VAL D 200 -8.22 55.48 -70.93
N TYR D 201 -8.14 54.33 -70.27
CA TYR D 201 -8.48 54.21 -68.86
C TYR D 201 -7.26 54.56 -68.01
N HIS D 202 -7.47 55.34 -66.97
CA HIS D 202 -6.43 55.73 -66.05
C HIS D 202 -6.73 55.18 -64.66
N MET D 203 -5.72 54.57 -64.04
CA MET D 203 -5.80 54.07 -62.67
C MET D 203 -4.92 54.92 -61.78
N LEU D 204 -5.48 55.39 -60.67
CA LEU D 204 -4.76 56.15 -59.67
C LEU D 204 -4.51 55.26 -58.47
N ILE D 205 -3.25 55.21 -58.02
CA ILE D 205 -2.84 54.44 -56.86
C ILE D 205 -2.24 55.39 -55.85
N ALA D 206 -2.71 55.33 -54.62
CA ALA D 206 -2.18 56.16 -53.53
C ALA D 206 -1.03 55.41 -52.89
N THR D 207 0.20 55.69 -53.34
CA THR D 207 1.37 54.99 -52.84
C THR D 207 2.39 55.96 -52.28
N ARG D 208 3.56 55.46 -51.92
CA ARG D 208 4.63 56.28 -51.37
C ARG D 208 5.88 56.10 -52.22
N LYS D 209 6.56 57.21 -52.52
CA LYS D 209 7.85 57.18 -53.20
C LYS D 209 8.85 57.97 -52.35
N ASN D 210 10.01 57.35 -52.12
CA ASN D 210 11.15 57.93 -51.39
C ASN D 210 10.71 58.84 -50.24
N GLY D 211 9.77 58.34 -49.44
CA GLY D 211 9.30 59.06 -48.28
C GLY D 211 8.23 60.11 -48.53
N LYS D 212 7.73 60.21 -49.76
CA LYS D 212 6.74 61.20 -50.12
C LYS D 212 5.49 60.51 -50.66
N GLY D 213 4.32 61.03 -50.29
CA GLY D 213 3.07 60.46 -50.78
C GLY D 213 2.81 60.87 -52.21
N HIS D 214 2.61 59.87 -53.07
CA HIS D 214 2.39 60.10 -54.49
C HIS D 214 1.15 59.35 -54.95
N ILE D 215 0.29 60.03 -55.68
CA ILE D 215 -0.80 59.40 -56.41
C ILE D 215 -0.27 59.13 -57.82
N ALA D 216 -0.04 57.86 -58.12
CA ALA D 216 0.56 57.44 -59.38
C ALA D 216 -0.53 57.07 -60.38
N GLU D 217 -0.25 57.32 -61.65
CA GLU D 217 -1.20 57.10 -62.74
C GLU D 217 -0.69 56.00 -63.66
N PHE D 218 -1.57 55.05 -63.98
CA PHE D 218 -1.28 53.98 -64.93
C PHE D 218 -2.30 54.05 -66.04
N THR D 219 -1.82 54.12 -67.28
CA THR D 219 -2.69 54.21 -68.45
C THR D 219 -2.83 52.85 -69.11
N SER D 220 -4.02 52.59 -69.64
CA SER D 220 -4.29 51.36 -70.36
C SER D 220 -5.33 51.63 -71.44
N ALA D 221 -5.34 50.75 -72.45
CA ALA D 221 -6.35 50.80 -73.48
C ALA D 221 -7.26 49.58 -73.50
N ASP D 222 -6.91 48.51 -72.78
CA ASP D 222 -7.72 47.31 -72.70
C ASP D 222 -7.86 46.78 -71.28
N LEU D 223 -7.30 47.48 -70.29
CA LEU D 223 -7.32 47.11 -68.88
C LEU D 223 -6.63 45.79 -68.58
N LYS D 224 -5.83 45.27 -69.52
CA LYS D 224 -5.04 44.07 -69.31
C LYS D 224 -3.55 44.34 -69.25
N GLU D 225 -3.07 45.35 -69.97
CA GLU D 225 -1.68 45.80 -69.92
C GLU D 225 -1.65 47.25 -69.51
N TRP D 226 -0.72 47.61 -68.64
CA TRP D 226 -0.66 48.94 -68.05
C TRP D 226 0.72 49.57 -68.27
N GLU D 227 0.73 50.89 -68.47
CA GLU D 227 1.96 51.65 -68.57
C GLU D 227 1.93 52.76 -67.52
N SER D 228 2.97 52.80 -66.69
CA SER D 228 3.05 53.80 -65.62
C SER D 228 3.35 55.16 -66.24
N ALA D 229 2.34 56.03 -66.32
CA ALA D 229 2.49 57.34 -66.93
C ALA D 229 2.95 58.36 -65.90
N GLY D 230 4.12 58.07 -65.32
CA GLY D 230 4.67 58.96 -64.32
C GLY D 230 3.83 58.99 -63.04
N THR D 231 3.87 60.13 -62.37
CA THR D 231 3.12 60.35 -61.14
C THR D 231 2.02 61.38 -61.40
N PHE D 232 0.79 61.01 -61.10
CA PHE D 232 -0.34 61.91 -61.34
C PHE D 232 -0.27 63.14 -60.44
N MET D 233 -0.02 62.94 -59.15
CA MET D 233 -0.04 64.05 -58.21
C MET D 233 0.82 63.72 -57.00
N THR D 234 1.17 64.75 -56.25
CA THR D 234 1.90 64.61 -54.99
C THR D 234 1.01 65.08 -53.85
N MET D 235 1.21 64.50 -52.68
CA MET D 235 0.40 64.80 -51.52
C MET D 235 0.93 66.03 -50.80
N MET D 236 0.11 66.57 -49.90
CA MET D 236 0.39 67.84 -49.24
C MET D 236 0.99 67.59 -47.87
N TRP D 237 2.21 68.09 -47.65
CA TRP D 237 2.89 68.03 -46.36
C TRP D 237 2.96 66.59 -45.84
N ASP D 238 3.65 65.75 -46.61
CA ASP D 238 3.98 64.35 -46.30
C ASP D 238 2.85 63.61 -45.58
N ARG D 239 1.61 63.86 -45.99
CA ARG D 239 0.48 63.14 -45.47
C ARG D 239 0.17 61.94 -46.36
N PHE D 240 -0.90 61.23 -46.04
CA PHE D 240 -1.36 60.11 -46.86
C PHE D 240 -2.82 60.31 -47.23
N TYR D 241 -3.14 60.01 -48.48
CA TYR D 241 -4.50 60.16 -49.00
C TYR D 241 -5.11 58.79 -49.19
N GLU D 242 -6.32 58.61 -48.67
CA GLU D 242 -7.04 57.35 -48.76
C GLU D 242 -8.21 57.47 -49.73
N CYS D 243 -8.35 56.48 -50.60
CA CYS D 243 -9.45 56.39 -51.54
C CYS D 243 -9.55 57.63 -52.43
N PRO D 244 -8.58 57.89 -53.29
CA PRO D 244 -8.70 59.03 -54.20
C PRO D 244 -9.81 58.82 -55.22
N ASP D 245 -10.45 59.92 -55.59
CA ASP D 245 -11.56 59.87 -56.54
C ASP D 245 -11.52 61.15 -57.37
N VAL D 246 -11.14 61.04 -58.64
CA VAL D 246 -11.08 62.17 -59.56
C VAL D 246 -12.29 62.11 -60.47
N PHE D 247 -13.03 63.21 -60.54
CA PHE D 247 -14.19 63.29 -61.42
C PHE D 247 -14.34 64.71 -61.93
N LYS D 248 -15.33 64.90 -62.81
CA LYS D 248 -15.63 66.20 -63.40
C LYS D 248 -17.10 66.50 -63.20
N MET D 249 -17.39 67.68 -62.67
CA MET D 249 -18.76 68.11 -62.37
C MET D 249 -19.02 69.43 -63.09
N GLY D 250 -19.44 69.34 -64.34
CA GLY D 250 -19.81 70.51 -65.11
C GLY D 250 -18.63 71.24 -65.72
N ASP D 251 -17.89 72.00 -64.90
CA ASP D 251 -16.79 72.79 -65.41
C ASP D 251 -15.54 72.70 -64.55
N TRP D 252 -15.50 71.82 -63.55
CA TRP D 252 -14.36 71.70 -62.67
C TRP D 252 -13.99 70.23 -62.49
N TRP D 253 -12.72 69.99 -62.20
CA TRP D 253 -12.21 68.67 -61.89
C TRP D 253 -11.96 68.59 -60.39
N TYR D 254 -12.54 67.58 -59.75
CA TYR D 254 -12.50 67.43 -58.30
C TYR D 254 -11.79 66.15 -57.91
N LEU D 255 -10.95 66.25 -56.89
CA LEU D 255 -10.26 65.11 -56.29
C LEU D 255 -10.72 64.97 -54.84
N ILE D 256 -11.55 63.97 -54.58
CA ILE D 256 -11.98 63.65 -53.23
C ILE D 256 -11.01 62.64 -52.64
N TYR D 257 -10.56 62.90 -51.41
CA TYR D 257 -9.65 61.99 -50.74
C TYR D 257 -9.93 62.01 -49.25
N SER D 258 -9.49 60.96 -48.56
CA SER D 258 -9.60 60.85 -47.12
C SER D 258 -8.21 60.91 -46.52
N GLU D 259 -8.04 61.81 -45.55
CA GLU D 259 -6.74 61.97 -44.91
C GLU D 259 -6.49 60.84 -43.92
N GLN D 260 -5.35 60.16 -44.07
CA GLN D 260 -4.99 59.06 -43.20
C GLN D 260 -4.29 59.51 -41.92
N ALA D 261 -3.93 60.80 -41.82
CA ALA D 261 -3.25 61.29 -40.64
C ALA D 261 -4.14 61.16 -39.41
N SER D 262 -3.55 60.73 -38.31
CA SER D 262 -4.32 60.48 -37.10
C SER D 262 -4.95 61.77 -36.57
N PHE D 263 -4.21 62.88 -36.63
CA PHE D 263 -4.73 64.14 -36.12
C PHE D 263 -5.82 64.73 -37.00
N MET D 264 -5.86 64.39 -38.30
CA MET D 264 -6.91 64.91 -39.15
C MET D 264 -8.08 63.94 -39.27
N ARG D 265 -7.83 62.76 -39.84
CA ARG D 265 -8.83 61.69 -39.98
C ARG D 265 -10.16 62.23 -40.52
N LYS D 266 -10.07 63.01 -41.60
CA LYS D 266 -11.26 63.61 -42.21
C LYS D 266 -11.25 63.47 -43.71
N VAL D 267 -12.21 64.07 -44.39
CA VAL D 267 -12.34 64.00 -45.84
C VAL D 267 -12.21 65.42 -46.40
N GLN D 268 -11.26 65.61 -47.30
CA GLN D 268 -11.06 66.89 -47.98
C GLN D 268 -11.19 66.69 -49.48
N TYR D 269 -10.99 67.79 -50.23
CA TYR D 269 -11.11 67.75 -51.68
C TYR D 269 -10.28 68.88 -52.27
N PHE D 270 -10.03 68.76 -53.58
CA PHE D 270 -9.29 69.76 -54.32
C PHE D 270 -10.06 70.10 -55.60
N LYS D 271 -9.96 71.35 -56.01
CA LYS D 271 -10.66 71.84 -57.18
C LYS D 271 -9.68 72.26 -58.27
N GLY D 272 -10.16 72.22 -59.51
CA GLY D 272 -9.37 72.62 -60.66
C GLY D 272 -10.21 72.75 -61.91
N ARG D 273 -9.96 73.82 -62.68
CA ARG D 273 -10.74 74.03 -63.89
C ARG D 273 -10.53 72.91 -64.90
N THR D 274 -9.28 72.48 -65.07
CA THR D 274 -8.95 71.37 -65.96
C THR D 274 -8.13 70.34 -65.18
N LEU D 275 -7.89 69.20 -65.84
CA LEU D 275 -7.06 68.17 -65.23
C LEU D 275 -5.64 68.67 -64.99
N GLU D 276 -5.12 69.48 -65.91
CA GLU D 276 -3.80 70.06 -65.71
C GLU D 276 -3.76 70.97 -64.48
N ASP D 277 -4.80 71.79 -64.31
CA ASP D 277 -4.86 72.65 -63.13
C ASP D 277 -4.99 71.83 -61.86
N LEU D 278 -5.79 70.77 -61.89
CA LEU D 278 -5.92 69.91 -60.71
C LEU D 278 -4.59 69.26 -60.35
N LYS D 279 -3.85 68.79 -61.35
CA LYS D 279 -2.54 68.21 -61.09
C LYS D 279 -1.56 69.26 -60.55
N ALA D 280 -1.60 70.47 -61.12
CA ALA D 280 -0.72 71.54 -60.65
C ALA D 280 -1.07 71.99 -59.24
N THR D 281 -2.31 71.80 -58.82
CA THR D 281 -2.68 72.07 -57.43
C THR D 281 -1.84 71.20 -56.50
N THR D 282 -1.41 71.81 -55.39
CA THR D 282 -0.51 71.21 -54.39
C THR D 282 0.58 70.37 -55.04
N ALA D 283 1.14 70.87 -56.15
CA ALA D 283 2.20 70.14 -56.84
C ALA D 283 3.44 69.98 -55.97
N ASN D 284 3.84 71.05 -55.30
CA ASN D 284 4.95 70.96 -54.33
C ASN D 284 4.68 71.98 -53.22
N ASP D 285 3.99 71.52 -52.18
CA ASP D 285 3.65 72.34 -51.03
C ASP D 285 2.99 73.66 -51.45
N ALA D 286 2.16 73.59 -52.49
CA ALA D 286 1.50 74.79 -52.98
C ALA D 286 0.37 75.23 -52.04
N GLY D 287 -0.39 74.27 -51.54
CA GLY D 287 -1.48 74.60 -50.62
C GLY D 287 -2.58 75.43 -51.24
N ILE D 288 -2.99 75.10 -52.46
CA ILE D 288 -4.06 75.83 -53.15
C ILE D 288 -5.37 75.21 -52.68
N TRP D 289 -5.88 75.71 -51.56
CA TRP D 289 -7.10 75.16 -51.00
C TRP D 289 -8.29 75.56 -51.86
N PRO D 290 -9.23 74.64 -52.09
CA PRO D 290 -10.39 74.99 -52.94
C PRO D 290 -11.24 76.11 -52.38
N ASP D 291 -11.34 76.23 -51.06
CA ASP D 291 -12.19 77.24 -50.44
C ASP D 291 -11.51 77.72 -49.16
N ASN D 292 -12.23 78.52 -48.37
CA ASN D 292 -11.68 79.12 -47.17
C ASN D 292 -11.67 78.18 -45.98
N ARG D 293 -12.26 76.99 -46.10
CA ARG D 293 -12.29 76.02 -45.00
C ARG D 293 -11.35 74.85 -45.25
N GLU D 294 -10.33 75.04 -46.09
CA GLU D 294 -9.33 74.00 -46.39
C GLU D 294 -9.96 72.74 -46.98
N GLY D 295 -11.04 72.91 -47.74
CA GLY D 295 -11.63 71.76 -48.42
C GLY D 295 -12.39 70.81 -47.53
N MET D 296 -12.86 71.27 -46.37
CA MET D 296 -13.64 70.41 -45.48
C MET D 296 -14.97 70.03 -46.11
N LEU D 297 -15.38 68.78 -45.90
CA LEU D 297 -16.71 68.32 -46.25
C LEU D 297 -17.51 67.84 -45.05
N ASP D 298 -16.89 67.07 -44.17
CA ASP D 298 -17.59 66.50 -43.02
C ASP D 298 -16.59 66.26 -41.91
N SER D 299 -17.11 65.98 -40.72
CA SER D 299 -16.29 65.88 -39.52
C SER D 299 -15.69 64.47 -39.39
N ARG D 300 -15.18 64.18 -38.19
CA ARG D 300 -14.49 62.92 -37.94
C ARG D 300 -15.38 61.70 -38.18
N ALA D 301 -16.70 61.87 -38.12
CA ALA D 301 -17.63 60.75 -38.25
C ALA D 301 -17.95 60.38 -39.69
N PHE D 302 -17.14 60.82 -40.65
CA PHE D 302 -17.33 60.47 -42.05
C PHE D 302 -15.97 60.20 -42.68
N TYR D 303 -15.79 59.01 -43.23
CA TYR D 303 -14.50 58.61 -43.77
C TYR D 303 -14.70 57.78 -45.03
N ALA D 304 -13.63 57.68 -45.82
CA ALA D 304 -13.62 56.90 -47.06
C ALA D 304 -14.73 57.33 -48.00
N GLY D 305 -14.96 58.64 -48.08
CA GLY D 305 -15.97 59.17 -48.97
C GLY D 305 -15.60 59.02 -50.43
N LYS D 306 -16.36 58.20 -51.16
CA LYS D 306 -16.15 58.01 -52.59
C LYS D 306 -17.44 58.30 -53.33
N THR D 307 -17.31 58.98 -54.47
CA THR D 307 -18.47 59.52 -55.18
C THR D 307 -18.73 58.75 -56.47
N ALA D 308 -20.00 58.73 -56.86
CA ALA D 308 -20.43 58.16 -58.13
C ALA D 308 -21.59 58.98 -58.67
N SER D 309 -21.67 59.09 -59.99
CA SER D 309 -22.69 59.88 -60.66
C SER D 309 -23.51 59.00 -61.59
N ASP D 310 -24.82 59.21 -61.58
CA ASP D 310 -25.73 58.52 -62.49
C ASP D 310 -26.03 59.31 -63.75
N GLY D 311 -25.34 60.44 -63.95
CA GLY D 311 -25.56 61.30 -65.09
C GLY D 311 -26.37 62.54 -64.80
N THR D 312 -27.05 62.60 -63.65
CA THR D 312 -27.84 63.78 -63.30
C THR D 312 -27.51 64.26 -61.89
N ASN D 313 -27.06 63.35 -61.03
CA ASN D 313 -26.69 63.68 -59.66
C ASN D 313 -25.45 62.92 -59.27
N ARG D 314 -24.72 63.46 -58.30
CA ARG D 314 -23.53 62.82 -57.76
C ARG D 314 -23.76 62.52 -56.29
N TYR D 315 -23.52 61.27 -55.90
CA TYR D 315 -23.73 60.83 -54.53
C TYR D 315 -22.41 60.29 -53.99
N ILE D 316 -22.06 60.72 -52.78
CA ILE D 316 -20.86 60.28 -52.09
C ILE D 316 -21.26 59.33 -50.97
N TRP D 317 -20.56 58.20 -50.89
CA TRP D 317 -20.80 57.19 -49.86
C TRP D 317 -19.60 57.12 -48.93
N GLY D 318 -19.88 57.07 -47.63
CA GLY D 318 -18.86 56.88 -46.63
C GLY D 318 -19.39 56.02 -45.50
N TRP D 319 -18.64 55.86 -44.42
CA TRP D 319 -19.11 55.09 -43.27
C TRP D 319 -18.97 55.90 -42.00
N CYS D 320 -20.08 56.05 -41.29
CA CYS D 320 -20.05 56.62 -39.94
C CYS D 320 -19.54 55.55 -38.98
N PRO D 321 -18.47 55.83 -38.22
CA PRO D 321 -17.89 54.79 -37.37
C PRO D 321 -18.74 54.52 -36.14
N THR D 322 -18.53 53.35 -35.56
CA THR D 322 -19.13 52.99 -34.29
C THR D 322 -18.24 53.46 -33.14
N ARG D 323 -18.80 53.43 -31.93
CA ARG D 323 -18.08 53.83 -30.73
C ARG D 323 -17.95 52.64 -29.80
N ALA D 324 -16.75 52.43 -29.27
CA ALA D 324 -16.52 51.32 -28.36
C ALA D 324 -17.32 51.52 -27.08
N GLY D 325 -17.99 50.45 -26.64
CA GLY D 325 -18.81 50.52 -25.46
C GLY D 325 -20.14 51.23 -25.63
N ASN D 326 -20.51 51.56 -26.87
CA ASN D 326 -21.76 52.27 -27.16
C ASN D 326 -21.82 53.60 -26.40
N ASP D 327 -20.69 54.27 -26.28
CA ASP D 327 -20.59 55.56 -25.61
C ASP D 327 -20.31 56.63 -26.67
N ASN D 328 -21.22 57.59 -26.79
CA ASN D 328 -21.05 58.64 -27.79
C ASN D 328 -19.83 59.50 -27.50
N GLY D 329 -19.52 59.72 -26.22
CA GLY D 329 -18.34 60.48 -25.87
C GLY D 329 -17.03 59.73 -26.00
N ASN D 330 -17.08 58.42 -26.21
CA ASN D 330 -15.88 57.61 -26.37
C ASN D 330 -15.47 57.60 -27.85
N VAL D 331 -15.03 58.77 -28.31
CA VAL D 331 -14.56 58.89 -29.69
C VAL D 331 -13.31 58.04 -29.89
N GLY D 332 -12.42 58.02 -28.91
CA GLY D 332 -11.21 57.23 -28.99
C GLY D 332 -10.01 58.09 -29.34
N ASP D 333 -8.84 57.59 -28.96
CA ASP D 333 -7.59 58.29 -29.21
C ASP D 333 -7.20 58.13 -30.68
N VAL D 334 -6.11 58.80 -31.07
CA VAL D 334 -5.59 58.88 -32.43
C VAL D 334 -6.70 58.85 -33.48
N GLU D 335 -7.27 57.68 -33.75
CA GLU D 335 -8.26 57.54 -34.80
C GLU D 335 -9.38 56.62 -34.31
N PRO D 336 -10.62 56.85 -34.77
CA PRO D 336 -11.76 56.12 -34.22
C PRO D 336 -11.84 54.67 -34.67
N GLU D 337 -12.91 53.98 -34.28
CA GLU D 337 -13.11 52.60 -34.70
C GLU D 337 -13.35 52.52 -36.19
N TRP D 338 -12.90 51.43 -36.80
CA TRP D 338 -13.06 51.24 -38.24
C TRP D 338 -14.45 50.69 -38.55
N ALA D 339 -14.87 50.91 -39.80
CA ALA D 339 -16.17 50.46 -40.31
C ALA D 339 -17.33 51.09 -39.55
N GLY D 340 -18.56 50.75 -39.93
CA GLY D 340 -19.73 51.30 -39.28
C GLY D 340 -20.98 51.25 -40.14
N ASN D 341 -21.69 52.38 -40.22
CA ASN D 341 -22.92 52.46 -41.00
C ASN D 341 -22.66 53.18 -42.31
N LEU D 342 -23.16 52.61 -43.41
CA LEU D 342 -23.04 53.26 -44.70
C LEU D 342 -23.91 54.51 -44.74
N VAL D 343 -23.32 55.63 -45.15
CA VAL D 343 -24.00 56.91 -45.21
C VAL D 343 -23.84 57.49 -46.61
N ALA D 344 -24.94 57.93 -47.20
CA ALA D 344 -24.95 58.49 -48.54
C ALA D 344 -25.39 59.95 -48.48
N GLN D 345 -24.62 60.81 -49.14
CA GLN D 345 -24.93 62.24 -49.23
C GLN D 345 -24.89 62.66 -50.69
N ARG D 346 -25.48 63.81 -50.98
CA ARG D 346 -25.55 64.33 -52.34
C ARG D 346 -24.60 65.51 -52.49
N LEU D 347 -23.71 65.43 -53.47
CA LEU D 347 -22.78 66.52 -53.72
C LEU D 347 -23.49 67.70 -54.35
N ILE D 348 -23.22 68.90 -53.82
CA ILE D 348 -23.81 70.12 -54.33
C ILE D 348 -22.67 71.04 -54.75
N GLN D 349 -22.72 71.50 -56.00
CA GLN D 349 -21.70 72.36 -56.58
C GLN D 349 -22.25 73.77 -56.67
N HIS D 350 -21.55 74.73 -56.07
CA HIS D 350 -21.96 76.12 -56.08
C HIS D 350 -21.44 76.81 -57.34
N GLU D 351 -21.72 78.11 -57.45
CA GLU D 351 -21.29 78.86 -58.63
C GLU D 351 -19.78 79.10 -58.65
N ASP D 352 -19.12 79.04 -57.51
CA ASP D 352 -17.68 79.25 -57.43
C ASP D 352 -16.88 77.96 -57.49
N GLY D 353 -17.54 76.83 -57.70
CA GLY D 353 -16.86 75.55 -57.75
C GLY D 353 -16.73 74.84 -56.42
N THR D 354 -17.14 75.47 -55.32
CA THR D 354 -17.07 74.83 -54.02
C THR D 354 -18.05 73.68 -53.93
N LEU D 355 -17.73 72.70 -53.09
CA LEU D 355 -18.54 71.50 -52.93
C LEU D 355 -19.11 71.45 -51.52
N THR D 356 -20.40 71.16 -51.42
CA THR D 356 -21.08 70.96 -50.15
C THR D 356 -21.95 69.72 -50.24
N LEU D 357 -22.19 69.10 -49.08
CA LEU D 357 -22.97 67.88 -49.00
C LEU D 357 -24.42 68.20 -48.62
N GLY D 358 -25.36 67.57 -49.31
CA GLY D 358 -26.76 67.76 -49.04
C GLY D 358 -27.48 66.43 -48.88
N VAL D 359 -28.65 66.50 -48.28
CA VAL D 359 -29.46 65.29 -48.06
C VAL D 359 -29.94 64.77 -49.41
N PRO D 360 -29.92 63.44 -49.64
CA PRO D 360 -30.50 62.91 -50.87
C PRO D 360 -31.99 63.18 -50.95
N ASP D 361 -32.46 63.38 -52.19
CA ASP D 361 -33.86 63.71 -52.41
C ASP D 361 -34.78 62.58 -51.97
N ALA D 362 -34.40 61.34 -52.25
CA ALA D 362 -35.21 60.20 -51.83
C ALA D 362 -35.30 60.10 -50.32
N ILE D 363 -34.18 60.33 -49.63
CA ILE D 363 -34.19 60.30 -48.17
C ILE D 363 -35.08 61.41 -47.63
N ASP D 364 -35.00 62.60 -48.23
CA ASP D 364 -35.84 63.71 -47.78
C ASP D 364 -37.32 63.40 -47.98
N ARG D 365 -37.68 62.83 -49.13
CA ARG D 365 -39.09 62.59 -49.44
C ARG D 365 -39.64 61.33 -48.79
N LYS D 366 -38.78 60.46 -48.24
CA LYS D 366 -39.28 59.26 -47.58
C LYS D 366 -40.10 59.61 -46.35
N TYR D 367 -39.69 60.64 -45.61
CA TYR D 367 -40.43 61.08 -44.43
C TYR D 367 -41.77 61.67 -44.86
N THR D 368 -42.86 61.01 -44.47
CA THR D 368 -44.21 61.44 -44.84
C THR D 368 -45.04 61.83 -43.65
N SER D 369 -45.14 60.97 -42.64
CA SER D 369 -45.96 61.28 -41.47
C SER D 369 -45.33 62.40 -40.66
N ALA D 370 -46.18 63.24 -40.08
CA ALA D 370 -45.75 64.37 -39.26
C ALA D 370 -46.15 64.14 -37.81
N GLN D 371 -45.28 64.57 -36.90
CA GLN D 371 -45.49 64.37 -35.47
C GLN D 371 -45.65 65.73 -34.80
N GLU D 372 -46.67 65.84 -33.94
CA GLU D 372 -46.87 67.07 -33.19
C GLU D 372 -45.76 67.25 -32.16
N VAL D 373 -45.28 68.49 -32.03
CA VAL D 373 -44.20 68.81 -31.11
C VAL D 373 -44.73 69.78 -30.06
N LYS D 374 -44.32 69.55 -28.81
CA LYS D 374 -44.73 70.43 -27.72
C LYS D 374 -43.63 70.46 -26.67
N VAL D 375 -43.63 71.53 -25.88
CA VAL D 375 -42.56 71.76 -24.92
C VAL D 375 -42.71 70.83 -23.74
N MET D 376 -41.60 70.22 -23.31
CA MET D 376 -41.56 69.36 -22.14
C MET D 376 -41.10 70.10 -20.90
N ALA D 377 -39.96 70.77 -20.96
CA ALA D 377 -39.36 71.41 -19.80
C ALA D 377 -39.19 72.91 -20.04
N LYS D 378 -39.34 73.68 -18.96
CA LYS D 378 -39.20 75.13 -18.98
C LYS D 378 -38.15 75.49 -17.93
N ASP D 379 -36.88 75.45 -18.32
CA ASP D 379 -35.79 75.71 -17.39
C ASP D 379 -35.18 77.09 -17.55
N GLY D 380 -35.13 77.62 -18.77
CA GLY D 380 -34.56 78.92 -19.02
C GLY D 380 -35.59 80.03 -18.96
N ASN D 381 -35.15 81.23 -19.32
CA ASN D 381 -36.01 82.41 -19.37
C ASN D 381 -36.68 82.58 -20.72
N MET D 382 -36.79 81.52 -21.51
CA MET D 382 -37.38 81.61 -22.83
C MET D 382 -38.88 81.83 -22.75
N ILE D 383 -39.43 82.39 -23.81
CA ILE D 383 -40.87 82.66 -23.91
C ILE D 383 -41.40 82.01 -25.17
N GLU D 384 -42.71 81.73 -25.17
CA GLU D 384 -43.38 81.08 -26.29
C GLU D 384 -44.49 81.98 -26.80
N SER D 385 -44.55 82.15 -28.11
CA SER D 385 -45.59 82.94 -28.77
C SER D 385 -46.16 82.16 -29.95
N GLY D 386 -46.46 80.89 -29.72
CA GLY D 386 -46.93 80.02 -30.77
C GLY D 386 -45.80 79.15 -31.31
N LYS D 387 -45.59 79.19 -32.63
CA LYS D 387 -44.48 78.46 -33.23
C LYS D 387 -43.15 79.13 -32.97
N THR D 388 -43.14 80.37 -32.50
CA THR D 388 -41.91 81.11 -32.28
C THR D 388 -41.48 81.00 -30.82
N TYR D 389 -40.22 80.65 -30.60
CA TYR D 389 -39.64 80.59 -29.27
C TYR D 389 -38.40 81.48 -29.23
N THR D 390 -38.37 82.43 -28.30
CA THR D 390 -37.25 83.34 -28.14
C THR D 390 -36.42 82.90 -26.94
N LEU D 391 -35.13 82.69 -27.16
CA LEU D 391 -34.24 82.19 -26.12
C LEU D 391 -33.08 83.16 -25.92
N GLY D 392 -32.77 83.46 -24.66
CA GLY D 392 -31.59 84.22 -24.32
C GLY D 392 -30.45 83.32 -23.89
N GLU D 393 -29.36 83.95 -23.45
CA GLU D 393 -28.20 83.20 -23.00
C GLU D 393 -28.53 82.43 -21.73
N GLY D 394 -28.13 81.17 -21.68
CA GLY D 394 -28.40 80.33 -20.54
C GLY D 394 -29.78 79.70 -20.52
N ALA D 395 -30.62 79.97 -21.51
CA ALA D 395 -31.96 79.43 -21.57
C ALA D 395 -32.03 78.28 -22.57
N SER D 396 -32.89 77.30 -22.26
CA SER D 396 -33.06 76.14 -23.13
C SER D 396 -34.49 75.64 -23.05
N VAL D 397 -34.89 74.93 -24.09
CA VAL D 397 -36.23 74.35 -24.20
C VAL D 397 -36.09 72.90 -24.60
N ILE D 398 -36.91 72.03 -23.99
CA ILE D 398 -36.87 70.59 -24.23
C ILE D 398 -38.16 70.17 -24.89
N PHE D 399 -38.05 69.41 -25.98
CA PHE D 399 -39.21 68.95 -26.74
C PHE D 399 -39.56 67.52 -26.36
N ASN D 400 -40.55 66.97 -27.07
CA ASN D 400 -41.02 65.62 -26.80
C ASN D 400 -40.05 64.58 -27.35
N ARG D 401 -40.39 63.31 -27.18
CA ARG D 401 -39.51 62.23 -27.59
C ARG D 401 -39.45 62.11 -29.11
N LEU D 402 -38.38 61.48 -29.57
CA LEU D 402 -38.18 61.20 -30.99
C LEU D 402 -38.62 59.77 -31.29
N LYS D 403 -38.34 59.31 -32.50
CA LYS D 403 -38.66 57.94 -32.88
C LYS D 403 -37.44 57.27 -33.52
N VAL D 404 -37.64 56.09 -34.10
CA VAL D 404 -36.52 55.37 -34.72
C VAL D 404 -35.95 56.17 -35.88
N HIS D 405 -36.81 56.67 -36.75
CA HIS D 405 -36.42 57.53 -37.85
C HIS D 405 -37.05 58.90 -37.65
N ASN D 406 -36.22 59.94 -37.64
CA ASN D 406 -36.68 61.28 -37.35
C ASN D 406 -36.12 62.27 -38.37
N LYS D 407 -36.91 63.30 -38.66
CA LYS D 407 -36.49 64.42 -39.50
C LYS D 407 -36.94 65.69 -38.81
N ILE D 408 -36.00 66.44 -38.25
CA ILE D 408 -36.28 67.64 -37.48
C ILE D 408 -35.84 68.84 -38.30
N SER D 409 -36.78 69.70 -38.66
CA SER D 409 -36.50 70.88 -39.47
C SER D 409 -36.98 72.12 -38.76
N PHE D 410 -36.12 73.13 -38.67
CA PHE D 410 -36.52 74.40 -38.07
C PHE D 410 -35.61 75.50 -38.58
N THR D 411 -35.96 76.74 -38.21
CA THR D 411 -35.21 77.92 -38.63
C THR D 411 -34.88 78.76 -37.41
N VAL D 412 -33.61 79.14 -37.28
CA VAL D 412 -33.12 79.91 -36.14
C VAL D 412 -32.56 81.23 -36.65
N LYS D 413 -33.07 82.33 -36.11
CA LYS D 413 -32.56 83.66 -36.38
C LYS D 413 -31.80 84.15 -35.15
N THR D 414 -30.54 84.50 -35.33
CA THR D 414 -29.72 84.98 -34.23
C THR D 414 -29.66 86.50 -34.23
N ALA D 415 -29.37 87.06 -33.05
CA ALA D 415 -29.29 88.51 -32.92
C ALA D 415 -28.16 89.08 -33.77
N SER D 416 -27.03 88.39 -33.82
CA SER D 416 -25.86 88.87 -34.55
C SER D 416 -25.10 87.67 -35.10
N ASN D 417 -23.85 87.88 -35.47
CA ASN D 417 -22.99 86.82 -35.99
C ASN D 417 -21.98 86.33 -34.96
N THR D 418 -22.34 86.37 -33.68
CA THR D 418 -21.45 85.91 -32.62
C THR D 418 -22.22 85.12 -31.56
N ASP D 419 -23.25 84.38 -31.96
CA ASP D 419 -24.09 83.64 -31.04
C ASP D 419 -23.68 82.17 -30.98
N ARG D 420 -24.03 81.56 -29.85
CA ARG D 420 -23.74 80.15 -29.58
C ARG D 420 -25.02 79.44 -29.18
N PHE D 421 -25.78 78.98 -30.17
CA PHE D 421 -26.91 78.09 -29.91
C PHE D 421 -26.48 76.65 -30.16
N GLY D 422 -27.33 75.72 -29.75
CA GLY D 422 -26.98 74.32 -29.82
C GLY D 422 -28.19 73.42 -29.78
N ILE D 423 -28.04 72.24 -30.38
CA ILE D 423 -29.06 71.20 -30.38
C ILE D 423 -28.52 70.02 -29.59
N SER D 424 -29.26 69.59 -28.58
CA SER D 424 -28.82 68.54 -27.67
C SER D 424 -29.72 67.32 -27.82
N PHE D 425 -29.11 66.16 -27.98
CA PHE D 425 -29.80 64.88 -28.01
C PHE D 425 -29.41 64.05 -26.78
N VAL D 426 -30.23 63.03 -26.53
CA VAL D 426 -30.19 62.24 -25.31
C VAL D 426 -30.37 63.22 -24.16
N ARG D 427 -31.47 63.96 -24.20
CA ARG D 427 -31.78 64.99 -23.20
C ARG D 427 -33.06 64.60 -22.48
N GLY D 428 -32.99 64.51 -21.16
CA GLY D 428 -34.14 64.19 -20.35
C GLY D 428 -34.16 65.02 -19.08
N THR D 429 -35.26 64.86 -18.33
CA THR D 429 -35.38 65.55 -17.06
C THR D 429 -34.31 65.09 -16.08
N ASP D 430 -34.04 63.79 -16.03
CA ASP D 430 -33.05 63.22 -15.13
C ASP D 430 -31.74 62.87 -15.85
N SER D 431 -31.57 63.31 -17.09
CA SER D 431 -30.35 63.00 -17.83
C SER D 431 -29.16 63.74 -17.22
N ALA D 432 -28.21 62.96 -16.70
CA ALA D 432 -26.99 63.57 -16.16
C ALA D 432 -26.16 64.22 -17.25
N SER D 433 -26.09 63.59 -18.43
CA SER D 433 -25.30 64.11 -19.54
C SER D 433 -26.09 64.00 -20.83
N TRP D 434 -25.88 64.98 -21.71
CA TRP D 434 -26.49 64.99 -23.03
C TRP D 434 -25.42 65.35 -24.05
N TYR D 435 -25.64 64.96 -25.30
CA TYR D 435 -24.65 65.16 -26.36
C TYR D 435 -25.15 66.26 -27.29
N SER D 436 -24.35 67.31 -27.45
CA SER D 436 -24.81 68.53 -28.09
C SER D 436 -23.95 68.88 -29.30
N ILE D 437 -24.58 69.58 -30.24
CA ILE D 437 -23.91 70.21 -31.36
C ILE D 437 -24.14 71.70 -31.21
N HIS D 438 -23.07 72.46 -30.96
CA HIS D 438 -23.15 73.89 -30.77
C HIS D 438 -22.65 74.59 -32.03
N VAL D 439 -23.50 75.43 -32.62
CA VAL D 439 -23.13 76.20 -33.79
C VAL D 439 -22.62 77.55 -33.30
N ASN D 440 -21.30 77.70 -33.26
CA ASN D 440 -20.68 78.94 -32.78
C ASN D 440 -20.43 79.84 -33.97
N ALA D 441 -21.16 80.98 -34.02
CA ALA D 441 -20.96 81.93 -35.11
C ALA D 441 -19.69 82.74 -34.92
N ASP D 442 -19.34 83.07 -33.67
CA ASP D 442 -18.10 83.79 -33.41
C ASP D 442 -16.89 82.98 -33.85
N GLU D 443 -16.87 81.69 -33.54
CA GLU D 443 -15.82 80.81 -34.04
C GLU D 443 -16.05 80.38 -35.48
N GLY D 444 -17.26 80.62 -36.02
CA GLY D 444 -17.54 80.28 -37.40
C GLY D 444 -17.50 78.80 -37.69
N LYS D 445 -18.07 77.98 -36.82
CA LYS D 445 -18.03 76.54 -37.01
C LYS D 445 -19.12 75.90 -36.16
N ALA D 446 -19.12 74.57 -36.12
CA ALA D 446 -19.96 73.79 -35.24
C ALA D 446 -19.09 72.82 -34.47
N ASN D 447 -19.50 72.50 -33.25
CA ASN D 447 -18.73 71.64 -32.37
C ASN D 447 -19.63 70.57 -31.78
N PHE D 448 -19.25 69.30 -31.96
CA PHE D 448 -19.90 68.20 -31.29
C PHE D 448 -19.19 67.94 -29.97
N GLU D 449 -19.93 68.09 -28.87
CA GLU D 449 -19.38 67.95 -27.53
C GLU D 449 -20.34 67.15 -26.68
N LYS D 450 -19.87 66.78 -25.49
CA LYS D 450 -20.68 66.09 -24.49
C LYS D 450 -20.90 67.06 -23.33
N ASP D 451 -22.15 67.33 -23.02
CA ASP D 451 -22.50 68.22 -21.92
C ASP D 451 -22.89 67.40 -20.70
N GLY D 452 -23.22 68.09 -19.62
CA GLY D 452 -23.62 67.43 -18.39
C GLY D 452 -22.55 67.46 -17.32
N ASP D 453 -22.30 66.31 -16.68
CA ASP D 453 -21.33 66.22 -15.60
C ASP D 453 -19.91 66.04 -16.09
N ASP D 454 -19.70 65.89 -17.40
CA ASP D 454 -18.36 65.73 -17.96
C ASP D 454 -17.88 66.94 -18.74
N ALA D 455 -18.77 67.58 -19.51
CA ALA D 455 -18.45 68.78 -20.28
C ALA D 455 -17.23 68.55 -21.16
N LYS D 456 -17.27 67.46 -21.93
CA LYS D 456 -16.14 67.06 -22.76
C LYS D 456 -16.33 67.53 -24.19
N TYR D 457 -15.25 68.02 -24.79
CA TYR D 457 -15.23 68.46 -26.18
C TYR D 457 -14.76 67.31 -27.06
N LEU D 458 -15.54 66.96 -28.07
CA LEU D 458 -15.25 65.80 -28.91
C LEU D 458 -14.59 66.19 -30.24
N PHE D 459 -15.27 66.99 -31.07
CA PHE D 459 -14.65 67.45 -32.31
C PHE D 459 -15.48 68.60 -32.87
N ASP D 460 -15.15 69.03 -34.09
CA ASP D 460 -15.80 70.19 -34.69
C ASP D 460 -15.81 70.06 -36.20
N ASN D 461 -16.31 71.11 -36.86
CA ASN D 461 -16.37 71.20 -38.32
C ASN D 461 -16.62 72.65 -38.69
N LYS D 462 -15.77 73.19 -39.57
CA LYS D 462 -15.91 74.55 -40.02
C LYS D 462 -16.85 74.65 -41.21
N PHE D 463 -17.55 75.77 -41.32
CA PHE D 463 -18.48 76.01 -42.41
C PHE D 463 -18.66 77.52 -42.58
N ASN D 464 -19.45 77.90 -43.58
CA ASN D 464 -19.65 79.30 -43.93
C ASN D 464 -20.80 79.88 -43.12
N ILE D 465 -20.52 80.97 -42.42
CA ILE D 465 -21.54 81.64 -41.60
C ILE D 465 -22.40 82.52 -42.48
N PRO D 466 -23.72 82.36 -42.48
CA PRO D 466 -24.58 83.24 -43.26
C PRO D 466 -24.50 84.68 -42.76
N ALA D 467 -24.62 85.62 -43.70
CA ALA D 467 -24.53 87.04 -43.36
C ALA D 467 -25.82 87.60 -42.80
N ASP D 468 -26.94 86.89 -42.95
CA ASP D 468 -28.24 87.37 -42.48
C ASP D 468 -28.62 86.79 -41.12
N ASN D 469 -27.70 86.06 -40.47
CA ASN D 469 -27.93 85.48 -39.15
C ASN D 469 -29.12 84.51 -39.16
N GLU D 470 -29.33 83.84 -40.29
CA GLU D 470 -30.44 82.90 -40.45
C GLU D 470 -29.87 81.51 -40.71
N TYR D 471 -30.39 80.53 -39.99
CA TYR D 471 -29.93 79.14 -40.09
C TYR D 471 -31.13 78.25 -40.34
N ARG D 472 -31.03 77.38 -41.35
CA ARG D 472 -32.06 76.39 -41.65
C ARG D 472 -31.51 75.03 -41.25
N VAL D 473 -31.93 74.55 -40.08
CA VAL D 473 -31.36 73.34 -39.49
C VAL D 473 -32.28 72.17 -39.83
N THR D 474 -31.70 71.13 -40.44
CA THR D 474 -32.43 69.91 -40.77
C THR D 474 -31.60 68.71 -40.35
N ILE D 475 -32.11 67.94 -39.40
CA ILE D 475 -31.44 66.75 -38.89
C ILE D 475 -32.23 65.53 -39.38
N TYR D 476 -31.54 64.63 -40.07
CA TYR D 476 -32.08 63.34 -40.48
C TYR D 476 -31.40 62.26 -39.65
N SER D 477 -32.16 61.57 -38.82
CA SER D 477 -31.62 60.58 -37.91
C SER D 477 -32.27 59.23 -38.16
N ASP D 478 -31.44 58.20 -38.32
CA ASP D 478 -31.88 56.82 -38.42
C ASP D 478 -31.28 56.06 -37.26
N GLN D 479 -32.13 55.60 -36.34
CA GLN D 479 -31.69 54.89 -35.14
C GLN D 479 -30.65 55.71 -34.39
N SER D 480 -29.36 55.42 -34.62
CA SER D 480 -28.29 56.06 -33.86
C SER D 480 -27.32 56.85 -34.74
N VAL D 481 -27.64 57.07 -36.02
CA VAL D 481 -26.79 57.86 -36.91
C VAL D 481 -27.59 59.06 -37.37
N CYS D 482 -27.08 60.27 -37.11
CA CYS D 482 -27.79 61.49 -37.43
C CYS D 482 -26.92 62.42 -38.25
N VAL D 483 -27.50 63.01 -39.29
CA VAL D 483 -26.81 63.95 -40.16
C VAL D 483 -27.53 65.29 -40.08
N THR D 484 -26.77 66.34 -39.76
CA THR D 484 -27.31 67.68 -39.58
C THR D 484 -26.87 68.54 -40.76
N TYR D 485 -27.82 69.28 -41.33
CA TYR D 485 -27.56 70.18 -42.44
C TYR D 485 -27.93 71.60 -42.02
N ILE D 486 -27.00 72.54 -42.23
CA ILE D 486 -27.17 73.94 -41.86
C ILE D 486 -27.18 74.75 -43.13
N ASN D 487 -28.35 75.31 -43.45
CA ASN D 487 -28.61 76.21 -44.58
C ASN D 487 -27.79 75.84 -45.82
N ASP D 488 -27.81 74.55 -46.14
CA ASP D 488 -27.14 74.02 -47.33
C ASP D 488 -25.67 74.43 -47.38
N GLN D 489 -25.07 74.62 -46.20
CA GLN D 489 -23.69 75.07 -46.13
C GLN D 489 -22.86 74.17 -45.21
N LEU D 490 -23.50 73.54 -44.23
CA LEU D 490 -22.79 72.65 -43.32
C LEU D 490 -23.44 71.28 -43.32
N SER D 491 -22.62 70.24 -43.46
CA SER D 491 -23.04 68.85 -43.28
C SER D 491 -22.24 68.25 -42.13
N PHE D 492 -22.93 67.64 -41.17
CA PHE D 492 -22.30 67.19 -39.93
C PHE D 492 -22.87 65.83 -39.57
N THR D 493 -22.06 64.78 -39.69
CA THR D 493 -22.49 63.44 -39.37
C THR D 493 -22.09 63.10 -37.94
N ASN D 494 -22.97 62.39 -37.24
CA ASN D 494 -22.73 62.04 -35.85
C ASN D 494 -23.29 60.66 -35.56
N ARG D 495 -22.60 59.96 -34.65
CA ARG D 495 -23.06 58.69 -34.09
C ARG D 495 -23.51 58.97 -32.66
N ILE D 496 -24.81 59.01 -32.44
CA ILE D 496 -25.37 59.30 -31.12
C ILE D 496 -26.26 58.12 -30.74
N TYR D 497 -25.75 57.24 -29.90
CA TYR D 497 -26.55 56.16 -29.38
C TYR D 497 -27.60 56.68 -28.41
N GLN D 498 -28.65 55.91 -28.22
CA GLN D 498 -29.77 56.22 -27.34
C GLN D 498 -30.54 57.47 -27.77
N MET D 499 -30.24 58.01 -28.94
CA MET D 499 -30.91 59.24 -29.36
C MET D 499 -32.35 58.98 -29.81
N GLN D 500 -32.65 57.78 -30.28
CA GLN D 500 -34.02 57.45 -30.65
C GLN D 500 -34.88 57.24 -29.40
N LYS D 501 -36.15 57.61 -29.52
CA LYS D 501 -37.10 57.51 -28.42
C LYS D 501 -36.63 58.28 -27.19
N ASN D 502 -35.97 59.41 -27.42
CA ASN D 502 -35.52 60.29 -26.35
C ASN D 502 -35.78 61.73 -26.75
N PRO D 503 -36.04 62.60 -25.78
CA PRO D 503 -36.30 64.01 -26.10
C PRO D 503 -35.06 64.72 -26.59
N TRP D 504 -35.27 65.75 -27.40
CA TRP D 504 -34.22 66.62 -27.88
C TRP D 504 -34.51 68.05 -27.44
N SER D 505 -33.45 68.85 -27.31
CA SER D 505 -33.58 70.19 -26.77
C SER D 505 -32.80 71.19 -27.59
N LEU D 506 -33.23 72.44 -27.51
CA LEU D 506 -32.50 73.58 -28.07
C LEU D 506 -32.01 74.46 -26.93
N CYS D 507 -30.76 74.91 -27.02
CA CYS D 507 -30.15 75.71 -25.96
C CYS D 507 -29.42 76.89 -26.57
N CYS D 508 -29.25 77.93 -25.77
CA CYS D 508 -28.44 79.10 -26.12
C CYS D 508 -27.50 79.39 -24.97
N TYR D 509 -26.29 79.85 -25.30
CA TYR D 509 -25.26 80.01 -24.29
C TYR D 509 -24.74 81.43 -24.16
N LYS D 510 -24.57 82.14 -25.26
CA LYS D 510 -23.98 83.47 -25.16
C LYS D 510 -24.82 84.56 -25.81
N GLY D 511 -25.49 84.27 -26.93
CA GLY D 511 -26.25 85.25 -27.66
C GLY D 511 -27.75 85.15 -27.43
N GLU D 512 -28.50 85.67 -28.40
CA GLU D 512 -29.96 85.62 -28.38
C GLU D 512 -30.43 84.98 -29.68
N ILE D 513 -31.36 84.03 -29.57
CA ILE D 513 -31.83 83.28 -30.73
C ILE D 513 -33.36 83.27 -30.74
N THR D 514 -33.91 83.02 -31.93
CA THR D 514 -35.35 82.91 -32.12
C THR D 514 -35.58 81.74 -33.06
N VAL D 515 -36.22 80.68 -32.56
CA VAL D 515 -36.43 79.46 -33.32
C VAL D 515 -37.89 79.38 -33.73
N SER D 516 -38.14 78.86 -34.94
CA SER D 516 -39.48 78.77 -35.46
C SER D 516 -39.55 77.65 -36.50
N ASP D 517 -40.77 77.36 -36.95
CA ASP D 517 -41.03 76.36 -37.97
C ASP D 517 -40.49 74.99 -37.56
N VAL D 518 -40.63 74.65 -36.29
CA VAL D 518 -40.15 73.36 -35.79
C VAL D 518 -41.11 72.28 -36.26
N GLN D 519 -40.61 71.36 -37.07
CA GLN D 519 -41.40 70.26 -37.60
C GLN D 519 -40.62 68.96 -37.43
N VAL D 520 -41.31 67.92 -36.96
CA VAL D 520 -40.73 66.60 -36.78
C VAL D 520 -41.53 65.62 -37.62
N SER D 521 -40.84 64.89 -38.49
CA SER D 521 -41.46 63.90 -39.36
C SER D 521 -40.85 62.54 -39.11
N THR D 522 -41.70 61.51 -39.11
CA THR D 522 -41.26 60.14 -38.88
C THR D 522 -41.91 59.22 -39.90
N TYR D 523 -41.28 58.07 -40.12
CA TYR D 523 -41.85 57.06 -40.99
C TYR D 523 -41.58 55.66 -40.43
N ASP E 20 -21.10 -28.27 -31.61
CA ASP E 20 -21.11 -28.55 -30.17
C ASP E 20 -20.12 -27.65 -29.45
N ASP E 21 -20.55 -26.45 -29.09
CA ASP E 21 -19.73 -25.49 -28.38
C ASP E 21 -19.86 -25.64 -26.86
N PHE E 22 -20.57 -26.66 -26.40
CA PHE E 22 -20.76 -26.84 -24.96
C PHE E 22 -19.44 -27.07 -24.25
N LEU E 23 -18.56 -27.86 -24.84
CA LEU E 23 -17.27 -28.16 -24.25
C LEU E 23 -16.19 -27.14 -24.60
N ASP E 24 -16.54 -26.10 -25.36
CA ASP E 24 -15.59 -25.07 -25.74
C ASP E 24 -15.96 -23.68 -25.26
N ARG E 25 -17.16 -23.50 -24.68
CA ARG E 25 -17.59 -22.17 -24.28
C ARG E 25 -16.68 -21.59 -23.19
N GLN E 26 -16.24 -22.42 -22.25
CA GLN E 26 -15.46 -21.96 -21.12
C GLN E 26 -13.98 -21.91 -21.47
N VAL E 27 -13.31 -20.84 -21.06
CA VAL E 27 -11.91 -20.60 -21.38
C VAL E 27 -11.18 -20.22 -20.09
N PRO E 28 -9.85 -20.38 -20.07
CA PRO E 28 -9.10 -20.02 -18.87
C PRO E 28 -9.28 -18.55 -18.51
N GLN E 29 -9.31 -18.27 -17.20
CA GLN E 29 -9.61 -16.95 -16.68
C GLN E 29 -8.39 -16.38 -15.97
N GLY E 30 -8.03 -15.14 -16.32
CA GLY E 30 -7.00 -14.43 -15.61
C GLY E 30 -5.59 -14.90 -15.87
N ILE E 31 -5.34 -15.59 -16.98
CA ILE E 31 -4.00 -16.07 -17.33
C ILE E 31 -3.73 -15.73 -18.79
N VAL E 32 -2.45 -15.85 -19.15
CA VAL E 32 -1.99 -15.67 -20.52
C VAL E 32 -1.42 -16.99 -21.00
N THR E 33 -1.83 -17.44 -22.18
CA THR E 33 -1.38 -18.72 -22.70
C THR E 33 0.03 -18.61 -23.28
N GLY E 34 0.62 -19.79 -23.53
CA GLY E 34 1.99 -19.82 -24.02
C GLY E 34 2.13 -19.21 -25.40
N ASP E 35 1.15 -19.42 -26.27
CA ASP E 35 1.22 -18.83 -27.60
C ASP E 35 1.12 -17.32 -27.55
N GLN E 36 0.38 -16.79 -26.57
CA GLN E 36 0.21 -15.35 -26.45
C GLN E 36 1.36 -14.68 -25.73
N ILE E 37 2.07 -15.40 -24.86
CA ILE E 37 3.16 -14.79 -24.10
C ILE E 37 4.34 -14.38 -24.98
N ALA E 38 4.41 -14.86 -26.21
CA ALA E 38 5.48 -14.51 -27.12
C ALA E 38 5.20 -13.23 -27.91
N SER E 39 4.08 -12.57 -27.64
CA SER E 39 3.72 -11.36 -28.35
C SER E 39 4.74 -10.25 -28.06
N PRO E 40 4.98 -9.35 -29.02
CA PRO E 40 6.00 -8.32 -28.81
C PRO E 40 5.70 -7.36 -27.66
N GLU E 41 4.44 -7.25 -27.23
CA GLU E 41 4.10 -6.28 -26.20
C GLU E 41 4.41 -6.77 -24.78
N TYR E 42 4.73 -8.05 -24.61
CA TYR E 42 5.03 -8.61 -23.30
C TYR E 42 6.52 -8.73 -23.02
N VAL E 43 7.36 -8.24 -23.92
CA VAL E 43 8.80 -8.41 -23.77
C VAL E 43 9.32 -7.63 -22.55
N ASP E 44 8.85 -6.39 -22.39
CA ASP E 44 9.27 -5.60 -21.23
C ASP E 44 8.75 -6.22 -19.94
N ASN E 45 7.55 -6.78 -19.99
CA ASN E 45 7.01 -7.47 -18.82
C ASN E 45 7.87 -8.67 -18.44
N LEU E 46 8.32 -9.44 -19.43
CA LEU E 46 9.19 -10.57 -19.16
C LEU E 46 10.54 -10.12 -18.61
N VAL E 47 11.05 -9.00 -19.13
CA VAL E 47 12.29 -8.44 -18.61
C VAL E 47 12.15 -8.08 -17.15
N ILE E 48 11.03 -7.43 -16.80
CA ILE E 48 10.79 -7.06 -15.41
C ILE E 48 10.64 -8.29 -14.54
N SER E 49 10.03 -9.35 -15.08
CA SER E 49 9.90 -10.60 -14.32
C SER E 49 11.26 -11.19 -14.02
N ALA E 50 12.14 -11.22 -15.03
CA ALA E 50 13.48 -11.77 -14.82
C ALA E 50 14.27 -10.94 -13.83
N TYR E 51 14.08 -9.62 -13.84
CA TYR E 51 14.72 -8.80 -12.81
C TYR E 51 14.15 -9.11 -11.42
N ALA E 52 12.84 -9.27 -11.33
CA ALA E 52 12.18 -9.35 -10.02
C ALA E 52 12.33 -10.70 -9.35
N ILE E 53 12.72 -11.74 -10.10
CA ILE E 53 12.97 -13.02 -9.44
C ILE E 53 14.07 -12.90 -8.40
N TRP E 54 15.01 -11.98 -8.59
CA TRP E 54 16.13 -11.83 -7.68
C TRP E 54 15.74 -11.15 -6.37
N ALA E 55 14.57 -10.52 -6.32
CA ALA E 55 14.08 -9.93 -5.09
C ALA E 55 12.89 -10.66 -4.49
N THR E 56 12.17 -11.46 -5.28
CA THR E 56 10.99 -12.16 -4.79
C THR E 56 11.12 -13.67 -4.80
N GLY E 57 12.20 -14.22 -5.34
CA GLY E 57 12.32 -15.67 -5.47
C GLY E 57 13.21 -16.31 -4.43
N ASP E 58 13.48 -15.61 -3.34
CA ASP E 58 14.36 -16.11 -2.29
C ASP E 58 13.59 -16.30 -0.99
N ASP E 59 14.05 -17.25 -0.18
CA ASP E 59 13.44 -17.61 1.08
C ASP E 59 14.36 -17.20 2.22
N ILE E 60 13.86 -17.35 3.44
CA ILE E 60 14.69 -17.07 4.62
C ILE E 60 15.85 -18.03 4.70
N ASN E 61 15.60 -19.32 4.43
CA ASN E 61 16.64 -20.33 4.49
C ASN E 61 17.45 -20.44 3.21
N SER E 62 17.00 -19.84 2.12
CA SER E 62 17.71 -19.87 0.85
C SER E 62 17.70 -18.45 0.28
N SER E 63 18.71 -17.66 0.66
CA SER E 63 18.84 -16.30 0.17
C SER E 63 19.96 -16.22 -0.86
N PHE E 64 19.76 -15.35 -1.85
CA PHE E 64 20.74 -15.20 -2.91
C PHE E 64 22.03 -14.53 -2.46
N SER E 65 22.06 -14.00 -1.23
CA SER E 65 23.32 -13.53 -0.66
C SER E 65 24.19 -14.69 -0.20
N LEU E 66 23.62 -15.89 -0.06
CA LEU E 66 24.33 -17.10 0.31
C LEU E 66 24.94 -17.03 1.71
N TRP E 67 24.38 -16.19 2.58
CA TRP E 67 24.86 -16.16 3.96
C TRP E 67 24.55 -17.47 4.67
N ASN E 68 23.50 -18.17 4.26
CA ASN E 68 23.18 -19.46 4.87
C ASN E 68 24.30 -20.45 4.63
N TYR E 69 24.87 -20.45 3.42
CA TYR E 69 25.92 -21.39 3.07
C TYR E 69 27.32 -20.82 3.30
N ASP E 70 27.43 -19.57 3.72
CA ASP E 70 28.71 -19.01 4.13
C ASP E 70 29.04 -19.27 5.59
N VAL E 71 28.14 -19.90 6.35
CA VAL E 71 28.43 -20.20 7.74
C VAL E 71 29.53 -21.23 7.87
N ARG E 72 29.86 -21.94 6.78
CA ARG E 72 30.96 -22.90 6.82
C ARG E 72 32.30 -22.23 7.06
N SER E 73 32.42 -20.94 6.76
CA SER E 73 33.67 -20.22 6.90
C SER E 73 33.91 -19.88 8.37
N ASP E 74 35.01 -19.16 8.61
CA ASP E 74 35.38 -18.71 9.95
C ASP E 74 34.83 -17.33 10.28
N ASP E 75 34.08 -16.72 9.35
CA ASP E 75 33.60 -15.36 9.59
C ASP E 75 32.47 -15.33 10.61
N CYS E 76 31.56 -16.30 10.55
CA CYS E 76 30.34 -16.21 11.34
C CYS E 76 29.89 -17.61 11.76
N TYR E 77 29.12 -17.65 12.85
CA TYR E 77 28.42 -18.86 13.24
C TYR E 77 27.03 -18.88 12.62
N LYS E 78 26.20 -19.79 13.07
CA LYS E 78 24.78 -19.82 12.74
C LYS E 78 23.98 -19.50 14.00
N GLY E 79 23.11 -18.52 13.93
CA GLY E 79 22.37 -18.10 15.11
C GLY E 79 21.24 -19.04 15.47
N GLY E 80 20.13 -18.49 15.93
CA GLY E 80 18.98 -19.28 16.29
C GLY E 80 19.02 -19.75 17.73
N SER E 81 17.99 -20.53 18.09
CA SER E 81 17.89 -21.02 19.46
C SER E 81 19.04 -21.97 19.79
N GLY E 82 19.39 -22.84 18.87
CA GLY E 82 20.44 -23.81 19.14
C GLY E 82 20.88 -24.52 17.88
N THR E 83 21.60 -25.62 18.08
CA THR E 83 22.10 -26.40 16.95
C THR E 83 20.95 -27.02 16.16
N GLU E 84 19.92 -27.49 16.85
CA GLU E 84 18.80 -28.13 16.16
C GLU E 84 18.00 -27.15 15.32
N ASP E 85 18.11 -25.85 15.57
CA ASP E 85 17.42 -24.84 14.77
C ASP E 85 18.13 -24.72 13.44
N GLY E 86 17.58 -25.39 12.42
CA GLY E 86 18.27 -25.49 11.15
C GLY E 86 19.38 -26.52 11.22
N GLY E 87 19.02 -27.78 11.48
CA GLY E 87 20.02 -28.79 11.72
C GLY E 87 20.92 -29.04 10.51
N VAL E 88 20.36 -28.94 9.30
CA VAL E 88 21.16 -29.14 8.10
C VAL E 88 22.22 -28.06 8.00
N PHE E 89 21.88 -26.82 8.36
CA PHE E 89 22.86 -25.75 8.32
C PHE E 89 23.91 -25.91 9.40
N ASN E 90 23.54 -26.44 10.56
CA ASN E 90 24.54 -26.79 11.57
C ASN E 90 25.48 -27.86 11.06
N ALA E 91 24.94 -28.85 10.33
CA ALA E 91 25.79 -29.86 9.73
C ALA E 91 26.75 -29.25 8.73
N LEU E 92 26.27 -28.30 7.92
CA LEU E 92 27.16 -27.61 6.99
C LEU E 92 28.24 -26.83 7.73
N GLU E 93 27.86 -26.16 8.81
CA GLU E 93 28.82 -25.34 9.56
C GLU E 93 29.91 -26.19 10.18
N ILE E 94 29.54 -27.33 10.77
CA ILE E 94 30.53 -28.20 11.40
C ILE E 94 31.19 -29.14 10.41
N SER E 95 30.73 -29.16 9.15
CA SER E 95 31.32 -29.99 8.09
C SER E 95 31.25 -31.47 8.44
N LYS E 96 30.28 -31.87 9.26
CA LYS E 96 30.09 -33.25 9.64
C LYS E 96 28.61 -33.60 9.53
N GLY E 97 28.34 -34.84 9.12
CA GLY E 97 26.97 -35.28 8.98
C GLY E 97 26.18 -34.56 7.90
N ILE E 98 26.81 -34.27 6.77
CA ILE E 98 26.14 -33.63 5.64
C ILE E 98 25.69 -34.72 4.68
N ASN E 99 24.41 -34.69 4.32
CA ASN E 99 23.82 -35.69 3.45
C ASN E 99 23.52 -35.07 2.10
N THR E 100 23.61 -35.89 1.05
CA THR E 100 23.24 -35.41 -0.27
C THR E 100 21.74 -35.14 -0.39
N THR E 101 20.95 -35.68 0.53
CA THR E 101 19.51 -35.45 0.54
C THR E 101 19.16 -34.36 1.55
N ASP E 102 19.65 -33.15 1.29
CA ASP E 102 19.37 -32.00 2.13
C ASP E 102 18.37 -31.08 1.44
N TRP E 103 17.31 -30.74 2.17
CA TRP E 103 16.27 -29.88 1.61
C TRP E 103 16.83 -28.51 1.25
N ASN E 104 17.77 -28.00 2.05
CA ASN E 104 18.36 -26.70 1.75
C ASN E 104 19.16 -26.73 0.45
N ILE E 105 19.95 -27.79 0.24
CA ILE E 105 20.72 -27.91 -0.98
C ILE E 105 19.79 -28.01 -2.19
N ASN E 106 18.78 -28.87 -2.10
CA ASN E 106 17.82 -28.99 -3.19
C ASN E 106 17.11 -27.67 -3.45
N ASP E 107 16.76 -26.95 -2.38
CA ASP E 107 16.05 -25.70 -2.53
C ASP E 107 16.90 -24.65 -3.24
N ILE E 108 18.17 -24.51 -2.84
CA ILE E 108 19.00 -23.49 -3.47
C ILE E 108 19.25 -23.83 -4.93
N TRP E 109 19.46 -25.12 -5.23
CA TRP E 109 19.59 -25.54 -6.62
C TRP E 109 18.36 -25.15 -7.43
N LYS E 110 17.17 -25.48 -6.92
CA LYS E 110 15.94 -25.23 -7.65
C LYS E 110 15.72 -23.73 -7.83
N ARG E 111 16.00 -22.93 -6.80
CA ARG E 111 15.73 -21.49 -6.91
C ARG E 111 16.67 -20.82 -7.91
N LEU E 112 17.95 -21.16 -7.88
CA LEU E 112 18.87 -20.57 -8.84
C LEU E 112 18.48 -20.97 -10.26
N TYR E 113 18.05 -22.22 -10.45
CA TYR E 113 17.65 -22.60 -11.80
C TYR E 113 16.31 -21.97 -12.19
N GLN E 114 15.46 -21.63 -11.23
CA GLN E 114 14.26 -20.86 -11.54
C GLN E 114 14.62 -19.46 -12.05
N CYS E 115 15.60 -18.82 -11.42
CA CYS E 115 16.07 -17.53 -11.92
C CYS E 115 16.60 -17.68 -13.36
N ILE E 116 17.38 -18.73 -13.60
CA ILE E 116 17.87 -18.99 -14.95
C ILE E 116 16.71 -19.17 -15.93
N THR E 117 15.65 -19.86 -15.49
CA THR E 117 14.51 -20.11 -16.37
C THR E 117 13.80 -18.81 -16.75
N ARG E 118 13.60 -17.92 -15.78
CA ARG E 118 12.98 -16.64 -16.11
C ARG E 118 13.85 -15.84 -17.09
N ALA E 119 15.16 -15.82 -16.86
CA ALA E 119 16.04 -15.11 -17.78
C ALA E 119 15.98 -15.72 -19.17
N ASN E 120 15.93 -17.05 -19.26
CA ASN E 120 15.88 -17.72 -20.56
C ASN E 120 14.57 -17.43 -21.27
N THR E 121 13.45 -17.38 -20.54
CA THR E 121 12.18 -17.03 -21.16
C THR E 121 12.22 -15.62 -21.73
N ALA E 122 12.78 -14.68 -20.97
CA ALA E 122 12.91 -13.32 -21.48
C ALA E 122 13.79 -13.27 -22.71
N LEU E 123 14.89 -14.02 -22.71
CA LEU E 123 15.78 -14.05 -23.87
C LEU E 123 15.08 -14.64 -25.09
N GLN E 124 14.31 -15.71 -24.90
CA GLN E 124 13.60 -16.32 -26.02
C GLN E 124 12.58 -15.35 -26.61
N SER E 125 11.87 -14.62 -25.75
CA SER E 125 10.94 -13.62 -26.26
C SER E 125 11.67 -12.51 -27.01
N LEU E 126 12.82 -12.07 -26.47
CA LEU E 126 13.57 -10.98 -27.10
C LEU E 126 14.10 -11.39 -28.47
N ASP E 127 14.56 -12.63 -28.61
CA ASP E 127 15.22 -13.06 -29.84
C ASP E 127 14.30 -13.01 -31.04
N GLN E 128 12.98 -12.97 -30.84
CA GLN E 128 12.01 -12.98 -31.92
C GLN E 128 11.43 -11.58 -32.18
N MET E 129 12.24 -10.54 -32.06
CA MET E 129 11.78 -9.18 -32.28
C MET E 129 12.65 -8.49 -33.31
N ASP E 130 12.07 -7.47 -33.95
CA ASP E 130 12.73 -6.74 -35.01
C ASP E 130 13.62 -5.65 -34.44
N GLU E 131 14.80 -5.50 -35.03
CA GLU E 131 15.81 -4.61 -34.46
C GLU E 131 15.36 -3.15 -34.50
N LYS E 132 14.91 -2.68 -35.66
CA LYS E 132 14.50 -1.28 -35.76
C LYS E 132 13.16 -1.02 -35.07
N THR E 133 12.33 -2.06 -34.90
CA THR E 133 11.10 -1.89 -34.14
C THR E 133 11.38 -1.79 -32.65
N TYR E 134 12.38 -2.51 -32.15
CA TYR E 134 12.78 -2.48 -30.75
C TYR E 134 14.23 -2.02 -30.68
N PRO E 135 14.48 -0.70 -30.60
CA PRO E 135 15.87 -0.22 -30.62
C PRO E 135 16.72 -0.74 -29.48
N LEU E 136 16.13 -0.96 -28.30
CA LEU E 136 16.87 -1.43 -27.13
C LEU E 136 16.95 -2.95 -27.06
N LYS E 137 16.78 -3.64 -28.18
CA LYS E 137 16.77 -5.10 -28.18
C LYS E 137 18.12 -5.64 -27.69
N ASN E 138 19.21 -5.09 -28.22
CA ASN E 138 20.53 -5.57 -27.82
C ASN E 138 20.81 -5.28 -26.35
N GLN E 139 20.39 -4.12 -25.86
CA GLN E 139 20.60 -3.81 -24.45
C GLN E 139 19.81 -4.75 -23.55
N ARG E 140 18.55 -5.04 -23.90
CA ARG E 140 17.76 -5.96 -23.10
C ARG E 140 18.34 -7.37 -23.13
N ILE E 141 18.80 -7.80 -24.32
CA ILE E 141 19.43 -9.11 -24.42
C ILE E 141 20.69 -9.17 -23.57
N ALA E 142 21.47 -8.09 -23.57
CA ALA E 142 22.67 -8.05 -22.74
C ALA E 142 22.33 -8.14 -21.26
N GLU E 143 21.28 -7.43 -20.83
CA GLU E 143 20.87 -7.50 -19.43
C GLU E 143 20.43 -8.90 -19.05
N MET E 144 19.66 -9.55 -19.92
CA MET E 144 19.22 -10.91 -19.63
C MET E 144 20.38 -11.88 -19.58
N ARG E 145 21.34 -11.74 -20.50
CA ARG E 145 22.53 -12.58 -20.46
C ARG E 145 23.32 -12.34 -19.18
N PHE E 146 23.37 -11.08 -18.74
CA PHE E 146 24.05 -10.75 -17.49
C PHE E 146 23.40 -11.45 -16.30
N LEU E 147 22.06 -11.40 -16.23
CA LEU E 147 21.36 -12.06 -15.13
C LEU E 147 21.58 -13.58 -15.17
N ARG E 148 21.47 -14.16 -16.35
CA ARG E 148 21.67 -15.60 -16.49
C ARG E 148 23.09 -15.99 -16.08
N GLY E 149 24.08 -15.20 -16.50
CA GLY E 149 25.44 -15.47 -16.10
C GLY E 149 25.66 -15.32 -14.61
N HIS E 150 25.00 -14.34 -14.00
CA HIS E 150 25.11 -14.18 -12.55
C HIS E 150 24.58 -15.42 -11.83
N ALA E 151 23.42 -15.91 -12.25
CA ALA E 151 22.88 -17.13 -11.64
C ALA E 151 23.79 -18.31 -11.87
N HIS E 152 24.34 -18.44 -13.08
CA HIS E 152 25.25 -19.55 -13.37
C HIS E 152 26.52 -19.45 -12.54
N PHE E 153 27.05 -18.24 -12.35
CA PHE E 153 28.22 -18.04 -11.52
C PHE E 153 27.96 -18.44 -10.08
N MET E 154 26.81 -18.06 -9.55
CA MET E 154 26.47 -18.43 -8.18
C MET E 154 26.32 -19.95 -8.05
N LEU E 155 25.69 -20.58 -9.05
CA LEU E 155 25.57 -22.03 -9.04
C LEU E 155 26.94 -22.69 -9.12
N LYS E 156 27.85 -22.15 -9.92
CA LYS E 156 29.17 -22.72 -10.05
C LYS E 156 29.96 -22.57 -8.76
N GLN E 157 29.78 -21.45 -8.06
CA GLN E 157 30.42 -21.28 -6.76
C GLN E 157 29.92 -22.32 -5.76
N LEU E 158 28.60 -22.51 -5.70
CA LEU E 158 28.05 -23.45 -4.72
C LEU E 158 28.40 -24.89 -5.07
N PHE E 159 28.18 -25.28 -6.33
CA PHE E 159 28.40 -26.64 -6.80
C PHE E 159 29.44 -26.59 -7.90
N LYS E 160 30.46 -27.45 -7.81
CA LYS E 160 31.49 -27.45 -8.83
C LYS E 160 30.94 -27.84 -10.19
N LYS E 161 30.12 -28.89 -10.23
CA LYS E 161 29.57 -29.42 -11.47
C LYS E 161 28.12 -28.97 -11.59
N ILE E 162 27.84 -28.11 -12.58
CA ILE E 162 26.50 -27.57 -12.78
C ILE E 162 26.13 -27.73 -14.26
N VAL E 163 24.84 -27.64 -14.51
CA VAL E 163 24.31 -27.70 -15.87
C VAL E 163 24.25 -26.29 -16.43
N ILE E 164 24.89 -26.09 -17.59
CA ILE E 164 24.91 -24.79 -18.24
C ILE E 164 23.70 -24.71 -19.16
N VAL E 165 22.66 -24.03 -18.71
CA VAL E 165 21.45 -23.83 -19.50
C VAL E 165 21.58 -22.46 -20.16
N ASN E 166 22.18 -22.44 -21.35
CA ASN E 166 22.40 -21.20 -22.09
C ASN E 166 21.73 -21.22 -23.45
N ASP E 167 20.73 -22.07 -23.65
CA ASP E 167 19.98 -22.16 -24.90
C ASP E 167 18.54 -21.76 -24.61
N GLU E 168 18.19 -20.51 -24.94
CA GLU E 168 16.83 -20.05 -24.69
C GLU E 168 15.83 -20.72 -25.60
N ASN E 169 16.20 -20.96 -26.86
CA ASN E 169 15.30 -21.59 -27.83
C ASN E 169 15.44 -23.12 -27.74
N MET E 170 15.08 -23.64 -26.58
CA MET E 170 15.22 -25.06 -26.28
C MET E 170 13.92 -25.58 -25.71
N GLU E 171 13.43 -26.69 -26.27
CA GLU E 171 12.14 -27.22 -25.87
C GLU E 171 12.21 -27.77 -24.44
N PRO E 172 11.09 -27.70 -23.71
CA PRO E 172 11.08 -28.26 -22.34
C PRO E 172 11.38 -29.74 -22.29
N ASP E 173 10.98 -30.50 -23.32
CA ASP E 173 11.21 -31.94 -23.31
C ASP E 173 12.68 -32.30 -23.43
N ALA E 174 13.51 -31.40 -23.97
CA ALA E 174 14.93 -31.68 -24.11
C ALA E 174 15.72 -31.45 -22.85
N TYR E 175 15.11 -30.89 -21.80
CA TYR E 175 15.84 -30.62 -20.57
C TYR E 175 16.25 -31.90 -19.85
N ASN E 176 15.52 -32.99 -20.07
CA ASN E 176 15.87 -34.26 -19.42
C ASN E 176 17.19 -34.82 -19.92
N GLU E 177 17.64 -34.41 -21.10
CA GLU E 177 18.90 -34.89 -21.65
C GLU E 177 20.10 -34.05 -21.23
N LEU E 178 19.89 -32.94 -20.52
CA LEU E 178 20.99 -32.11 -20.09
C LEU E 178 21.82 -32.83 -19.03
N SER E 179 23.13 -32.63 -19.08
CA SER E 179 24.06 -33.23 -18.13
C SER E 179 25.06 -32.19 -17.66
N ASN E 180 25.56 -32.38 -16.45
CA ASN E 180 26.54 -31.46 -15.87
C ASN E 180 27.97 -31.82 -16.25
N THR E 181 28.19 -32.91 -16.98
CA THR E 181 29.51 -33.30 -17.44
C THR E 181 29.73 -33.04 -18.91
N THR E 182 28.83 -32.30 -19.57
CA THR E 182 29.02 -31.98 -20.97
C THR E 182 30.28 -31.15 -21.18
N TYR E 183 30.54 -30.19 -20.30
CA TYR E 183 31.71 -29.36 -20.35
C TYR E 183 32.58 -29.61 -19.11
N THR E 184 33.89 -29.46 -19.28
CA THR E 184 34.80 -29.58 -18.14
C THR E 184 34.70 -28.33 -17.28
N ASN E 185 35.55 -28.25 -16.26
CA ASN E 185 35.53 -27.10 -15.36
C ASN E 185 35.89 -25.82 -16.11
N ASP E 186 36.98 -25.86 -16.87
CA ASP E 186 37.40 -24.69 -17.63
C ASP E 186 36.38 -24.31 -18.68
N GLU E 187 35.80 -25.31 -19.36
CA GLU E 187 34.78 -25.03 -20.37
C GLU E 187 33.54 -24.40 -19.75
N GLN E 188 33.13 -24.88 -18.59
CA GLN E 188 31.98 -24.28 -17.90
C GLN E 188 32.27 -22.85 -17.49
N TRP E 189 33.48 -22.60 -17.00
CA TRP E 189 33.85 -21.22 -16.65
C TRP E 189 33.83 -20.33 -17.88
N GLN E 190 34.33 -20.83 -19.01
CA GLN E 190 34.29 -20.05 -20.24
C GLN E 190 32.85 -19.77 -20.69
N LYS E 191 31.98 -20.77 -20.57
CA LYS E 191 30.59 -20.58 -20.93
C LYS E 191 29.93 -19.52 -20.04
N ILE E 192 30.25 -19.53 -18.75
CA ILE E 192 29.72 -18.48 -17.87
C ILE E 192 30.25 -17.11 -18.26
N ALA E 193 31.56 -17.03 -18.55
CA ALA E 193 32.17 -15.76 -18.88
C ALA E 193 31.70 -15.21 -20.22
N ASP E 194 31.22 -16.06 -21.12
CA ASP E 194 30.75 -15.59 -22.42
C ASP E 194 29.57 -14.64 -22.27
N ASP E 195 28.65 -14.94 -21.34
CA ASP E 195 27.51 -14.08 -21.13
C ASP E 195 27.93 -12.69 -20.66
N PHE E 196 28.88 -12.62 -19.72
CA PHE E 196 29.38 -11.33 -19.28
C PHE E 196 30.16 -10.61 -20.37
N GLN E 197 30.85 -11.35 -21.23
CA GLN E 197 31.52 -10.71 -22.36
C GLN E 197 30.50 -10.04 -23.27
N PHE E 198 29.41 -10.74 -23.59
CA PHE E 198 28.36 -10.15 -24.40
C PHE E 198 27.73 -8.95 -23.71
N ALA E 199 27.50 -9.06 -22.40
CA ALA E 199 26.89 -7.96 -21.65
C ALA E 199 27.80 -6.74 -21.66
N TYR E 200 29.10 -6.95 -21.48
CA TYR E 200 30.04 -5.83 -21.53
C TYR E 200 30.07 -5.21 -22.92
N ASP E 201 30.00 -6.04 -23.96
CA ASP E 201 30.03 -5.50 -25.32
C ASP E 201 28.78 -4.68 -25.63
N ASN E 202 27.62 -5.11 -25.17
CA ASN E 202 26.36 -4.53 -25.64
C ASN E 202 25.68 -3.60 -24.64
N LEU E 203 26.15 -3.53 -23.40
CA LEU E 203 25.47 -2.69 -22.42
C LEU E 203 25.86 -1.22 -22.57
N PRO E 204 24.98 -0.30 -22.20
CA PRO E 204 25.35 1.12 -22.19
C PRO E 204 26.33 1.43 -21.07
N GLU E 205 27.10 2.50 -21.29
CA GLU E 205 28.08 2.91 -20.29
C GLU E 205 27.41 3.35 -19.00
N VAL E 206 26.31 4.08 -19.11
CA VAL E 206 25.58 4.60 -17.95
C VAL E 206 24.11 4.26 -18.10
N GLN E 207 23.49 3.81 -17.01
CA GLN E 207 22.08 3.46 -17.00
C GLN E 207 21.32 4.47 -16.14
N ILE E 208 20.26 5.05 -16.71
CA ILE E 208 19.44 5.99 -15.96
C ILE E 208 18.69 5.28 -14.84
N GLU E 209 18.27 4.03 -15.09
CA GLU E 209 17.61 3.22 -14.07
C GLU E 209 18.66 2.43 -13.31
N LYS E 210 18.78 2.68 -12.01
CA LYS E 210 19.82 2.06 -11.21
C LYS E 210 19.64 0.54 -11.11
N GLY E 211 18.43 0.04 -11.33
CA GLY E 211 18.22 -1.39 -11.25
C GLY E 211 18.96 -2.16 -12.33
N ARG E 212 18.95 -1.64 -13.55
CA ARG E 212 19.60 -2.33 -14.66
C ARG E 212 21.11 -2.28 -14.49
N PRO E 213 21.82 -3.36 -14.82
CA PRO E 213 23.28 -3.33 -14.78
C PRO E 213 23.84 -2.44 -15.86
N ALA E 214 25.06 -1.97 -15.62
CA ALA E 214 25.79 -1.13 -16.56
C ALA E 214 26.97 -1.88 -17.14
N GLN E 215 27.61 -1.25 -18.12
CA GLN E 215 28.78 -1.86 -18.75
C GLN E 215 29.90 -2.07 -17.73
N ALA E 216 30.07 -1.13 -16.80
CA ALA E 216 31.08 -1.30 -15.76
C ALA E 216 30.77 -2.50 -14.88
N ALA E 217 29.49 -2.67 -14.52
CA ALA E 217 29.11 -3.83 -13.71
C ALA E 217 29.38 -5.12 -14.46
N ALA E 218 29.03 -5.17 -15.74
CA ALA E 218 29.31 -6.37 -16.53
C ALA E 218 30.80 -6.65 -16.60
N ALA E 219 31.61 -5.62 -16.81
CA ALA E 219 33.06 -5.80 -16.88
C ALA E 219 33.62 -6.30 -15.55
N ALA E 220 33.16 -5.72 -14.44
CA ALA E 220 33.64 -6.16 -13.14
C ALA E 220 33.28 -7.62 -12.87
N TYR E 221 32.06 -8.01 -13.22
CA TYR E 221 31.66 -9.38 -12.92
C TYR E 221 32.34 -10.36 -13.87
N LEU E 222 32.63 -9.93 -15.10
CA LEU E 222 33.47 -10.72 -15.99
C LEU E 222 34.87 -10.90 -15.44
N ALA E 223 35.43 -9.84 -14.86
CA ALA E 223 36.74 -9.95 -14.23
C ALA E 223 36.70 -10.94 -13.07
N LYS E 224 35.61 -10.92 -12.30
CA LYS E 224 35.45 -11.90 -11.22
C LYS E 224 35.41 -13.33 -11.77
N THR E 225 34.67 -13.53 -12.87
CA THR E 225 34.59 -14.85 -13.46
C THR E 225 35.95 -15.32 -13.95
N TYR E 226 36.70 -14.43 -14.60
CA TYR E 226 38.02 -14.81 -15.09
C TYR E 226 38.99 -15.07 -13.94
N LEU E 227 38.87 -14.33 -12.83
CA LEU E 227 39.71 -14.60 -11.67
C LEU E 227 39.41 -15.97 -11.09
N TYR E 228 38.13 -16.35 -11.02
CA TYR E 228 37.80 -17.70 -10.56
C TYR E 228 38.29 -18.75 -11.54
N LYS E 229 38.23 -18.45 -12.84
CA LYS E 229 38.72 -19.39 -13.86
C LYS E 229 40.21 -19.58 -13.78
N ALA E 230 40.95 -18.54 -13.36
CA ALA E 230 42.41 -18.62 -13.34
C ALA E 230 42.91 -19.72 -12.43
N TYR E 231 42.31 -19.86 -11.25
CA TYR E 231 42.71 -20.91 -10.32
C TYR E 231 42.18 -22.25 -10.80
N ARG E 232 42.95 -22.93 -11.66
CA ARG E 232 42.48 -24.15 -12.31
C ARG E 232 42.28 -25.27 -11.30
N GLN E 233 41.22 -26.05 -11.51
CA GLN E 233 40.91 -27.18 -10.65
C GLN E 233 40.77 -28.44 -11.49
N ASP E 234 41.72 -28.67 -12.40
CA ASP E 234 41.68 -29.83 -13.26
C ASP E 234 41.89 -31.11 -12.45
N GLY E 235 41.31 -32.20 -12.94
CA GLY E 235 41.37 -33.47 -12.25
C GLY E 235 40.08 -33.77 -11.50
N ALA E 236 39.96 -35.04 -11.09
CA ALA E 236 38.77 -35.46 -10.36
C ALA E 236 38.64 -34.75 -9.03
N ASP E 237 39.73 -34.61 -8.29
CA ASP E 237 39.70 -33.98 -6.98
C ASP E 237 39.54 -32.47 -7.12
N ASN E 238 39.27 -31.82 -6.00
CA ASN E 238 39.06 -30.38 -5.95
C ASN E 238 40.35 -29.62 -5.62
N ALA E 239 41.51 -30.22 -5.87
CA ALA E 239 42.76 -29.58 -5.52
C ALA E 239 43.17 -28.57 -6.57
N LEU E 240 43.82 -27.51 -6.11
CA LEU E 240 44.33 -26.48 -7.02
C LEU E 240 45.48 -27.04 -7.85
N THR E 241 45.50 -26.69 -9.14
CA THR E 241 46.53 -27.21 -10.04
C THR E 241 47.46 -26.14 -10.59
N GLY E 242 47.04 -24.88 -10.64
CA GLY E 242 47.91 -23.84 -11.14
C GLY E 242 47.16 -22.55 -11.33
N ILE E 243 47.86 -21.56 -11.90
CA ILE E 243 47.33 -20.24 -12.15
C ILE E 243 47.48 -19.94 -13.63
N ASN E 244 46.42 -19.44 -14.25
CA ASN E 244 46.40 -19.17 -15.69
C ASN E 244 46.77 -17.71 -15.94
N GLU E 245 47.93 -17.50 -16.57
CA GLU E 245 48.39 -16.14 -16.84
C GLU E 245 47.46 -15.43 -17.83
N GLU E 246 46.93 -16.16 -18.80
CA GLU E 246 45.99 -15.54 -19.73
C GLU E 246 44.73 -15.07 -19.01
N ASP E 247 44.21 -15.87 -18.09
CA ASP E 247 43.04 -15.46 -17.32
C ASP E 247 43.36 -14.26 -16.45
N LEU E 248 44.55 -14.24 -15.84
CA LEU E 248 44.95 -13.09 -15.03
C LEU E 248 45.04 -11.82 -15.88
N LYS E 249 45.60 -11.93 -17.08
CA LYS E 249 45.69 -10.77 -17.97
C LYS E 249 44.30 -10.30 -18.37
N GLN E 250 43.38 -11.24 -18.61
CA GLN E 250 42.01 -10.86 -18.89
C GLN E 250 41.38 -10.12 -17.71
N VAL E 251 41.66 -10.59 -16.49
CA VAL E 251 41.16 -9.93 -15.30
C VAL E 251 41.66 -8.49 -15.25
N VAL E 252 42.96 -8.30 -15.48
CA VAL E 252 43.53 -6.95 -15.45
C VAL E 252 42.90 -6.08 -16.53
N LYS E 253 42.75 -6.63 -17.73
CA LYS E 253 42.17 -5.87 -18.84
C LYS E 253 40.75 -5.42 -18.53
N TYR E 254 39.95 -6.29 -17.94
CA TYR E 254 38.55 -5.94 -17.69
C TYR E 254 38.34 -5.22 -16.36
N THR E 255 39.35 -5.15 -15.51
CA THR E 255 39.27 -4.35 -14.29
C THR E 255 40.00 -3.02 -14.40
N ASP E 256 40.65 -2.76 -15.53
CA ASP E 256 41.28 -1.48 -15.83
C ASP E 256 40.44 -0.30 -15.34
N PRO E 257 41.05 0.69 -14.67
CA PRO E 257 40.26 1.77 -14.05
C PRO E 257 39.53 2.66 -15.04
N LEU E 258 39.90 2.64 -16.33
CA LEU E 258 39.23 3.51 -17.29
C LEU E 258 37.77 3.14 -17.46
N ILE E 259 37.46 1.84 -17.42
CA ILE E 259 36.08 1.40 -17.58
C ILE E 259 35.21 1.93 -16.44
N MET E 260 35.71 1.80 -15.22
CA MET E 260 34.95 2.28 -14.06
C MET E 260 34.88 3.81 -14.04
N ALA E 261 35.93 4.49 -14.52
CA ALA E 261 35.88 5.93 -14.63
C ALA E 261 34.80 6.37 -15.62
N LYS E 262 34.70 5.67 -16.75
CA LYS E 262 33.64 5.96 -17.71
C LYS E 262 32.27 5.69 -17.09
N GLY E 263 32.15 4.62 -16.31
CA GLY E 263 30.91 4.31 -15.64
C GLY E 263 30.59 5.18 -14.45
N GLY E 264 31.55 6.00 -14.00
CA GLY E 264 31.32 6.86 -12.85
C GLY E 264 31.17 6.13 -11.53
N TYR E 265 31.99 5.11 -11.29
CA TYR E 265 31.95 4.34 -10.06
C TYR E 265 33.25 4.54 -9.29
N GLY E 266 33.14 4.61 -7.97
CA GLY E 266 34.31 4.81 -7.13
C GLY E 266 33.99 4.51 -5.69
N LEU E 267 35.03 4.50 -4.87
CA LEU E 267 34.87 4.23 -3.45
C LEU E 267 34.10 5.35 -2.77
N GLU E 268 33.20 4.98 -1.86
CA GLU E 268 32.50 5.96 -1.07
C GLU E 268 33.45 6.63 -0.09
N THR E 269 33.12 7.87 0.29
CA THR E 269 33.94 8.56 1.27
C THR E 269 33.88 7.91 2.64
N ASP E 270 32.83 7.15 2.93
CA ASP E 270 32.67 6.46 4.20
C ASP E 270 32.27 5.01 3.96
N TYR E 271 32.74 4.14 4.85
CA TYR E 271 32.43 2.72 4.72
C TYR E 271 30.96 2.45 4.98
N SER E 272 30.36 3.12 5.96
CA SER E 272 28.99 2.84 6.35
C SER E 272 27.97 3.35 5.34
N MET E 273 28.37 4.20 4.39
CA MET E 273 27.44 4.67 3.38
C MET E 273 26.97 3.53 2.48
N ASN E 274 27.75 2.45 2.37
CA ASN E 274 27.33 1.35 1.53
C ASN E 274 26.16 0.59 2.13
N PHE E 275 26.03 0.60 3.45
CA PHE E 275 25.00 -0.16 4.14
C PHE E 275 23.93 0.71 4.80
N LEU E 276 24.11 2.02 4.81
CA LEU E 276 23.04 2.85 5.33
C LEU E 276 21.95 3.04 4.28
N PRO E 277 20.68 2.94 4.67
CA PRO E 277 19.59 3.10 3.68
C PRO E 277 19.55 4.48 3.05
N GLN E 278 20.07 5.50 3.73
CA GLN E 278 20.00 6.85 3.20
C GLN E 278 20.86 7.05 1.96
N TYR E 279 21.83 6.17 1.73
CA TYR E 279 22.77 6.30 0.62
C TYR E 279 22.68 5.10 -0.32
N GLU E 280 21.46 4.69 -0.64
CA GLU E 280 21.26 3.62 -1.61
C GLU E 280 21.72 4.07 -3.00
N ASN E 281 22.19 3.11 -3.78
CA ASN E 281 22.65 3.36 -5.15
C ASN E 281 23.75 4.41 -5.18
N GLY E 282 24.74 4.23 -4.33
CA GLY E 282 25.86 5.14 -4.24
C GLY E 282 26.90 4.89 -5.32
N ALA E 283 28.02 5.59 -5.19
CA ALA E 283 29.11 5.43 -6.15
C ALA E 283 29.69 4.03 -6.10
N GLU E 284 29.85 3.47 -4.90
CA GLU E 284 30.43 2.14 -4.75
C GLU E 284 29.47 1.03 -5.14
N SER E 285 28.17 1.31 -5.21
CA SER E 285 27.18 0.31 -5.58
C SER E 285 27.24 0.10 -7.09
N VAL E 286 28.18 -0.76 -7.49
CA VAL E 286 28.34 -1.06 -8.91
C VAL E 286 27.07 -1.73 -9.46
N TRP E 287 26.54 -2.68 -8.72
CA TRP E 287 25.25 -3.29 -9.04
C TRP E 287 24.63 -3.80 -7.75
N ALA E 288 23.32 -3.66 -7.64
CA ALA E 288 22.64 -4.04 -6.41
C ALA E 288 21.21 -4.46 -6.72
N ILE E 289 20.78 -5.53 -6.06
CA ILE E 289 19.37 -5.90 -6.07
C ILE E 289 18.59 -4.83 -5.32
N GLN E 290 17.62 -4.24 -6.02
CA GLN E 290 16.83 -3.14 -5.48
C GLN E 290 15.67 -3.69 -4.66
N TYR E 291 15.68 -3.41 -3.37
CA TYR E 291 14.58 -3.76 -2.49
C TYR E 291 13.79 -2.51 -2.15
N SER E 292 12.47 -2.63 -2.18
CA SER E 292 11.60 -1.49 -2.03
C SER E 292 10.57 -1.75 -0.93
N ILE E 293 10.04 -0.67 -0.37
CA ILE E 293 9.04 -0.73 0.68
C ILE E 293 7.78 -0.03 0.16
N ASN E 294 6.64 -0.39 0.76
CA ASN E 294 5.31 0.14 0.49
C ASN E 294 5.10 0.48 -0.98
N ASP E 295 5.42 -0.47 -1.85
CA ASP E 295 5.40 -0.30 -3.30
C ASP E 295 4.16 -0.93 -3.94
N GLY E 296 3.15 -1.28 -3.15
CA GLY E 296 1.91 -1.81 -3.67
C GLY E 296 1.72 -3.29 -3.47
N THR E 297 2.75 -4.04 -3.08
CA THR E 297 2.60 -5.46 -2.84
C THR E 297 2.05 -5.67 -1.43
N TYR E 298 2.04 -6.93 -0.97
CA TYR E 298 1.50 -7.21 0.37
C TYR E 298 2.35 -6.56 1.44
N ASN E 299 3.66 -6.63 1.32
CA ASN E 299 4.55 -6.02 2.30
C ASN E 299 5.74 -5.30 1.68
N GLY E 300 5.80 -5.19 0.36
CA GLY E 300 6.96 -4.62 -0.30
C GLY E 300 7.99 -5.67 -0.66
N ASN E 301 8.80 -5.35 -1.67
CA ASN E 301 9.89 -6.23 -2.08
C ASN E 301 11.04 -6.08 -1.09
N LEU E 302 10.78 -6.51 0.14
CA LEU E 302 11.78 -6.44 1.18
C LEU E 302 12.77 -7.59 1.08
N ASN E 303 13.91 -7.43 1.72
CA ASN E 303 14.97 -8.44 1.71
C ASN E 303 14.59 -9.53 2.70
N TRP E 304 13.78 -10.49 2.24
CA TRP E 304 13.33 -11.56 3.11
C TRP E 304 14.44 -12.57 3.40
N GLY E 305 15.49 -12.59 2.59
CA GLY E 305 16.62 -13.47 2.88
C GLY E 305 17.33 -13.09 4.17
N MET E 306 17.38 -11.81 4.48
CA MET E 306 17.98 -11.32 5.70
C MET E 306 17.02 -11.28 6.87
N GLY E 307 15.80 -11.81 6.68
CA GLY E 307 14.81 -11.77 7.75
C GLY E 307 15.24 -12.52 8.99
N LEU E 308 15.98 -13.61 8.82
CA LEU E 308 16.41 -14.41 9.95
C LEU E 308 17.57 -13.79 10.74
N THR E 309 18.19 -12.73 10.21
CA THR E 309 19.38 -12.18 10.82
C THR E 309 19.11 -11.02 11.78
N THR E 310 17.86 -10.61 11.96
CA THR E 310 17.57 -9.49 12.83
C THR E 310 17.82 -9.87 14.28
N PRO E 311 18.29 -8.94 15.11
CA PRO E 311 18.62 -9.28 16.49
C PRO E 311 17.39 -9.64 17.30
N GLN E 312 17.63 -10.28 18.44
CA GLN E 312 16.54 -10.68 19.32
C GLN E 312 15.79 -9.50 19.89
N ILE E 313 16.37 -8.30 19.87
CA ILE E 313 15.67 -7.13 20.38
C ILE E 313 14.44 -6.82 19.53
N LEU E 314 14.45 -7.24 18.27
CA LEU E 314 13.29 -7.06 17.41
C LEU E 314 12.22 -8.12 17.63
N GLY E 315 12.55 -9.21 18.32
CA GLY E 315 11.55 -10.19 18.69
C GLY E 315 11.89 -11.63 18.43
N CYS E 316 12.58 -11.91 17.33
CA CYS E 316 12.80 -13.30 16.94
C CYS E 316 14.01 -13.39 16.02
N CYS E 317 14.16 -14.53 15.35
CA CYS E 317 15.21 -14.79 14.38
C CYS E 317 16.58 -14.88 15.05
N ASP E 318 17.39 -13.84 14.90
CA ASP E 318 18.73 -13.78 15.49
C ASP E 318 19.63 -14.90 14.96
N PHE E 319 19.90 -14.85 13.66
CA PHE E 319 20.83 -15.74 12.99
C PHE E 319 22.05 -14.96 12.50
N HIS E 320 23.01 -15.70 11.95
CA HIS E 320 24.14 -15.12 11.23
C HIS E 320 25.00 -14.25 12.14
N LYS E 321 25.29 -14.77 13.33
CA LYS E 321 26.11 -14.02 14.28
C LYS E 321 27.57 -14.07 13.85
N PRO E 322 28.27 -12.93 13.88
CA PRO E 322 29.71 -12.95 13.58
C PRO E 322 30.48 -13.70 14.66
N SER E 323 31.78 -13.85 14.42
CA SER E 323 32.62 -14.72 15.22
C SER E 323 33.74 -13.94 15.90
N GLN E 324 34.15 -14.44 17.07
CA GLN E 324 35.27 -13.86 17.78
C GLN E 324 36.54 -13.91 16.95
N ASN E 325 36.67 -14.91 16.08
CA ASN E 325 37.79 -14.92 15.14
C ASN E 325 37.75 -13.72 14.22
N LEU E 326 36.57 -13.36 13.72
CA LEU E 326 36.45 -12.18 12.87
C LEU E 326 36.76 -10.91 13.64
N VAL E 327 36.31 -10.83 14.90
CA VAL E 327 36.62 -9.64 15.70
C VAL E 327 38.12 -9.52 15.92
N ASN E 328 38.78 -10.63 16.25
CA ASN E 328 40.22 -10.61 16.41
C ASN E 328 40.93 -10.25 15.12
N ALA E 329 40.39 -10.68 13.98
CA ALA E 329 40.96 -10.29 12.70
C ALA E 329 40.86 -8.79 12.49
N PHE E 330 39.72 -8.20 12.87
CA PHE E 330 39.58 -6.76 12.78
C PHE E 330 40.56 -6.04 13.70
N LYS E 331 40.89 -6.66 14.83
CA LYS E 331 41.89 -6.08 15.73
C LYS E 331 43.22 -5.89 15.01
N THR E 332 43.85 -4.74 15.25
CA THR E 332 45.12 -4.37 14.61
C THR E 332 46.18 -4.07 15.68
N ASP E 333 47.39 -3.78 15.20
CA ASP E 333 48.53 -3.51 16.07
C ASP E 333 48.70 -2.01 16.28
N SER E 334 49.82 -1.63 16.88
CA SER E 334 50.10 -0.22 17.13
C SER E 334 50.59 0.53 15.90
N GLN E 335 51.00 -0.17 14.86
CA GLN E 335 51.46 0.45 13.62
C GLN E 335 50.37 0.56 12.57
N GLY E 336 49.15 0.14 12.88
CA GLY E 336 48.06 0.19 11.93
C GLY E 336 47.97 -0.99 10.98
N LYS E 337 48.80 -2.01 11.15
CA LYS E 337 48.71 -3.18 10.29
C LYS E 337 48.06 -4.35 11.02
N PRO E 338 47.35 -5.22 10.31
CA PRO E 338 46.74 -6.37 10.96
C PRO E 338 47.78 -7.30 11.55
N LEU E 339 47.44 -7.90 12.69
CA LEU E 339 48.33 -8.86 13.36
C LEU E 339 48.27 -10.16 12.58
N PHE E 340 49.32 -10.44 11.80
CA PHE E 340 49.29 -11.57 10.89
C PHE E 340 49.48 -12.91 11.59
N SER E 341 49.99 -12.92 12.82
CA SER E 341 50.26 -14.18 13.50
C SER E 341 49.74 -14.26 14.93
N THR E 342 49.52 -13.12 15.60
CA THR E 342 49.10 -13.12 17.00
C THR E 342 47.75 -12.45 17.21
N TYR E 343 46.93 -12.37 16.16
CA TYR E 343 45.64 -11.69 16.29
C TYR E 343 44.67 -12.51 17.14
N ASP E 344 44.72 -13.83 17.03
CA ASP E 344 43.77 -14.69 17.70
C ASP E 344 44.27 -15.23 19.04
N ASN E 345 45.45 -14.80 19.49
CA ASN E 345 45.99 -15.28 20.75
C ASN E 345 45.09 -14.86 21.92
N GLU E 346 44.62 -13.62 21.91
CA GLU E 346 43.75 -13.12 22.96
C GLU E 346 42.56 -12.40 22.34
N ASN E 347 41.44 -12.41 23.05
CA ASN E 347 40.25 -11.72 22.59
C ASN E 347 40.49 -10.21 22.53
N TYR E 348 39.81 -9.55 21.60
CA TYR E 348 39.99 -8.13 21.42
C TYR E 348 39.55 -7.38 22.67
N GLU E 349 40.40 -6.45 23.12
CA GLU E 349 40.12 -5.63 24.29
C GLU E 349 39.89 -4.20 23.83
N VAL E 350 38.74 -3.63 24.21
CA VAL E 350 38.37 -2.32 23.71
C VAL E 350 39.28 -1.23 24.28
N ALA E 351 39.79 -1.42 25.49
CA ALA E 351 40.52 -0.36 26.17
C ALA E 351 42.01 -0.35 25.87
N THR E 352 42.57 -1.46 25.39
CA THR E 352 44.01 -1.59 25.22
C THR E 352 44.47 -1.86 23.80
N ASP E 353 43.62 -2.41 22.94
CA ASP E 353 44.04 -2.86 21.62
C ASP E 353 43.57 -1.90 20.55
N ASN E 354 44.47 -1.54 19.64
CA ASN E 354 44.10 -0.75 18.47
C ASN E 354 43.19 -1.59 17.57
N VAL E 355 42.15 -0.95 17.03
CA VAL E 355 41.13 -1.65 16.27
C VAL E 355 40.85 -0.90 14.97
N ASP E 356 40.66 -1.65 13.90
CA ASP E 356 40.23 -1.06 12.64
C ASP E 356 38.83 -0.48 12.78
N PRO E 357 38.59 0.73 12.27
CA PRO E 357 37.23 1.30 12.38
C PRO E 357 36.17 0.53 11.65
N ARG E 358 36.55 -0.35 10.71
CA ARG E 358 35.56 -1.15 9.99
C ARG E 358 34.85 -2.14 10.90
N LEU E 359 35.44 -2.46 12.05
CA LEU E 359 34.79 -3.40 12.96
C LEU E 359 33.49 -2.86 13.50
N PHE E 360 33.44 -1.57 13.79
CA PHE E 360 32.22 -0.98 14.36
C PHE E 360 31.15 -0.72 13.30
N HIS E 361 31.48 -0.87 12.02
CA HIS E 361 30.48 -0.90 10.96
C HIS E 361 30.06 -2.32 10.59
N THR E 362 30.91 -3.31 10.82
CA THR E 362 30.59 -4.69 10.46
C THR E 362 29.90 -5.44 11.59
N VAL E 363 30.46 -5.39 12.79
CA VAL E 363 30.02 -6.20 13.92
C VAL E 363 29.59 -5.28 15.05
N GLY E 364 28.44 -5.59 15.65
CA GLY E 364 27.98 -4.84 16.81
C GLY E 364 28.33 -5.54 18.12
N MET E 365 29.38 -5.06 18.78
CA MET E 365 29.82 -5.65 20.03
C MET E 365 28.92 -5.23 21.19
N PRO E 366 28.84 -6.04 22.24
CA PRO E 366 28.08 -5.63 23.42
C PRO E 366 28.66 -4.38 24.05
N GLY E 367 27.79 -3.55 24.61
CA GLY E 367 28.20 -2.29 25.19
C GLY E 367 28.34 -1.17 24.19
N PHE E 368 27.91 -1.36 22.95
CA PHE E 368 28.02 -0.36 21.91
C PHE E 368 26.67 -0.14 21.25
N PRO E 369 26.43 1.03 20.68
CA PRO E 369 25.14 1.29 20.04
C PRO E 369 24.89 0.33 18.88
N TYR E 370 23.63 -0.07 18.73
CA TYR E 370 23.23 -0.97 17.67
C TYR E 370 22.85 -0.15 16.44
N LYS E 371 23.62 -0.30 15.37
CA LYS E 371 23.41 0.44 14.13
C LYS E 371 23.40 1.94 14.38
N TYR E 372 24.40 2.41 15.15
CA TYR E 372 24.59 3.83 15.43
C TYR E 372 23.36 4.46 16.08
N ASN E 373 22.72 3.71 16.98
CA ASN E 373 21.55 4.19 17.70
C ASN E 373 21.85 4.13 19.20
N GLU E 374 21.92 5.30 19.84
CA GLU E 374 22.23 5.34 21.26
C GLU E 374 21.13 4.76 22.14
N GLY E 375 19.90 4.72 21.63
CA GLY E 375 18.80 4.17 22.41
C GLY E 375 18.76 2.66 22.49
N TYR E 376 19.58 1.97 21.69
CA TYR E 376 19.65 0.52 21.68
C TYR E 376 21.11 0.13 21.86
N ILE E 377 21.52 -0.09 23.10
CA ILE E 377 22.88 -0.48 23.43
C ILE E 377 22.91 -2.00 23.57
N ILE E 378 23.77 -2.65 22.80
CA ILE E 378 23.86 -4.10 22.84
C ILE E 378 24.43 -4.53 24.19
N GLN E 379 23.77 -5.49 24.84
CA GLN E 379 24.19 -5.98 26.13
C GLN E 379 24.41 -7.48 26.06
N LYS E 380 25.29 -7.98 26.93
CA LYS E 380 25.61 -9.41 26.98
C LYS E 380 24.59 -10.17 27.82
N ASN E 381 23.32 -10.00 27.52
CA ASN E 381 22.24 -10.69 28.21
C ASN E 381 21.42 -11.48 27.19
N ASP E 382 20.33 -12.07 27.65
CA ASP E 382 19.50 -12.88 26.77
C ASP E 382 18.58 -12.04 25.89
N ASP E 383 18.38 -10.77 26.21
CA ASP E 383 17.54 -9.91 25.38
C ASP E 383 18.15 -9.67 24.01
N TRP E 384 19.45 -9.96 23.84
CA TRP E 384 20.13 -9.75 22.58
C TRP E 384 20.62 -11.03 21.92
N SER E 385 20.76 -12.11 22.67
CA SER E 385 21.20 -13.40 22.13
C SER E 385 20.10 -14.42 22.36
N ARG E 386 19.63 -15.04 21.28
CA ARG E 386 18.58 -16.04 21.38
C ARG E 386 19.11 -17.37 21.92
N SER E 387 20.38 -17.67 21.70
CA SER E 387 20.95 -18.96 22.01
C SER E 387 21.53 -19.04 23.42
N LYS E 388 21.32 -18.02 24.24
CA LYS E 388 21.79 -18.00 25.63
C LYS E 388 23.31 -18.14 25.69
N GLY E 389 24.01 -17.43 24.81
CA GLY E 389 25.46 -17.42 24.80
C GLY E 389 26.11 -18.58 24.08
N LEU E 390 25.33 -19.51 23.54
CA LEU E 390 25.91 -20.64 22.82
C LEU E 390 26.63 -20.18 21.56
N TYR E 391 26.04 -19.24 20.84
CA TYR E 391 26.64 -18.70 19.62
C TYR E 391 27.23 -17.30 19.83
N GLY E 392 27.56 -16.94 21.06
CA GLY E 392 28.12 -15.64 21.32
C GLY E 392 27.05 -14.57 21.38
N TYR E 393 27.52 -13.32 21.45
CA TYR E 393 26.63 -12.18 21.59
C TYR E 393 26.83 -11.12 20.53
N TYR E 394 27.75 -11.32 19.59
CA TYR E 394 27.98 -10.34 18.54
C TYR E 394 26.83 -10.35 17.53
N VAL E 395 26.52 -9.16 17.01
CA VAL E 395 25.39 -8.97 16.11
C VAL E 395 25.91 -8.37 14.81
N SER E 396 25.54 -8.97 13.68
CA SER E 396 25.90 -8.43 12.39
C SER E 396 25.16 -7.13 12.13
N LEU E 397 25.82 -6.19 11.46
CA LEU E 397 25.25 -4.87 11.22
C LEU E 397 25.15 -4.50 9.75
N LYS E 398 25.87 -5.18 8.86
CA LYS E 398 25.85 -4.79 7.45
C LYS E 398 24.47 -4.98 6.84
N GLU E 399 23.80 -6.09 7.14
CA GLU E 399 22.50 -6.38 6.56
C GLU E 399 21.34 -5.87 7.40
N ASN E 400 21.61 -5.35 8.59
CA ASN E 400 20.56 -4.82 9.46
C ASN E 400 20.45 -3.31 9.29
N VAL E 401 19.34 -2.77 9.78
CA VAL E 401 19.09 -1.33 9.72
C VAL E 401 18.68 -0.85 11.10
N ASP E 402 18.58 0.46 11.23
CA ASP E 402 18.15 1.05 12.49
C ASP E 402 16.71 0.61 12.79
N PRO E 403 16.39 0.31 14.04
CA PRO E 403 15.00 -0.07 14.37
C PRO E 403 14.00 1.04 14.09
N ASP E 404 14.46 2.29 14.00
CA ASP E 404 13.60 3.43 13.71
C ASP E 404 13.82 3.95 12.29
N CYS E 405 14.23 3.07 11.37
CA CYS E 405 14.57 3.50 10.02
C CYS E 405 13.35 3.93 9.22
N ASP E 406 12.20 3.33 9.49
CA ASP E 406 10.98 3.39 8.68
C ASP E 406 11.15 2.63 7.37
N CYS E 407 12.34 2.10 7.09
CA CYS E 407 12.56 1.17 5.99
C CYS E 407 12.41 -0.27 6.43
N LEU E 408 12.07 -0.50 7.70
CA LEU E 408 11.93 -1.81 8.29
C LEU E 408 10.45 -2.14 8.49
N LYS E 409 10.07 -3.37 8.17
CA LYS E 409 8.68 -3.78 8.26
C LYS E 409 8.59 -5.20 8.78
N LYS E 410 7.49 -5.49 9.47
CA LYS E 410 7.24 -6.81 10.07
C LYS E 410 6.22 -7.54 9.23
N GLY E 411 6.68 -8.50 8.43
CA GLY E 411 5.82 -9.31 7.59
C GLY E 411 5.89 -10.77 7.96
N SER E 412 5.83 -11.05 9.26
CA SER E 412 6.14 -12.31 9.92
C SER E 412 7.65 -12.50 10.03
N TYR E 413 8.45 -11.64 9.42
CA TYR E 413 9.89 -11.61 9.59
C TYR E 413 10.35 -10.18 9.37
N TRP E 414 11.12 -9.65 10.32
CA TRP E 414 11.59 -8.27 10.21
C TRP E 414 12.49 -8.11 8.99
N ALA E 415 12.04 -7.34 8.00
CA ALA E 415 12.79 -7.19 6.76
C ALA E 415 12.87 -5.72 6.39
N SER E 416 13.99 -5.34 5.79
CA SER E 416 14.27 -3.96 5.43
C SER E 416 14.30 -3.80 3.92
N SER E 417 14.05 -2.57 3.47
CA SER E 417 14.12 -2.22 2.06
C SER E 417 15.52 -1.84 1.62
N LEU E 418 16.54 -2.23 2.39
CA LEU E 418 17.91 -1.89 2.03
C LEU E 418 18.37 -2.70 0.83
N ASN E 419 18.96 -2.02 -0.14
CA ASN E 419 19.44 -2.68 -1.34
C ASN E 419 20.58 -3.64 -1.02
N HIS E 420 20.68 -4.72 -1.78
CA HIS E 420 21.73 -5.70 -1.59
C HIS E 420 22.79 -5.53 -2.67
N ILE E 421 23.95 -5.03 -2.29
CA ILE E 421 25.01 -4.75 -3.25
C ILE E 421 25.72 -6.06 -3.60
N VAL E 422 25.77 -6.38 -4.90
CA VAL E 422 26.42 -7.60 -5.34
C VAL E 422 27.87 -7.36 -5.72
N ILE E 423 28.14 -6.27 -6.43
CA ILE E 423 29.49 -5.91 -6.86
C ILE E 423 29.84 -4.57 -6.23
N ARG E 424 31.02 -4.51 -5.63
CA ARG E 424 31.50 -3.29 -4.99
C ARG E 424 32.81 -2.85 -5.63
N TYR E 425 33.01 -1.53 -5.68
CA TYR E 425 34.26 -1.02 -6.24
C TYR E 425 35.46 -1.45 -5.41
N ALA E 426 35.26 -1.64 -4.10
CA ALA E 426 36.33 -2.22 -3.28
C ALA E 426 36.65 -3.63 -3.74
N ASP E 427 35.62 -4.41 -4.09
CA ASP E 427 35.86 -5.75 -4.63
C ASP E 427 36.61 -5.67 -5.95
N VAL E 428 36.27 -4.70 -6.79
CA VAL E 428 36.98 -4.54 -8.07
C VAL E 428 38.45 -4.23 -7.82
N LEU E 429 38.73 -3.31 -6.90
CA LEU E 429 40.11 -2.95 -6.61
C LEU E 429 40.90 -4.13 -6.04
N LEU E 430 40.30 -4.86 -5.10
CA LEU E 430 41.00 -6.00 -4.51
C LEU E 430 41.20 -7.11 -5.54
N MET E 431 40.26 -7.27 -6.46
CA MET E 431 40.41 -8.24 -7.54
C MET E 431 41.56 -7.87 -8.45
N ARG E 432 41.67 -6.58 -8.80
CA ARG E 432 42.80 -6.13 -9.60
C ARG E 432 44.12 -6.37 -8.87
N ALA E 433 44.14 -6.10 -7.56
CA ALA E 433 45.33 -6.35 -6.77
C ALA E 433 45.70 -7.83 -6.79
N GLU E 434 44.69 -8.71 -6.66
CA GLU E 434 44.97 -10.14 -6.70
C GLU E 434 45.54 -10.56 -8.04
N ALA E 435 44.98 -10.05 -9.13
CA ALA E 435 45.50 -10.39 -10.45
C ALA E 435 46.93 -9.93 -10.60
N LEU E 436 47.24 -8.71 -10.18
CA LEU E 436 48.60 -8.20 -10.30
C LEU E 436 49.57 -9.00 -9.44
N ILE E 437 49.18 -9.32 -8.22
CA ILE E 437 50.07 -10.06 -7.32
C ILE E 437 50.35 -11.45 -7.87
N GLN E 438 49.31 -12.14 -8.36
CA GLN E 438 49.52 -13.48 -8.90
C GLN E 438 50.31 -13.45 -10.20
N LEU E 439 50.18 -12.39 -11.00
CA LEU E 439 51.02 -12.25 -12.18
C LEU E 439 52.49 -12.07 -11.80
N ASN E 440 52.75 -11.21 -10.81
CA ASN E 440 54.12 -10.94 -10.34
C ASN E 440 55.01 -10.48 -11.50
N ASP E 441 54.49 -9.57 -12.30
CA ASP E 441 55.23 -9.03 -13.45
C ASP E 441 55.77 -7.63 -13.17
N GLY E 442 55.92 -7.26 -11.91
CA GLY E 442 56.43 -5.94 -11.55
C GLY E 442 55.39 -4.94 -11.13
N ARG E 443 54.11 -5.33 -11.05
CA ARG E 443 53.04 -4.44 -10.63
C ARG E 443 52.58 -4.72 -9.20
N ILE E 444 53.43 -5.37 -8.41
CA ILE E 444 53.16 -5.54 -6.99
C ILE E 444 53.02 -4.19 -6.31
N THR E 445 53.78 -3.19 -6.77
CA THR E 445 53.63 -1.84 -6.24
C THR E 445 52.23 -1.30 -6.52
N ASP E 446 51.70 -1.56 -7.72
CA ASP E 446 50.35 -1.13 -8.04
C ASP E 446 49.32 -1.83 -7.16
N ALA E 447 49.52 -3.13 -6.93
CA ALA E 447 48.60 -3.85 -6.03
C ALA E 447 48.65 -3.28 -4.62
N ILE E 448 49.84 -2.97 -4.13
CA ILE E 448 49.97 -2.36 -2.82
C ILE E 448 49.32 -0.98 -2.79
N SER E 449 49.39 -0.26 -3.91
CA SER E 449 48.72 1.04 -3.99
C SER E 449 47.21 0.88 -3.87
N LEU E 450 46.65 -0.14 -4.52
CA LEU E 450 45.21 -0.38 -4.41
C LEU E 450 44.82 -0.75 -2.98
N ILE E 451 45.62 -1.62 -2.35
CA ILE E 451 45.34 -2.01 -0.98
C ILE E 451 45.44 -0.78 -0.06
N ASN E 452 46.40 0.10 -0.32
CA ASN E 452 46.53 1.32 0.45
C ASN E 452 45.35 2.24 0.26
N GLU E 453 44.81 2.27 -0.96
CA GLU E 453 43.60 3.07 -1.21
C GLU E 453 42.44 2.57 -0.36
N VAL E 454 42.26 1.24 -0.33
CA VAL E 454 41.18 0.67 0.49
C VAL E 454 41.41 0.97 1.97
N ARG E 455 42.65 0.82 2.43
CA ARG E 455 42.96 1.09 3.84
C ARG E 455 42.75 2.56 4.18
N SER E 456 43.10 3.47 3.27
CA SER E 456 42.87 4.89 3.53
C SER E 456 41.39 5.20 3.59
N ARG E 457 40.58 4.58 2.74
CA ARG E 457 39.14 4.74 2.84
C ARG E 457 38.65 4.25 4.20
N ALA E 458 39.15 3.11 4.66
CA ALA E 458 38.76 2.60 5.97
C ALA E 458 39.14 3.57 7.08
N ALA E 459 40.35 4.12 7.01
CA ALA E 459 40.81 5.07 8.02
C ALA E 459 39.92 6.30 8.06
N GLY E 460 39.58 6.83 6.89
CA GLY E 460 38.71 8.00 6.84
C GLY E 460 37.28 7.71 7.24
N SER E 461 36.86 6.45 7.16
CA SER E 461 35.47 6.08 7.47
C SER E 461 35.26 6.09 8.98
N THR E 462 35.12 7.29 9.54
CA THR E 462 34.82 7.47 10.96
C THR E 462 33.78 8.56 11.19
N MET E 463 32.85 8.75 10.25
CA MET E 463 31.93 9.88 10.36
C MET E 463 30.87 9.65 11.43
N LEU E 464 30.54 8.39 11.72
CA LEU E 464 29.49 8.08 12.68
C LEU E 464 30.00 7.48 13.98
N ILE E 465 31.30 7.17 14.07
CA ILE E 465 31.87 6.56 15.26
C ILE E 465 33.02 7.39 15.81
N PHE E 466 33.06 8.69 15.49
CA PHE E 466 34.12 9.54 15.98
C PHE E 466 34.03 9.72 17.49
N ASN E 467 32.82 9.80 18.03
CA ASN E 467 32.63 10.00 19.46
C ASN E 467 32.99 8.76 20.28
N TYR E 468 33.24 7.62 19.63
CA TYR E 468 33.56 6.41 20.37
C TYR E 468 34.86 6.56 21.16
N LYS E 469 35.79 7.40 20.68
CA LYS E 469 37.05 7.61 21.39
C LYS E 469 36.80 8.18 22.78
N GLU E 470 35.93 9.18 22.89
CA GLU E 470 35.64 9.80 24.18
C GLU E 470 34.48 9.14 24.90
N ASP E 471 33.77 8.22 24.27
CA ASP E 471 32.62 7.57 24.88
C ASP E 471 32.93 6.19 25.44
N TYR E 472 33.75 5.40 24.75
CA TYR E 472 34.08 4.05 25.21
C TYR E 472 35.57 3.77 25.19
N GLY E 473 36.40 4.78 24.93
CA GLY E 473 37.84 4.57 24.89
C GLY E 473 38.29 3.68 23.76
N VAL E 474 37.75 3.87 22.57
CA VAL E 474 38.10 3.05 21.41
C VAL E 474 39.25 3.72 20.66
N ASN E 475 40.32 2.96 20.43
CA ASN E 475 41.50 3.45 19.74
C ASN E 475 41.46 3.00 18.29
N PHE E 476 41.37 3.96 17.37
CA PHE E 476 41.38 3.68 15.94
C PHE E 476 42.78 3.92 15.41
N LYS E 477 43.39 2.89 14.81
CA LYS E 477 44.74 3.02 14.28
C LYS E 477 44.86 2.06 13.09
N VAL E 478 44.70 2.59 11.89
CA VAL E 478 44.92 1.85 10.65
C VAL E 478 45.67 2.76 9.69
N THR E 479 46.72 2.22 9.08
CA THR E 479 47.59 3.00 8.20
C THR E 479 47.87 2.24 6.91
N PRO E 480 48.07 2.95 5.81
CA PRO E 480 48.41 2.27 4.55
C PRO E 480 49.77 1.61 4.63
N TYR E 481 49.92 0.53 3.87
CA TYR E 481 51.20 -0.17 3.78
C TYR E 481 52.23 0.72 3.09
N ASP E 482 53.48 0.58 3.54
CA ASP E 482 54.57 1.33 2.94
C ASP E 482 54.81 0.86 1.52
N LEU E 483 55.06 1.81 0.62
CA LEU E 483 55.27 1.50 -0.79
C LEU E 483 56.73 1.09 -0.98
N LYS E 484 56.96 -0.21 -1.18
CA LYS E 484 58.30 -0.74 -1.36
C LYS E 484 58.19 -2.11 -2.01
N ALA E 485 59.34 -2.73 -2.26
CA ALA E 485 59.35 -4.07 -2.84
C ALA E 485 58.81 -5.08 -1.84
N TYR E 486 57.92 -5.94 -2.31
CA TYR E 486 57.30 -6.96 -1.47
C TYR E 486 57.39 -8.30 -2.17
N ALA E 487 57.64 -9.36 -1.39
CA ALA E 487 57.64 -10.70 -1.94
C ALA E 487 56.22 -11.12 -2.30
N GLN E 488 56.12 -12.10 -3.20
CA GLN E 488 54.80 -12.53 -3.67
C GLN E 488 53.97 -13.10 -2.53
N ASP E 489 54.56 -13.93 -1.68
CA ASP E 489 53.81 -14.52 -0.58
C ASP E 489 53.38 -13.46 0.43
N GLU E 490 54.27 -12.51 0.73
CA GLU E 490 53.91 -11.44 1.65
C GLU E 490 52.77 -10.59 1.10
N ALA E 491 52.83 -10.25 -0.19
CA ALA E 491 51.76 -9.48 -0.81
C ALA E 491 50.45 -10.26 -0.80
N MET E 492 50.51 -11.56 -1.08
CA MET E 492 49.31 -12.38 -1.05
C MET E 492 48.70 -12.44 0.35
N LYS E 493 49.54 -12.58 1.37
CA LYS E 493 49.02 -12.61 2.74
C LYS E 493 48.38 -11.27 3.10
N MET E 494 49.04 -10.17 2.74
CA MET E 494 48.47 -8.85 3.02
C MET E 494 47.14 -8.65 2.31
N LEU E 495 47.05 -9.10 1.06
CA LEU E 495 45.80 -9.00 0.33
C LEU E 495 44.70 -9.86 0.95
N LYS E 496 45.05 -11.07 1.38
CA LYS E 496 44.06 -11.93 2.03
C LYS E 496 43.53 -11.27 3.29
N TRP E 497 44.42 -10.67 4.08
CA TRP E 497 43.97 -9.98 5.29
C TRP E 497 43.11 -8.78 4.96
N GLU E 498 43.46 -8.04 3.90
CA GLU E 498 42.64 -6.90 3.50
C GLU E 498 41.25 -7.36 3.08
N ARG E 499 41.16 -8.45 2.32
CA ARG E 499 39.86 -9.00 1.93
C ARG E 499 39.07 -9.43 3.15
N ARG E 500 39.73 -10.08 4.11
CA ARG E 500 39.05 -10.55 5.30
C ARG E 500 38.47 -9.38 6.10
N VAL E 501 39.25 -8.32 6.26
CA VAL E 501 38.76 -7.19 7.06
C VAL E 501 37.83 -6.28 6.27
N GLU E 502 37.80 -6.39 4.95
CA GLU E 502 36.91 -5.54 4.15
C GLU E 502 35.55 -6.18 3.93
N PHE E 503 35.53 -7.45 3.49
CA PHE E 503 34.29 -8.14 3.15
C PHE E 503 33.86 -9.13 4.21
N GLY E 504 34.21 -8.88 5.47
CA GLY E 504 33.69 -9.70 6.54
C GLY E 504 32.17 -9.57 6.62
N MET E 505 31.51 -10.69 6.95
CA MET E 505 30.07 -10.79 7.11
C MET E 505 29.32 -10.61 5.78
N GLU E 506 30.04 -10.53 4.66
CA GLU E 506 29.44 -10.27 3.37
C GLU E 506 29.33 -11.53 2.51
N SER E 507 29.55 -12.71 3.09
CA SER E 507 29.26 -14.00 2.46
C SER E 507 30.13 -14.25 1.23
N SER E 508 31.44 -14.07 1.39
CA SER E 508 32.40 -14.45 0.36
C SER E 508 33.65 -15.11 0.92
N ARG E 509 33.78 -15.23 2.24
CA ARG E 509 35.01 -15.75 2.83
C ARG E 509 35.24 -17.20 2.44
N PHE E 510 34.20 -18.03 2.53
CA PHE E 510 34.35 -19.44 2.20
C PHE E 510 34.70 -19.63 0.73
N PHE E 511 34.05 -18.87 -0.15
CA PHE E 511 34.35 -18.98 -1.57
C PHE E 511 35.77 -18.53 -1.88
N ASP E 512 36.23 -17.46 -1.22
CA ASP E 512 37.62 -17.04 -1.39
C ASP E 512 38.58 -18.11 -0.91
N LEU E 513 38.29 -18.74 0.22
CA LEU E 513 39.16 -19.79 0.72
C LEU E 513 39.20 -20.98 -0.24
N VAL E 514 38.04 -21.36 -0.78
CA VAL E 514 37.99 -22.47 -1.73
C VAL E 514 38.78 -22.14 -2.98
N ARG E 515 38.62 -20.92 -3.49
CA ARG E 515 39.36 -20.52 -4.69
C ARG E 515 40.86 -20.52 -4.44
N TRP E 516 41.28 -20.02 -3.28
CA TRP E 516 42.71 -19.98 -2.98
C TRP E 516 43.28 -21.36 -2.68
N GLY E 517 42.46 -22.31 -2.26
CA GLY E 517 42.91 -23.66 -2.00
C GLY E 517 43.35 -23.93 -0.58
N GLU E 518 43.39 -22.91 0.28
CA GLU E 518 43.75 -23.07 1.68
C GLU E 518 42.54 -23.26 2.57
N ALA E 519 41.38 -23.57 1.99
CA ALA E 519 40.15 -23.67 2.76
C ALA E 519 40.24 -24.75 3.83
N LYS E 520 40.79 -25.91 3.49
CA LYS E 520 40.86 -27.01 4.44
C LYS E 520 41.69 -26.62 5.66
N ASP E 521 42.90 -26.12 5.43
CA ASP E 521 43.78 -25.75 6.54
C ASP E 521 43.16 -24.64 7.38
N VAL E 522 42.63 -23.61 6.72
CA VAL E 522 42.06 -22.48 7.46
C VAL E 522 40.88 -22.93 8.31
N ILE E 523 40.00 -23.76 7.73
CA ILE E 523 38.81 -24.20 8.46
C ILE E 523 39.20 -25.10 9.62
N ASN E 524 40.17 -26.00 9.42
CA ASN E 524 40.59 -26.87 10.51
C ASN E 524 41.22 -26.07 11.64
N ALA E 525 42.06 -25.08 11.30
CA ALA E 525 42.65 -24.24 12.33
C ALA E 525 41.58 -23.45 13.07
N TYR E 526 40.59 -22.94 12.35
CA TYR E 526 39.50 -22.21 12.98
C TYR E 526 38.71 -23.10 13.92
N TYR E 527 38.43 -24.34 13.51
CA TYR E 527 37.73 -25.28 14.37
C TYR E 527 38.51 -25.54 15.64
N VAL E 528 39.81 -25.80 15.51
CA VAL E 528 40.62 -26.09 16.68
C VAL E 528 40.67 -24.88 17.62
N THR E 529 40.82 -23.69 17.06
CA THR E 529 40.93 -22.49 17.90
C THR E 529 39.61 -22.19 18.60
N GLU E 530 38.48 -22.33 17.90
CA GLU E 530 37.19 -21.95 18.46
C GLU E 530 36.53 -23.05 19.27
N ALA E 531 37.05 -24.27 19.24
CA ALA E 531 36.49 -25.33 20.07
C ALA E 531 36.65 -25.02 21.56
N SER E 532 37.65 -24.22 21.91
CA SER E 532 37.86 -23.88 23.31
C SER E 532 36.72 -23.01 23.84
N ARG E 533 36.31 -22.00 23.08
CA ARG E 533 35.28 -21.08 23.52
C ARG E 533 33.88 -21.44 23.03
N CYS E 534 33.75 -22.47 22.20
CA CYS E 534 32.45 -22.91 21.73
C CYS E 534 32.43 -24.44 21.68
N SER E 535 31.38 -25.02 22.28
CA SER E 535 31.24 -26.47 22.30
C SER E 535 30.58 -27.03 21.04
N ILE E 536 30.11 -26.15 20.15
CA ILE E 536 29.47 -26.62 18.91
C ILE E 536 30.50 -27.30 18.02
N TYR E 537 31.75 -26.81 18.01
CA TYR E 537 32.80 -27.35 17.18
C TYR E 537 33.55 -28.49 17.84
N LYS E 538 32.95 -29.16 18.81
CA LYS E 538 33.61 -30.27 19.49
C LYS E 538 33.89 -31.42 18.53
N ASN E 539 32.92 -31.74 17.66
CA ASN E 539 33.05 -32.83 16.71
C ASN E 539 33.25 -32.35 15.28
N ALA E 540 33.51 -31.06 15.08
CA ALA E 540 33.65 -30.52 13.74
C ALA E 540 34.93 -31.03 13.08
N GLY E 541 34.85 -31.27 11.77
CA GLY E 541 36.00 -31.73 11.01
C GLY E 541 35.81 -31.53 9.52
N PHE E 542 36.84 -31.00 8.86
CA PHE E 542 36.77 -30.67 7.44
C PHE E 542 37.57 -31.69 6.64
N THR E 543 36.93 -32.26 5.61
CA THR E 543 37.57 -33.25 4.76
C THR E 543 38.29 -32.55 3.61
N GLU E 544 39.44 -33.11 3.23
CA GLU E 544 40.35 -32.42 2.32
C GLU E 544 39.71 -32.16 0.96
N ASN E 545 39.05 -33.17 0.40
CA ASN E 545 38.56 -33.10 -0.98
C ASN E 545 37.06 -33.35 -1.07
N LYS E 546 36.32 -33.18 0.01
CA LYS E 546 34.89 -33.43 0.00
C LYS E 546 34.06 -32.20 0.36
N ASN E 547 34.43 -31.49 1.42
CA ASN E 547 33.55 -30.48 2.00
C ASN E 547 33.74 -29.08 1.44
N GLU E 548 34.60 -28.90 0.43
CA GLU E 548 34.77 -27.58 -0.15
C GLU E 548 33.77 -27.28 -1.25
N TYR E 549 32.86 -28.21 -1.55
CA TYR E 549 31.80 -27.96 -2.52
C TYR E 549 30.56 -28.71 -2.06
N LEU E 550 29.40 -28.07 -2.23
CA LEU E 550 28.15 -28.74 -1.88
C LEU E 550 27.90 -29.93 -2.82
N PRO E 551 27.43 -31.04 -2.29
CA PRO E 551 27.12 -32.18 -3.16
C PRO E 551 25.95 -31.88 -4.08
N VAL E 552 25.99 -32.49 -5.26
CA VAL E 552 24.85 -32.37 -6.17
C VAL E 552 23.65 -33.06 -5.55
N PRO E 553 22.47 -32.44 -5.53
CA PRO E 553 21.34 -33.04 -4.82
C PRO E 553 20.99 -34.43 -5.32
N PHE E 554 20.72 -35.32 -4.36
CA PHE E 554 20.40 -36.70 -4.69
C PHE E 554 19.09 -36.79 -5.45
N GLU E 555 18.13 -35.92 -5.13
CA GLU E 555 16.87 -35.91 -5.86
C GLU E 555 17.09 -35.55 -7.33
N GLN E 556 17.93 -34.54 -7.60
CA GLN E 556 18.22 -34.18 -8.97
C GLN E 556 18.97 -35.30 -9.69
N ILE E 557 19.91 -35.93 -9.01
CA ILE E 557 20.66 -37.02 -9.64
C ILE E 557 19.71 -38.17 -10.00
N SER E 558 18.80 -38.51 -9.08
CA SER E 558 17.84 -39.57 -9.36
C SER E 558 16.89 -39.19 -10.50
N ALA E 559 16.44 -37.94 -10.51
CA ALA E 559 15.52 -37.51 -11.57
C ALA E 559 16.19 -37.57 -12.94
N SER E 560 17.43 -37.10 -13.04
CA SER E 560 18.18 -37.18 -14.29
C SER E 560 19.12 -38.38 -14.19
N ASN E 561 18.55 -39.56 -14.40
CA ASN E 561 19.33 -40.79 -14.24
C ASN E 561 20.42 -40.90 -15.30
N GLY E 562 21.60 -41.31 -14.86
CA GLY E 562 22.72 -41.51 -15.76
C GLY E 562 23.21 -40.24 -16.42
N ASN E 563 22.90 -39.07 -15.87
CA ASN E 563 23.30 -37.81 -16.47
C ASN E 563 24.10 -36.92 -15.52
N TYR E 564 23.80 -36.95 -14.22
CA TYR E 564 24.49 -36.11 -13.25
C TYR E 564 25.48 -36.97 -12.48
N THR E 565 26.70 -36.47 -12.34
CA THR E 565 27.73 -37.15 -11.57
C THR E 565 27.97 -36.38 -10.28
N GLN E 566 27.98 -37.10 -9.16
CA GLN E 566 28.20 -36.48 -7.86
C GLN E 566 29.62 -35.92 -7.78
N ASN E 567 29.79 -34.90 -6.95
CA ASN E 567 31.09 -34.29 -6.76
C ASN E 567 32.05 -35.28 -6.13
N PHE E 568 33.35 -34.98 -6.26
CA PHE E 568 34.37 -35.86 -5.70
C PHE E 568 34.26 -35.93 -4.18
N GLY E 569 34.44 -37.12 -3.63
CA GLY E 569 34.42 -37.32 -2.20
C GLY E 569 33.06 -37.64 -1.62
N TRP E 570 31.99 -37.54 -2.39
CA TRP E 570 30.66 -37.85 -1.89
C TRP E 570 30.19 -39.20 -2.41
N ARG F 118 -32.88 -54.93 -1.31
CA ARG F 118 -33.01 -54.80 -2.76
C ARG F 118 -31.84 -53.96 -3.30
N LYS F 119 -31.01 -54.58 -4.13
CA LYS F 119 -29.88 -53.91 -4.72
C LYS F 119 -30.26 -53.31 -6.07
N ALA F 120 -29.81 -52.07 -6.30
CA ALA F 120 -30.13 -51.39 -7.55
C ALA F 120 -29.53 -52.12 -8.76
N ASP F 121 -28.28 -52.56 -8.64
CA ASP F 121 -27.60 -53.21 -9.76
C ASP F 121 -27.89 -54.72 -9.80
N LEU F 122 -27.91 -55.37 -8.65
CA LEU F 122 -28.28 -56.77 -8.51
C LEU F 122 -27.26 -57.70 -9.13
N THR F 123 -26.22 -57.15 -9.77
CA THR F 123 -25.18 -57.99 -10.37
C THR F 123 -23.79 -57.38 -10.20
N GLY F 124 -23.62 -56.45 -9.26
CA GLY F 124 -22.32 -55.85 -9.02
C GLY F 124 -22.00 -55.70 -7.55
N ALA F 125 -20.93 -54.98 -7.24
CA ALA F 125 -20.50 -54.76 -5.86
C ALA F 125 -21.36 -53.65 -5.26
N VAL F 126 -22.47 -54.05 -4.65
CA VAL F 126 -23.43 -53.13 -4.05
C VAL F 126 -23.50 -53.44 -2.55
N SER F 127 -23.35 -52.41 -1.73
CA SER F 127 -23.49 -52.53 -0.29
C SER F 127 -24.66 -51.68 0.16
N VAL F 128 -25.60 -52.28 0.87
CA VAL F 128 -26.79 -51.58 1.37
C VAL F 128 -26.54 -51.20 2.81
N VAL F 129 -26.68 -49.91 3.12
CA VAL F 129 -26.40 -49.39 4.46
C VAL F 129 -27.72 -49.20 5.18
N LYS F 130 -27.80 -49.64 6.43
CA LYS F 130 -29.02 -49.59 7.21
C LYS F 130 -29.16 -48.19 7.83
N VAL F 131 -30.11 -47.41 7.29
CA VAL F 131 -30.24 -46.02 7.70
C VAL F 131 -30.69 -45.91 9.14
N ASP F 132 -31.43 -46.89 9.65
CA ASP F 132 -31.83 -46.86 11.05
C ASP F 132 -30.61 -46.89 11.97
N GLU F 133 -29.69 -47.83 11.70
CA GLU F 133 -28.46 -47.87 12.49
C GLU F 133 -27.56 -46.68 12.20
N ILE F 134 -27.69 -46.08 11.01
CA ILE F 134 -26.93 -44.87 10.73
C ILE F 134 -27.40 -43.72 11.63
N GLN F 135 -28.72 -43.53 11.71
CA GLN F 135 -29.25 -42.46 12.55
C GLN F 135 -29.17 -42.78 14.03
N LYS F 136 -28.99 -44.06 14.39
CA LYS F 136 -28.79 -44.40 15.80
C LYS F 136 -27.54 -43.73 16.35
N GLN F 137 -26.48 -43.64 15.55
CA GLN F 137 -25.26 -43.01 16.01
C GLN F 137 -25.43 -41.52 16.26
N GLY F 138 -26.40 -40.88 15.61
CA GLY F 138 -26.66 -39.47 15.85
C GLY F 138 -25.55 -38.54 15.45
N GLU F 139 -24.97 -38.74 14.28
CA GLU F 139 -23.90 -37.89 13.77
C GLU F 139 -24.46 -36.91 12.74
N ASN F 140 -23.82 -35.74 12.65
CA ASN F 140 -24.22 -34.75 11.66
C ASN F 140 -24.00 -35.27 10.25
N ASN F 141 -22.89 -35.97 10.02
CA ASN F 141 -22.56 -36.48 8.70
C ASN F 141 -22.88 -37.95 8.62
N PRO F 142 -23.86 -38.36 7.79
CA PRO F 142 -24.12 -39.80 7.63
C PRO F 142 -22.93 -40.56 7.10
N VAL F 143 -22.09 -39.92 6.28
CA VAL F 143 -20.87 -40.57 5.81
C VAL F 143 -19.97 -40.90 6.99
N LYS F 144 -19.79 -39.95 7.91
CA LYS F 144 -19.03 -40.23 9.12
C LYS F 144 -19.70 -41.28 9.98
N ALA F 145 -21.03 -41.31 9.98
CA ALA F 145 -21.74 -42.33 10.75
C ALA F 145 -21.45 -43.73 10.23
N LEU F 146 -21.41 -43.89 8.92
CA LEU F 146 -21.08 -45.19 8.32
C LEU F 146 -19.58 -45.40 8.24
N GLN F 147 -18.88 -45.19 9.36
CA GLN F 147 -17.42 -45.19 9.35
C GLN F 147 -16.87 -46.58 9.04
N GLY F 148 -17.42 -47.62 9.67
CA GLY F 148 -16.87 -48.94 9.48
C GLY F 148 -17.91 -50.00 9.20
N ARG F 149 -19.02 -49.60 8.60
CA ARG F 149 -20.12 -50.51 8.31
C ARG F 149 -20.15 -50.98 6.87
N VAL F 150 -19.18 -50.58 6.05
CA VAL F 150 -19.10 -50.98 4.65
C VAL F 150 -17.75 -51.59 4.39
N PRO F 151 -17.67 -52.84 3.92
CA PRO F 151 -16.36 -53.43 3.62
C PRO F 151 -15.67 -52.69 2.48
N GLY F 152 -14.34 -52.63 2.57
CA GLY F 152 -13.55 -51.96 1.55
C GLY F 152 -13.89 -50.50 1.41
N MET F 153 -14.14 -49.82 2.53
CA MET F 153 -14.50 -48.41 2.50
C MET F 153 -13.96 -47.77 3.76
N ASN F 154 -12.92 -46.96 3.62
CA ASN F 154 -12.24 -46.34 4.75
C ASN F 154 -12.74 -44.91 4.92
N ILE F 155 -13.24 -44.59 6.12
CA ILE F 155 -13.68 -43.25 6.46
C ILE F 155 -12.76 -42.74 7.56
N THR F 156 -12.08 -41.63 7.31
CA THR F 156 -11.21 -41.00 8.29
C THR F 156 -11.81 -39.65 8.67
N ALA F 157 -12.07 -39.47 9.96
CA ALA F 157 -12.67 -38.25 10.47
C ALA F 157 -11.80 -37.70 11.61
N ASP F 158 -11.44 -36.42 11.51
CA ASP F 158 -10.60 -35.82 12.54
C ASP F 158 -11.36 -35.63 13.84
N GLY F 159 -12.65 -35.33 13.77
CA GLY F 159 -13.45 -35.09 14.95
C GLY F 159 -13.87 -33.67 15.18
N ASN F 160 -13.64 -32.76 14.22
CA ASN F 160 -14.04 -31.36 14.31
C ASN F 160 -15.55 -31.26 14.49
N PRO F 161 -16.08 -30.09 14.89
CA PRO F 161 -17.54 -29.97 15.07
C PRO F 161 -18.33 -30.33 13.83
N SER F 162 -17.81 -29.98 12.65
CA SER F 162 -18.45 -30.42 11.42
C SER F 162 -18.21 -31.92 11.21
N GLY F 163 -19.00 -32.51 10.32
CA GLY F 163 -18.87 -33.94 10.08
C GLY F 163 -17.94 -34.26 8.93
N SER F 164 -17.08 -33.30 8.58
CA SER F 164 -16.20 -33.48 7.43
C SER F 164 -15.32 -34.69 7.61
N ALA F 165 -15.22 -35.51 6.55
CA ALA F 165 -14.46 -36.75 6.62
C ALA F 165 -13.92 -37.07 5.23
N THR F 166 -12.91 -37.93 5.20
CA THR F 166 -12.28 -38.37 3.97
C THR F 166 -12.68 -39.82 3.69
N VAL F 167 -13.12 -40.08 2.47
CA VAL F 167 -13.64 -41.38 2.06
C VAL F 167 -12.70 -41.98 1.02
N ARG F 168 -12.31 -43.24 1.22
CA ARG F 168 -11.51 -43.99 0.26
C ARG F 168 -12.18 -45.33 0.03
N ILE F 169 -12.69 -45.54 -1.18
CA ILE F 169 -13.37 -46.78 -1.53
C ILE F 169 -12.40 -47.67 -2.30
N ARG F 170 -12.29 -48.92 -1.85
CA ARG F 170 -11.39 -49.90 -2.47
C ARG F 170 -9.94 -49.43 -2.44
N GLY F 171 -9.56 -48.76 -1.37
CA GLY F 171 -8.21 -48.26 -1.24
C GLY F 171 -7.95 -47.09 -2.18
N ILE F 172 -6.67 -46.78 -2.33
CA ILE F 172 -6.25 -45.71 -3.24
C ILE F 172 -6.17 -46.26 -4.65
N GLY F 173 -6.95 -45.68 -5.55
CA GLY F 173 -7.01 -46.17 -6.90
C GLY F 173 -6.46 -45.23 -7.95
N THR F 174 -6.08 -44.03 -7.54
CA THR F 174 -5.56 -43.05 -8.49
C THR F 174 -4.67 -42.05 -7.75
N LEU F 175 -3.73 -41.48 -8.49
CA LEU F 175 -2.80 -40.51 -7.90
C LEU F 175 -3.44 -39.15 -7.68
N ASN F 176 -4.39 -38.75 -8.54
CA ASN F 176 -5.13 -37.52 -8.34
C ASN F 176 -6.27 -37.74 -7.37
N ASN F 177 -7.23 -36.81 -7.33
CA ASN F 177 -8.30 -36.83 -6.34
C ASN F 177 -8.99 -38.19 -6.29
N ASN F 178 -9.15 -38.72 -5.07
CA ASN F 178 -9.72 -40.04 -4.84
C ASN F 178 -11.10 -40.00 -4.20
N ASP F 179 -11.74 -38.84 -4.16
CA ASP F 179 -13.04 -38.74 -3.52
C ASP F 179 -14.10 -39.49 -4.32
N PRO F 180 -15.05 -40.14 -3.66
CA PRO F 180 -16.12 -40.84 -4.38
C PRO F 180 -17.17 -39.86 -4.88
N LEU F 181 -18.11 -40.38 -5.67
CA LEU F 181 -19.17 -39.58 -6.26
C LEU F 181 -20.46 -39.78 -5.47
N TYR F 182 -20.98 -38.71 -4.89
CA TYR F 182 -22.25 -38.76 -4.19
C TYR F 182 -23.37 -38.40 -5.16
N ILE F 183 -24.41 -39.23 -5.18
CA ILE F 183 -25.59 -39.00 -6.00
C ILE F 183 -26.80 -38.96 -5.08
N ILE F 184 -27.34 -37.77 -4.87
CA ILE F 184 -28.51 -37.57 -4.02
C ILE F 184 -29.69 -37.27 -4.93
N ASP F 185 -30.65 -38.19 -4.97
CA ASP F 185 -31.85 -38.04 -5.78
C ASP F 185 -31.51 -37.84 -7.26
N GLY F 186 -30.49 -38.54 -7.73
CA GLY F 186 -30.12 -38.49 -9.12
C GLY F 186 -29.21 -37.35 -9.53
N VAL F 187 -28.77 -36.52 -8.58
CA VAL F 187 -27.90 -35.38 -8.87
C VAL F 187 -26.50 -35.74 -8.41
N PRO F 188 -25.53 -35.88 -9.31
CA PRO F 188 -24.17 -36.21 -8.89
C PRO F 188 -23.47 -35.01 -8.28
N THR F 189 -22.69 -35.28 -7.23
CA THR F 189 -21.92 -34.23 -6.57
C THR F 189 -20.75 -34.86 -5.84
N LYS F 190 -19.75 -34.04 -5.56
CA LYS F 190 -18.58 -34.47 -4.80
C LYS F 190 -18.40 -33.72 -3.49
N ALA F 191 -19.25 -32.74 -3.21
CA ALA F 191 -19.14 -32.00 -1.97
C ALA F 191 -19.52 -32.89 -0.79
N GLY F 192 -18.94 -32.58 0.38
CA GLY F 192 -19.18 -33.38 1.55
C GLY F 192 -20.62 -33.30 2.01
N MET F 193 -21.07 -34.36 2.68
CA MET F 193 -22.44 -34.44 3.18
C MET F 193 -22.61 -33.82 4.56
N HIS F 194 -21.53 -33.36 5.19
CA HIS F 194 -21.66 -32.71 6.48
C HIS F 194 -22.45 -31.42 6.38
N GLU F 195 -22.54 -30.83 5.20
CA GLU F 195 -23.21 -29.57 4.96
C GLU F 195 -24.65 -29.75 4.49
N LEU F 196 -25.14 -30.98 4.47
CA LEU F 196 -26.53 -31.29 4.16
C LEU F 196 -27.19 -31.93 5.37
N ASN F 197 -28.48 -32.20 5.25
CA ASN F 197 -29.25 -32.84 6.31
C ASN F 197 -29.23 -34.34 6.09
N GLY F 198 -28.76 -35.08 7.09
CA GLY F 198 -28.65 -36.53 7.01
C GLY F 198 -29.74 -37.30 7.71
N ASN F 199 -30.75 -36.64 8.23
CA ASN F 199 -31.83 -37.32 8.94
C ASN F 199 -33.07 -37.50 8.09
N ASP F 200 -32.96 -37.29 6.78
CA ASP F 200 -34.06 -37.45 5.84
C ASP F 200 -33.64 -38.37 4.70
N ILE F 201 -33.03 -39.50 5.03
CA ILE F 201 -32.51 -40.44 4.05
C ILE F 201 -33.28 -41.74 4.16
N GLU F 202 -33.83 -42.21 3.03
CA GLU F 202 -34.45 -43.52 3.00
C GLU F 202 -33.43 -44.64 2.90
N SER F 203 -32.49 -44.53 1.96
CA SER F 203 -31.56 -45.62 1.75
C SER F 203 -30.21 -45.08 1.30
N ILE F 204 -29.17 -45.86 1.59
CA ILE F 204 -27.81 -45.57 1.15
C ILE F 204 -27.25 -46.82 0.49
N GLN F 205 -26.74 -46.68 -0.73
CA GLN F 205 -26.17 -47.79 -1.47
C GLN F 205 -24.78 -47.40 -1.96
N VAL F 206 -23.80 -48.22 -1.64
CA VAL F 206 -22.42 -47.99 -2.05
C VAL F 206 -22.13 -48.92 -3.22
N LEU F 207 -21.92 -48.31 -4.39
CA LEU F 207 -21.54 -49.03 -5.61
C LEU F 207 -20.03 -48.94 -5.73
N LYS F 208 -19.36 -50.07 -5.53
CA LYS F 208 -17.90 -50.11 -5.52
C LYS F 208 -17.31 -50.74 -6.77
N ASP F 209 -18.15 -51.25 -7.67
CA ASP F 209 -17.68 -51.91 -8.88
C ASP F 209 -17.78 -50.93 -10.05
N ALA F 210 -16.75 -50.94 -10.91
CA ALA F 210 -16.77 -50.06 -12.07
C ALA F 210 -17.91 -50.42 -13.01
N ALA F 211 -18.14 -51.72 -13.23
CA ALA F 211 -19.21 -52.14 -14.12
C ALA F 211 -20.58 -51.71 -13.60
N SER F 212 -20.79 -51.84 -12.29
CA SER F 212 -22.09 -51.51 -11.72
C SER F 212 -22.31 -50.00 -11.62
N ALA F 213 -21.26 -49.26 -11.27
CA ALA F 213 -21.38 -47.83 -11.02
C ALA F 213 -21.07 -46.97 -12.24
N SER F 214 -20.71 -47.56 -13.37
CA SER F 214 -20.36 -46.77 -14.54
C SER F 214 -21.57 -46.00 -15.07
N ILE F 215 -22.75 -46.62 -15.04
CA ILE F 215 -23.93 -46.00 -15.63
C ILE F 215 -24.41 -44.80 -14.82
N TYR F 216 -24.00 -44.67 -13.55
CA TYR F 216 -24.46 -43.56 -12.74
C TYR F 216 -23.67 -42.27 -12.95
N GLY F 217 -22.58 -42.31 -13.70
CA GLY F 217 -21.84 -41.10 -13.99
C GLY F 217 -20.48 -41.41 -14.56
N SER F 218 -19.85 -40.36 -15.09
CA SER F 218 -18.52 -40.45 -15.66
C SER F 218 -17.43 -40.25 -14.61
N ARG F 219 -17.79 -39.93 -13.37
CA ARG F 219 -16.84 -39.76 -12.29
C ARG F 219 -16.93 -40.89 -11.27
N ALA F 220 -17.21 -42.10 -11.74
CA ALA F 220 -17.41 -43.26 -10.88
C ALA F 220 -16.13 -44.08 -10.71
N ALA F 221 -14.96 -43.47 -10.95
CA ALA F 221 -13.72 -44.22 -10.84
C ALA F 221 -13.43 -44.62 -9.39
N ASN F 222 -13.80 -43.78 -8.43
CA ASN F 222 -13.49 -44.01 -7.03
C ASN F 222 -14.70 -44.48 -6.23
N GLY F 223 -15.71 -45.03 -6.88
CA GLY F 223 -16.89 -45.49 -6.20
C GLY F 223 -17.99 -44.45 -6.14
N VAL F 224 -19.22 -44.93 -6.01
CA VAL F 224 -20.40 -44.07 -6.02
C VAL F 224 -21.25 -44.39 -4.79
N ILE F 225 -21.86 -43.37 -4.22
CA ILE F 225 -22.77 -43.53 -3.09
C ILE F 225 -24.10 -42.90 -3.49
N ILE F 226 -25.12 -43.74 -3.65
CA ILE F 226 -26.47 -43.26 -3.95
C ILE F 226 -27.22 -43.09 -2.64
N ILE F 227 -27.78 -41.90 -2.43
CA ILE F 227 -28.55 -41.57 -1.25
C ILE F 227 -29.97 -41.25 -1.70
N THR F 228 -30.92 -42.07 -1.28
CA THR F 228 -32.32 -41.87 -1.59
C THR F 228 -33.00 -41.27 -0.36
N THR F 229 -33.55 -40.06 -0.53
CA THR F 229 -34.14 -39.31 0.56
C THR F 229 -35.58 -39.76 0.82
N LYS F 230 -36.14 -39.24 1.90
CA LYS F 230 -37.48 -39.63 2.31
C LYS F 230 -38.54 -39.08 1.35
N GLN F 231 -39.55 -39.91 1.08
CA GLN F 231 -40.68 -39.51 0.26
C GLN F 231 -41.95 -39.96 0.93
N GLY F 232 -43.05 -39.27 0.62
CA GLY F 232 -44.33 -39.64 1.20
C GLY F 232 -44.80 -41.00 0.75
N LYS F 233 -45.03 -41.91 1.69
CA LYS F 233 -45.52 -43.24 1.36
C LYS F 233 -46.99 -43.15 0.96
N LYS F 234 -47.37 -43.97 -0.01
CA LYS F 234 -48.72 -43.93 -0.56
C LYS F 234 -49.76 -44.24 0.50
N GLY F 235 -50.81 -43.43 0.56
CA GLY F 235 -51.98 -43.72 1.36
C GLY F 235 -51.87 -43.41 2.84
N GLN F 236 -50.86 -42.66 3.27
CA GLN F 236 -50.74 -42.34 4.68
C GLN F 236 -50.02 -41.01 4.86
N ILE F 237 -50.25 -40.42 6.02
CA ILE F 237 -49.59 -39.18 6.44
C ILE F 237 -48.91 -39.44 7.77
N LYS F 238 -47.65 -39.01 7.89
CA LYS F 238 -46.88 -39.28 9.09
C LYS F 238 -46.01 -38.08 9.43
N ILE F 239 -45.60 -38.03 10.70
CA ILE F 239 -44.76 -36.97 11.22
C ILE F 239 -43.78 -37.57 12.22
N ASN F 240 -42.59 -36.98 12.30
CA ASN F 240 -41.56 -37.45 13.21
C ASN F 240 -40.80 -36.25 13.76
N PHE F 241 -40.74 -36.16 15.09
CA PHE F 241 -39.97 -35.12 15.76
C PHE F 241 -38.90 -35.79 16.60
N ASP F 242 -37.65 -35.42 16.38
CA ASP F 242 -36.51 -35.99 17.07
C ASP F 242 -35.73 -34.89 17.77
N ALA F 243 -35.43 -35.10 19.05
CA ALA F 243 -34.62 -34.16 19.82
C ALA F 243 -33.45 -34.91 20.43
N SER F 244 -32.31 -34.22 20.54
CA SER F 244 -31.11 -34.85 21.04
C SER F 244 -30.19 -33.81 21.66
N VAL F 245 -29.72 -34.07 22.87
CA VAL F 245 -28.76 -33.21 23.56
C VAL F 245 -27.62 -34.07 24.06
N SER F 246 -26.39 -33.65 23.76
CA SER F 246 -25.20 -34.45 24.08
C SER F 246 -24.11 -33.55 24.64
N ALA F 247 -23.26 -34.14 25.46
CA ALA F 247 -22.06 -33.49 25.97
C ALA F 247 -20.84 -34.24 25.46
N SER F 248 -19.88 -33.49 24.93
CA SER F 248 -18.65 -34.06 24.40
C SER F 248 -17.49 -33.69 25.31
N MET F 249 -16.75 -34.70 25.76
CA MET F 249 -15.65 -34.55 26.69
C MET F 249 -14.35 -34.94 26.02
N TYR F 250 -13.27 -34.24 26.38
CA TYR F 250 -11.95 -34.53 25.86
C TYR F 250 -11.36 -35.73 26.61
N GLN F 251 -11.05 -36.79 25.86
CA GLN F 251 -10.51 -38.02 26.45
C GLN F 251 -9.03 -38.21 26.21
N SER F 252 -8.53 -37.89 25.03
CA SER F 252 -7.12 -38.10 24.69
C SER F 252 -6.28 -36.90 25.11
N LYS F 253 -6.37 -36.54 26.39
CA LYS F 253 -5.60 -35.42 26.93
C LYS F 253 -4.12 -35.78 26.91
N MET F 254 -3.36 -35.13 26.03
CA MET F 254 -1.94 -35.41 25.92
C MET F 254 -1.23 -34.97 27.20
N ASN F 255 -0.44 -35.88 27.76
CA ASN F 255 0.26 -35.61 29.00
C ASN F 255 1.56 -34.85 28.71
N VAL F 256 1.70 -33.66 29.32
CA VAL F 256 2.87 -32.83 29.13
C VAL F 256 3.46 -32.52 30.50
N LEU F 257 4.74 -32.14 30.49
CA LEU F 257 5.43 -31.85 31.73
C LEU F 257 4.87 -30.62 32.40
N ASN F 258 4.70 -30.68 33.71
CA ASN F 258 4.37 -29.50 34.50
C ASN F 258 5.65 -28.72 34.77
N THR F 259 5.59 -27.74 35.66
CA THR F 259 6.76 -26.91 35.92
C THR F 259 7.91 -27.72 36.53
N GLU F 260 7.61 -28.50 37.57
CA GLU F 260 8.65 -29.29 38.21
C GLU F 260 9.22 -30.34 37.27
N GLN F 261 8.35 -31.01 36.51
CA GLN F 261 8.82 -32.02 35.57
C GLN F 261 9.68 -31.40 34.48
N TYR F 262 9.29 -30.22 34.00
CA TYR F 262 10.08 -29.53 32.99
C TYR F 262 11.45 -29.16 33.53
N GLY F 263 11.51 -28.65 34.75
CA GLY F 263 12.80 -28.34 35.35
C GLY F 263 13.66 -29.57 35.55
N ARG F 264 13.05 -30.66 35.99
CA ARG F 264 13.79 -31.91 36.17
C ARG F 264 14.34 -32.42 34.85
N ALA F 265 13.54 -32.37 33.78
CA ALA F 265 14.01 -32.82 32.48
C ALA F 265 15.14 -31.95 31.96
N MET F 266 15.03 -30.63 32.15
CA MET F 266 16.11 -29.75 31.72
C MET F 266 17.39 -30.04 32.48
N TRP F 267 17.28 -30.24 33.80
CA TRP F 267 18.46 -30.57 34.58
C TRP F 267 19.07 -31.89 34.13
N GLN F 268 18.23 -32.88 33.86
CA GLN F 268 18.75 -34.18 33.42
C GLN F 268 19.48 -34.05 32.09
N ALA F 269 18.91 -33.29 31.15
CA ALA F 269 19.58 -33.08 29.87
C ALA F 269 20.93 -32.38 30.06
N TYR F 270 20.96 -31.36 30.92
CA TYR F 270 22.20 -30.61 31.14
C TYR F 270 23.27 -31.52 31.74
N VAL F 271 22.92 -32.29 32.77
CA VAL F 271 23.92 -33.13 33.41
C VAL F 271 24.33 -34.29 32.50
N ASN F 272 23.43 -34.77 31.65
CA ASN F 272 23.81 -35.80 30.69
C ASN F 272 24.80 -35.25 29.68
N ASP F 273 24.59 -34.02 29.21
CA ASP F 273 25.51 -33.41 28.25
C ASP F 273 26.78 -32.90 28.91
N GLY F 274 26.82 -32.81 30.24
CA GLY F 274 28.01 -32.37 30.93
C GLY F 274 28.08 -30.89 31.21
N GLU F 275 27.09 -30.11 30.76
CA GLU F 275 27.08 -28.68 31.03
C GLU F 275 26.52 -28.42 32.43
N ASN F 276 26.66 -27.18 32.88
CA ASN F 276 26.18 -26.79 34.20
C ASN F 276 24.70 -26.47 34.15
N PRO F 277 23.84 -27.24 34.82
CA PRO F 277 22.39 -26.95 34.76
C PRO F 277 22.03 -25.57 35.27
N ASN F 278 22.76 -25.06 36.28
CA ASN F 278 22.49 -23.74 36.79
C ASN F 278 22.74 -22.65 35.76
N GLY F 279 23.42 -22.96 34.67
CA GLY F 279 23.58 -22.04 33.57
C GLY F 279 22.44 -22.03 32.59
N ASN F 280 21.29 -22.63 32.95
CA ASN F 280 20.17 -22.70 32.02
C ASN F 280 19.63 -21.33 31.67
N ALA F 281 19.80 -20.35 32.55
CA ALA F 281 19.34 -18.97 32.33
C ALA F 281 17.83 -18.91 32.07
N LEU F 282 17.07 -19.79 32.71
CA LEU F 282 15.61 -19.78 32.61
C LEU F 282 14.97 -19.56 33.98
N GLY F 283 15.73 -19.10 34.95
CA GLY F 283 15.20 -18.87 36.28
C GLY F 283 15.15 -20.08 37.18
N TYR F 284 15.73 -21.20 36.75
CA TYR F 284 15.77 -22.42 37.56
C TYR F 284 17.09 -22.48 38.31
N ALA F 285 17.02 -22.72 39.61
CA ALA F 285 18.20 -22.94 40.44
C ALA F 285 18.10 -24.36 40.99
N TYR F 286 19.10 -25.18 40.67
CA TYR F 286 19.07 -26.60 41.01
C TYR F 286 20.04 -26.88 42.14
N ASN F 287 19.54 -27.52 43.20
CA ASN F 287 20.37 -28.10 44.24
C ASN F 287 20.53 -29.58 43.89
N TRP F 288 21.77 -29.98 43.59
CA TRP F 288 22.01 -31.31 43.08
C TRP F 288 23.41 -31.76 43.50
N GLY F 289 23.61 -33.07 43.44
CA GLY F 289 24.89 -33.66 43.81
C GLY F 289 25.17 -34.95 43.08
N TYR F 290 26.11 -35.75 43.60
CA TYR F 290 26.47 -37.03 43.02
C TYR F 290 26.26 -38.12 44.05
N ASN F 291 25.87 -39.31 43.56
CA ASN F 291 25.69 -40.47 44.42
C ASN F 291 27.03 -41.20 44.58
N ALA F 292 26.98 -42.41 45.13
CA ALA F 292 28.20 -43.18 45.32
C ALA F 292 28.84 -43.54 43.98
N ASP F 293 28.04 -43.88 42.98
CA ASP F 293 28.55 -44.28 41.68
C ASP F 293 28.93 -43.10 40.79
N GLY F 294 28.67 -41.87 41.22
CA GLY F 294 28.98 -40.71 40.43
C GLY F 294 27.87 -40.23 39.53
N ASN F 295 26.74 -40.93 39.48
CA ASN F 295 25.62 -40.48 38.68
C ASN F 295 24.98 -39.27 39.33
N PRO F 296 24.74 -38.18 38.60
CA PRO F 296 24.12 -37.00 39.21
C PRO F 296 22.72 -37.28 39.71
N VAL F 297 22.37 -36.66 40.84
CA VAL F 297 21.03 -36.70 41.39
C VAL F 297 20.61 -35.28 41.73
N LEU F 298 19.31 -35.04 41.70
CA LEU F 298 18.73 -33.71 41.91
C LEU F 298 17.98 -33.69 43.23
N TYR F 299 18.56 -33.02 44.24
CA TYR F 299 17.90 -32.94 45.53
C TYR F 299 16.69 -32.02 45.48
N GLY F 300 16.80 -30.90 44.78
CA GLY F 300 15.67 -29.99 44.73
C GLY F 300 15.87 -28.90 43.70
N MET F 301 14.82 -28.12 43.49
CA MET F 301 14.84 -27.03 42.54
C MET F 301 14.05 -25.85 43.08
N THR F 302 14.40 -24.65 42.60
CA THR F 302 13.70 -23.42 42.94
C THR F 302 13.59 -22.57 41.70
N LEU F 303 12.61 -21.67 41.69
CA LEU F 303 12.35 -20.84 40.53
C LEU F 303 12.29 -19.38 40.90
N SER F 304 12.76 -18.53 39.98
CA SER F 304 12.55 -17.11 40.11
C SER F 304 11.06 -16.79 39.95
N LYS F 305 10.58 -15.81 40.71
CA LYS F 305 9.15 -15.51 40.68
C LYS F 305 8.72 -15.00 39.32
N TYR F 306 9.50 -14.11 38.71
CA TYR F 306 9.15 -13.47 37.46
C TYR F 306 10.12 -13.90 36.38
N LEU F 307 9.59 -14.32 35.23
CA LEU F 307 10.42 -14.78 34.12
C LEU F 307 11.19 -13.65 33.46
N ASP F 308 10.82 -12.40 33.72
CA ASP F 308 11.48 -11.25 33.12
C ASP F 308 11.96 -10.29 34.20
N SER F 309 12.78 -9.33 33.79
CA SER F 309 13.29 -8.32 34.70
C SER F 309 12.29 -7.19 34.96
N LYS F 310 11.19 -7.14 34.22
CA LYS F 310 10.17 -6.12 34.41
C LYS F 310 9.09 -6.54 35.39
N ASN F 311 9.18 -7.75 35.95
CA ASN F 311 8.24 -8.24 36.94
C ASN F 311 6.80 -8.21 36.42
N THR F 312 6.62 -8.58 35.16
CA THR F 312 5.31 -8.57 34.53
C THR F 312 4.77 -9.95 34.19
N MET F 313 5.60 -10.99 34.25
CA MET F 313 5.22 -12.35 33.86
C MET F 313 5.55 -13.30 35.00
N PRO F 314 4.68 -13.40 36.00
CA PRO F 314 4.95 -14.32 37.12
C PRO F 314 4.94 -15.76 36.66
N VAL F 315 5.76 -16.58 37.31
CA VAL F 315 5.84 -18.00 36.99
C VAL F 315 4.61 -18.70 37.54
N ALA F 316 4.10 -19.68 36.81
CA ALA F 316 2.90 -20.40 37.23
C ALA F 316 2.91 -21.78 36.59
N ASP F 317 2.13 -22.68 37.18
CA ASP F 317 1.93 -24.03 36.65
C ASP F 317 0.62 -24.02 35.88
N THR F 318 0.70 -23.98 34.56
CA THR F 318 -0.44 -23.80 33.69
C THR F 318 -0.69 -25.08 32.89
N ASP F 319 -1.92 -25.59 32.97
CA ASP F 319 -2.36 -26.71 32.15
C ASP F 319 -2.92 -26.14 30.86
N TRP F 320 -2.08 -26.07 29.82
CA TRP F 320 -2.50 -25.42 28.59
C TRP F 320 -3.60 -26.19 27.88
N PHE F 321 -3.52 -27.53 27.90
CA PHE F 321 -4.56 -28.32 27.25
C PHE F 321 -5.91 -28.12 27.93
N ASP F 322 -5.93 -28.12 29.26
CA ASP F 322 -7.17 -27.85 29.97
C ASP F 322 -7.64 -26.41 29.74
N GLU F 323 -6.70 -25.47 29.61
CA GLU F 323 -7.07 -24.08 29.37
C GLU F 323 -7.74 -23.91 28.01
N ILE F 324 -7.22 -24.60 26.99
CA ILE F 324 -7.76 -24.44 25.64
C ILE F 324 -8.91 -25.40 25.34
N THR F 325 -9.16 -26.38 26.20
CA THR F 325 -10.24 -27.32 25.98
C THR F 325 -11.40 -27.02 26.93
N ARG F 326 -12.57 -27.54 26.56
CA ARG F 326 -13.79 -27.34 27.35
C ARG F 326 -14.67 -28.57 27.17
N THR F 327 -15.89 -28.49 27.71
CA THR F 327 -16.89 -29.54 27.53
C THR F 327 -17.89 -29.06 26.50
N GLY F 328 -17.87 -29.67 25.32
CA GLY F 328 -18.72 -29.21 24.24
C GLY F 328 -20.15 -29.69 24.38
N VAL F 329 -21.06 -28.97 23.73
CA VAL F 329 -22.48 -29.27 23.76
C VAL F 329 -22.97 -29.46 22.34
N ILE F 330 -23.74 -30.51 22.11
CA ILE F 330 -24.31 -30.83 20.81
C ILE F 330 -25.83 -30.87 20.98
N GLN F 331 -26.55 -30.18 20.09
CA GLN F 331 -28.00 -30.21 20.14
C GLN F 331 -28.56 -30.38 18.73
N GLN F 332 -29.48 -31.32 18.58
CA GLN F 332 -30.06 -31.66 17.29
C GLN F 332 -31.57 -31.71 17.41
N TYR F 333 -32.27 -31.06 16.48
CA TYR F 333 -33.72 -31.04 16.47
C TYR F 333 -34.20 -31.23 15.03
N ASN F 334 -34.93 -32.30 14.78
CA ASN F 334 -35.43 -32.62 13.45
C ASN F 334 -36.94 -32.75 13.49
N LEU F 335 -37.60 -32.29 12.43
CA LEU F 335 -39.06 -32.35 12.32
C LEU F 335 -39.38 -32.65 10.86
N SER F 336 -39.78 -33.89 10.58
CA SER F 336 -40.12 -34.31 9.23
C SER F 336 -41.61 -34.66 9.19
N VAL F 337 -42.20 -34.47 8.03
CA VAL F 337 -43.62 -34.76 7.84
C VAL F 337 -43.87 -35.09 6.37
N SER F 338 -44.54 -36.21 6.13
CA SER F 338 -44.77 -36.71 4.78
C SER F 338 -46.23 -37.07 4.60
N ASN F 339 -46.69 -36.98 3.36
CA ASN F 339 -48.07 -37.32 3.01
C ASN F 339 -48.10 -37.92 1.62
N GLY F 340 -48.70 -39.10 1.50
CA GLY F 340 -48.79 -39.74 0.21
C GLY F 340 -50.21 -39.92 -0.28
N SER F 341 -50.37 -40.08 -1.59
CA SER F 341 -51.69 -40.30 -2.18
C SER F 341 -51.50 -40.98 -3.52
N GLU F 342 -52.62 -41.41 -4.12
CA GLU F 342 -52.55 -42.07 -5.41
C GLU F 342 -52.17 -41.11 -6.52
N LYS F 343 -52.52 -39.83 -6.38
CA LYS F 343 -52.21 -38.83 -7.39
C LYS F 343 -50.90 -38.11 -7.14
N GLY F 344 -50.21 -38.41 -6.06
CA GLY F 344 -48.94 -37.77 -5.77
C GLY F 344 -48.58 -37.94 -4.31
N SER F 345 -47.41 -37.39 -3.98
CA SER F 345 -46.90 -37.47 -2.62
C SER F 345 -45.96 -36.30 -2.38
N SER F 346 -45.70 -36.03 -1.11
CA SER F 346 -44.84 -34.91 -0.75
C SER F 346 -44.25 -35.14 0.64
N PHE F 347 -43.17 -34.42 0.92
CA PHE F 347 -42.39 -34.58 2.14
C PHE F 347 -41.72 -33.25 2.46
N PHE F 348 -41.66 -32.91 3.74
CA PHE F 348 -41.11 -31.64 4.18
C PHE F 348 -40.41 -31.84 5.51
N SER F 349 -39.15 -31.42 5.58
CA SER F 349 -38.31 -31.65 6.75
C SER F 349 -37.58 -30.37 7.13
N LEU F 350 -37.50 -30.11 8.44
CA LEU F 350 -36.76 -29.00 9.00
C LEU F 350 -35.80 -29.53 10.05
N GLY F 351 -34.52 -29.20 9.92
CA GLY F 351 -33.51 -29.70 10.82
C GLY F 351 -32.60 -28.61 11.31
N TYR F 352 -32.17 -28.76 12.57
CA TYR F 352 -31.23 -27.84 13.19
C TYR F 352 -30.19 -28.66 13.94
N TYR F 353 -28.92 -28.31 13.75
CA TYR F 353 -27.82 -28.99 14.40
C TYR F 353 -26.85 -27.95 14.93
N LYS F 354 -26.31 -28.18 16.12
CA LYS F 354 -25.29 -27.30 16.67
C LYS F 354 -24.30 -28.13 17.46
N ASN F 355 -23.02 -27.81 17.28
CA ASN F 355 -21.94 -28.53 17.94
C ASN F 355 -20.89 -27.53 18.38
N LEU F 356 -20.67 -27.44 19.68
CA LEU F 356 -19.55 -26.68 20.24
C LEU F 356 -18.39 -27.63 20.43
N GLY F 357 -17.27 -27.34 19.78
CA GLY F 357 -16.13 -28.23 19.85
C GLY F 357 -15.50 -28.24 21.23
N VAL F 358 -14.72 -29.30 21.48
CA VAL F 358 -14.00 -29.39 22.74
C VAL F 358 -12.96 -28.28 22.85
N ILE F 359 -12.35 -27.90 21.73
CA ILE F 359 -11.47 -26.74 21.72
C ILE F 359 -12.32 -25.47 21.80
N LYS F 360 -11.88 -24.54 22.64
CA LYS F 360 -12.65 -23.32 22.87
C LYS F 360 -12.75 -22.48 21.61
N ASP F 361 -13.85 -21.75 21.49
CA ASP F 361 -14.07 -20.78 20.42
C ASP F 361 -14.09 -21.44 19.04
N THR F 362 -14.49 -22.71 18.98
CA THR F 362 -14.70 -23.41 17.72
C THR F 362 -16.08 -24.05 17.76
N ASP F 363 -16.88 -23.84 16.71
CA ASP F 363 -18.24 -24.36 16.72
C ASP F 363 -18.75 -24.48 15.31
N PHE F 364 -19.86 -25.21 15.16
CA PHE F 364 -20.48 -25.44 13.86
C PHE F 364 -21.97 -25.64 14.04
N ASP F 365 -22.77 -24.81 13.38
CA ASP F 365 -24.22 -24.98 13.41
C ASP F 365 -24.76 -25.01 11.98
N ARG F 366 -25.93 -25.62 11.83
CA ARG F 366 -26.50 -25.86 10.51
C ARG F 366 -28.02 -25.88 10.60
N PHE F 367 -28.65 -25.11 9.73
CA PHE F 367 -30.09 -25.15 9.49
C PHE F 367 -30.35 -25.83 8.15
N SER F 368 -31.42 -26.61 8.07
CA SER F 368 -31.70 -27.34 6.84
C SER F 368 -33.20 -27.42 6.64
N ALA F 369 -33.63 -27.35 5.38
CA ALA F 369 -35.04 -27.46 5.02
C ALA F 369 -35.14 -28.19 3.69
N ARG F 370 -35.82 -29.32 3.69
CA ARG F 370 -35.94 -30.17 2.50
C ARG F 370 -37.41 -30.29 2.11
N MET F 371 -37.69 -30.11 0.82
CA MET F 371 -39.03 -30.26 0.27
C MET F 371 -38.97 -31.17 -0.95
N ASN F 372 -39.67 -32.30 -0.88
CA ASN F 372 -39.77 -33.24 -1.99
C ASN F 372 -41.23 -33.40 -2.37
N SER F 373 -41.48 -33.64 -3.65
CA SER F 373 -42.84 -33.92 -4.10
C SER F 373 -42.80 -34.65 -5.43
N ASP F 374 -43.86 -35.39 -5.71
CA ASP F 374 -44.05 -36.03 -7.00
C ASP F 374 -45.54 -36.04 -7.32
N TYR F 375 -45.86 -35.82 -8.59
CA TYR F 375 -47.22 -35.66 -9.06
C TYR F 375 -47.44 -36.60 -10.24
N LYS F 376 -48.53 -37.35 -10.22
CA LYS F 376 -48.88 -38.27 -11.29
C LYS F 376 -50.12 -37.76 -12.02
N LEU F 377 -50.03 -37.70 -13.35
CA LEU F 377 -51.05 -37.05 -14.15
C LEU F 377 -51.40 -37.92 -15.36
N ILE F 378 -52.64 -37.72 -15.84
CA ILE F 378 -53.16 -38.35 -17.05
C ILE F 378 -53.03 -39.86 -16.96
N ASP F 379 -53.76 -40.46 -16.02
CA ASP F 379 -53.73 -41.91 -15.83
C ASP F 379 -52.31 -42.42 -15.62
N ASP F 380 -51.54 -41.67 -14.85
CA ASP F 380 -50.14 -41.99 -14.51
C ASP F 380 -49.23 -42.02 -15.74
N ILE F 381 -49.67 -41.45 -16.86
CA ILE F 381 -48.80 -41.37 -18.03
C ILE F 381 -47.68 -40.36 -17.79
N LEU F 382 -48.00 -39.22 -17.17
CA LEU F 382 -47.03 -38.18 -16.91
C LEU F 382 -46.71 -38.12 -15.43
N THR F 383 -45.48 -37.76 -15.11
CA THR F 383 -45.04 -37.60 -13.74
C THR F 383 -44.11 -36.40 -13.66
N ILE F 384 -44.32 -35.56 -12.65
CA ILE F 384 -43.46 -34.41 -12.42
C ILE F 384 -43.04 -34.40 -10.97
N GLY F 385 -41.74 -34.47 -10.72
CA GLY F 385 -41.23 -34.53 -9.38
C GLY F 385 -40.13 -33.52 -9.15
N GLN F 386 -39.91 -33.19 -7.88
CA GLN F 386 -38.85 -32.29 -7.49
C GLN F 386 -38.35 -32.66 -6.11
N HIS F 387 -37.05 -32.43 -5.89
CA HIS F 387 -36.41 -32.62 -4.60
C HIS F 387 -35.50 -31.41 -4.39
N PHE F 388 -35.81 -30.58 -3.41
CA PHE F 388 -35.02 -29.39 -3.15
C PHE F 388 -34.60 -29.37 -1.69
N THR F 389 -33.41 -28.84 -1.43
CA THR F 389 -32.96 -28.67 -0.06
C THR F 389 -32.15 -27.38 0.07
N LEU F 390 -32.37 -26.71 1.19
CA LEU F 390 -31.74 -25.44 1.53
C LEU F 390 -30.99 -25.61 2.84
N ASN F 391 -29.70 -25.27 2.84
CA ASN F 391 -28.86 -25.47 4.01
C ASN F 391 -28.07 -24.22 4.31
N ARG F 392 -27.89 -23.93 5.59
CA ARG F 392 -27.13 -22.78 6.04
C ARG F 392 -26.26 -23.21 7.22
N THR F 393 -24.96 -23.28 7.00
CA THR F 393 -24.02 -23.70 8.03
C THR F 393 -23.09 -22.56 8.39
N SER F 394 -23.04 -22.22 9.68
CA SER F 394 -22.14 -21.20 10.19
C SER F 394 -21.10 -21.87 11.07
N GLU F 395 -19.82 -21.60 10.80
CA GLU F 395 -18.75 -22.32 11.47
C GLU F 395 -17.60 -21.40 11.83
N VAL F 396 -17.05 -21.62 13.03
CA VAL F 396 -15.76 -21.07 13.42
C VAL F 396 -14.82 -22.25 13.63
N GLN F 397 -13.72 -22.26 12.89
CA GLN F 397 -12.78 -23.37 12.88
C GLN F 397 -11.56 -23.05 13.73
N ALA F 398 -10.93 -24.09 14.27
CA ALA F 398 -9.72 -23.92 15.05
C ALA F 398 -8.56 -23.51 14.15
N PRO F 399 -7.66 -22.68 14.65
CA PRO F 399 -6.48 -22.32 13.86
C PRO F 399 -5.58 -23.53 13.64
N GLY F 400 -4.83 -23.49 12.54
CA GLY F 400 -3.92 -24.57 12.22
C GLY F 400 -2.85 -24.80 13.26
N GLY F 401 -2.68 -26.06 13.67
CA GLY F 401 -1.66 -26.40 14.65
C GLY F 401 -1.88 -25.81 16.03
N ILE F 402 -3.14 -25.65 16.44
CA ILE F 402 -3.42 -25.15 17.78
C ILE F 402 -3.00 -26.18 18.83
N ILE F 403 -3.28 -27.46 18.57
CA ILE F 403 -2.84 -28.50 19.48
C ILE F 403 -1.32 -28.55 19.55
N GLU F 404 -0.67 -28.38 18.39
CA GLU F 404 0.79 -28.34 18.36
C GLU F 404 1.34 -27.19 19.20
N THR F 405 0.74 -26.01 19.07
CA THR F 405 1.19 -24.87 19.87
C THR F 405 0.97 -25.10 21.36
N ALA F 406 -0.18 -25.67 21.72
CA ALA F 406 -0.48 -25.94 23.12
C ALA F 406 0.50 -26.94 23.70
N LEU F 407 0.88 -27.96 22.93
CA LEU F 407 1.87 -28.92 23.39
C LEU F 407 3.24 -28.26 23.50
N ASP F 408 3.58 -27.37 22.57
CA ASP F 408 4.92 -26.80 22.53
C ASP F 408 5.16 -25.80 23.65
N ILE F 409 4.16 -24.97 23.95
CA ILE F 409 4.40 -23.88 24.90
C ILE F 409 4.65 -24.47 26.29
N PRO F 410 5.70 -24.05 26.99
CA PRO F 410 5.96 -24.59 28.32
C PRO F 410 4.91 -24.18 29.33
N SER F 411 4.73 -25.03 30.34
CA SER F 411 3.70 -24.80 31.35
C SER F 411 4.05 -23.68 32.31
N ALA F 412 5.30 -23.18 32.29
CA ALA F 412 5.67 -22.11 33.20
C ALA F 412 5.08 -20.76 32.79
N ILE F 413 4.66 -20.62 31.55
CA ILE F 413 4.12 -19.34 31.07
C ILE F 413 2.72 -19.15 31.65
N PRO F 414 2.45 -18.03 32.33
CA PRO F 414 1.09 -17.79 32.82
C PRO F 414 0.13 -17.48 31.68
N VAL F 415 -1.15 -17.76 31.92
CA VAL F 415 -2.17 -17.40 30.94
C VAL F 415 -2.30 -15.89 30.84
N TYR F 416 -2.31 -15.20 31.97
CA TYR F 416 -2.46 -13.75 32.01
C TYR F 416 -1.24 -13.14 32.68
N ALA F 417 -0.85 -11.95 32.21
CA ALA F 417 0.29 -11.25 32.76
C ALA F 417 -0.11 -10.56 34.06
N SER F 418 0.80 -9.79 34.64
CA SER F 418 0.51 -9.11 35.90
C SER F 418 -0.56 -8.03 35.69
N ASP F 419 -0.55 -7.37 34.54
CA ASP F 419 -1.49 -6.29 34.27
C ASP F 419 -2.79 -6.78 33.64
N GLY F 420 -2.97 -8.09 33.51
CA GLY F 420 -4.18 -8.64 32.93
C GLY F 420 -4.11 -8.91 31.44
N SER F 421 -3.05 -8.49 30.77
CA SER F 421 -2.90 -8.79 29.36
C SER F 421 -2.54 -10.27 29.17
N TRP F 422 -2.61 -10.72 27.92
CA TRP F 422 -2.33 -12.11 27.62
C TRP F 422 -0.88 -12.45 27.96
N GLY F 423 -0.68 -13.56 28.67
CA GLY F 423 0.66 -13.99 29.00
C GLY F 423 1.40 -14.52 27.78
N GLY F 424 2.72 -14.37 27.81
CA GLY F 424 3.55 -14.77 26.71
C GLY F 424 4.99 -15.01 27.11
N PRO F 425 5.76 -15.66 26.25
CA PRO F 425 7.16 -15.92 26.57
C PRO F 425 7.97 -14.63 26.66
N VAL F 426 8.88 -14.61 27.64
CA VAL F 426 9.83 -13.51 27.81
C VAL F 426 11.20 -14.11 28.11
N GLY F 427 12.23 -13.31 27.90
CA GLY F 427 13.58 -13.78 28.16
C GLY F 427 13.95 -14.95 27.27
N GLY F 428 14.52 -15.98 27.88
CA GLY F 428 14.99 -17.14 27.14
C GLY F 428 13.95 -18.17 26.82
N TRP F 429 12.70 -17.93 27.19
CA TRP F 429 11.66 -18.90 26.92
C TRP F 429 11.37 -19.00 25.42
N PRO F 430 10.96 -20.17 24.95
CA PRO F 430 10.82 -20.37 23.51
C PRO F 430 9.73 -19.50 22.90
N ASP F 431 9.90 -19.18 21.62
CA ASP F 431 8.98 -18.31 20.89
C ASP F 431 7.78 -19.12 20.42
N ARG F 432 6.82 -19.29 21.32
CA ARG F 432 5.55 -19.95 21.02
C ARG F 432 4.41 -19.03 21.45
N ARG F 433 3.45 -18.84 20.56
CA ARG F 433 2.33 -17.97 20.86
C ARG F 433 1.44 -18.57 21.94
N ASN F 434 0.68 -17.71 22.60
CA ASN F 434 -0.27 -18.17 23.61
C ASN F 434 -1.45 -18.84 22.93
N PRO F 435 -1.69 -20.13 23.15
CA PRO F 435 -2.83 -20.78 22.48
C PRO F 435 -4.18 -20.21 22.89
N ARG F 436 -4.33 -19.84 24.17
CA ARG F 436 -5.59 -19.25 24.61
C ARG F 436 -5.84 -17.92 23.91
N ALA F 437 -4.80 -17.09 23.80
CA ALA F 437 -4.94 -15.82 23.09
C ALA F 437 -5.21 -16.05 21.61
N VAL F 438 -4.59 -17.08 21.01
CA VAL F 438 -4.83 -17.39 19.60
C VAL F 438 -6.29 -17.74 19.39
N LEU F 439 -6.83 -18.59 20.26
CA LEU F 439 -8.25 -18.95 20.16
C LEU F 439 -9.15 -17.73 20.37
N GLU F 440 -8.80 -16.89 21.35
CA GLU F 440 -9.61 -15.70 21.61
C GLU F 440 -9.64 -14.77 20.41
N TYR F 441 -8.50 -14.62 19.72
CA TYR F 441 -8.45 -13.77 18.55
C TYR F 441 -9.13 -14.41 17.35
N ASN F 442 -9.11 -15.74 17.26
CA ASN F 442 -9.73 -16.44 16.15
C ASN F 442 -11.22 -16.66 16.33
N LYS F 443 -11.77 -16.40 17.52
CA LYS F 443 -13.19 -16.64 17.76
C LYS F 443 -14.10 -15.86 16.83
N ASP F 444 -13.62 -14.77 16.24
CA ASP F 444 -14.47 -13.96 15.37
C ASP F 444 -14.41 -14.37 13.90
N ASN F 445 -13.55 -15.32 13.54
CA ASN F 445 -13.39 -15.73 12.14
C ASN F 445 -14.46 -16.75 11.79
N ARG F 446 -15.70 -16.26 11.69
CA ARG F 446 -16.86 -17.10 11.42
C ARG F 446 -17.24 -17.00 9.96
N TYR F 447 -17.51 -18.14 9.33
CA TYR F 447 -17.92 -18.17 7.94
C TYR F 447 -19.31 -18.76 7.81
N THR F 448 -20.09 -18.22 6.88
CA THR F 448 -21.45 -18.65 6.59
C THR F 448 -21.49 -19.29 5.22
N TYR F 449 -22.19 -20.42 5.13
CA TYR F 449 -22.21 -21.23 3.92
C TYR F 449 -23.66 -21.57 3.59
N TRP F 450 -24.11 -21.17 2.42
CA TRP F 450 -25.45 -21.46 1.93
C TRP F 450 -25.37 -22.49 0.82
N ARG F 451 -26.23 -23.51 0.89
CA ARG F 451 -26.26 -24.58 -0.10
C ARG F 451 -27.69 -24.72 -0.62
N MET F 452 -27.83 -24.71 -1.94
CA MET F 452 -29.12 -24.85 -2.62
C MET F 452 -28.97 -26.07 -3.52
N PHE F 453 -29.52 -27.21 -3.10
CA PHE F 453 -29.35 -28.46 -3.85
C PHE F 453 -30.72 -28.90 -4.32
N GLY F 454 -31.01 -28.72 -5.61
CA GLY F 454 -32.34 -28.96 -6.13
C GLY F 454 -32.32 -29.85 -7.35
N ASP F 455 -33.48 -30.41 -7.64
CA ASP F 455 -33.66 -31.30 -8.78
C ASP F 455 -35.12 -31.27 -9.20
N ALA F 456 -35.34 -31.25 -10.51
CA ALA F 456 -36.69 -31.34 -11.07
C ALA F 456 -36.66 -32.31 -12.24
N TYR F 457 -37.55 -33.30 -12.22
CA TYR F 457 -37.58 -34.32 -13.25
C TYR F 457 -39.01 -34.47 -13.79
N VAL F 458 -39.09 -34.82 -15.07
CA VAL F 458 -40.35 -35.12 -15.73
C VAL F 458 -40.22 -36.49 -16.40
N ASN F 459 -41.23 -37.33 -16.19
CA ASN F 459 -41.27 -38.70 -16.70
C ASN F 459 -42.52 -38.86 -17.56
N LEU F 460 -42.35 -39.51 -18.70
CA LEU F 460 -43.44 -39.73 -19.64
C LEU F 460 -43.45 -41.18 -20.07
N THR F 461 -44.62 -41.81 -20.03
CA THR F 461 -44.78 -43.22 -20.42
C THR F 461 -45.76 -43.28 -21.59
N PRO F 462 -45.27 -43.22 -22.83
CA PRO F 462 -46.18 -43.33 -23.98
C PRO F 462 -46.98 -44.62 -24.01
N PHE F 463 -46.37 -45.73 -23.60
CA PHE F 463 -47.09 -47.00 -23.48
C PHE F 463 -46.47 -47.79 -22.34
N LYS F 464 -46.77 -49.10 -22.30
CA LYS F 464 -46.45 -49.89 -21.11
C LYS F 464 -44.95 -49.97 -20.86
N GLY F 465 -44.17 -50.21 -21.90
CA GLY F 465 -42.75 -50.46 -21.70
C GLY F 465 -41.83 -49.27 -21.83
N PHE F 466 -42.30 -48.17 -22.39
CA PHE F 466 -41.45 -47.03 -22.72
C PHE F 466 -41.50 -45.98 -21.61
N ASN F 467 -40.32 -45.46 -21.27
CA ASN F 467 -40.21 -44.40 -20.27
C ASN F 467 -39.18 -43.38 -20.76
N LEU F 468 -39.54 -42.11 -20.76
CA LEU F 468 -38.64 -41.01 -21.07
C LEU F 468 -38.55 -40.11 -19.85
N ARG F 469 -37.34 -39.95 -19.32
CA ARG F 469 -37.12 -39.13 -18.14
C ARG F 469 -36.14 -38.00 -18.48
N SER F 470 -36.54 -36.77 -18.17
CA SER F 470 -35.67 -35.61 -18.32
C SER F 470 -35.49 -34.99 -16.95
N THR F 471 -34.23 -34.85 -16.52
CA THR F 471 -33.89 -34.42 -15.18
C THR F 471 -32.97 -33.21 -15.25
N PHE F 472 -33.27 -32.18 -14.47
CA PHE F 472 -32.43 -31.00 -14.35
C PHE F 472 -32.05 -30.82 -12.89
N GLY F 473 -30.75 -30.82 -12.62
CA GLY F 473 -30.24 -30.67 -11.27
C GLY F 473 -29.47 -29.38 -11.13
N LEU F 474 -29.48 -28.84 -9.90
CA LEU F 474 -28.81 -27.57 -9.61
C LEU F 474 -28.14 -27.68 -8.24
N ASP F 475 -26.93 -27.14 -8.14
CA ASP F 475 -26.17 -27.15 -6.89
C ASP F 475 -25.46 -25.80 -6.77
N TYR F 476 -26.10 -24.85 -6.08
CA TYR F 476 -25.56 -23.53 -5.89
C TYR F 476 -24.98 -23.39 -4.49
N ALA F 477 -23.72 -23.02 -4.40
CA ALA F 477 -23.04 -22.87 -3.12
C ALA F 477 -22.51 -21.46 -2.97
N ASN F 478 -22.71 -20.89 -1.78
CA ASN F 478 -22.27 -19.54 -1.44
C ASN F 478 -21.51 -19.59 -0.13
N LYS F 479 -20.39 -18.87 -0.07
CA LYS F 479 -19.59 -18.83 1.15
C LYS F 479 -19.15 -17.41 1.41
N GLN F 480 -19.46 -16.89 2.60
CA GLN F 480 -19.11 -15.54 2.98
C GLN F 480 -18.36 -15.58 4.31
N ALA F 481 -17.17 -14.98 4.33
CA ALA F 481 -16.33 -15.00 5.52
C ALA F 481 -15.71 -13.63 5.72
N ARG F 482 -15.36 -13.34 6.97
CA ARG F 482 -14.67 -12.11 7.35
C ARG F 482 -13.62 -12.47 8.37
N TYR F 483 -12.35 -12.43 7.98
CA TYR F 483 -11.24 -12.81 8.84
C TYR F 483 -10.56 -11.56 9.39
N PHE F 484 -10.34 -11.55 10.70
CA PHE F 484 -9.76 -10.40 11.39
C PHE F 484 -8.36 -10.73 11.88
N THR F 485 -7.50 -9.72 11.89
CA THR F 485 -6.12 -9.83 12.37
C THR F 485 -5.92 -8.78 13.45
N TYR F 486 -6.27 -9.12 14.69
CA TYR F 486 -6.11 -8.17 15.78
C TYR F 486 -4.63 -8.05 16.15
N PRO F 487 -4.16 -6.86 16.50
CA PRO F 487 -2.81 -6.73 17.03
C PRO F 487 -2.66 -7.52 18.32
N TYR F 488 -1.50 -8.16 18.48
CA TYR F 488 -1.21 -8.90 19.70
C TYR F 488 0.21 -8.62 20.14
N GLN F 489 0.43 -8.71 21.45
CA GLN F 489 1.75 -8.51 22.03
C GLN F 489 1.84 -9.41 23.27
N GLU F 490 2.41 -10.60 23.07
CA GLU F 490 2.53 -11.61 24.13
C GLU F 490 4.01 -11.74 24.47
N GLY F 491 4.47 -10.92 25.40
CA GLY F 491 5.89 -10.91 25.73
C GLY F 491 6.69 -10.42 24.53
N THR F 492 7.61 -11.24 24.07
CA THR F 492 8.41 -10.91 22.89
C THR F 492 7.73 -11.29 21.58
N GLN F 493 6.56 -11.91 21.64
CA GLN F 493 5.82 -12.32 20.45
C GLN F 493 4.82 -11.24 20.09
N THR F 494 4.99 -10.63 18.91
CA THR F 494 4.10 -9.57 18.48
C THR F 494 4.15 -9.47 16.96
N ASN F 495 3.15 -8.80 16.40
CA ASN F 495 3.07 -8.55 14.97
C ASN F 495 3.20 -7.06 14.64
N ASN F 496 3.85 -6.30 15.52
CA ASN F 496 4.05 -4.87 15.34
C ASN F 496 2.73 -4.12 15.21
N GLY F 497 1.73 -4.56 15.96
CA GLY F 497 0.44 -3.88 15.95
C GLY F 497 -0.26 -3.90 14.60
N LYS F 498 -0.23 -5.04 13.93
CA LYS F 498 -0.88 -5.17 12.62
C LYS F 498 -2.36 -5.46 12.81
N SER F 499 -3.21 -4.53 12.36
CA SER F 499 -4.66 -4.71 12.37
C SER F 499 -5.14 -4.79 10.93
N ALA F 500 -5.90 -5.83 10.61
CA ALA F 500 -6.34 -6.04 9.25
C ALA F 500 -7.65 -6.81 9.24
N VAL F 501 -8.35 -6.72 8.10
CA VAL F 501 -9.59 -7.43 7.88
C VAL F 501 -9.57 -8.01 6.47
N GLU F 502 -10.22 -9.16 6.31
CA GLU F 502 -10.23 -9.89 5.05
C GLU F 502 -11.65 -10.38 4.80
N ALA F 503 -12.33 -9.75 3.84
CA ALA F 503 -13.69 -10.12 3.49
C ALA F 503 -13.65 -10.96 2.22
N LYS F 504 -14.04 -12.22 2.32
CA LYS F 504 -13.92 -13.18 1.23
C LYS F 504 -15.30 -13.68 0.84
N GLN F 505 -15.48 -13.93 -0.46
CA GLN F 505 -16.74 -14.43 -1.00
C GLN F 505 -16.44 -15.47 -2.05
N GLU F 506 -17.17 -16.59 -2.00
CA GLU F 506 -16.98 -17.68 -2.94
C GLU F 506 -18.33 -18.17 -3.45
N HIS F 507 -18.38 -18.51 -4.74
CA HIS F 507 -19.57 -19.01 -5.39
C HIS F 507 -19.23 -20.29 -6.15
N TRP F 508 -20.06 -21.31 -5.97
CA TRP F 508 -19.98 -22.53 -6.77
C TRP F 508 -21.35 -22.78 -7.38
N THR F 509 -21.41 -22.96 -8.69
CA THR F 509 -22.67 -23.20 -9.39
C THR F 509 -22.50 -24.40 -10.30
N LYS F 510 -23.17 -25.51 -9.96
CA LYS F 510 -23.12 -26.73 -10.75
C LYS F 510 -24.52 -27.07 -11.19
N TRP F 511 -24.71 -27.26 -12.50
CA TRP F 511 -26.01 -27.66 -13.03
C TRP F 511 -25.86 -28.84 -13.98
N MET F 512 -26.79 -29.78 -13.86
CA MET F 512 -26.79 -31.02 -14.62
C MET F 512 -28.13 -31.19 -15.32
N TRP F 513 -28.07 -31.62 -16.57
CA TRP F 513 -29.26 -31.96 -17.34
C TRP F 513 -29.14 -33.41 -17.80
N ASN F 514 -30.25 -34.14 -17.72
CA ASN F 514 -30.27 -35.56 -18.03
C ASN F 514 -31.44 -35.88 -18.94
N ALA F 515 -31.25 -36.87 -19.81
CA ALA F 515 -32.32 -37.37 -20.67
C ALA F 515 -32.16 -38.87 -20.80
N ILE F 516 -33.12 -39.63 -20.28
CA ILE F 516 -33.05 -41.08 -20.23
C ILE F 516 -34.26 -41.66 -20.94
N ALA F 517 -34.01 -42.63 -21.83
CA ALA F 517 -35.07 -43.38 -22.50
C ALA F 517 -34.89 -44.85 -22.16
N THR F 518 -35.93 -45.46 -21.59
CA THR F 518 -35.88 -46.82 -21.10
C THR F 518 -37.01 -47.63 -21.70
N TYR F 519 -36.73 -48.89 -22.04
CA TYR F 519 -37.73 -49.82 -22.54
C TYR F 519 -37.57 -51.16 -21.84
N GLN F 520 -38.69 -51.79 -21.52
CA GLN F 520 -38.71 -53.08 -20.85
C GLN F 520 -39.58 -54.06 -21.63
N LEU F 521 -39.12 -55.30 -21.72
CA LEU F 521 -39.83 -56.36 -22.43
C LEU F 521 -39.87 -57.61 -21.56
N GLU F 522 -41.00 -58.29 -21.58
CA GLU F 522 -41.24 -59.48 -20.76
C GLU F 522 -41.74 -60.62 -21.63
N VAL F 523 -41.08 -60.84 -22.77
CA VAL F 523 -41.51 -61.88 -23.70
C VAL F 523 -41.06 -63.23 -23.19
N GLY F 524 -42.00 -64.18 -23.10
CA GLY F 524 -41.67 -65.52 -22.65
C GLY F 524 -41.08 -65.50 -21.25
N LYS F 525 -39.97 -66.22 -21.09
CA LYS F 525 -39.21 -66.21 -19.84
C LYS F 525 -38.06 -65.22 -19.86
N HIS F 526 -37.90 -64.46 -20.94
CA HIS F 526 -36.82 -63.51 -21.08
C HIS F 526 -37.27 -62.12 -20.65
N ARG F 527 -36.48 -61.48 -19.81
CA ARG F 527 -36.71 -60.10 -19.38
C ARG F 527 -35.60 -59.23 -19.97
N GLY F 528 -35.98 -58.19 -20.71
CA GLY F 528 -34.99 -57.35 -21.35
C GLY F 528 -35.21 -55.87 -21.15
N ASP F 529 -34.23 -55.19 -20.56
CA ASP F 529 -34.28 -53.76 -20.33
C ASP F 529 -33.21 -53.08 -21.15
N VAL F 530 -33.59 -52.07 -21.92
CA VAL F 530 -32.65 -51.32 -22.74
C VAL F 530 -32.80 -49.85 -22.39
N MET F 531 -31.70 -49.21 -22.00
CA MET F 531 -31.71 -47.81 -21.59
C MET F 531 -30.64 -47.05 -22.35
N ILE F 532 -30.99 -45.86 -22.83
CA ILE F 532 -30.02 -44.93 -23.41
C ILE F 532 -30.18 -43.61 -22.71
N GLY F 533 -29.10 -42.82 -22.68
CA GLY F 533 -29.13 -41.58 -21.93
C GLY F 533 -28.08 -40.60 -22.40
N MET F 534 -28.40 -39.33 -22.27
CA MET F 534 -27.49 -38.22 -22.55
C MET F 534 -27.47 -37.30 -21.35
N GLU F 535 -26.27 -36.95 -20.90
CA GLU F 535 -26.09 -36.13 -19.70
C GLU F 535 -25.13 -34.99 -19.98
N LEU F 536 -25.46 -33.81 -19.46
CA LEU F 536 -24.60 -32.64 -19.53
C LEU F 536 -24.38 -32.10 -18.13
N ASN F 537 -23.13 -31.76 -17.83
CA ASN F 537 -22.76 -31.17 -16.55
C ASN F 537 -21.98 -29.90 -16.79
N ARG F 538 -22.24 -28.87 -15.99
CA ARG F 538 -21.47 -27.64 -16.08
C ARG F 538 -21.22 -27.10 -14.68
N GLU F 539 -19.95 -26.88 -14.35
CA GLU F 539 -19.56 -26.30 -13.07
C GLU F 539 -18.82 -25.00 -13.31
N ASP F 540 -19.22 -23.96 -12.58
CA ASP F 540 -18.56 -22.66 -12.62
C ASP F 540 -18.28 -22.21 -11.19
N ASP F 541 -17.02 -21.94 -10.89
CA ASP F 541 -16.60 -21.49 -9.57
C ASP F 541 -15.98 -20.12 -9.69
N SER F 542 -16.18 -19.29 -8.66
CA SER F 542 -15.56 -17.98 -8.62
C SER F 542 -15.33 -17.60 -7.17
N HIS F 543 -14.40 -16.67 -6.96
CA HIS F 543 -14.16 -16.17 -5.61
C HIS F 543 -13.46 -14.82 -5.71
N PHE F 544 -13.69 -13.98 -4.72
CA PHE F 544 -13.02 -12.70 -4.65
C PHE F 544 -12.98 -12.23 -3.21
N SER F 545 -11.94 -11.47 -2.88
CA SER F 545 -11.70 -11.05 -1.51
C SER F 545 -11.11 -9.66 -1.49
N GLY F 546 -11.45 -8.92 -0.45
CA GLY F 546 -10.85 -7.62 -0.18
C GLY F 546 -10.10 -7.66 1.14
N TYR F 547 -9.00 -6.93 1.20
CA TYR F 547 -8.12 -6.93 2.36
C TYR F 547 -7.80 -5.49 2.74
N LYS F 548 -8.02 -5.14 4.00
CA LYS F 548 -7.82 -3.78 4.47
C LYS F 548 -6.99 -3.80 5.75
N GLU F 549 -6.36 -2.67 6.06
CA GLU F 549 -5.42 -2.60 7.17
C GLU F 549 -5.64 -1.31 7.95
N ASP F 550 -4.87 -1.15 9.04
CA ASP F 550 -4.78 0.08 9.82
C ASP F 550 -6.13 0.49 10.40
N PHE F 551 -6.62 -0.35 11.32
CA PHE F 551 -7.83 -0.07 12.07
C PHE F 551 -7.48 0.48 13.45
N SER F 552 -8.47 1.13 14.07
CA SER F 552 -8.28 1.82 15.34
C SER F 552 -9.04 1.19 16.50
N ILE F 553 -10.36 1.00 16.35
CA ILE F 553 -11.16 0.50 17.47
C ILE F 553 -10.83 -0.96 17.77
N LEU F 554 -10.57 -1.75 16.73
CA LEU F 554 -10.18 -3.16 16.86
C LEU F 554 -11.31 -3.99 17.49
N THR F 555 -12.47 -3.93 16.85
CA THR F 555 -13.61 -4.77 17.21
C THR F 555 -14.27 -5.23 15.92
N PRO F 556 -14.95 -6.38 15.93
CA PRO F 556 -15.60 -6.85 14.70
C PRO F 556 -16.62 -5.88 14.13
N ASP F 557 -17.31 -5.13 14.99
CA ASP F 557 -18.28 -4.16 14.50
C ASP F 557 -17.61 -3.05 13.70
N TYR F 558 -16.49 -2.54 14.22
CA TYR F 558 -15.80 -1.45 13.54
C TYR F 558 -14.99 -1.92 12.35
N MET F 559 -14.43 -3.13 12.41
CA MET F 559 -13.53 -3.58 11.36
C MET F 559 -14.28 -3.89 10.07
N TRP F 560 -14.37 -2.91 9.19
CA TRP F 560 -14.89 -3.06 7.84
C TRP F 560 -13.94 -2.36 6.88
N PRO F 561 -13.88 -2.82 5.62
CA PRO F 561 -12.94 -2.21 4.67
C PRO F 561 -13.14 -0.72 4.49
N ASP F 562 -14.37 -0.22 4.57
CA ASP F 562 -14.59 1.22 4.52
C ASP F 562 -13.98 1.91 5.73
N ALA F 563 -14.10 1.31 6.90
CA ALA F 563 -13.53 1.91 8.11
C ALA F 563 -12.01 1.78 8.15
N GLY F 564 -11.43 0.91 7.34
CA GLY F 564 -9.99 0.78 7.31
C GLY F 564 -9.32 2.02 6.77
N SER F 565 -8.08 2.25 7.20
CA SER F 565 -7.31 3.42 6.80
C SER F 565 -5.89 3.04 6.46
N GLY F 566 -5.71 1.95 5.71
CA GLY F 566 -4.39 1.50 5.36
C GLY F 566 -4.32 0.92 3.97
N THR F 567 -3.30 0.11 3.71
CA THR F 567 -3.11 -0.50 2.40
C THR F 567 -4.24 -1.48 2.12
N ALA F 568 -4.78 -1.42 0.91
CA ALA F 568 -5.88 -2.27 0.49
C ALA F 568 -5.42 -3.19 -0.64
N GLN F 569 -5.92 -4.42 -0.61
CA GLN F 569 -5.61 -5.41 -1.63
C GLN F 569 -6.89 -6.09 -2.10
N ALA F 570 -6.88 -6.54 -3.34
CA ALA F 570 -8.03 -7.22 -3.93
C ALA F 570 -7.56 -8.50 -4.62
N TYR F 571 -8.25 -9.60 -4.38
CA TYR F 571 -7.95 -10.87 -5.00
C TYR F 571 -9.20 -11.41 -5.65
N GLY F 572 -9.03 -12.19 -6.71
CA GLY F 572 -10.17 -12.75 -7.40
C GLY F 572 -9.81 -13.73 -8.49
N ALA F 573 -10.59 -14.79 -8.61
CA ALA F 573 -10.33 -15.81 -9.62
C ALA F 573 -11.63 -16.51 -9.99
N GLY F 574 -11.60 -17.19 -11.13
CA GLY F 574 -12.76 -17.95 -11.59
C GLY F 574 -12.33 -19.05 -12.50
N GLU F 575 -13.11 -20.13 -12.51
CA GLU F 575 -12.78 -21.30 -13.33
C GLU F 575 -14.06 -22.10 -13.53
N GLY F 576 -13.93 -23.20 -14.25
CA GLY F 576 -15.06 -24.08 -14.48
C GLY F 576 -14.73 -25.15 -15.49
N TYR F 577 -15.69 -26.04 -15.68
CA TYR F 577 -15.53 -27.13 -16.64
C TYR F 577 -16.90 -27.67 -17.03
N SER F 578 -16.91 -28.49 -18.09
CA SER F 578 -18.13 -29.05 -18.63
C SER F 578 -17.88 -30.52 -18.99
N LEU F 579 -18.95 -31.30 -18.89
CA LEU F 579 -18.93 -32.73 -19.16
C LEU F 579 -20.11 -33.10 -20.04
N VAL F 580 -19.85 -33.97 -21.02
CA VAL F 580 -20.89 -34.50 -21.89
C VAL F 580 -20.77 -36.02 -21.88
N SER F 581 -21.91 -36.71 -21.76
CA SER F 581 -21.89 -38.16 -21.68
C SER F 581 -23.05 -38.76 -22.46
N PHE F 582 -22.76 -39.82 -23.19
CA PHE F 582 -23.76 -40.64 -23.86
C PHE F 582 -23.58 -42.08 -23.40
N PHE F 583 -24.57 -42.61 -22.70
CA PHE F 583 -24.43 -43.94 -22.10
C PHE F 583 -25.56 -44.85 -22.53
N GLY F 584 -25.27 -46.14 -22.57
CA GLY F 584 -26.24 -47.16 -22.88
C GLY F 584 -26.09 -48.38 -21.99
N LYS F 585 -27.21 -48.96 -21.59
CA LYS F 585 -27.25 -50.09 -20.67
C LYS F 585 -28.23 -51.11 -21.21
N MET F 586 -27.88 -52.39 -21.08
CA MET F 586 -28.76 -53.48 -21.52
C MET F 586 -28.69 -54.59 -20.50
N ASN F 587 -29.85 -54.98 -19.98
CA ASN F 587 -29.98 -56.04 -18.98
C ASN F 587 -30.84 -57.15 -19.55
N TYR F 588 -30.34 -58.38 -19.48
CA TYR F 588 -31.07 -59.55 -19.97
C TYR F 588 -31.13 -60.58 -18.87
N SER F 589 -32.32 -61.12 -18.62
CA SER F 589 -32.52 -62.14 -17.61
C SER F 589 -33.26 -63.31 -18.23
N TYR F 590 -32.69 -64.51 -18.08
CA TYR F 590 -33.29 -65.72 -18.59
C TYR F 590 -33.68 -66.62 -17.42
N ALA F 591 -34.94 -67.05 -17.42
CA ALA F 591 -35.51 -67.93 -16.41
C ALA F 591 -35.37 -67.39 -15.00
N ASP F 592 -35.14 -66.08 -14.87
CA ASP F 592 -34.82 -65.44 -13.59
C ASP F 592 -33.64 -66.15 -12.93
N ARG F 593 -32.76 -66.71 -13.74
CA ARG F 593 -31.64 -67.52 -13.28
C ARG F 593 -30.31 -67.06 -13.84
N TYR F 594 -30.26 -66.65 -15.11
CA TYR F 594 -29.04 -66.14 -15.71
C TYR F 594 -29.20 -64.67 -16.05
N LEU F 595 -28.27 -63.85 -15.58
CA LEU F 595 -28.34 -62.40 -15.72
C LEU F 595 -27.12 -61.91 -16.49
N LEU F 596 -27.34 -61.05 -17.47
CA LEU F 596 -26.28 -60.44 -18.25
C LEU F 596 -26.52 -58.94 -18.33
N SER F 597 -25.45 -58.17 -18.19
CA SER F 597 -25.53 -56.71 -18.25
C SER F 597 -24.39 -56.19 -19.10
N LEU F 598 -24.71 -55.33 -20.06
CA LEU F 598 -23.71 -54.70 -20.91
C LEU F 598 -23.95 -53.20 -20.94
N THR F 599 -22.94 -52.42 -20.60
CA THR F 599 -23.05 -50.97 -20.67
C THR F 599 -21.87 -50.39 -21.44
N LEU F 600 -22.16 -49.30 -22.14
CA LEU F 600 -21.17 -48.56 -22.92
C LEU F 600 -21.29 -47.08 -22.57
N ARG F 601 -20.16 -46.40 -22.49
CA ARG F 601 -20.18 -44.99 -22.15
C ARG F 601 -19.23 -44.21 -23.03
N ARG F 602 -19.71 -43.11 -23.60
CA ARG F 602 -18.90 -42.18 -24.36
C ARG F 602 -18.86 -40.87 -23.58
N ASP F 603 -17.70 -40.53 -23.04
CA ASP F 603 -17.56 -39.41 -22.13
C ASP F 603 -16.56 -38.40 -22.69
N GLY F 604 -16.91 -37.13 -22.59
CA GLY F 604 -16.01 -36.06 -22.99
C GLY F 604 -16.04 -34.94 -21.96
N SER F 605 -14.90 -34.29 -21.81
CA SER F 605 -14.74 -33.22 -20.84
C SER F 605 -14.06 -32.02 -21.49
N SER F 606 -14.32 -30.84 -20.93
CA SER F 606 -13.68 -29.64 -21.43
C SER F 606 -12.22 -29.53 -21.01
N ARG F 607 -11.74 -30.44 -20.16
CA ARG F 607 -10.37 -30.39 -19.68
C ARG F 607 -9.36 -30.96 -20.67
N PHE F 608 -9.81 -31.55 -21.76
CA PHE F 608 -8.92 -32.15 -22.74
C PHE F 608 -9.05 -31.43 -24.09
N GLY F 609 -8.05 -31.63 -24.93
CA GLY F 609 -8.08 -31.04 -26.25
C GLY F 609 -9.10 -31.72 -27.14
N LYS F 610 -9.31 -31.11 -28.32
CA LYS F 610 -10.34 -31.61 -29.23
C LYS F 610 -10.01 -33.02 -29.71
N ASN F 611 -8.74 -33.31 -29.96
CA ASN F 611 -8.36 -34.62 -30.45
C ASN F 611 -8.64 -35.72 -29.43
N HIS F 612 -8.37 -35.46 -28.15
CA HIS F 612 -8.53 -36.44 -27.10
C HIS F 612 -9.68 -36.10 -26.16
N ARG F 613 -10.71 -35.45 -26.68
CA ARG F 613 -11.81 -35.00 -25.81
C ARG F 613 -12.66 -36.17 -25.33
N TYR F 614 -12.98 -37.10 -26.21
CA TYR F 614 -13.93 -38.17 -25.92
C TYR F 614 -13.22 -39.51 -25.74
N ALA F 615 -13.82 -40.35 -24.91
CA ALA F 615 -13.31 -41.69 -24.65
C ALA F 615 -14.48 -42.64 -24.46
N THR F 616 -14.23 -43.93 -24.69
CA THR F 616 -15.24 -44.97 -24.63
C THR F 616 -14.86 -45.99 -23.56
N PHE F 617 -15.84 -46.36 -22.73
CA PHE F 617 -15.63 -47.29 -21.63
C PHE F 617 -16.71 -48.37 -21.68
N PRO F 618 -16.34 -49.63 -21.89
CA PRO F 618 -17.32 -50.71 -21.80
C PRO F 618 -17.34 -51.41 -20.45
N SER F 619 -18.43 -52.09 -20.14
CA SER F 619 -18.51 -52.89 -18.94
C SER F 619 -19.50 -54.03 -19.14
N VAL F 620 -19.17 -55.19 -18.60
CA VAL F 620 -19.97 -56.40 -18.73
C VAL F 620 -20.09 -57.05 -17.36
N SER F 621 -21.26 -57.60 -17.08
CA SER F 621 -21.53 -58.27 -15.81
C SER F 621 -22.33 -59.54 -16.07
N LEU F 622 -21.96 -60.62 -15.39
CA LEU F 622 -22.67 -61.89 -15.47
C LEU F 622 -23.09 -62.31 -14.08
N GLY F 623 -24.23 -62.97 -13.99
CA GLY F 623 -24.74 -63.46 -12.72
C GLY F 623 -25.50 -64.74 -12.92
N TRP F 624 -25.43 -65.63 -11.93
CA TRP F 624 -26.05 -66.93 -12.01
C TRP F 624 -26.62 -67.26 -10.64
N ARG F 625 -27.95 -67.41 -10.57
CA ARG F 625 -28.62 -67.79 -9.33
C ARG F 625 -28.60 -69.31 -9.24
N ILE F 626 -27.63 -69.83 -8.50
CA ILE F 626 -27.43 -71.28 -8.46
C ILE F 626 -28.60 -71.96 -7.76
N THR F 627 -29.23 -71.28 -6.81
CA THR F 627 -30.32 -71.87 -6.05
C THR F 627 -31.55 -72.14 -6.92
N GLN F 628 -31.69 -71.46 -8.06
CA GLN F 628 -32.81 -71.69 -8.95
C GLN F 628 -32.65 -72.95 -9.78
N GLU F 629 -31.45 -73.51 -9.86
CA GLU F 629 -31.24 -74.73 -10.61
C GLU F 629 -31.92 -75.91 -9.94
N ASN F 630 -32.39 -76.85 -10.75
CA ASN F 630 -33.19 -77.96 -10.25
C ASN F 630 -32.36 -79.08 -9.63
N PHE F 631 -31.04 -79.02 -9.71
CA PHE F 631 -30.20 -80.09 -9.19
C PHE F 631 -29.81 -79.87 -7.72
N MET F 632 -30.35 -78.83 -7.09
CA MET F 632 -30.21 -78.67 -5.64
C MET F 632 -31.51 -78.24 -4.99
N LYS F 633 -32.65 -78.68 -5.54
CA LYS F 633 -33.94 -78.37 -4.93
C LYS F 633 -34.10 -78.99 -3.55
N GLU F 634 -33.36 -80.07 -3.26
CA GLU F 634 -33.46 -80.72 -1.96
C GLU F 634 -32.72 -79.99 -0.86
N LEU F 635 -31.90 -79.00 -1.21
CA LEU F 635 -31.13 -78.23 -0.22
C LEU F 635 -32.04 -77.14 0.34
N THR F 636 -32.90 -77.53 1.26
CA THR F 636 -33.86 -76.60 1.85
C THR F 636 -33.15 -75.54 2.69
N TRP F 637 -32.08 -75.92 3.39
CA TRP F 637 -31.37 -74.97 4.23
C TRP F 637 -30.77 -73.84 3.40
N LEU F 638 -30.20 -74.17 2.24
CA LEU F 638 -29.65 -73.15 1.36
C LEU F 638 -30.76 -72.36 0.70
N ASP F 639 -31.12 -71.21 1.30
CA ASP F 639 -32.26 -70.45 0.82
C ASP F 639 -31.96 -69.80 -0.53
N ASP F 640 -30.79 -69.19 -0.66
CA ASP F 640 -30.44 -68.49 -1.90
C ASP F 640 -28.92 -68.47 -2.06
N LEU F 641 -28.48 -68.63 -3.30
CA LEU F 641 -27.05 -68.58 -3.61
C LEU F 641 -26.88 -67.99 -5.00
N LYS F 642 -26.04 -66.97 -5.11
CA LYS F 642 -25.82 -66.27 -6.37
C LYS F 642 -24.33 -66.06 -6.58
N LEU F 643 -23.86 -66.39 -7.78
CA LEU F 643 -22.47 -66.19 -8.17
C LEU F 643 -22.42 -65.18 -9.29
N ARG F 644 -21.67 -64.09 -9.10
CA ARG F 644 -21.62 -63.03 -10.09
C ARG F 644 -20.18 -62.63 -10.36
N ALA F 645 -19.95 -62.14 -11.58
CA ALA F 645 -18.66 -61.63 -11.99
C ALA F 645 -18.89 -60.38 -12.83
N SER F 646 -17.87 -59.55 -12.92
CA SER F 646 -18.01 -58.32 -13.69
C SER F 646 -16.64 -57.81 -14.10
N TRP F 647 -16.55 -57.31 -15.32
CA TRP F 647 -15.35 -56.66 -15.83
C TRP F 647 -15.78 -55.33 -16.42
N GLY F 648 -15.27 -54.22 -15.87
CA GLY F 648 -15.70 -52.91 -16.30
C GLY F 648 -14.51 -51.99 -16.49
N GLN F 649 -14.73 -50.95 -17.31
CA GLN F 649 -13.77 -49.88 -17.49
C GLN F 649 -14.46 -48.56 -17.19
N THR F 650 -13.76 -47.69 -16.49
CA THR F 650 -14.28 -46.37 -16.15
C THR F 650 -13.20 -45.33 -16.40
N GLY F 651 -13.63 -44.09 -16.54
CA GLY F 651 -12.76 -42.99 -16.92
C GLY F 651 -12.56 -42.02 -15.77
N ASN F 652 -11.36 -41.47 -15.70
CA ASN F 652 -11.02 -40.46 -14.70
C ASN F 652 -10.47 -39.23 -15.40
N GLN F 653 -10.96 -38.06 -15.01
CA GLN F 653 -10.46 -36.79 -15.52
C GLN F 653 -10.38 -35.72 -14.43
N GLU F 654 -10.39 -36.13 -13.16
CA GLU F 654 -10.43 -35.18 -12.04
C GLU F 654 -9.04 -34.56 -11.88
N ILE F 655 -8.76 -33.59 -12.74
CA ILE F 655 -7.50 -32.86 -12.73
C ILE F 655 -7.81 -31.36 -12.69
N SER F 656 -6.74 -30.56 -12.72
CA SER F 656 -6.91 -29.11 -12.75
C SER F 656 -7.59 -28.68 -14.04
N ASN F 657 -8.40 -27.63 -13.94
CA ASN F 657 -9.15 -27.17 -15.11
C ASN F 657 -8.22 -26.70 -16.21
N LEU F 658 -7.16 -25.99 -15.85
CA LEU F 658 -6.18 -25.50 -16.82
C LEU F 658 -4.99 -26.46 -16.81
N ALA F 659 -5.19 -27.62 -17.44
CA ALA F 659 -4.18 -28.66 -17.45
C ALA F 659 -3.42 -28.76 -18.76
N ARG F 660 -4.06 -28.46 -19.89
CA ARG F 660 -3.44 -28.56 -21.20
C ARG F 660 -2.88 -27.25 -21.69
N TYR F 661 -2.92 -26.20 -20.88
CA TYR F 661 -2.48 -24.87 -21.28
C TYR F 661 -1.17 -24.51 -20.60
N THR F 662 -0.33 -23.78 -21.31
CA THR F 662 0.87 -23.19 -20.74
C THR F 662 0.47 -21.89 -20.06
N ILE F 663 0.37 -21.91 -18.74
CA ILE F 663 -0.19 -20.81 -17.97
C ILE F 663 0.89 -19.79 -17.69
N TYR F 664 0.64 -18.54 -18.08
CA TYR F 664 1.46 -17.40 -17.67
C TYR F 664 0.59 -16.44 -16.91
N ALA F 665 0.94 -16.18 -15.65
CA ALA F 665 0.11 -15.37 -14.79
C ALA F 665 0.86 -14.10 -14.38
N PRO F 666 0.16 -12.98 -14.27
CA PRO F 666 0.80 -11.72 -13.83
C PRO F 666 0.81 -11.60 -12.31
N ASN F 667 1.58 -12.46 -11.66
CA ASN F 667 1.64 -12.44 -10.20
C ASN F 667 2.41 -11.22 -9.72
N TYR F 668 1.70 -10.14 -9.42
CA TYR F 668 2.35 -8.92 -8.97
C TYR F 668 3.06 -9.14 -7.63
N GLY F 669 2.42 -9.88 -6.72
CA GLY F 669 3.01 -10.14 -5.42
C GLY F 669 2.17 -9.61 -4.29
N THR F 670 0.86 -9.50 -4.51
CA THR F 670 -0.05 -9.01 -3.49
C THR F 670 -0.52 -10.09 -2.53
N THR F 671 -0.18 -11.35 -2.78
CA THR F 671 -0.60 -12.44 -1.92
C THR F 671 0.40 -12.62 -0.78
N ASP F 672 -0.12 -12.85 0.42
CA ASP F 672 0.74 -13.10 1.57
C ASP F 672 1.50 -14.40 1.39
N SER F 673 2.79 -14.37 1.73
CA SER F 673 3.64 -15.53 1.64
C SER F 673 4.53 -15.60 2.87
N PHE F 674 4.72 -16.80 3.40
CA PHE F 674 5.55 -17.01 4.57
C PHE F 674 6.99 -17.29 4.14
N GLY F 675 7.93 -16.57 4.74
CA GLY F 675 9.33 -16.71 4.41
C GLY F 675 9.80 -15.86 3.25
N GLY F 676 8.90 -15.16 2.57
CA GLY F 676 9.27 -14.27 1.49
C GLY F 676 9.44 -14.91 0.13
N GLN F 677 9.16 -16.20 0.00
CA GLN F 677 9.24 -16.85 -1.31
C GLN F 677 7.95 -16.67 -2.10
N SER F 678 7.54 -15.41 -2.26
CA SER F 678 6.28 -15.10 -2.93
C SER F 678 6.35 -15.34 -4.43
N TYR F 679 7.55 -15.35 -5.01
CA TYR F 679 7.74 -15.51 -6.45
C TYR F 679 7.00 -14.44 -7.23
N GLY F 680 6.88 -13.25 -6.65
CA GLY F 680 6.14 -12.17 -7.28
C GLY F 680 6.89 -11.59 -8.46
N THR F 681 6.20 -10.69 -9.17
CA THR F 681 6.74 -10.05 -10.37
C THR F 681 6.58 -8.55 -10.23
N ALA F 682 7.53 -7.92 -9.55
CA ALA F 682 7.53 -6.48 -9.37
C ALA F 682 8.92 -6.07 -8.90
N TYR F 683 9.57 -5.19 -9.65
CA TYR F 683 10.93 -4.80 -9.35
C TYR F 683 11.06 -3.29 -9.41
N ASP F 684 11.73 -2.71 -8.41
CA ASP F 684 12.03 -1.29 -8.39
C ASP F 684 13.20 -1.04 -9.34
N ILE F 685 12.89 -1.08 -10.64
CA ILE F 685 13.93 -0.95 -11.64
C ILE F 685 14.55 0.44 -11.63
N THR F 686 13.76 1.46 -11.24
CA THR F 686 14.33 2.80 -11.13
C THR F 686 15.24 2.91 -9.92
N GLY F 687 14.90 2.25 -8.82
CA GLY F 687 15.72 2.29 -7.63
C GLY F 687 15.38 3.43 -6.70
N SER F 688 14.10 3.55 -6.34
CA SER F 688 13.62 4.62 -5.48
C SER F 688 12.91 4.10 -4.24
N ASN F 689 13.17 2.85 -3.86
CA ASN F 689 12.50 2.21 -2.71
C ASN F 689 10.99 2.28 -2.84
N GLY F 690 10.50 2.03 -4.05
CA GLY F 690 9.06 1.96 -4.26
C GLY F 690 8.45 3.34 -4.31
N GLY F 691 7.42 3.56 -3.49
CA GLY F 691 6.70 4.80 -3.51
C GLY F 691 5.63 4.91 -4.59
N GLY F 692 5.28 3.81 -5.23
CA GLY F 692 4.27 3.85 -6.28
C GLY F 692 4.06 2.48 -6.87
N VAL F 693 3.34 2.45 -7.98
CA VAL F 693 3.04 1.21 -8.68
C VAL F 693 4.28 0.79 -9.44
N LEU F 694 4.90 -0.32 -9.01
CA LEU F 694 6.10 -0.80 -9.65
C LEU F 694 5.78 -1.50 -10.97
N PRO F 695 6.72 -1.51 -11.91
CA PRO F 695 6.52 -2.28 -13.14
C PRO F 695 6.37 -3.76 -12.84
N SER F 696 5.52 -4.43 -13.61
CA SER F 696 5.24 -5.84 -13.36
C SER F 696 5.46 -6.66 -14.63
N GLY F 697 5.06 -7.92 -14.59
CA GLY F 697 5.24 -8.81 -15.73
C GLY F 697 4.47 -10.11 -15.57
N PHE F 698 5.01 -11.20 -16.10
CA PHE F 698 4.34 -12.50 -16.06
C PHE F 698 5.33 -13.58 -15.63
N LYS F 699 4.79 -14.63 -15.02
CA LYS F 699 5.58 -15.77 -14.62
C LYS F 699 4.86 -17.05 -15.05
N ARG F 700 5.64 -18.08 -15.34
CA ARG F 700 5.09 -19.34 -15.82
C ARG F 700 4.64 -20.20 -14.66
N ASN F 701 3.38 -20.63 -14.68
CA ASN F 701 2.84 -21.48 -13.62
C ASN F 701 2.98 -22.96 -13.95
N GLN F 702 2.76 -23.33 -15.21
CA GLN F 702 2.87 -24.73 -15.62
C GLN F 702 3.12 -24.78 -17.12
N ILE F 703 3.56 -25.95 -17.58
CA ILE F 703 3.81 -26.19 -19.00
C ILE F 703 2.65 -27.00 -19.55
N GLY F 704 2.06 -26.53 -20.64
CA GLY F 704 0.92 -27.21 -21.21
C GLY F 704 1.30 -28.53 -21.85
N ASN F 705 0.34 -29.45 -21.90
CA ASN F 705 0.50 -30.73 -22.56
C ASN F 705 -0.76 -31.02 -23.35
N ASP F 706 -0.64 -31.11 -24.66
CA ASP F 706 -1.78 -31.26 -25.54
C ASP F 706 -2.18 -32.71 -25.78
N ASN F 707 -1.49 -33.66 -25.15
CA ASN F 707 -1.74 -35.08 -25.37
C ASN F 707 -2.34 -35.77 -24.15
N ILE F 708 -2.88 -35.01 -23.21
CA ILE F 708 -3.49 -35.62 -22.03
C ILE F 708 -4.84 -36.21 -22.41
N LYS F 709 -5.09 -37.43 -21.96
CA LYS F 709 -6.32 -38.14 -22.23
C LYS F 709 -6.85 -38.73 -20.93
N TRP F 710 -7.96 -39.48 -21.04
CA TRP F 710 -8.62 -40.00 -19.85
C TRP F 710 -7.77 -41.08 -19.17
N GLU F 711 -7.77 -41.06 -17.84
CA GLU F 711 -7.24 -42.18 -17.08
C GLU F 711 -8.20 -43.35 -17.16
N THR F 712 -7.69 -44.54 -17.45
CA THR F 712 -8.54 -45.71 -17.65
C THR F 712 -8.39 -46.65 -16.47
N THR F 713 -9.49 -46.92 -15.77
CA THR F 713 -9.48 -47.82 -14.63
C THR F 713 -10.28 -49.07 -14.98
N THR F 714 -9.63 -50.22 -14.93
CA THR F 714 -10.24 -51.51 -15.23
C THR F 714 -10.46 -52.26 -13.93
N GLN F 715 -11.69 -52.66 -13.67
CA GLN F 715 -12.05 -53.34 -12.44
C GLN F 715 -12.66 -54.70 -12.74
N THR F 716 -12.14 -55.73 -12.09
CA THR F 716 -12.67 -57.09 -12.19
C THR F 716 -13.15 -57.51 -10.81
N ASN F 717 -14.41 -57.92 -10.72
CA ASN F 717 -15.03 -58.25 -9.46
C ASN F 717 -15.66 -59.63 -9.54
N VAL F 718 -15.51 -60.42 -8.48
CA VAL F 718 -16.14 -61.73 -8.37
C VAL F 718 -16.80 -61.82 -7.00
N GLY F 719 -18.09 -62.12 -6.98
CA GLY F 719 -18.84 -62.10 -5.75
C GLY F 719 -19.73 -63.31 -5.60
N ILE F 720 -19.92 -63.73 -4.35
CA ILE F 720 -20.81 -64.82 -3.98
C ILE F 720 -21.72 -64.32 -2.88
N ASP F 721 -23.03 -64.34 -3.14
CA ASP F 721 -24.03 -63.95 -2.15
C ASP F 721 -24.78 -65.20 -1.69
N PHE F 722 -24.93 -65.35 -0.38
CA PHE F 722 -25.60 -66.52 0.17
C PHE F 722 -26.60 -66.10 1.24
N SER F 723 -27.66 -66.89 1.36
CA SER F 723 -28.69 -66.72 2.36
C SER F 723 -29.17 -68.10 2.79
N LEU F 724 -29.17 -68.34 4.10
CA LEU F 724 -29.43 -69.66 4.64
C LEU F 724 -30.43 -69.58 5.78
N PHE F 725 -31.16 -70.69 5.96
CA PHE F 725 -32.09 -70.87 7.08
C PHE F 725 -33.23 -69.85 7.02
N LYS F 726 -33.86 -69.76 5.85
CA LYS F 726 -35.00 -68.86 5.61
C LYS F 726 -34.60 -67.41 5.89
N GLN F 727 -33.53 -66.98 5.20
CA GLN F 727 -33.02 -65.61 5.30
C GLN F 727 -32.61 -65.25 6.73
N SER F 728 -32.13 -66.24 7.49
CA SER F 728 -31.66 -65.98 8.84
C SER F 728 -30.17 -65.68 8.89
N LEU F 729 -29.38 -66.35 8.06
CA LEU F 729 -27.93 -66.13 7.98
C LEU F 729 -27.61 -65.71 6.56
N TYR F 730 -27.37 -64.42 6.35
CA TYR F 730 -27.07 -63.88 5.04
C TYR F 730 -25.62 -63.40 5.00
N GLY F 731 -25.08 -63.30 3.80
CA GLY F 731 -23.71 -62.86 3.67
C GLY F 731 -23.28 -62.75 2.22
N SER F 732 -22.09 -62.18 2.05
CA SER F 732 -21.51 -61.96 0.73
C SER F 732 -19.99 -61.98 0.84
N LEU F 733 -19.34 -62.49 -0.20
CA LEU F 733 -17.90 -62.54 -0.28
C LEU F 733 -17.47 -61.99 -1.64
N GLU F 734 -16.57 -61.01 -1.63
CA GLU F 734 -16.15 -60.32 -2.85
C GLU F 734 -14.64 -60.37 -2.97
N TYR F 735 -14.17 -60.50 -4.20
CA TYR F 735 -12.76 -60.35 -4.53
C TYR F 735 -12.64 -59.42 -5.72
N TYR F 736 -11.80 -58.39 -5.60
CA TYR F 736 -11.71 -57.38 -6.62
C TYR F 736 -10.26 -57.07 -6.99
N TYR F 737 -10.07 -56.77 -8.27
CA TYR F 737 -8.78 -56.36 -8.81
C TYR F 737 -8.99 -55.08 -9.61
N LYS F 738 -8.36 -53.99 -9.17
CA LYS F 738 -8.45 -52.70 -9.82
C LYS F 738 -7.09 -52.36 -10.43
N LYS F 739 -7.11 -51.90 -11.67
CA LYS F 739 -5.89 -51.55 -12.38
C LYS F 739 -6.12 -50.22 -13.08
N ALA F 740 -5.44 -49.17 -12.61
CA ALA F 740 -5.55 -47.84 -13.19
C ALA F 740 -4.32 -47.57 -14.05
N THR F 741 -4.55 -47.19 -15.31
CA THR F 741 -3.49 -46.94 -16.26
C THR F 741 -3.70 -45.57 -16.90
N ASP F 742 -2.62 -45.05 -17.48
CA ASP F 742 -2.60 -43.71 -18.06
C ASP F 742 -3.04 -42.67 -17.03
N ILE F 743 -2.55 -42.83 -15.81
CA ILE F 743 -2.98 -41.97 -14.71
C ILE F 743 -2.50 -40.55 -14.96
N LEU F 744 -3.42 -39.60 -14.91
CA LEU F 744 -3.07 -38.20 -15.07
C LEU F 744 -2.38 -37.70 -13.80
N THR F 745 -1.07 -37.49 -13.88
CA THR F 745 -0.29 -37.07 -12.74
C THR F 745 0.44 -35.76 -13.06
N GLU F 746 0.61 -34.95 -12.01
CA GLU F 746 1.29 -33.66 -12.10
C GLU F 746 2.77 -33.89 -11.82
N MET F 747 3.51 -34.23 -12.87
CA MET F 747 4.94 -34.45 -12.72
C MET F 747 5.66 -33.12 -12.64
N ALA F 748 6.56 -32.99 -11.68
CA ALA F 748 7.31 -31.76 -11.50
C ALA F 748 8.42 -31.65 -12.55
N GLY F 749 9.06 -30.49 -12.58
CA GLY F 749 10.15 -30.29 -13.51
C GLY F 749 11.38 -31.09 -13.13
N VAL F 750 12.28 -31.24 -14.11
CA VAL F 750 13.51 -31.98 -13.89
C VAL F 750 14.39 -31.33 -12.84
N GLY F 751 14.24 -30.02 -12.64
CA GLY F 751 15.02 -29.30 -11.66
C GLY F 751 15.77 -28.14 -12.27
N VAL F 752 16.35 -28.35 -13.46
CA VAL F 752 16.94 -27.26 -14.22
C VAL F 752 15.93 -26.59 -15.12
N LEU F 753 14.74 -27.16 -15.27
CA LEU F 753 13.68 -26.55 -16.05
C LEU F 753 13.10 -25.32 -15.36
N GLY F 754 13.29 -25.20 -14.04
CA GLY F 754 12.88 -24.00 -13.34
C GLY F 754 11.41 -23.99 -12.99
N GLU F 755 10.93 -22.79 -12.69
CA GLU F 755 9.54 -22.63 -12.28
C GLU F 755 8.59 -22.93 -13.42
N GLY F 756 7.40 -23.41 -13.06
CA GLY F 756 6.42 -23.79 -14.06
C GLY F 756 6.72 -25.10 -14.76
N GLY F 757 7.70 -25.86 -14.30
CA GLY F 757 8.00 -27.13 -14.93
C GLY F 757 6.99 -28.22 -14.67
N SER F 758 6.09 -28.02 -13.72
CA SER F 758 5.06 -29.00 -13.44
C SER F 758 4.12 -29.12 -14.62
N ARG F 759 3.76 -30.36 -14.97
CA ARG F 759 2.89 -30.60 -16.12
C ARG F 759 2.16 -31.91 -15.93
N TRP F 760 0.97 -31.99 -16.50
CA TRP F 760 0.13 -33.18 -16.40
C TRP F 760 0.50 -34.17 -17.50
N ILE F 761 0.64 -35.43 -17.11
CA ILE F 761 1.05 -36.47 -18.04
C ILE F 761 0.34 -37.77 -17.69
N ASN F 762 0.18 -38.62 -18.72
CA ASN F 762 -0.43 -39.94 -18.54
C ASN F 762 0.69 -40.98 -18.45
N SER F 763 1.31 -41.05 -17.27
CA SER F 763 2.45 -41.95 -17.06
C SER F 763 2.34 -42.62 -15.70
N GLY F 764 1.15 -43.13 -15.36
CA GLY F 764 0.93 -43.76 -14.08
C GLY F 764 0.37 -45.16 -14.24
N ALA F 765 0.49 -45.94 -13.17
CA ALA F 765 -0.06 -47.29 -13.13
C ALA F 765 -0.22 -47.70 -11.66
N MET F 766 -1.43 -48.07 -11.28
CA MET F 766 -1.74 -48.46 -9.91
C MET F 766 -2.53 -49.77 -9.92
N LYS F 767 -2.30 -50.59 -8.90
CA LYS F 767 -2.95 -51.88 -8.77
C LYS F 767 -3.50 -52.03 -7.35
N ASN F 768 -4.69 -52.63 -7.24
CA ASN F 768 -5.35 -52.83 -5.96
C ASN F 768 -6.03 -54.19 -5.96
N GLN F 769 -5.51 -55.13 -5.18
CA GLN F 769 -6.16 -56.42 -4.97
C GLN F 769 -6.80 -56.43 -3.60
N GLY F 770 -8.05 -56.85 -3.52
CA GLY F 770 -8.77 -56.78 -2.25
C GLY F 770 -9.79 -57.88 -2.09
N PHE F 771 -10.06 -58.21 -0.83
CA PHE F 771 -11.08 -59.17 -0.43
C PHE F 771 -12.04 -58.48 0.53
N GLU F 772 -13.32 -58.84 0.44
CA GLU F 772 -14.35 -58.32 1.34
C GLU F 772 -15.25 -59.46 1.77
N PHE F 773 -15.72 -59.40 3.01
CA PHE F 773 -16.61 -60.43 3.53
C PHE F 773 -17.62 -59.77 4.47
N ASN F 774 -18.88 -59.84 4.10
CA ASN F 774 -19.98 -59.30 4.92
C ASN F 774 -20.83 -60.46 5.41
N LEU F 775 -21.14 -60.46 6.70
CA LEU F 775 -21.93 -61.52 7.30
C LEU F 775 -22.97 -60.93 8.22
N GLY F 776 -24.13 -61.58 8.30
CA GLY F 776 -25.19 -61.14 9.18
C GLY F 776 -26.07 -62.30 9.61
N TYR F 777 -26.45 -62.32 10.88
CA TYR F 777 -27.28 -63.38 11.44
C TYR F 777 -28.35 -62.76 12.32
N ARG F 778 -29.62 -63.02 11.97
CA ARG F 778 -30.74 -62.51 12.74
C ARG F 778 -31.66 -63.68 13.11
N ASN F 779 -32.06 -63.72 14.37
CA ASN F 779 -32.93 -64.79 14.86
C ASN F 779 -33.58 -64.33 16.15
N LYS F 780 -34.62 -65.05 16.55
CA LYS F 780 -35.34 -64.75 17.78
C LYS F 780 -34.96 -65.75 18.87
N THR F 781 -35.57 -65.60 20.04
CA THR F 781 -35.26 -66.44 21.19
C THR F 781 -36.58 -66.87 21.84
N ALA F 782 -36.52 -67.99 22.57
CA ALA F 782 -37.72 -68.58 23.14
C ALA F 782 -38.41 -67.63 24.12
N PHE F 783 -37.58 -66.95 24.99
CA PHE F 783 -38.14 -66.09 26.03
C PHE F 783 -38.39 -64.66 25.55
N GLY F 784 -38.15 -64.37 24.28
CA GLY F 784 -38.52 -63.07 23.75
C GLY F 784 -37.39 -62.09 23.59
N LEU F 785 -36.25 -62.56 23.10
CA LEU F 785 -35.10 -61.71 22.81
C LEU F 785 -34.80 -61.79 21.32
N THR F 786 -34.71 -60.63 20.66
CA THR F 786 -34.43 -60.56 19.24
C THR F 786 -33.01 -60.04 19.07
N TYR F 787 -32.11 -60.88 18.58
CA TYR F 787 -30.71 -60.52 18.40
C TYR F 787 -30.38 -60.46 16.92
N ASP F 788 -29.77 -59.36 16.50
CA ASP F 788 -29.34 -59.15 15.12
C ASP F 788 -27.85 -58.83 15.13
N LEU F 789 -27.06 -59.66 14.47
CA LEU F 789 -25.61 -59.48 14.39
C LEU F 789 -25.22 -59.23 12.95
N ASN F 790 -24.45 -58.18 12.73
CA ASN F 790 -23.91 -57.84 11.41
C ASN F 790 -22.40 -57.76 11.51
N GLY F 791 -21.72 -58.72 10.88
CA GLY F 791 -20.27 -58.75 10.87
C GLY F 791 -19.73 -58.22 9.55
N ASN F 792 -18.50 -57.72 9.60
CA ASN F 792 -17.87 -57.18 8.41
C ASN F 792 -16.35 -57.31 8.57
N ILE F 793 -15.69 -57.73 7.50
CA ILE F 793 -14.23 -57.81 7.49
C ILE F 793 -13.76 -57.61 6.06
N SER F 794 -12.65 -56.89 5.90
CA SER F 794 -12.13 -56.61 4.57
C SER F 794 -10.62 -56.40 4.65
N THR F 795 -9.97 -56.57 3.50
CA THR F 795 -8.54 -56.37 3.37
C THR F 795 -8.22 -56.02 1.93
N TYR F 796 -7.10 -55.35 1.73
CA TYR F 796 -6.68 -54.97 0.39
C TYR F 796 -5.19 -54.72 0.38
N ARG F 797 -4.60 -54.76 -0.82
CA ARG F 797 -3.19 -54.50 -1.02
C ARG F 797 -3.03 -53.52 -2.18
N ASN F 798 -2.27 -52.47 -1.97
CA ASN F 798 -2.04 -51.43 -2.96
C ASN F 798 -0.61 -51.51 -3.46
N GLU F 799 -0.41 -51.21 -4.75
CA GLU F 799 0.90 -51.27 -5.35
C GLU F 799 0.98 -50.28 -6.51
N ILE F 800 2.11 -49.60 -6.62
CA ILE F 800 2.37 -48.68 -7.72
C ILE F 800 3.29 -49.37 -8.72
N LEU F 801 2.87 -49.41 -9.98
CA LEU F 801 3.57 -50.17 -11.00
C LEU F 801 4.42 -49.28 -11.91
N GLU F 802 3.94 -48.11 -12.29
CA GLU F 802 4.70 -47.17 -13.11
C GLU F 802 4.55 -45.78 -12.53
N LEU F 803 5.54 -44.94 -12.79
CA LEU F 803 5.55 -43.57 -12.26
C LEU F 803 6.56 -42.76 -13.06
N PRO F 804 6.30 -41.48 -13.27
CA PRO F 804 7.29 -40.64 -13.94
C PRO F 804 8.57 -40.54 -13.13
N GLU F 805 9.69 -40.35 -13.85
CA GLU F 805 11.00 -40.37 -13.20
C GLU F 805 11.13 -39.25 -12.18
N THR F 806 10.67 -38.05 -12.52
CA THR F 806 10.76 -36.92 -11.59
C THR F 806 9.91 -37.16 -10.36
N VAL F 807 8.72 -37.73 -10.52
CA VAL F 807 7.87 -38.03 -9.37
C VAL F 807 8.51 -39.07 -8.48
N ALA F 808 9.07 -40.12 -9.08
CA ALA F 808 9.74 -41.14 -8.29
C ALA F 808 10.95 -40.56 -7.56
N ALA F 809 11.65 -39.61 -8.19
CA ALA F 809 12.81 -39.01 -7.55
C ALA F 809 12.42 -38.11 -6.39
N ASN F 810 11.42 -37.25 -6.58
CA ASN F 810 11.06 -36.32 -5.51
C ASN F 810 10.27 -37.01 -4.41
N GLY F 811 9.70 -38.19 -4.67
CA GLY F 811 9.04 -38.94 -3.63
C GLY F 811 7.81 -38.28 -3.05
N LYS F 812 6.99 -37.66 -3.90
CA LYS F 812 5.74 -37.09 -3.43
C LYS F 812 4.77 -38.19 -2.98
N PHE F 813 4.75 -39.31 -3.71
CA PHE F 813 3.87 -40.42 -3.40
C PHE F 813 4.51 -41.46 -2.50
N GLY F 814 5.75 -41.22 -2.05
CA GLY F 814 6.40 -42.17 -1.17
C GLY F 814 7.89 -42.30 -1.43
N GLY F 815 8.61 -42.89 -0.47
CA GLY F 815 10.04 -43.07 -0.60
C GLY F 815 10.89 -41.96 -0.03
N ASN F 816 10.28 -40.83 0.36
CA ASN F 816 10.98 -39.70 0.95
C ASN F 816 12.08 -39.15 0.04
N GLY F 817 11.99 -39.40 -1.26
CA GLY F 817 13.01 -38.93 -2.17
C GLY F 817 14.31 -39.70 -2.13
N VAL F 818 14.35 -40.83 -1.42
CA VAL F 818 15.55 -41.65 -1.32
C VAL F 818 15.50 -42.83 -2.27
N LYS F 819 14.38 -43.55 -2.29
CA LYS F 819 14.19 -44.68 -3.19
C LYS F 819 12.85 -44.57 -3.87
N SER F 820 12.76 -45.11 -5.08
CA SER F 820 11.54 -45.02 -5.86
C SER F 820 10.45 -45.87 -5.23
N VAL F 821 9.23 -45.33 -5.21
CA VAL F 821 8.10 -46.05 -4.61
C VAL F 821 7.51 -47.08 -5.55
N VAL F 822 8.00 -47.14 -6.80
CA VAL F 822 7.48 -48.09 -7.77
C VAL F 822 7.67 -49.51 -7.25
N GLY F 823 6.61 -50.32 -7.33
CA GLY F 823 6.63 -51.65 -6.80
C GLY F 823 6.29 -51.77 -5.34
N HIS F 824 5.92 -50.67 -4.69
CA HIS F 824 5.58 -50.66 -3.28
C HIS F 824 4.24 -49.95 -3.07
N THR F 825 3.74 -50.05 -1.85
CA THR F 825 2.45 -49.47 -1.52
C THR F 825 2.50 -47.95 -1.60
N TYR F 826 1.38 -47.36 -2.00
CA TYR F 826 1.26 -45.91 -2.05
C TYR F 826 1.48 -45.32 -0.66
N GLY F 827 2.34 -44.30 -0.59
CA GLY F 827 2.63 -43.65 0.67
C GLY F 827 3.68 -44.34 1.52
N ALA F 828 4.31 -45.39 1.04
CA ALA F 828 5.35 -46.07 1.81
C ALA F 828 6.56 -45.16 1.98
N GLN F 829 7.22 -45.29 3.13
CA GLN F 829 8.32 -44.42 3.49
C GLN F 829 9.59 -45.22 3.71
N VAL F 830 10.72 -44.58 3.41
CA VAL F 830 12.05 -45.18 3.57
C VAL F 830 12.78 -44.45 4.68
N GLY F 831 13.33 -45.20 5.62
CA GLY F 831 14.05 -44.62 6.74
C GLY F 831 15.07 -45.58 7.29
N TYR F 832 15.73 -45.14 8.36
CA TYR F 832 16.73 -45.96 9.03
C TYR F 832 16.04 -47.01 9.91
N ILE F 833 16.83 -47.90 10.49
CA ILE F 833 16.34 -48.91 11.41
C ILE F 833 17.01 -48.71 12.74
N ALA F 834 16.22 -48.52 13.79
CA ALA F 834 16.74 -48.25 15.13
C ALA F 834 16.84 -49.57 15.89
N ASP F 835 18.07 -50.00 16.15
CA ASP F 835 18.32 -51.24 16.88
C ASP F 835 18.59 -50.95 18.35
N GLY F 836 17.57 -50.42 19.02
CA GLY F 836 17.74 -50.09 20.43
C GLY F 836 18.60 -48.84 20.60
N ILE F 837 19.14 -48.71 21.81
CA ILE F 837 19.99 -47.58 22.15
C ILE F 837 21.29 -48.09 22.76
N PHE F 838 22.32 -47.26 22.67
CA PHE F 838 23.60 -47.60 23.28
C PHE F 838 23.50 -47.54 24.79
N LYS F 839 24.05 -48.56 25.46
CA LYS F 839 24.03 -48.60 26.91
C LYS F 839 25.40 -48.53 27.54
N SER F 840 26.48 -48.60 26.76
CA SER F 840 27.82 -48.49 27.31
C SER F 840 28.78 -48.07 26.21
N GLN F 841 29.93 -47.53 26.63
CA GLN F 841 30.97 -47.16 25.67
C GLN F 841 31.48 -48.39 24.93
N ASP F 842 31.49 -49.55 25.59
CA ASP F 842 31.86 -50.78 24.89
C ASP F 842 30.89 -51.08 23.77
N GLU F 843 29.59 -50.92 24.00
CA GLU F 843 28.61 -51.11 22.95
C GLU F 843 28.80 -50.10 21.82
N VAL F 844 29.08 -48.85 22.18
CA VAL F 844 29.30 -47.81 21.17
C VAL F 844 30.49 -48.18 20.29
N ASP F 845 31.58 -48.62 20.91
CA ASP F 845 32.77 -49.00 20.13
C ASP F 845 32.50 -50.23 19.28
N ASN F 846 31.78 -51.22 19.83
CA ASN F 846 31.52 -52.43 19.08
C ASN F 846 30.65 -52.17 17.86
N HIS F 847 29.68 -51.27 17.98
CA HIS F 847 28.83 -50.95 16.85
C HIS F 847 29.63 -50.25 15.75
N ALA F 848 29.10 -50.32 14.53
CA ALA F 848 29.72 -49.65 13.40
C ALA F 848 29.74 -48.15 13.63
N THR F 849 30.80 -47.49 13.13
CA THR F 849 30.98 -46.08 13.37
C THR F 849 29.84 -45.26 12.77
N GLN F 850 29.39 -44.26 13.51
CA GLN F 850 28.36 -43.35 13.03
C GLN F 850 28.53 -42.01 13.72
N GLU F 851 28.08 -40.96 13.04
CA GLU F 851 28.25 -39.61 13.56
C GLU F 851 27.36 -39.39 14.77
N GLY F 852 27.94 -38.85 15.84
CA GLY F 852 27.19 -38.52 17.03
C GLY F 852 26.87 -39.69 17.93
N ALA F 853 27.45 -40.86 17.68
CA ALA F 853 27.21 -42.00 18.54
C ALA F 853 27.78 -41.76 19.93
N ALA F 854 26.99 -42.09 20.96
CA ALA F 854 27.40 -41.90 22.34
C ALA F 854 26.54 -42.79 23.22
N VAL F 855 26.82 -42.77 24.52
CA VAL F 855 26.06 -43.58 25.46
C VAL F 855 24.66 -43.00 25.60
N GLY F 856 23.65 -43.88 25.50
CA GLY F 856 22.28 -43.45 25.60
C GLY F 856 21.65 -42.94 24.31
N ARG F 857 22.35 -43.06 23.19
CA ARG F 857 21.85 -42.59 21.90
C ARG F 857 21.31 -43.75 21.09
N ILE F 858 20.50 -43.41 20.09
CA ILE F 858 19.87 -44.42 19.25
C ILE F 858 20.92 -45.09 18.38
N ARG F 859 20.92 -46.42 18.36
CA ARG F 859 21.81 -47.21 17.52
C ARG F 859 21.08 -47.57 16.23
N TYR F 860 21.73 -47.29 15.10
CA TYR F 860 21.14 -47.53 13.78
C TYR F 860 21.80 -48.73 13.14
N ARG F 861 20.98 -49.63 12.60
CA ARG F 861 21.48 -50.85 11.99
C ARG F 861 22.25 -50.53 10.71
N ASP F 862 23.33 -51.27 10.48
CA ASP F 862 24.10 -51.18 9.24
C ASP F 862 23.53 -52.18 8.26
N ILE F 863 22.72 -51.68 7.31
CA ILE F 863 22.01 -52.58 6.40
C ILE F 863 22.98 -53.23 5.42
N ASP F 864 23.89 -52.46 4.84
CA ASP F 864 24.80 -52.99 3.83
C ASP F 864 26.12 -53.49 4.40
N HIS F 865 26.31 -53.40 5.72
CA HIS F 865 27.51 -53.92 6.39
C HIS F 865 28.78 -53.30 5.82
N ASN F 866 28.73 -52.01 5.50
CA ASN F 866 29.91 -51.30 5.03
C ASN F 866 30.76 -50.77 6.17
N GLY F 867 30.32 -50.89 7.41
CA GLY F 867 31.05 -50.41 8.55
C GLY F 867 30.77 -48.98 8.95
N VAL F 868 29.99 -48.24 8.16
CA VAL F 868 29.68 -46.85 8.44
C VAL F 868 28.21 -46.61 8.15
N ILE F 869 27.56 -45.83 9.01
CA ILE F 869 26.15 -45.48 8.84
C ILE F 869 26.09 -44.24 7.96
N ASP F 870 25.36 -44.32 6.85
CA ASP F 870 25.26 -43.22 5.91
C ASP F 870 23.90 -43.27 5.24
N GLU F 871 23.76 -42.58 4.11
CA GLU F 871 22.48 -42.54 3.40
C GLU F 871 22.06 -43.92 2.94
N ARG F 872 23.02 -44.75 2.51
CA ARG F 872 22.69 -46.04 1.94
C ARG F 872 22.16 -47.03 2.97
N ASP F 873 22.21 -46.70 4.25
CA ASP F 873 21.70 -47.56 5.31
C ASP F 873 20.23 -47.26 5.62
N GLN F 874 19.40 -47.25 4.59
CA GLN F 874 17.97 -47.02 4.73
C GLN F 874 17.20 -48.10 3.98
N ASN F 875 16.02 -48.43 4.48
CA ASN F 875 15.19 -49.48 3.90
C ASN F 875 13.73 -49.06 4.03
N TRP F 876 12.84 -49.92 3.52
CA TRP F 876 11.40 -49.68 3.61
C TRP F 876 10.91 -50.04 5.01
N ILE F 877 10.38 -49.05 5.71
CA ILE F 877 9.98 -49.23 7.11
C ILE F 877 8.52 -48.93 7.37
N TYR F 878 7.84 -48.21 6.49
CA TYR F 878 6.47 -47.77 6.72
C TYR F 878 5.57 -48.30 5.61
N ASP F 879 4.39 -48.78 6.00
CA ASP F 879 3.39 -49.31 5.06
C ASP F 879 2.02 -48.95 5.59
N PRO F 880 1.36 -47.94 5.01
CA PRO F 880 0.07 -47.49 5.53
C PRO F 880 -1.11 -48.32 5.05
N THR F 881 -0.96 -49.64 5.08
CA THR F 881 -2.01 -50.55 4.65
C THR F 881 -2.34 -51.51 5.79
N PRO F 882 -3.54 -51.46 6.35
CA PRO F 882 -3.90 -52.38 7.43
C PRO F 882 -3.93 -53.81 6.95
N SER F 883 -3.62 -54.73 7.87
CA SER F 883 -3.77 -56.15 7.56
C SER F 883 -5.22 -56.49 7.28
N PHE F 884 -6.14 -55.99 8.11
CA PHE F 884 -7.55 -56.14 7.83
C PHE F 884 -8.34 -55.20 8.73
N SER F 885 -9.46 -54.70 8.20
CA SER F 885 -10.37 -53.84 8.94
C SER F 885 -11.70 -54.54 9.09
N TYR F 886 -12.23 -54.55 10.32
CA TYR F 886 -13.45 -55.28 10.63
C TYR F 886 -14.40 -54.41 11.44
N GLY F 887 -15.65 -54.82 11.46
CA GLY F 887 -16.68 -54.13 12.22
C GLY F 887 -17.75 -55.10 12.64
N LEU F 888 -18.40 -54.80 13.77
CA LEU F 888 -19.43 -55.67 14.30
C LEU F 888 -20.56 -54.85 14.89
N ASN F 889 -21.79 -55.15 14.49
CA ASN F 889 -22.98 -54.48 15.00
C ASN F 889 -23.87 -55.49 15.68
N ILE F 890 -24.28 -55.18 16.91
CA ILE F 890 -25.15 -56.04 17.70
C ILE F 890 -26.40 -55.25 18.07
N TYR F 891 -27.57 -55.82 17.81
CA TYR F 891 -28.84 -55.18 18.11
C TYR F 891 -29.70 -56.15 18.90
N LEU F 892 -29.98 -55.82 20.15
CA LEU F 892 -30.76 -56.69 21.04
C LEU F 892 -32.06 -55.99 21.41
N GLU F 893 -33.18 -56.68 21.19
CA GLU F 893 -34.50 -56.17 21.53
C GLU F 893 -35.14 -57.09 22.55
N TYR F 894 -35.64 -56.51 23.63
CA TYR F 894 -36.25 -57.28 24.72
C TYR F 894 -37.14 -56.36 25.53
N LYS F 895 -38.45 -56.64 25.52
CA LYS F 895 -39.44 -55.94 26.35
C LYS F 895 -39.28 -54.41 26.24
N ASN F 896 -39.45 -53.92 25.01
CA ASN F 896 -39.41 -52.49 24.69
C ASN F 896 -38.05 -51.87 24.96
N PHE F 897 -37.01 -52.66 25.19
CA PHE F 897 -35.67 -52.17 25.40
C PHE F 897 -34.80 -52.60 24.23
N ASP F 898 -34.19 -51.64 23.53
CA ASP F 898 -33.31 -51.95 22.42
C ASP F 898 -31.91 -51.43 22.72
N LEU F 899 -30.92 -52.33 22.61
CA LEU F 899 -29.52 -52.01 22.83
C LEU F 899 -28.76 -52.22 21.53
N THR F 900 -28.11 -51.17 21.05
CA THR F 900 -27.29 -51.21 19.85
C THR F 900 -25.83 -51.00 20.23
N MET F 901 -24.95 -51.79 19.63
CA MET F 901 -23.54 -51.78 20.00
C MET F 901 -22.72 -52.02 18.74
N PHE F 902 -22.02 -50.99 18.27
CA PHE F 902 -21.18 -51.09 17.09
C PHE F 902 -19.73 -50.90 17.48
N TRP F 903 -18.91 -51.92 17.21
CA TRP F 903 -17.47 -51.91 17.38
C TRP F 903 -16.80 -51.83 16.01
N GLN F 904 -15.66 -51.13 15.95
CA GLN F 904 -14.86 -51.09 14.74
C GLN F 904 -13.40 -51.33 15.10
N GLY F 905 -12.73 -52.17 14.35
CA GLY F 905 -11.34 -52.50 14.62
C GLY F 905 -10.51 -52.49 13.35
N VAL F 906 -9.25 -52.14 13.51
CA VAL F 906 -8.27 -52.18 12.44
C VAL F 906 -7.06 -52.93 12.96
N GLN F 907 -6.54 -53.87 12.17
CA GLN F 907 -5.43 -54.70 12.60
C GLN F 907 -4.34 -54.69 11.54
N GLY F 908 -3.09 -54.58 11.99
CA GLY F 908 -1.95 -54.64 11.10
C GLY F 908 -1.63 -53.35 10.38
N VAL F 909 -1.86 -52.20 11.02
CA VAL F 909 -1.59 -50.90 10.41
C VAL F 909 -0.48 -50.21 11.19
N ASP F 910 0.45 -49.60 10.46
CA ASP F 910 1.53 -48.84 11.04
C ASP F 910 1.27 -47.35 10.85
N ILE F 911 1.73 -46.55 11.82
CA ILE F 911 1.53 -45.11 11.79
C ILE F 911 2.84 -44.43 12.15
N ILE F 912 3.14 -43.33 11.47
CA ILE F 912 4.27 -42.47 11.81
C ILE F 912 3.81 -41.49 12.86
N SER F 913 4.44 -41.54 14.03
CA SER F 913 4.03 -40.75 15.19
C SER F 913 4.88 -39.49 15.27
N ASP F 914 4.28 -38.36 14.89
CA ASP F 914 4.94 -37.07 15.08
C ASP F 914 4.92 -36.62 16.54
N VAL F 915 3.97 -37.12 17.33
CA VAL F 915 3.94 -36.80 18.75
C VAL F 915 5.12 -37.43 19.46
N LYS F 916 5.54 -38.63 19.04
CA LYS F 916 6.72 -39.26 19.63
C LYS F 916 7.95 -38.38 19.47
N LYS F 917 8.03 -37.63 18.36
CA LYS F 917 9.18 -36.77 18.10
C LYS F 917 9.43 -35.81 19.27
N LYS F 918 8.37 -35.31 19.88
CA LYS F 918 8.48 -34.36 20.98
C LYS F 918 8.08 -34.94 22.32
N SER F 919 7.68 -36.21 22.37
CA SER F 919 7.40 -36.86 23.65
C SER F 919 8.48 -37.83 24.10
N ASP F 920 9.38 -38.25 23.21
CA ASP F 920 10.45 -39.16 23.57
C ASP F 920 11.83 -38.54 23.51
N PHE F 921 11.97 -37.31 23.03
CA PHE F 921 13.26 -36.67 22.88
C PHE F 921 13.22 -35.27 23.44
N TRP F 922 14.38 -34.81 23.91
CA TRP F 922 14.58 -33.45 24.34
C TRP F 922 15.45 -32.74 23.31
N SER F 923 15.05 -31.52 22.93
CA SER F 923 15.80 -30.74 21.95
C SER F 923 15.90 -31.46 20.61
N ALA F 924 14.82 -32.13 20.21
CA ALA F 924 14.71 -32.71 18.87
C ALA F 924 13.65 -32.01 18.04
N SER F 925 13.22 -30.82 18.46
CA SER F 925 12.23 -30.04 17.75
C SER F 925 12.90 -28.92 16.99
N ASN F 926 12.08 -28.03 16.42
CA ASN F 926 12.63 -26.90 15.66
C ASN F 926 13.46 -25.99 16.55
N VAL F 927 12.95 -25.67 17.74
CA VAL F 927 13.63 -24.77 18.67
C VAL F 927 13.74 -25.48 20.02
N GLY F 928 14.69 -25.03 20.81
CA GLY F 928 14.94 -25.65 22.09
C GLY F 928 14.02 -25.19 23.19
N PHE F 929 14.10 -25.89 24.32
CA PHE F 929 13.39 -25.53 25.54
C PHE F 929 11.87 -25.56 25.37
N LEU F 930 11.37 -26.36 24.43
CA LEU F 930 9.94 -26.53 24.27
C LEU F 930 9.41 -27.55 25.27
N ASN F 931 8.11 -27.45 25.56
CA ASN F 931 7.46 -28.42 26.43
C ASN F 931 7.36 -29.77 25.72
N LYS F 932 7.56 -30.84 26.48
CA LYS F 932 7.58 -32.19 25.95
C LYS F 932 6.54 -33.05 26.68
N GLY F 933 6.43 -34.30 26.24
CA GLY F 933 5.49 -35.21 26.86
C GLY F 933 5.97 -35.71 28.21
N THR F 934 5.01 -36.24 28.98
CA THR F 934 5.31 -36.69 30.33
C THR F 934 6.20 -37.94 30.33
N ARG F 935 6.05 -38.79 29.31
CA ARG F 935 6.84 -40.03 29.26
C ARG F 935 8.32 -39.76 29.01
N LEU F 936 8.69 -38.52 28.70
CA LEU F 936 10.10 -38.17 28.57
C LEU F 936 10.86 -38.41 29.87
N LEU F 937 10.16 -38.35 31.01
CA LEU F 937 10.84 -38.49 32.30
C LEU F 937 11.46 -39.87 32.46
N ASN F 938 10.88 -40.90 31.85
CA ASN F 938 11.41 -42.25 31.94
C ASN F 938 12.43 -42.54 30.85
N ALA F 939 13.41 -41.66 30.72
CA ALA F 939 14.47 -41.83 29.74
C ALA F 939 15.61 -42.65 30.33
N TRP F 940 16.43 -43.22 29.45
CA TRP F 940 17.53 -44.04 29.89
C TRP F 940 18.57 -43.22 30.64
N SER F 941 19.13 -43.80 31.69
CA SER F 941 20.17 -43.18 32.48
C SER F 941 20.88 -44.27 33.26
N PRO F 942 22.09 -44.01 33.75
CA PRO F 942 22.72 -45.01 34.64
C PRO F 942 21.89 -45.34 35.85
N THR F 943 21.12 -44.38 36.36
CA THR F 943 20.20 -44.64 37.46
C THR F 943 18.95 -45.41 37.00
N ASN F 944 18.59 -45.30 35.73
CA ASN F 944 17.39 -45.93 35.18
C ASN F 944 17.80 -46.78 34.00
N PRO F 945 18.37 -47.96 34.23
CA PRO F 945 18.89 -48.78 33.13
C PRO F 945 17.80 -49.49 32.35
N ASN F 946 16.71 -49.87 33.03
CA ASN F 946 15.63 -50.62 32.40
C ASN F 946 14.69 -49.66 31.67
N SER F 947 15.17 -49.17 30.53
CA SER F 947 14.39 -48.25 29.72
C SER F 947 14.87 -48.33 28.28
N ASP F 948 14.00 -47.88 27.37
CA ASP F 948 14.33 -47.82 25.95
C ASP F 948 14.35 -46.42 25.38
N ILE F 949 13.80 -45.43 26.10
CA ILE F 949 13.83 -44.05 25.62
C ILE F 949 15.26 -43.53 25.67
N PRO F 950 15.76 -42.90 24.62
CA PRO F 950 17.15 -42.42 24.64
C PRO F 950 17.37 -41.36 25.70
N ALA F 951 18.61 -41.28 26.18
CA ALA F 951 18.95 -40.33 27.22
C ALA F 951 18.78 -38.91 26.73
N LEU F 952 18.39 -38.03 27.65
CA LEU F 952 18.15 -36.64 27.31
C LEU F 952 19.45 -35.94 26.91
N THR F 953 19.34 -35.01 25.96
CA THR F 953 20.48 -34.24 25.51
C THR F 953 19.98 -32.89 24.98
N ARG F 954 20.87 -31.91 24.99
CA ARG F 954 20.52 -30.58 24.51
C ARG F 954 20.84 -30.36 23.04
N SER F 955 21.68 -31.22 22.44
CA SER F 955 22.06 -31.10 21.05
C SER F 955 21.77 -32.40 20.33
N ASP F 956 21.20 -32.29 19.12
CA ASP F 956 20.90 -33.46 18.31
C ASP F 956 22.10 -33.86 17.48
N THR F 957 23.18 -34.23 18.18
CA THR F 957 24.40 -34.65 17.49
C THR F 957 24.18 -35.94 16.71
N ASN F 958 23.42 -36.87 17.28
CA ASN F 958 23.14 -38.14 16.62
C ASN F 958 22.16 -38.00 15.47
N ASN F 959 21.53 -36.84 15.31
CA ASN F 959 20.52 -36.60 14.28
C ASN F 959 19.38 -37.62 14.40
N GLU F 960 18.74 -37.60 15.55
CA GLU F 960 17.62 -38.51 15.82
C GLU F 960 16.32 -38.06 15.19
N GLN F 961 16.30 -36.86 14.57
CA GLN F 961 15.12 -36.43 13.83
C GLN F 961 14.93 -37.16 12.52
N ARG F 962 15.93 -37.93 12.08
CA ARG F 962 15.83 -38.64 10.81
C ARG F 962 14.73 -39.70 10.88
N VAL F 963 14.16 -40.00 9.72
CA VAL F 963 13.11 -40.99 9.64
C VAL F 963 13.69 -42.36 9.97
N SER F 964 13.05 -43.05 10.91
CA SER F 964 13.54 -44.34 11.37
C SER F 964 12.38 -45.14 11.94
N THR F 965 12.67 -46.41 12.23
CA THR F 965 11.66 -47.29 12.80
C THR F 965 11.25 -46.89 14.21
N TYR F 966 11.99 -45.97 14.84
CA TYR F 966 11.62 -45.53 16.19
C TYR F 966 10.26 -44.85 16.19
N PHE F 967 9.98 -44.05 15.15
CA PHE F 967 8.73 -43.31 15.07
C PHE F 967 7.60 -44.12 14.43
N VAL F 968 7.85 -45.36 14.03
CA VAL F 968 6.83 -46.22 13.47
C VAL F 968 6.27 -47.08 14.59
N GLU F 969 4.96 -47.01 14.80
CA GLU F 969 4.30 -47.73 15.88
C GLU F 969 3.18 -48.58 15.33
N ASN F 970 2.68 -49.49 16.17
CA ASN F 970 1.56 -50.35 15.80
C ASN F 970 0.27 -49.59 16.01
N GLY F 971 -0.39 -49.25 14.92
CA GLY F 971 -1.64 -48.51 14.97
C GLY F 971 -2.88 -49.37 15.10
N SER F 972 -2.72 -50.67 15.32
CA SER F 972 -3.88 -51.54 15.45
C SER F 972 -4.71 -51.13 16.66
N PHE F 973 -6.03 -51.15 16.50
CA PHE F 973 -6.92 -50.72 17.56
C PHE F 973 -8.28 -51.39 17.38
N LEU F 974 -9.09 -51.32 18.43
CA LEU F 974 -10.47 -51.79 18.39
C LEU F 974 -11.27 -50.90 19.33
N LYS F 975 -12.16 -50.09 18.80
CA LYS F 975 -12.91 -49.14 19.61
C LYS F 975 -14.40 -49.37 19.46
N LEU F 976 -15.11 -49.24 20.58
CA LEU F 976 -16.58 -49.27 20.58
C LEU F 976 -17.06 -47.96 19.97
N ARG F 977 -17.37 -48.01 18.67
CA ARG F 977 -17.75 -46.79 17.97
C ARG F 977 -19.04 -46.21 18.53
N ASN F 978 -20.01 -47.04 18.85
CA ASN F 978 -21.29 -46.52 19.31
C ASN F 978 -21.97 -47.52 20.24
N ILE F 979 -22.60 -47.02 21.29
CA ILE F 979 -23.47 -47.82 22.13
C ILE F 979 -24.72 -46.99 22.42
N GLN F 980 -25.88 -47.63 22.42
CA GLN F 980 -27.13 -46.90 22.63
C GLN F 980 -28.14 -47.81 23.29
N LEU F 981 -28.69 -47.37 24.42
CA LEU F 981 -29.76 -48.08 25.09
C LEU F 981 -31.03 -47.24 25.02
N GLY F 982 -32.11 -47.82 24.55
CA GLY F 982 -33.35 -47.09 24.37
C GLY F 982 -34.54 -47.86 24.91
N TYR F 983 -35.53 -47.09 25.33
CA TYR F 983 -36.80 -47.62 25.82
C TYR F 983 -37.93 -47.04 24.99
N THR F 984 -38.81 -47.90 24.52
CA THR F 984 -39.96 -47.50 23.71
C THR F 984 -41.22 -47.59 24.54
N VAL F 985 -42.00 -46.49 24.55
CA VAL F 985 -43.26 -46.49 25.29
C VAL F 985 -44.20 -47.50 24.67
N PRO F 986 -44.91 -48.32 25.45
CA PRO F 986 -45.78 -49.33 24.85
C PRO F 986 -46.88 -48.71 24.00
N ALA F 987 -47.32 -49.49 23.00
CA ALA F 987 -48.25 -48.98 22.01
C ALA F 987 -49.58 -48.56 22.64
N VAL F 988 -50.03 -49.30 23.66
CA VAL F 988 -51.30 -48.97 24.28
C VAL F 988 -51.23 -47.60 24.98
N ILE F 989 -50.14 -47.34 25.70
CA ILE F 989 -49.98 -46.01 26.31
C ILE F 989 -49.82 -44.95 25.23
N SER F 990 -49.14 -45.27 24.13
CA SER F 990 -48.99 -44.30 23.06
C SER F 990 -50.34 -43.89 22.48
N LYS F 991 -51.19 -44.87 22.19
CA LYS F 991 -52.52 -44.56 21.66
C LYS F 991 -53.40 -43.87 22.71
N LYS F 992 -53.25 -44.23 23.99
CA LYS F 992 -54.00 -43.54 25.02
C LYS F 992 -53.61 -42.07 25.09
N MET F 993 -52.33 -41.77 24.94
CA MET F 993 -51.84 -40.39 24.95
C MET F 993 -51.92 -39.74 23.57
N ARG F 994 -52.44 -40.44 22.58
CA ARG F 994 -52.81 -39.93 21.24
C ARG F 994 -51.64 -39.68 20.32
N MET F 995 -50.44 -40.18 20.63
CA MET F 995 -49.33 -40.08 19.71
C MET F 995 -48.81 -41.46 19.32
N ASP F 996 -48.12 -41.51 18.19
CA ASP F 996 -47.54 -42.74 17.67
C ASP F 996 -46.25 -43.08 18.39
N ARG F 997 -45.44 -43.94 17.78
CA ARG F 997 -44.19 -44.46 18.32
C ARG F 997 -43.43 -43.40 19.11
N LEU F 998 -43.15 -43.71 20.36
CA LEU F 998 -42.45 -42.82 21.28
C LEU F 998 -41.26 -43.56 21.86
N ARG F 999 -40.08 -42.94 21.80
CA ARG F 999 -38.86 -43.62 22.22
C ARG F 999 -37.93 -42.64 22.90
N PHE F 1000 -37.26 -43.11 23.95
CA PHE F 1000 -36.17 -42.38 24.60
C PHE F 1000 -34.91 -43.22 24.48
N TYR F 1001 -33.76 -42.56 24.44
CA TYR F 1001 -32.50 -43.29 24.33
C TYR F 1001 -31.35 -42.50 24.94
N CYS F 1002 -30.36 -43.23 25.44
CA CYS F 1002 -29.10 -42.67 25.88
C CYS F 1002 -27.98 -43.43 25.19
N SER F 1003 -27.02 -42.70 24.63
CA SER F 1003 -25.97 -43.28 23.82
C SER F 1003 -24.61 -42.70 24.19
N ALA F 1004 -23.58 -43.46 23.89
CA ALA F 1004 -22.20 -43.04 24.05
C ALA F 1004 -21.44 -43.35 22.77
N GLN F 1005 -20.71 -42.34 22.28
CA GLN F 1005 -19.90 -42.45 21.07
C GLN F 1005 -18.43 -42.29 21.44
N ASN F 1006 -17.60 -43.21 20.93
CA ASN F 1006 -16.16 -43.25 21.22
C ASN F 1006 -15.90 -43.41 22.71
N LEU F 1007 -16.71 -44.23 23.37
CA LEU F 1007 -16.61 -44.37 24.82
C LEU F 1007 -15.38 -45.17 25.21
N LEU F 1008 -15.12 -46.28 24.54
CA LEU F 1008 -14.08 -47.21 24.94
C LEU F 1008 -13.23 -47.62 23.74
N THR F 1009 -11.95 -47.85 23.99
CA THR F 1009 -11.03 -48.27 22.94
C THR F 1009 -9.95 -49.16 23.53
N ILE F 1010 -9.43 -50.05 22.69
CA ILE F 1010 -8.32 -50.94 23.06
C ILE F 1010 -7.22 -50.75 22.03
N LYS F 1011 -5.99 -50.54 22.51
CA LYS F 1011 -4.85 -50.27 21.66
C LYS F 1011 -3.71 -51.21 22.03
N SER F 1012 -2.81 -51.42 21.07
CA SER F 1012 -1.67 -52.27 21.32
C SER F 1012 -0.69 -51.61 22.29
N LYS F 1013 0.02 -52.45 23.05
CA LYS F 1013 1.00 -51.93 23.99
C LYS F 1013 2.18 -51.25 23.29
N ASN F 1014 2.40 -51.57 22.01
CA ASN F 1014 3.50 -50.95 21.26
C ASN F 1014 3.22 -49.50 20.91
N PHE F 1015 1.99 -49.02 21.09
CA PHE F 1015 1.63 -47.64 20.79
C PHE F 1015 1.86 -46.81 22.05
N THR F 1016 2.89 -45.97 22.02
CA THR F 1016 3.22 -45.16 23.19
C THR F 1016 2.24 -44.01 23.37
N GLY F 1017 1.65 -43.53 22.29
CA GLY F 1017 0.72 -42.42 22.35
C GLY F 1017 -0.67 -42.88 22.73
N GLU F 1018 -1.65 -42.07 22.34
CA GLU F 1018 -3.04 -42.37 22.60
C GLU F 1018 -3.87 -42.02 21.37
N ASP F 1019 -5.08 -42.59 21.32
CA ASP F 1019 -5.99 -42.45 20.19
C ASP F 1019 -5.31 -42.86 18.88
N PRO F 1020 -5.12 -44.16 18.65
CA PRO F 1020 -4.41 -44.61 17.45
C PRO F 1020 -5.05 -44.14 16.16
N GLU F 1021 -6.36 -43.92 16.15
CA GLU F 1021 -7.02 -43.41 14.94
C GLU F 1021 -6.49 -42.03 14.56
N ASN F 1022 -6.25 -41.19 15.56
CA ASN F 1022 -5.77 -39.82 15.35
C ASN F 1022 -4.49 -39.65 16.16
N PRO F 1023 -3.37 -40.17 15.68
CA PRO F 1023 -2.11 -40.12 16.44
C PRO F 1023 -1.28 -38.87 16.21
N ASN F 1024 -1.82 -37.85 15.56
CA ASN F 1024 -1.07 -36.65 15.21
C ASN F 1024 -1.70 -35.43 15.88
N PHE F 1025 -1.22 -34.25 15.51
CA PHE F 1025 -1.64 -33.01 16.12
C PHE F 1025 -2.92 -32.45 15.50
N SER F 1026 -3.71 -33.28 14.84
CA SER F 1026 -4.99 -32.83 14.29
C SER F 1026 -6.02 -32.69 15.40
N TYR F 1027 -7.25 -32.38 15.03
CA TYR F 1027 -8.27 -32.07 16.01
C TYR F 1027 -8.63 -33.35 16.79
N PRO F 1028 -8.77 -33.26 18.10
CA PRO F 1028 -9.03 -34.48 18.89
C PRO F 1028 -10.42 -35.03 18.69
N ILE F 1029 -10.57 -36.33 18.95
CA ILE F 1029 -11.84 -37.02 18.88
C ILE F 1029 -12.40 -37.13 20.29
N PRO F 1030 -13.55 -36.56 20.59
CA PRO F 1030 -14.09 -36.58 21.95
C PRO F 1030 -15.01 -37.78 22.19
N VAL F 1031 -15.37 -37.95 23.46
CA VAL F 1031 -16.38 -38.92 23.89
C VAL F 1031 -17.71 -38.20 23.99
N ASN F 1032 -18.73 -38.72 23.33
CA ASN F 1032 -20.04 -38.08 23.31
C ASN F 1032 -21.01 -38.87 24.17
N ILE F 1033 -21.69 -38.19 25.08
CA ILE F 1033 -22.77 -38.77 25.87
C ILE F 1033 -24.05 -38.05 25.50
N THR F 1034 -25.01 -38.79 24.94
CA THR F 1034 -26.18 -38.22 24.29
C THR F 1034 -27.45 -38.76 24.93
N PHE F 1035 -28.44 -37.88 25.09
CA PHE F 1035 -29.79 -38.26 25.49
C PHE F 1035 -30.76 -37.70 24.46
N GLY F 1036 -31.64 -38.55 23.94
CA GLY F 1036 -32.53 -38.14 22.87
C GLY F 1036 -33.89 -38.80 22.97
N LEU F 1037 -34.83 -38.24 22.21
CA LEU F 1037 -36.19 -38.74 22.15
C LEU F 1037 -36.72 -38.63 20.73
N ASN F 1038 -37.62 -39.55 20.38
CA ASN F 1038 -38.28 -39.58 19.09
C ASN F 1038 -39.78 -39.71 19.32
N ILE F 1039 -40.56 -38.89 18.61
CA ILE F 1039 -42.01 -38.85 18.76
C ILE F 1039 -42.62 -38.97 17.37
N GLY F 1040 -43.66 -39.81 17.24
CA GLY F 1040 -44.30 -39.99 15.95
C GLY F 1040 -45.67 -39.37 15.80
N PHE F 1041 -46.26 -38.88 16.89
CA PHE F 1041 -47.63 -38.35 16.87
C PHE F 1041 -48.61 -39.26 16.14
N ASP G 20 -34.80 -8.03 27.53
CA ASP G 20 -35.10 -7.97 26.11
C ASP G 20 -33.95 -7.31 25.34
N ASP G 21 -32.95 -8.10 24.98
CA ASP G 21 -31.81 -7.62 24.22
C ASP G 21 -32.02 -7.72 22.71
N PHE G 22 -33.22 -8.09 22.28
CA PHE G 22 -33.48 -8.25 20.85
C PHE G 22 -33.32 -6.93 20.11
N LEU G 23 -33.78 -5.84 20.70
CA LEU G 23 -33.69 -4.52 20.08
C LEU G 23 -32.38 -3.81 20.40
N ASP G 24 -31.48 -4.44 21.15
CA ASP G 24 -30.20 -3.85 21.50
C ASP G 24 -29.00 -4.65 20.99
N ARG G 25 -29.21 -5.84 20.43
CA ARG G 25 -28.09 -6.67 20.01
C ARG G 25 -27.28 -6.00 18.90
N GLN G 26 -27.96 -5.34 17.96
CA GLN G 26 -27.30 -4.75 16.82
C GLN G 26 -26.80 -3.34 17.13
N VAL G 27 -25.58 -3.06 16.69
CA VAL G 27 -24.91 -1.79 16.97
C VAL G 27 -24.36 -1.23 15.67
N PRO G 28 -24.11 0.08 15.62
CA PRO G 28 -23.56 0.67 14.39
C PRO G 28 -22.22 0.04 14.01
N GLN G 29 -22.00 -0.09 12.71
CA GLN G 29 -20.85 -0.79 12.16
C GLN G 29 -19.95 0.18 11.42
N GLY G 30 -18.66 0.15 11.74
CA GLY G 30 -17.68 0.91 11.00
C GLY G 30 -17.69 2.40 11.23
N ILE G 31 -18.24 2.86 12.35
CA ILE G 31 -18.28 4.28 12.68
C ILE G 31 -17.84 4.46 14.12
N VAL G 32 -17.55 5.72 14.46
CA VAL G 32 -17.20 6.14 15.82
C VAL G 32 -18.28 7.09 16.30
N THR G 33 -18.80 6.85 17.51
CA THR G 33 -19.87 7.67 18.03
C THR G 33 -19.32 8.99 18.58
N GLY G 34 -20.25 9.92 18.83
CA GLY G 34 -19.86 11.24 19.30
C GLY G 34 -19.19 11.21 20.66
N ASP G 35 -19.68 10.36 21.57
CA ASP G 35 -19.08 10.26 22.89
C ASP G 35 -17.66 9.69 22.81
N GLN G 36 -17.41 8.82 21.84
CA GLN G 36 -16.08 8.21 21.69
C GLN G 36 -15.11 9.09 20.93
N ILE G 37 -15.60 9.98 20.07
CA ILE G 37 -14.71 10.81 19.27
C ILE G 37 -13.94 11.82 20.11
N ALA G 38 -14.35 12.05 21.35
CA ALA G 38 -13.66 12.97 22.23
C ALA G 38 -12.51 12.32 23.00
N SER G 39 -12.23 11.06 22.75
CA SER G 39 -11.17 10.36 23.45
C SER G 39 -9.81 10.98 23.10
N PRO G 40 -8.87 10.95 24.05
CA PRO G 40 -7.56 11.60 23.80
C PRO G 40 -6.78 11.00 22.65
N GLU G 41 -7.07 9.76 22.24
CA GLU G 41 -6.26 9.13 21.19
C GLU G 41 -6.68 9.55 19.79
N TYR G 42 -7.80 10.25 19.63
CA TYR G 42 -8.27 10.67 18.32
C TYR G 42 -7.94 12.13 18.01
N VAL G 43 -7.18 12.80 18.89
CA VAL G 43 -6.92 14.22 18.70
C VAL G 43 -6.05 14.44 17.47
N ASP G 44 -5.00 13.63 17.29
CA ASP G 44 -4.16 13.76 16.10
C ASP G 44 -4.94 13.44 14.83
N ASN G 45 -5.84 12.47 14.92
CA ASN G 45 -6.69 12.15 13.78
C ASN G 45 -7.57 13.33 13.40
N LEU G 46 -8.15 14.00 14.39
CA LEU G 46 -8.97 15.18 14.12
C LEU G 46 -8.13 16.32 13.55
N VAL G 47 -6.90 16.47 14.03
CA VAL G 47 -5.99 17.47 13.48
C VAL G 47 -5.73 17.19 12.00
N ILE G 48 -5.46 15.94 11.67
CA ILE G 48 -5.21 15.58 10.27
C ILE G 48 -6.46 15.80 9.43
N SER G 49 -7.64 15.53 10.00
CA SER G 49 -8.88 15.79 9.28
C SER G 49 -9.03 17.27 8.95
N ALA G 50 -8.76 18.13 9.94
CA ALA G 50 -8.89 19.57 9.73
C ALA G 50 -7.89 20.05 8.69
N TYR G 51 -6.69 19.46 8.69
CA TYR G 51 -5.73 19.80 7.63
C TYR G 51 -6.23 19.35 6.27
N ALA G 52 -6.79 18.14 6.19
CA ALA G 52 -7.09 17.51 4.91
C ALA G 52 -8.35 18.07 4.26
N ILE G 53 -9.21 18.76 5.01
CA ILE G 53 -10.37 19.38 4.37
C ILE G 53 -9.94 20.38 3.31
N TRP G 54 -8.77 21.00 3.47
CA TRP G 54 -8.31 22.00 2.52
C TRP G 54 -7.81 21.41 1.22
N ALA G 55 -7.57 20.09 1.17
CA ALA G 55 -7.17 19.42 -0.05
C ALA G 55 -8.26 18.51 -0.62
N THR G 56 -9.22 18.08 0.20
CA THR G 56 -10.25 17.17 -0.26
C THR G 56 -11.65 17.75 -0.22
N GLY G 57 -11.84 18.96 0.31
CA GLY G 57 -13.16 19.51 0.46
C GLY G 57 -13.53 20.55 -0.59
N ASP G 58 -12.81 20.57 -1.70
CA ASP G 58 -13.04 21.55 -2.75
C ASP G 58 -13.49 20.86 -4.03
N ASP G 59 -14.27 21.58 -4.83
CA ASP G 59 -14.82 21.09 -6.07
C ASP G 59 -14.18 21.82 -7.24
N ILE G 60 -14.51 21.37 -8.45
CA ILE G 60 -14.01 22.05 -9.64
C ILE G 60 -14.58 23.46 -9.73
N ASN G 61 -15.87 23.61 -9.44
CA ASN G 61 -16.52 24.91 -9.51
C ASN G 61 -16.34 25.74 -8.24
N SER G 62 -15.89 25.13 -7.14
CA SER G 62 -15.66 25.84 -5.89
C SER G 62 -14.30 25.41 -5.35
N SER G 63 -13.25 26.11 -5.76
CA SER G 63 -11.90 25.83 -5.31
C SER G 63 -11.47 26.88 -4.30
N PHE G 64 -10.67 26.45 -3.33
CA PHE G 64 -10.21 27.36 -2.28
C PHE G 64 -9.19 28.36 -2.78
N SER G 65 -8.69 28.20 -4.01
CA SER G 65 -7.88 29.25 -4.61
C SER G 65 -8.72 30.44 -5.08
N LEU G 66 -10.04 30.25 -5.18
CA LEU G 66 -10.99 31.31 -5.54
C LEU G 66 -10.77 31.84 -6.96
N TRP G 67 -10.16 31.04 -7.83
CA TRP G 67 -10.02 31.46 -9.22
C TRP G 67 -11.38 31.56 -9.92
N ASN G 68 -12.36 30.77 -9.45
CA ASN G 68 -13.69 30.86 -10.03
C ASN G 68 -14.29 32.24 -9.80
N TYR G 69 -14.09 32.80 -8.61
CA TYR G 69 -14.65 34.09 -8.26
C TYR G 69 -13.69 35.24 -8.53
N ASP G 70 -12.47 34.95 -8.98
CA ASP G 70 -11.55 36.00 -9.42
C ASP G 70 -11.73 36.38 -10.89
N VAL G 71 -12.63 35.69 -11.62
CA VAL G 71 -12.85 36.04 -13.00
C VAL G 71 -13.51 37.40 -13.14
N ARG G 72 -14.06 37.95 -12.05
CA ARG G 72 -14.63 39.29 -12.10
C ARG G 72 -13.58 40.36 -12.37
N SER G 73 -12.31 40.07 -12.10
CA SER G 73 -11.25 41.04 -12.28
C SER G 73 -10.88 41.15 -13.76
N ASP G 74 -9.87 41.97 -14.04
CA ASP G 74 -9.36 42.15 -15.39
C ASP G 74 -8.23 41.20 -15.73
N ASP G 75 -7.85 40.32 -14.81
CA ASP G 75 -6.71 39.45 -15.05
C ASP G 75 -7.05 38.35 -16.04
N CYS G 76 -8.25 37.78 -15.95
CA CYS G 76 -8.56 36.58 -16.72
C CYS G 76 -10.04 36.58 -17.10
N TYR G 77 -10.34 35.84 -18.17
CA TYR G 77 -11.71 35.54 -18.53
C TYR G 77 -12.13 34.23 -17.88
N LYS G 78 -13.28 33.71 -18.30
CA LYS G 78 -13.73 32.37 -17.94
C LYS G 78 -13.70 31.50 -19.18
N GLY G 79 -13.03 30.36 -19.10
CA GLY G 79 -12.89 29.52 -20.27
C GLY G 79 -14.14 28.73 -20.61
N GLY G 80 -13.96 27.49 -21.05
CA GLY G 80 -15.08 26.64 -21.37
C GLY G 80 -15.54 26.80 -22.80
N SER G 81 -16.61 26.06 -23.12
CA SER G 81 -17.14 26.09 -24.47
C SER G 81 -17.71 27.47 -24.82
N GLY G 82 -18.40 28.09 -23.89
CA GLY G 82 -18.99 29.38 -24.16
C GLY G 82 -19.52 30.03 -22.90
N THR G 83 -20.35 31.05 -23.10
CA THR G 83 -20.91 31.78 -21.96
C THR G 83 -21.83 30.90 -21.14
N GLU G 84 -22.63 30.04 -21.80
CA GLU G 84 -23.55 29.18 -21.07
C GLU G 84 -22.85 28.12 -20.23
N ASP G 85 -21.57 27.84 -20.51
CA ASP G 85 -20.81 26.88 -19.72
C ASP G 85 -20.44 27.54 -18.40
N GLY G 86 -21.23 27.25 -17.37
CA GLY G 86 -21.08 27.95 -16.10
C GLY G 86 -21.72 29.32 -16.18
N GLY G 87 -23.03 29.35 -16.41
CA GLY G 87 -23.70 30.62 -16.65
C GLY G 87 -23.64 31.56 -15.46
N VAL G 88 -23.68 31.01 -14.25
CA VAL G 88 -23.60 31.86 -13.05
C VAL G 88 -22.24 32.54 -12.99
N PHE G 89 -21.18 31.83 -13.36
CA PHE G 89 -19.86 32.43 -13.37
C PHE G 89 -19.71 33.47 -14.47
N ASN G 90 -20.36 33.26 -15.61
CA ASN G 90 -20.40 34.30 -16.64
C ASN G 90 -21.13 35.54 -16.12
N ALA G 91 -22.22 35.33 -15.37
CA ALA G 91 -22.91 36.46 -14.76
C ALA G 91 -22.01 37.21 -13.79
N LEU G 92 -21.24 36.47 -12.99
CA LEU G 92 -20.28 37.12 -12.09
C LEU G 92 -19.23 37.89 -12.89
N GLU G 93 -18.72 37.31 -13.97
CA GLU G 93 -17.67 37.95 -14.74
C GLU G 93 -18.16 39.25 -15.38
N ILE G 94 -19.37 39.23 -15.94
CA ILE G 94 -19.90 40.44 -16.57
C ILE G 94 -20.58 41.37 -15.57
N SER G 95 -20.71 40.96 -14.30
CA SER G 95 -21.30 41.78 -13.25
C SER G 95 -22.73 42.18 -13.57
N LYS G 96 -23.43 41.35 -14.36
CA LYS G 96 -24.81 41.59 -14.72
C LYS G 96 -25.60 40.30 -14.57
N GLY G 97 -26.85 40.42 -14.12
CA GLY G 97 -27.69 39.26 -13.94
C GLY G 97 -27.21 38.31 -12.87
N ILE G 98 -26.71 38.83 -11.75
CA ILE G 98 -26.29 38.01 -10.63
C ILE G 98 -27.44 37.93 -9.63
N ASN G 99 -27.80 36.71 -9.25
CA ASN G 99 -28.91 36.46 -8.35
C ASN G 99 -28.38 36.01 -7.00
N THR G 100 -29.11 36.37 -5.94
CA THR G 100 -28.73 35.88 -4.61
C THR G 100 -28.93 34.39 -4.47
N THR G 101 -29.71 33.78 -5.35
CA THR G 101 -29.94 32.34 -5.35
C THR G 101 -29.03 31.65 -6.37
N ASP G 102 -27.72 31.75 -6.14
CA ASP G 102 -26.72 31.13 -6.99
C ASP G 102 -26.15 29.90 -6.30
N TRP G 103 -26.16 28.78 -7.01
CA TRP G 103 -25.65 27.53 -6.44
C TRP G 103 -24.17 27.65 -6.13
N ASN G 104 -23.41 28.37 -6.96
CA ASN G 104 -21.99 28.54 -6.69
C ASN G 104 -21.75 29.33 -5.41
N ILE G 105 -22.51 30.41 -5.20
CA ILE G 105 -22.36 31.20 -3.99
C ILE G 105 -22.70 30.37 -2.76
N ASN G 106 -23.84 29.66 -2.82
CA ASN G 106 -24.22 28.81 -1.70
C ASN G 106 -23.17 27.74 -1.45
N ASP G 107 -22.61 27.17 -2.52
CA ASP G 107 -21.63 26.10 -2.38
C ASP G 107 -20.37 26.60 -1.71
N ILE G 108 -19.85 27.76 -2.14
CA ILE G 108 -18.61 28.24 -1.54
C ILE G 108 -18.83 28.61 -0.08
N TRP G 109 -19.98 29.21 0.24
CA TRP G 109 -20.31 29.49 1.63
C TRP G 109 -20.29 28.20 2.46
N LYS G 110 -20.99 27.18 1.98
CA LYS G 110 -21.10 25.93 2.73
C LYS G 110 -19.74 25.25 2.89
N ARG G 111 -18.92 25.27 1.85
CA ARG G 111 -17.63 24.58 1.93
C ARG G 111 -16.68 25.27 2.89
N LEU G 112 -16.62 26.60 2.84
CA LEU G 112 -15.75 27.31 3.78
C LEU G 112 -16.22 27.08 5.21
N TYR G 113 -17.54 27.06 5.44
CA TYR G 113 -17.99 26.81 6.80
C TYR G 113 -17.79 25.35 7.21
N GLN G 114 -17.74 24.43 6.25
CA GLN G 114 -17.37 23.05 6.58
C GLN G 114 -15.93 22.97 7.06
N CYS G 115 -15.03 23.70 6.40
CA CYS G 115 -13.65 23.76 6.87
C CYS G 115 -13.58 24.32 8.29
N ILE G 116 -14.35 25.38 8.54
CA ILE G 116 -14.41 25.95 9.88
C ILE G 116 -14.91 24.92 10.88
N THR G 117 -15.91 24.13 10.48
CA THR G 117 -16.47 23.13 11.39
C THR G 117 -15.45 22.06 11.75
N ARG G 118 -14.68 21.58 10.78
CA ARG G 118 -13.64 20.61 11.10
C ARG G 118 -12.60 21.20 12.05
N ALA G 119 -12.18 22.44 11.79
CA ALA G 119 -11.22 23.08 12.68
C ALA G 119 -11.78 23.22 14.09
N ASN G 120 -13.06 23.58 14.20
CA ASN G 120 -13.68 23.76 15.50
C ASN G 120 -13.79 22.43 16.25
N THR G 121 -14.10 21.35 15.54
CA THR G 121 -14.15 20.04 16.18
C THR G 121 -12.78 19.65 16.72
N ALA G 122 -11.73 19.89 15.92
CA ALA G 122 -10.38 19.59 16.42
C ALA G 122 -10.05 20.44 17.64
N LEU G 123 -10.42 21.72 17.62
CA LEU G 123 -10.15 22.59 18.76
C LEU G 123 -10.89 22.13 20.00
N GLN G 124 -12.15 21.72 19.84
CA GLN G 124 -12.92 21.24 20.99
C GLN G 124 -12.30 19.98 21.58
N SER G 125 -11.84 19.07 20.73
CA SER G 125 -11.15 17.89 21.25
C SER G 125 -9.85 18.26 21.95
N LEU G 126 -9.10 19.20 21.39
CA LEU G 126 -7.82 19.59 21.98
C LEU G 126 -8.01 20.24 23.35
N ASP G 127 -9.06 21.06 23.49
CA ASP G 127 -9.22 21.84 24.71
C ASP G 127 -9.44 20.97 25.94
N GLN G 128 -9.80 19.70 25.76
CA GLN G 128 -10.08 18.80 26.87
C GLN G 128 -8.94 17.83 27.11
N MET G 129 -7.69 18.27 26.96
CA MET G 129 -6.53 17.41 27.16
C MET G 129 -5.59 18.04 28.16
N ASP G 130 -4.79 17.19 28.79
CA ASP G 130 -3.87 17.62 29.83
C ASP G 130 -2.57 18.12 29.21
N GLU G 131 -2.04 19.20 29.77
CA GLU G 131 -0.90 19.88 29.18
C GLU G 131 0.35 19.00 29.19
N LYS G 132 0.69 18.44 30.35
CA LYS G 132 1.89 17.63 30.44
C LYS G 132 1.72 16.28 29.78
N THR G 133 0.47 15.79 29.65
CA THR G 133 0.24 14.56 28.91
C THR G 133 0.38 14.77 27.40
N TYR G 134 0.00 15.94 26.90
CA TYR G 134 0.12 16.28 25.49
C TYR G 134 0.99 17.53 25.38
N PRO G 135 2.31 17.36 25.27
CA PRO G 135 3.20 18.54 25.26
C PRO G 135 2.93 19.48 24.10
N LEU G 136 2.53 18.98 22.94
CA LEU G 136 2.28 19.81 21.78
C LEU G 136 0.86 20.35 21.72
N LYS G 137 0.17 20.40 22.86
CA LYS G 137 -1.22 20.86 22.88
C LYS G 137 -1.33 22.29 22.39
N ASN G 138 -0.46 23.17 22.87
CA ASN G 138 -0.52 24.56 22.45
C ASN G 138 -0.20 24.72 20.97
N GLN G 139 0.77 23.96 20.47
CA GLN G 139 1.09 24.04 19.04
C GLN G 139 -0.06 23.56 18.18
N ARG G 140 -0.71 22.46 18.56
CA ARG G 140 -1.85 21.97 17.80
C ARG G 140 -3.01 22.96 17.85
N ILE G 141 -3.26 23.55 19.02
CA ILE G 141 -4.31 24.55 19.14
C ILE G 141 -4.00 25.76 18.26
N ALA G 142 -2.73 26.18 18.22
CA ALA G 142 -2.35 27.29 17.37
C ALA G 142 -2.57 26.96 15.90
N GLU G 143 -2.23 25.75 15.48
CA GLU G 143 -2.45 25.36 14.10
C GLU G 143 -3.93 25.37 13.75
N MET G 144 -4.76 24.84 14.64
CA MET G 144 -6.21 24.83 14.39
C MET G 144 -6.77 26.24 14.33
N ARG G 145 -6.33 27.12 15.23
CA ARG G 145 -6.76 28.51 15.17
C ARG G 145 -6.31 29.17 13.88
N PHE G 146 -5.11 28.83 13.41
CA PHE G 146 -4.62 29.36 12.14
C PHE G 146 -5.51 28.92 10.98
N LEU G 147 -5.88 27.64 10.94
CA LEU G 147 -6.75 27.17 9.86
C LEU G 147 -8.12 27.82 9.93
N ARG G 148 -8.69 27.93 11.12
CA ARG G 148 -9.99 28.56 11.27
C ARG G 148 -9.93 30.03 10.84
N GLY G 149 -8.86 30.73 11.23
CA GLY G 149 -8.71 32.11 10.80
C GLY G 149 -8.53 32.25 9.31
N HIS G 150 -7.82 31.30 8.69
CA HIS G 150 -7.67 31.34 7.23
C HIS G 150 -9.02 31.21 6.55
N ALA G 151 -9.84 30.26 7.02
CA ALA G 151 -11.17 30.10 6.43
C ALA G 151 -12.02 31.35 6.66
N HIS G 152 -11.95 31.93 7.86
CA HIS G 152 -12.72 33.13 8.15
C HIS G 152 -12.26 34.30 7.29
N PHE G 153 -10.95 34.42 7.07
CA PHE G 153 -10.42 35.48 6.21
C PHE G 153 -10.91 35.32 4.78
N MET G 154 -10.91 34.10 4.27
CA MET G 154 -11.40 33.87 2.92
C MET G 154 -12.88 34.20 2.82
N LEU G 155 -13.66 33.80 3.83
CA LEU G 155 -15.08 34.13 3.86
C LEU G 155 -15.30 35.64 3.92
N LYS G 156 -14.48 36.34 4.69
CA LYS G 156 -14.61 37.80 4.81
C LYS G 156 -14.26 38.47 3.49
N GLN G 157 -13.26 37.95 2.78
CA GLN G 157 -12.93 38.49 1.47
C GLN G 157 -14.09 38.31 0.49
N LEU G 158 -14.69 37.12 0.47
CA LEU G 158 -15.76 36.87 -0.49
C LEU G 158 -17.03 37.64 -0.12
N PHE G 159 -17.44 37.58 1.14
CA PHE G 159 -18.65 38.21 1.64
C PHE G 159 -18.26 39.20 2.71
N LYS G 160 -18.77 40.43 2.62
CA LYS G 160 -18.43 41.43 3.63
C LYS G 160 -18.95 41.03 5.00
N LYS G 161 -20.19 40.58 5.07
CA LYS G 161 -20.83 40.24 6.33
C LYS G 161 -20.84 38.72 6.48
N ILE G 162 -20.09 38.22 7.46
CA ILE G 162 -19.98 36.78 7.69
C ILE G 162 -20.21 36.50 9.16
N VAL G 163 -20.51 35.23 9.45
CA VAL G 163 -20.70 34.77 10.81
C VAL G 163 -19.37 34.30 11.36
N ILE G 164 -18.95 34.85 12.49
CA ILE G 164 -17.69 34.50 13.12
C ILE G 164 -17.97 33.33 14.07
N VAL G 165 -17.65 32.12 13.62
CA VAL G 165 -17.81 30.91 14.43
C VAL G 165 -16.46 30.64 15.07
N ASN G 166 -16.23 31.22 16.25
CA ASN G 166 -14.96 31.05 16.95
C ASN G 166 -15.15 30.44 18.34
N ASP G 167 -16.26 29.76 18.56
CA ASP G 167 -16.54 29.09 19.83
C ASP G 167 -16.62 27.59 19.57
N GLU G 168 -15.53 26.88 19.89
CA GLU G 168 -15.51 25.44 19.65
C GLU G 168 -16.43 24.71 20.61
N ASN G 169 -16.51 25.15 21.85
CA ASN G 169 -17.37 24.51 22.85
C ASN G 169 -18.79 25.09 22.79
N MET G 170 -19.42 24.91 21.64
CA MET G 170 -20.73 25.47 21.38
C MET G 170 -21.64 24.38 20.84
N GLU G 171 -22.83 24.26 21.42
CA GLU G 171 -23.75 23.20 21.06
C GLU G 171 -24.28 23.40 19.64
N PRO G 172 -24.57 22.31 18.93
CA PRO G 172 -25.14 22.45 17.58
C PRO G 172 -26.46 23.19 17.54
N ASP G 173 -27.28 23.07 18.59
CA ASP G 173 -28.58 23.72 18.60
C ASP G 173 -28.47 25.23 18.69
N ALA G 174 -27.35 25.75 19.20
CA ALA G 174 -27.17 27.19 19.33
C ALA G 174 -26.75 27.86 18.04
N TYR G 175 -26.42 27.09 17.00
CA TYR G 175 -25.97 27.68 15.75
C TYR G 175 -27.08 28.45 15.04
N ASN G 176 -28.34 28.10 15.29
CA ASN G 176 -29.45 28.81 14.67
C ASN G 176 -29.57 30.24 15.14
N GLU G 177 -29.01 30.57 16.31
CA GLU G 177 -29.06 31.92 16.84
C GLU G 177 -27.91 32.80 16.38
N LEU G 178 -26.94 32.24 15.65
CA LEU G 178 -25.82 33.04 15.18
C LEU G 178 -26.27 34.03 14.11
N SER G 179 -25.68 35.22 14.14
CA SER G 179 -25.99 36.27 13.19
C SER G 179 -24.70 36.89 12.68
N ASN G 180 -24.76 37.42 11.46
CA ASN G 180 -23.60 38.05 10.84
C ASN G 180 -23.49 39.52 11.19
N THR G 181 -24.45 40.07 11.94
CA THR G 181 -24.40 41.47 12.36
C THR G 181 -24.05 41.62 13.83
N THR G 182 -23.61 40.55 14.49
CA THR G 182 -23.21 40.65 15.89
C THR G 182 -22.04 41.60 16.06
N TYR G 183 -21.07 41.53 15.15
CA TYR G 183 -19.91 42.40 15.15
C TYR G 183 -19.92 43.28 13.91
N THR G 184 -19.37 44.48 14.05
CA THR G 184 -19.23 45.36 12.89
C THR G 184 -18.08 44.88 12.01
N ASN G 185 -17.78 45.65 10.97
CA ASN G 185 -16.71 45.26 10.06
C ASN G 185 -15.36 45.22 10.77
N ASP G 186 -15.05 46.29 11.52
CA ASP G 186 -13.78 46.34 12.24
C ASP G 186 -13.72 45.26 13.32
N GLU G 187 -14.82 45.02 14.02
CA GLU G 187 -14.85 43.99 15.04
C GLU G 187 -14.64 42.60 14.45
N GLN G 188 -15.25 42.33 13.29
CA GLN G 188 -15.06 41.05 12.63
C GLN G 188 -13.62 40.89 12.18
N TRP G 189 -13.01 41.96 11.65
CA TRP G 189 -11.60 41.88 11.27
C TRP G 189 -10.72 41.61 12.49
N GLN G 190 -11.02 42.24 13.62
CA GLN G 190 -10.26 41.99 14.85
C GLN G 190 -10.43 40.55 15.30
N LYS G 191 -11.65 40.01 15.22
CA LYS G 191 -11.88 38.63 15.61
C LYS G 191 -11.09 37.67 14.73
N ILE G 192 -11.04 37.96 13.42
CA ILE G 192 -10.24 37.13 12.53
C ILE G 192 -8.76 37.22 12.89
N ALA G 193 -8.27 38.44 13.16
CA ALA G 193 -6.86 38.63 13.45
C ALA G 193 -6.44 38.04 14.79
N ASP G 194 -7.39 37.85 15.71
CA ASP G 194 -7.05 37.29 17.01
C ASP G 194 -6.51 35.87 16.87
N ASP G 195 -7.10 35.08 15.96
CA ASP G 195 -6.64 33.72 15.75
C ASP G 195 -5.20 33.69 15.26
N PHE G 196 -4.87 34.56 14.31
CA PHE G 196 -3.49 34.63 13.83
C PHE G 196 -2.55 35.16 14.89
N GLN G 197 -3.01 36.07 15.74
CA GLN G 197 -2.18 36.52 16.85
C GLN G 197 -1.83 35.37 17.77
N PHE G 198 -2.82 34.55 18.12
CA PHE G 198 -2.56 33.37 18.95
C PHE G 198 -1.63 32.40 18.24
N ALA G 199 -1.85 32.19 16.94
CA ALA G 199 -0.99 31.27 16.19
C ALA G 199 0.44 31.75 16.16
N TYR G 200 0.65 33.05 15.94
CA TYR G 200 2.00 33.60 15.96
C TYR G 200 2.64 33.45 17.34
N ASP G 201 1.85 33.67 18.39
CA ASP G 201 2.40 33.55 19.74
C ASP G 201 2.80 32.12 20.07
N ASN G 202 2.02 31.13 19.64
CA ASN G 202 2.20 29.76 20.12
C ASN G 202 2.86 28.83 19.12
N LEU G 203 3.05 29.22 17.87
CA LEU G 203 3.60 28.30 16.90
C LEU G 203 5.12 28.24 17.01
N PRO G 204 5.72 27.11 16.64
CA PRO G 204 7.18 27.02 16.60
C PRO G 204 7.76 27.84 15.46
N GLU G 205 9.02 28.25 15.63
CA GLU G 205 9.68 29.05 14.61
C GLU G 205 9.87 28.24 13.33
N VAL G 206 10.23 26.97 13.45
CA VAL G 206 10.46 26.10 12.30
C VAL G 206 9.70 24.81 12.48
N GLN G 207 9.05 24.35 11.42
CA GLN G 207 8.29 23.11 11.43
C GLN G 207 8.99 22.07 10.58
N ILE G 208 9.23 20.89 11.16
CA ILE G 208 9.86 19.81 10.41
C ILE G 208 8.92 19.30 9.33
N GLU G 209 7.62 19.29 9.60
CA GLU G 209 6.63 18.88 8.61
C GLU G 209 6.17 20.12 7.84
N LYS G 210 6.42 20.13 6.54
CA LYS G 210 6.12 21.31 5.73
C LYS G 210 4.64 21.60 5.66
N GLY G 211 3.79 20.60 5.91
CA GLY G 211 2.35 20.84 5.86
C GLY G 211 1.87 21.79 6.94
N ARG G 212 2.40 21.64 8.15
CA ARG G 212 1.97 22.49 9.26
C ARG G 212 2.48 23.92 9.05
N PRO G 213 1.67 24.92 9.39
CA PRO G 213 2.15 26.30 9.31
C PRO G 213 3.20 26.59 10.37
N ALA G 214 4.01 27.59 10.09
CA ALA G 214 5.05 28.03 11.01
C ALA G 214 4.70 29.41 11.58
N GLN G 215 5.53 29.84 12.53
CA GLN G 215 5.33 31.15 13.14
C GLN G 215 5.43 32.26 12.10
N ALA G 216 6.37 32.12 11.16
CA ALA G 216 6.49 33.11 10.10
C ALA G 216 5.23 33.17 9.24
N ALA G 217 4.67 32.01 8.91
CA ALA G 217 3.44 31.99 8.14
C ALA G 217 2.29 32.65 8.89
N ALA G 218 2.18 32.36 10.19
CA ALA G 218 1.14 32.99 10.99
C ALA G 218 1.33 34.50 11.04
N ALA G 219 2.57 34.96 11.20
CA ALA G 219 2.84 36.39 11.25
C ALA G 219 2.51 37.06 9.93
N ALA G 220 2.88 36.43 8.81
CA ALA G 220 2.59 37.01 7.50
C ALA G 220 1.09 37.11 7.27
N TYR G 221 0.34 36.07 7.64
CA TYR G 221 -1.09 36.10 7.39
C TYR G 221 -1.79 37.07 8.33
N LEU G 222 -1.25 37.23 9.55
CA LEU G 222 -1.73 38.28 10.45
C LEU G 222 -1.48 39.66 9.87
N ALA G 223 -0.33 39.86 9.26
CA ALA G 223 -0.04 41.14 8.60
C ALA G 223 -1.03 41.38 7.46
N LYS G 224 -1.36 40.34 6.71
CA LYS G 224 -2.36 40.47 5.65
C LYS G 224 -3.72 40.87 6.24
N THR G 225 -4.11 40.24 7.33
CA THR G 225 -5.39 40.57 7.97
C THR G 225 -5.40 42.02 8.44
N TYR G 226 -4.31 42.49 9.04
CA TYR G 226 -4.25 43.86 9.51
C TYR G 226 -4.23 44.84 8.34
N LEU G 227 -3.59 44.49 7.23
CA LEU G 227 -3.62 45.34 6.05
C LEU G 227 -5.03 45.48 5.51
N TYR G 228 -5.78 44.37 5.48
CA TYR G 228 -7.18 44.46 5.04
C TYR G 228 -8.01 45.27 6.03
N LYS G 229 -7.71 45.15 7.32
CA LYS G 229 -8.43 45.90 8.35
C LYS G 229 -8.15 47.39 8.24
N ALA G 230 -6.95 47.76 7.79
CA ALA G 230 -6.57 49.17 7.75
C ALA G 230 -7.50 49.97 6.84
N TYR G 231 -7.83 49.43 5.67
CA TYR G 231 -8.73 50.12 4.76
C TYR G 231 -10.16 50.04 5.27
N ARG G 232 -10.55 50.99 6.12
CA ARG G 232 -11.83 50.92 6.80
C ARG G 232 -13.00 51.07 5.82
N GLN G 233 -14.05 50.29 6.07
CA GLN G 233 -15.25 50.33 5.24
C GLN G 233 -16.47 50.60 6.10
N ASP G 234 -16.37 51.58 6.99
CA ASP G 234 -17.47 51.92 7.87
C ASP G 234 -18.64 52.50 7.07
N GLY G 235 -19.84 52.30 7.60
CA GLY G 235 -21.05 52.72 6.93
C GLY G 235 -21.75 51.58 6.21
N ALA G 236 -23.00 51.85 5.82
CA ALA G 236 -23.79 50.83 5.14
C ALA G 236 -23.18 50.46 3.78
N ASP G 237 -22.73 51.46 3.04
CA ASP G 237 -22.17 51.21 1.72
C ASP G 237 -20.78 50.60 1.83
N ASN G 238 -20.27 50.12 0.70
CA ASN G 238 -18.96 49.49 0.63
C ASN G 238 -17.86 50.47 0.26
N ALA G 239 -18.07 51.76 0.49
CA ALA G 239 -17.08 52.77 0.10
C ALA G 239 -15.97 52.86 1.13
N LEU G 240 -14.76 53.13 0.65
CA LEU G 240 -13.62 53.32 1.52
C LEU G 240 -13.77 54.60 2.33
N THR G 241 -13.41 54.54 3.61
CA THR G 241 -13.57 55.67 4.51
C THR G 241 -12.25 56.25 5.01
N GLY G 242 -11.18 55.47 5.05
CA GLY G 242 -9.91 55.98 5.51
C GLY G 242 -8.90 54.87 5.70
N ILE G 243 -7.74 55.25 6.23
CA ILE G 243 -6.64 54.33 6.46
C ILE G 243 -6.27 54.41 7.94
N ASN G 244 -6.10 53.26 8.59
CA ASN G 244 -5.82 53.18 10.01
C ASN G 244 -4.32 53.09 10.23
N GLU G 245 -3.75 54.13 10.83
CA GLU G 245 -2.31 54.16 11.07
C GLU G 245 -1.89 53.07 12.06
N GLU G 246 -2.72 52.80 13.05
CA GLU G 246 -2.41 51.73 14.00
C GLU G 246 -2.34 50.38 13.30
N ASP G 247 -3.30 50.12 12.40
CA ASP G 247 -3.28 48.87 11.65
C ASP G 247 -2.07 48.79 10.74
N LEU G 248 -1.70 49.91 10.12
CA LEU G 248 -0.50 49.91 9.28
C LEU G 248 0.76 49.63 10.10
N LYS G 249 0.86 50.22 11.29
CA LYS G 249 2.00 49.95 12.15
C LYS G 249 2.03 48.50 12.58
N GLN G 250 0.87 47.91 12.85
CA GLN G 250 0.81 46.49 13.16
C GLN G 250 1.29 45.66 11.97
N VAL G 251 0.90 46.05 10.75
CA VAL G 251 1.36 45.35 9.57
C VAL G 251 2.88 45.38 9.48
N VAL G 252 3.46 46.56 9.68
CA VAL G 252 4.92 46.69 9.62
C VAL G 252 5.58 45.84 10.69
N LYS G 253 5.04 45.88 11.91
CA LYS G 253 5.61 45.12 13.01
C LYS G 253 5.61 43.63 12.73
N TYR G 254 4.51 43.12 12.17
CA TYR G 254 4.40 41.68 11.95
C TYR G 254 5.00 41.24 10.61
N THR G 255 5.36 42.17 9.73
CA THR G 255 6.06 41.82 8.51
C THR G 255 7.54 42.12 8.57
N ASP G 256 8.03 42.67 9.68
CA ASP G 256 9.45 42.88 9.94
C ASP G 256 10.30 41.70 9.45
N PRO G 257 11.41 41.98 8.76
CA PRO G 257 12.18 40.88 8.13
C PRO G 257 12.82 39.93 9.13
N LEU G 258 12.96 40.31 10.40
CA LEU G 258 13.60 39.42 11.36
C LEU G 258 12.81 38.15 11.57
N ILE G 259 11.47 38.25 11.57
CA ILE G 259 10.64 37.07 11.76
C ILE G 259 10.84 36.07 10.63
N MET G 260 10.84 36.56 9.39
CA MET G 260 11.05 35.68 8.25
C MET G 260 12.48 35.15 8.20
N ALA G 261 13.45 35.94 8.65
CA ALA G 261 14.82 35.44 8.73
C ALA G 261 14.93 34.31 9.74
N LYS G 262 14.26 34.44 10.88
CA LYS G 262 14.23 33.35 11.85
C LYS G 262 13.53 32.13 11.28
N GLY G 263 12.46 32.34 10.51
CA GLY G 263 11.78 31.23 9.88
C GLY G 263 12.48 30.65 8.68
N GLY G 264 13.54 31.29 8.20
CA GLY G 264 14.26 30.80 7.03
C GLY G 264 13.49 30.86 5.73
N TYR G 265 12.76 31.95 5.49
CA TYR G 265 11.99 32.13 4.28
C TYR G 265 12.56 33.30 3.47
N GLY G 266 12.57 33.14 2.15
CA GLY G 266 13.09 34.19 1.29
C GLY G 266 12.68 33.95 -0.14
N LEU G 267 12.96 34.93 -0.98
CA LEU G 267 12.62 34.84 -2.39
C LEU G 267 13.44 33.76 -3.08
N GLU G 268 12.79 33.01 -3.95
CA GLU G 268 13.48 32.02 -4.75
C GLU G 268 14.40 32.71 -5.75
N THR G 269 15.46 32.01 -6.16
CA THR G 269 16.36 32.55 -7.17
C THR G 269 15.68 32.68 -8.52
N ASP G 270 14.63 31.91 -8.77
CA ASP G 270 13.90 31.95 -10.03
C ASP G 270 12.40 32.02 -9.76
N TYR G 271 11.70 32.72 -10.63
CA TYR G 271 10.25 32.86 -10.48
C TYR G 271 9.53 31.54 -10.70
N SER G 272 9.98 30.76 -11.68
CA SER G 272 9.28 29.52 -12.03
C SER G 272 9.47 28.41 -11.02
N MET G 273 10.42 28.54 -10.09
CA MET G 273 10.61 27.54 -9.06
C MET G 273 9.41 27.44 -8.13
N ASN G 274 8.62 28.51 -8.02
CA ASN G 274 7.45 28.48 -7.15
C ASN G 274 6.36 27.58 -7.72
N PHE G 275 6.30 27.43 -9.04
CA PHE G 275 5.24 26.68 -9.68
C PHE G 275 5.73 25.40 -10.34
N LEU G 276 7.03 25.15 -10.37
CA LEU G 276 7.49 23.87 -10.88
C LEU G 276 7.35 22.79 -9.82
N PRO G 277 6.85 21.61 -10.17
CA PRO G 277 6.70 20.54 -9.17
C PRO G 277 8.02 20.09 -8.56
N GLN G 278 9.13 20.26 -9.27
CA GLN G 278 10.42 19.79 -8.77
C GLN G 278 10.90 20.57 -7.56
N TYR G 279 10.35 21.76 -7.32
CA TYR G 279 10.79 22.63 -6.23
C TYR G 279 9.64 22.92 -5.27
N GLU G 280 8.88 21.90 -4.91
CA GLU G 280 7.84 22.05 -3.92
C GLU G 280 8.44 22.36 -2.56
N ASN G 281 7.68 23.12 -1.76
CA ASN G 281 8.09 23.50 -0.40
C ASN G 281 9.43 24.23 -0.42
N GLY G 282 9.55 25.23 -1.30
CA GLY G 282 10.76 26.00 -1.43
C GLY G 282 10.86 27.08 -0.36
N ALA G 283 11.87 27.93 -0.52
CA ALA G 283 12.07 29.03 0.42
C ALA G 283 10.91 30.02 0.37
N GLU G 284 10.39 30.32 -0.82
CA GLU G 284 9.32 31.29 -0.95
C GLU G 284 7.96 30.71 -0.53
N SER G 285 7.84 29.39 -0.44
CA SER G 285 6.59 28.76 -0.03
C SER G 285 6.44 28.91 1.48
N VAL G 286 5.92 30.06 1.89
CA VAL G 286 5.71 30.33 3.30
C VAL G 286 4.71 29.34 3.88
N TRP G 287 3.61 29.12 3.17
CA TRP G 287 2.66 28.09 3.54
C TRP G 287 1.95 27.63 2.28
N ALA G 288 1.69 26.33 2.18
CA ALA G 288 1.08 25.78 0.98
C ALA G 288 0.25 24.56 1.32
N ILE G 289 -0.92 24.47 0.69
CA ILE G 289 -1.70 23.24 0.74
C ILE G 289 -0.94 22.16 0.00
N GLN G 290 -0.67 21.06 0.69
CA GLN G 290 0.13 19.96 0.15
C GLN G 290 -0.76 19.02 -0.62
N TYR G 291 -0.53 18.93 -1.93
CA TYR G 291 -1.22 17.98 -2.78
C TYR G 291 -0.28 16.84 -3.12
N SER G 292 -0.79 15.61 -3.06
CA SER G 292 0.03 14.42 -3.21
C SER G 292 -0.57 13.52 -4.28
N ILE G 293 0.28 12.67 -4.84
CA ILE G 293 -0.11 11.72 -5.87
C ILE G 293 0.19 10.32 -5.35
N ASN G 294 -0.51 9.33 -5.92
CA ASN G 294 -0.41 7.90 -5.62
C ASN G 294 -0.12 7.62 -4.15
N ASP G 295 -0.91 8.24 -3.27
CA ASP G 295 -0.71 8.17 -1.83
C ASP G 295 -1.68 7.22 -1.16
N GLY G 296 -2.34 6.35 -1.91
CA GLY G 296 -3.21 5.33 -1.36
C GLY G 296 -4.69 5.61 -1.52
N THR G 297 -5.10 6.80 -1.92
CA THR G 297 -6.51 7.10 -2.14
C THR G 297 -6.90 6.62 -3.53
N TYR G 298 -8.11 6.98 -3.97
CA TYR G 298 -8.57 6.54 -5.28
C TYR G 298 -7.72 7.12 -6.40
N ASN G 299 -7.38 8.41 -6.30
CA ASN G 299 -6.55 9.05 -7.31
C ASN G 299 -5.49 9.97 -6.72
N GLY G 300 -5.33 10.01 -5.41
CA GLY G 300 -4.42 10.95 -4.78
C GLY G 300 -5.10 12.26 -4.43
N ASN G 301 -4.52 12.94 -3.44
CA ASN G 301 -5.01 14.26 -3.04
C ASN G 301 -4.54 15.30 -4.06
N LEU G 302 -5.07 15.16 -5.27
CA LEU G 302 -4.70 16.07 -6.35
C LEU G 302 -5.50 17.37 -6.23
N ASN G 303 -5.00 18.40 -6.90
CA ASN G 303 -5.65 19.71 -6.90
C ASN G 303 -6.82 19.66 -7.86
N TRP G 304 -7.97 19.20 -7.36
CA TRP G 304 -9.16 19.09 -8.20
C TRP G 304 -9.78 20.45 -8.51
N GLY G 305 -9.46 21.48 -7.71
CA GLY G 305 -9.96 22.80 -8.02
C GLY G 305 -9.42 23.36 -9.32
N MET G 306 -8.17 23.00 -9.65
CA MET G 306 -7.55 23.41 -10.91
C MET G 306 -7.86 22.46 -12.05
N GLY G 307 -8.72 21.46 -11.83
CA GLY G 307 -9.00 20.50 -12.87
C GLY G 307 -9.61 21.11 -14.12
N LEU G 308 -10.43 22.15 -13.94
CA LEU G 308 -11.09 22.80 -15.07
C LEU G 308 -10.15 23.69 -15.87
N THR G 309 -8.94 23.97 -15.39
CA THR G 309 -8.05 24.93 -16.04
C THR G 309 -7.07 24.29 -17.00
N THR G 310 -7.07 22.98 -17.16
CA THR G 310 -6.11 22.34 -18.05
C THR G 310 -6.44 22.68 -19.50
N PRO G 311 -5.42 22.84 -20.35
CA PRO G 311 -5.66 23.23 -21.74
C PRO G 311 -6.41 22.15 -22.51
N GLN G 312 -6.97 22.56 -23.65
CA GLN G 312 -7.71 21.64 -24.49
C GLN G 312 -6.84 20.54 -25.07
N ILE G 313 -5.51 20.74 -25.08
CA ILE G 313 -4.62 19.70 -25.60
C ILE G 313 -4.68 18.45 -24.73
N LEU G 314 -5.06 18.60 -23.46
CA LEU G 314 -5.22 17.45 -22.58
C LEU G 314 -6.55 16.76 -22.76
N GLY G 315 -7.51 17.40 -23.43
CA GLY G 315 -8.75 16.74 -23.77
C GLY G 315 -10.02 17.52 -23.49
N CYS G 316 -10.05 18.27 -22.40
CA CYS G 316 -11.30 18.91 -21.99
C CYS G 316 -10.99 20.11 -21.10
N CYS G 317 -12.00 20.60 -20.41
CA CYS G 317 -11.91 21.71 -19.46
C CYS G 317 -11.59 23.03 -20.15
N ASP G 318 -10.36 23.48 -20.04
CA ASP G 318 -9.90 24.72 -20.66
C ASP G 318 -10.68 25.94 -20.13
N PHE G 319 -10.51 26.19 -18.84
CA PHE G 319 -11.06 27.36 -18.17
C PHE G 319 -9.94 28.29 -17.72
N HIS G 320 -10.33 29.44 -17.18
CA HIS G 320 -9.41 30.34 -16.49
C HIS G 320 -8.35 30.89 -17.44
N LYS G 321 -8.78 31.29 -18.62
CA LYS G 321 -7.84 31.84 -19.61
C LYS G 321 -7.42 33.25 -19.21
N PRO G 322 -6.14 33.58 -19.27
CA PRO G 322 -5.70 34.95 -19.00
C PRO G 322 -6.19 35.90 -20.09
N SER G 323 -5.94 37.19 -19.86
CA SER G 323 -6.53 38.23 -20.68
C SER G 323 -5.46 39.06 -21.38
N GLN G 324 -5.84 39.58 -22.56
CA GLN G 324 -4.96 40.46 -23.30
C GLN G 324 -4.59 41.69 -22.49
N ASN G 325 -5.49 42.14 -21.61
CA ASN G 325 -5.15 43.22 -20.70
C ASN G 325 -3.99 42.83 -19.80
N LEU G 326 -4.00 41.60 -19.28
CA LEU G 326 -2.89 41.13 -18.45
C LEU G 326 -1.60 41.03 -19.25
N VAL G 327 -1.69 40.56 -20.49
CA VAL G 327 -0.48 40.47 -21.33
C VAL G 327 0.08 41.86 -21.59
N ASN G 328 -0.78 42.82 -21.91
CA ASN G 328 -0.32 44.19 -22.10
C ASN G 328 0.27 44.77 -20.83
N ALA G 329 -0.29 44.42 -19.67
CA ALA G 329 0.29 44.85 -18.41
C ALA G 329 1.70 44.30 -18.23
N PHE G 330 1.90 43.04 -18.59
CA PHE G 330 3.24 42.45 -18.52
C PHE G 330 4.20 43.15 -19.48
N LYS G 331 3.68 43.64 -20.60
CA LYS G 331 4.51 44.39 -21.54
C LYS G 331 5.13 45.62 -20.85
N THR G 332 6.42 45.86 -21.11
CA THR G 332 7.16 46.96 -20.51
C THR G 332 7.74 47.86 -21.60
N ASP G 333 8.40 48.94 -21.16
CA ASP G 333 8.98 49.92 -22.06
C ASP G 333 10.46 49.62 -22.30
N SER G 334 11.16 50.56 -22.93
CA SER G 334 12.58 50.39 -23.21
C SER G 334 13.48 50.65 -22.01
N GLN G 335 12.95 51.27 -20.95
CA GLN G 335 13.71 51.54 -19.74
C GLN G 335 13.51 50.48 -18.67
N GLY G 336 12.72 49.44 -18.95
CA GLY G 336 12.47 48.41 -17.97
C GLY G 336 11.34 48.69 -17.00
N LYS G 337 10.61 49.79 -17.17
CA LYS G 337 9.50 50.09 -16.29
C LYS G 337 8.17 49.80 -16.99
N PRO G 338 7.15 49.41 -16.24
CA PRO G 338 5.84 49.17 -16.87
C PRO G 338 5.26 50.44 -17.45
N LEU G 339 4.56 50.29 -18.57
CA LEU G 339 3.90 51.41 -19.25
C LEU G 339 2.65 51.77 -18.45
N PHE G 340 2.74 52.86 -17.69
CA PHE G 340 1.67 53.20 -16.76
C PHE G 340 0.44 53.77 -17.43
N SER G 341 0.56 54.25 -18.67
CA SER G 341 -0.58 54.88 -19.34
C SER G 341 -0.83 54.39 -20.75
N THR G 342 0.15 53.82 -21.44
CA THR G 342 -0.01 53.40 -22.83
C THR G 342 0.22 51.91 -23.01
N TYR G 343 0.07 51.11 -21.96
CA TYR G 343 0.31 49.68 -22.07
C TYR G 343 -0.77 48.99 -22.89
N ASP G 344 -2.02 49.45 -22.75
CA ASP G 344 -3.15 48.80 -23.40
C ASP G 344 -3.54 49.42 -24.72
N ASN G 345 -2.77 50.42 -25.21
CA ASN G 345 -3.11 51.05 -26.48
C ASN G 345 -3.01 50.05 -27.64
N GLU G 346 -1.97 49.22 -27.64
CA GLU G 346 -1.78 48.22 -28.68
C GLU G 346 -1.44 46.88 -28.04
N ASN G 347 -1.81 45.80 -28.73
CA ASN G 347 -1.50 44.46 -28.25
C ASN G 347 0.00 44.23 -28.23
N TYR G 348 0.44 43.40 -27.29
CA TYR G 348 1.86 43.13 -27.14
C TYR G 348 2.41 42.47 -28.39
N GLU G 349 3.53 42.98 -28.88
CA GLU G 349 4.21 42.45 -30.06
C GLU G 349 5.50 41.80 -29.61
N VAL G 350 5.68 40.53 -29.98
CA VAL G 350 6.83 39.77 -29.50
C VAL G 350 8.13 40.29 -30.11
N ALA G 351 8.08 40.82 -31.33
CA ALA G 351 9.30 41.18 -32.04
C ALA G 351 9.77 42.61 -31.77
N THR G 352 8.89 43.48 -31.28
CA THR G 352 9.22 44.90 -31.14
C THR G 352 9.14 45.44 -29.72
N ASP G 353 8.38 44.81 -28.84
CA ASP G 353 8.09 45.36 -27.52
C ASP G 353 8.90 44.64 -26.46
N ASN G 354 9.54 45.40 -25.57
CA ASN G 354 10.20 44.83 -24.41
C ASN G 354 9.15 44.23 -23.48
N VAL G 355 9.46 43.06 -22.92
CA VAL G 355 8.49 42.30 -22.13
C VAL G 355 9.16 41.83 -20.85
N ASP G 356 8.40 41.89 -19.75
CA ASP G 356 8.87 41.33 -18.50
C ASP G 356 8.98 39.82 -18.62
N PRO G 357 10.06 39.22 -18.12
CA PRO G 357 10.20 37.76 -18.22
C PRO G 357 9.14 36.99 -17.44
N ARG G 358 8.46 37.62 -16.50
CA ARG G 358 7.41 36.96 -15.74
C ARG G 358 6.23 36.56 -16.62
N LEU G 359 6.07 37.19 -17.78
CA LEU G 359 4.96 36.87 -18.66
C LEU G 359 5.06 35.45 -19.18
N PHE G 360 6.27 34.99 -19.49
CA PHE G 360 6.44 33.66 -20.03
C PHE G 360 6.38 32.58 -18.97
N HIS G 361 6.36 32.96 -17.69
CA HIS G 361 6.06 32.02 -16.62
C HIS G 361 4.60 32.06 -16.22
N THR G 362 3.91 33.17 -16.44
CA THR G 362 2.51 33.29 -16.05
C THR G 362 1.55 32.85 -17.15
N VAL G 363 1.74 33.35 -18.37
CA VAL G 363 0.80 33.17 -19.47
C VAL G 363 1.53 32.45 -20.60
N GLY G 364 0.87 31.45 -21.17
CA GLY G 364 1.41 30.76 -22.33
C GLY G 364 0.83 31.29 -23.63
N MET G 365 1.59 32.14 -24.33
CA MET G 365 1.12 32.72 -25.58
C MET G 365 1.23 31.71 -26.71
N PRO G 366 0.41 31.88 -27.76
CA PRO G 366 0.53 31.00 -28.94
C PRO G 366 1.90 31.17 -29.59
N GLY G 367 2.39 30.06 -30.15
CA GLY G 367 3.71 30.06 -30.75
C GLY G 367 4.85 29.86 -29.78
N PHE G 368 4.56 29.54 -28.53
CA PHE G 368 5.57 29.36 -27.51
C PHE G 368 5.37 28.01 -26.83
N PRO G 369 6.44 27.43 -26.28
CA PRO G 369 6.30 26.13 -25.61
C PRO G 369 5.34 26.21 -24.44
N TYR G 370 4.58 25.13 -24.24
CA TYR G 370 3.61 25.04 -23.16
C TYR G 370 4.30 24.44 -21.94
N LYS G 371 4.43 25.25 -20.89
CA LYS G 371 5.10 24.83 -19.65
C LYS G 371 6.52 24.36 -19.93
N TYR G 372 7.25 25.15 -20.73
CA TYR G 372 8.66 24.90 -21.03
C TYR G 372 8.86 23.52 -21.67
N ASN G 373 7.93 23.13 -22.53
CA ASN G 373 8.01 21.85 -23.25
C ASN G 373 8.01 22.15 -24.74
N GLU G 374 9.12 21.83 -25.42
CA GLU G 374 9.24 22.11 -26.84
C GLU G 374 8.33 21.22 -27.68
N GLY G 375 7.92 20.07 -27.15
CA GLY G 375 7.04 19.19 -27.89
C GLY G 375 5.59 19.60 -27.94
N TYR G 376 5.21 20.61 -27.15
CA TYR G 376 3.84 21.12 -27.12
C TYR G 376 3.91 22.63 -27.31
N ILE G 377 3.81 23.07 -28.57
CA ILE G 377 3.84 24.48 -28.91
C ILE G 377 2.41 24.97 -29.04
N ILE G 378 2.06 26.00 -28.26
CA ILE G 378 0.71 26.53 -28.28
C ILE G 378 0.45 27.17 -29.64
N GLN G 379 -0.67 26.84 -30.25
CA GLN G 379 -1.05 27.36 -31.55
C GLN G 379 -2.41 28.05 -31.45
N LYS G 380 -2.64 29.01 -32.34
CA LYS G 380 -3.90 29.75 -32.37
C LYS G 380 -4.96 29.01 -33.18
N ASN G 381 -5.18 27.75 -32.85
CA ASN G 381 -6.18 26.92 -33.50
C ASN G 381 -7.15 26.40 -32.45
N ASP G 382 -8.07 25.53 -32.88
CA ASP G 382 -9.07 25.00 -31.97
C ASP G 382 -8.54 23.89 -31.08
N ASP G 383 -7.39 23.31 -31.43
CA ASP G 383 -6.81 22.26 -30.59
C ASP G 383 -6.36 22.79 -29.24
N TRP G 384 -6.24 24.11 -29.10
CA TRP G 384 -5.80 24.71 -27.85
C TRP G 384 -6.85 25.59 -27.18
N SER G 385 -7.86 26.04 -27.91
CA SER G 385 -8.94 26.85 -27.36
C SER G 385 -10.26 26.11 -27.55
N ARG G 386 -10.96 25.88 -26.45
CA ARG G 386 -12.24 25.18 -26.50
C ARG G 386 -13.34 26.08 -27.03
N SER G 387 -13.23 27.39 -26.83
CA SER G 387 -14.30 28.34 -27.13
C SER G 387 -14.24 28.89 -28.55
N LYS G 388 -13.35 28.35 -29.39
CA LYS G 388 -13.21 28.78 -30.78
C LYS G 388 -12.88 30.27 -30.88
N GLY G 389 -11.97 30.72 -30.02
CA GLY G 389 -11.52 32.10 -30.05
C GLY G 389 -12.41 33.09 -29.32
N LEU G 390 -13.52 32.64 -28.74
CA LEU G 390 -14.39 33.55 -28.02
C LEU G 390 -13.71 34.11 -26.79
N TYR G 391 -12.97 33.28 -26.07
CA TYR G 391 -12.24 33.70 -24.87
C TYR G 391 -10.75 33.82 -25.12
N GLY G 392 -10.34 34.01 -26.36
CA GLY G 392 -8.93 34.15 -26.66
C GLY G 392 -8.24 32.79 -26.71
N TYR G 393 -6.91 32.85 -26.82
CA TYR G 393 -6.10 31.66 -26.96
C TYR G 393 -5.00 31.54 -25.92
N TYR G 394 -4.89 32.49 -24.99
CA TYR G 394 -3.86 32.42 -23.97
C TYR G 394 -4.19 31.35 -22.94
N VAL G 395 -3.16 30.69 -22.44
CA VAL G 395 -3.30 29.58 -21.51
C VAL G 395 -2.53 29.91 -20.23
N SER G 396 -3.20 29.76 -19.08
CA SER G 396 -2.55 29.95 -17.80
C SER G 396 -1.53 28.85 -17.56
N LEU G 397 -0.41 29.21 -16.92
CA LEU G 397 0.68 28.26 -16.68
C LEU G 397 1.03 28.07 -15.22
N LYS G 398 0.63 28.98 -14.33
CA LYS G 398 1.02 28.87 -12.94
C LYS G 398 0.44 27.61 -12.29
N GLU G 399 -0.83 27.32 -12.55
CA GLU G 399 -1.49 26.18 -11.94
C GLU G 399 -1.39 24.90 -12.77
N ASN G 400 -0.83 24.97 -13.97
CA ASN G 400 -0.67 23.80 -14.82
C ASN G 400 0.73 23.24 -14.68
N VAL G 401 0.91 22.01 -15.16
CA VAL G 401 2.19 21.33 -15.11
C VAL G 401 2.49 20.77 -16.50
N ASP G 402 3.71 20.28 -16.65
CA ASP G 402 4.10 19.66 -17.91
C ASP G 402 3.24 18.43 -18.17
N PRO G 403 2.81 18.20 -19.41
CA PRO G 403 2.03 16.98 -19.70
C PRO G 403 2.79 15.70 -19.42
N ASP G 404 4.12 15.75 -19.36
CA ASP G 404 4.94 14.59 -19.06
C ASP G 404 5.54 14.67 -17.66
N CYS G 405 4.85 15.34 -16.75
CA CYS G 405 5.40 15.56 -15.40
C CYS G 405 5.45 14.27 -14.59
N ASP G 406 4.52 13.35 -14.83
CA ASP G 406 4.21 12.19 -13.99
C ASP G 406 3.58 12.60 -12.67
N CYS G 407 3.45 13.89 -12.40
CA CYS G 407 2.67 14.42 -11.30
C CYS G 407 1.23 14.70 -11.70
N LEU G 408 0.87 14.42 -12.95
CA LEU G 408 -0.43 14.70 -13.53
C LEU G 408 -1.19 13.39 -13.69
N LYS G 409 -2.48 13.40 -13.33
CA LYS G 409 -3.30 12.20 -13.39
C LYS G 409 -4.69 12.55 -13.89
N LYS G 410 -5.32 11.57 -14.54
CA LYS G 410 -6.65 11.73 -15.12
C LYS G 410 -7.65 10.99 -14.23
N GLY G 411 -8.40 11.75 -13.44
CA GLY G 411 -9.41 11.19 -12.56
C GLY G 411 -10.80 11.68 -12.91
N SER G 412 -11.11 11.70 -14.21
CA SER G 412 -12.23 12.38 -14.86
C SER G 412 -11.95 13.88 -14.98
N TYR G 413 -10.86 14.38 -14.41
CA TYR G 413 -10.40 15.74 -14.61
C TYR G 413 -8.90 15.74 -14.43
N TRP G 414 -8.18 16.29 -15.40
CA TRP G 414 -6.72 16.32 -15.33
C TRP G 414 -6.26 17.14 -14.13
N ALA G 415 -5.65 16.50 -13.15
CA ALA G 415 -5.25 17.17 -11.92
C ALA G 415 -3.81 16.81 -11.58
N SER G 416 -3.09 17.77 -11.01
CA SER G 416 -1.69 17.62 -10.68
C SER G 416 -1.48 17.62 -9.17
N SER G 417 -0.38 17.00 -8.75
CA SER G 417 0.00 16.99 -7.35
C SER G 417 0.80 18.22 -6.93
N LEU G 418 0.73 19.29 -7.71
CA LEU G 418 1.48 20.51 -7.40
C LEU G 418 0.88 21.20 -6.19
N ASN G 419 1.73 21.57 -5.25
CA ASN G 419 1.27 22.25 -4.04
C ASN G 419 0.70 23.61 -4.38
N HIS G 420 -0.27 24.05 -3.59
CA HIS G 420 -0.90 25.36 -3.79
C HIS G 420 -0.38 26.33 -2.73
N ILE G 421 0.45 27.28 -3.15
CA ILE G 421 1.05 28.21 -2.21
C ILE G 421 0.03 29.30 -1.86
N VAL G 422 -0.23 29.46 -0.57
CA VAL G 422 -1.18 30.46 -0.11
C VAL G 422 -0.49 31.77 0.23
N ILE G 423 0.64 31.70 0.92
CA ILE G 423 1.41 32.87 1.32
C ILE G 423 2.77 32.80 0.66
N ARG G 424 3.19 33.89 0.02
CA ARG G 424 4.47 33.96 -0.64
C ARG G 424 5.31 35.09 -0.04
N TYR G 425 6.63 34.88 -0.01
CA TYR G 425 7.51 35.91 0.50
C TYR G 425 7.43 37.17 -0.34
N ALA G 426 7.18 37.03 -1.64
CA ALA G 426 6.93 38.20 -2.48
C ALA G 426 5.70 38.95 -2.00
N ASP G 427 4.65 38.23 -1.61
CA ASP G 427 3.46 38.86 -1.05
C ASP G 427 3.80 39.58 0.24
N VAL G 428 4.64 38.97 1.08
CA VAL G 428 5.04 39.61 2.34
C VAL G 428 5.77 40.91 2.05
N LEU G 429 6.71 40.89 1.11
CA LEU G 429 7.48 42.09 0.79
C LEU G 429 6.58 43.18 0.22
N LEU G 430 5.68 42.83 -0.70
CA LEU G 430 4.79 43.83 -1.28
C LEU G 430 3.82 44.38 -0.24
N MET G 431 3.40 43.54 0.70
CA MET G 431 2.56 44.00 1.80
C MET G 431 3.28 44.99 2.68
N ARG G 432 4.55 44.71 3.00
CA ARG G 432 5.34 45.66 3.77
C ARG G 432 5.49 46.97 3.01
N ALA G 433 5.73 46.89 1.71
CA ALA G 433 5.84 48.10 0.89
C ALA G 433 4.55 48.90 0.92
N GLU G 434 3.41 48.21 0.84
CA GLU G 434 2.12 48.91 0.90
C GLU G 434 1.94 49.61 2.23
N ALA G 435 2.26 48.93 3.32
CA ALA G 435 2.13 49.54 4.64
C ALA G 435 3.01 50.78 4.74
N LEU G 436 4.26 50.69 4.30
CA LEU G 436 5.17 51.83 4.38
C LEU G 436 4.68 52.98 3.52
N ILE G 437 4.22 52.69 2.31
CA ILE G 437 3.77 53.75 1.41
C ILE G 437 2.55 54.45 1.98
N GLN G 438 1.59 53.69 2.50
CA GLN G 438 0.39 54.30 3.05
C GLN G 438 0.70 55.06 4.34
N LEU G 439 1.68 54.62 5.12
CA LEU G 439 2.10 55.40 6.28
C LEU G 439 2.71 56.73 5.86
N ASN G 440 3.59 56.71 4.86
CA ASN G 440 4.25 57.92 4.36
C ASN G 440 4.98 58.65 5.48
N ASP G 441 5.71 57.88 6.29
CA ASP G 441 6.49 58.43 7.40
C ASP G 441 7.97 58.52 7.09
N GLY G 442 8.34 58.53 5.82
CA GLY G 442 9.73 58.60 5.42
C GLY G 442 10.37 57.30 5.01
N ARG G 443 9.61 56.21 4.95
CA ARG G 443 10.12 54.90 4.55
C ARG G 443 9.68 54.53 3.14
N ILE G 444 9.29 55.52 2.34
CA ILE G 444 9.02 55.30 0.93
C ILE G 444 10.24 54.74 0.23
N THR G 445 11.43 55.16 0.66
CA THR G 445 12.66 54.60 0.10
C THR G 445 12.76 53.10 0.40
N ASP G 446 12.37 52.71 1.62
CA ASP G 446 12.38 51.28 1.97
C ASP G 446 11.38 50.51 1.11
N ALA G 447 10.19 51.09 0.89
CA ALA G 447 9.21 50.43 0.04
C ALA G 447 9.73 50.27 -1.38
N ILE G 448 10.38 51.31 -1.91
CA ILE G 448 10.97 51.22 -3.24
C ILE G 448 12.07 50.18 -3.26
N SER G 449 12.82 50.05 -2.16
CA SER G 449 13.85 49.01 -2.09
C SER G 449 13.23 47.62 -2.18
N LEU G 450 12.11 47.41 -1.49
CA LEU G 450 11.44 46.11 -1.57
C LEU G 450 10.92 45.84 -2.99
N ILE G 451 10.32 46.84 -3.61
CA ILE G 451 9.85 46.69 -4.98
C ILE G 451 11.01 46.38 -5.92
N ASN G 452 12.15 47.04 -5.69
CA ASN G 452 13.34 46.78 -6.49
C ASN G 452 13.85 45.37 -6.28
N GLU G 453 13.75 44.86 -5.06
CA GLU G 453 14.14 43.47 -4.80
C GLU G 453 13.29 42.51 -5.60
N VAL G 454 11.97 42.74 -5.62
CA VAL G 454 11.09 41.88 -6.39
C VAL G 454 11.40 41.99 -7.89
N ARG G 455 11.64 43.20 -8.37
CA ARG G 455 11.95 43.39 -9.78
C ARG G 455 13.27 42.73 -10.16
N SER G 456 14.26 42.80 -9.28
CA SER G 456 15.54 42.16 -9.55
C SER G 456 15.38 40.64 -9.60
N ARG G 457 14.56 40.08 -8.71
CA ARG G 457 14.27 38.66 -8.79
C ARG G 457 13.62 38.31 -10.12
N ALA G 458 12.69 39.14 -10.57
CA ALA G 458 12.04 38.89 -11.86
C ALA G 458 13.06 38.95 -12.99
N ALA G 459 13.97 39.94 -12.95
CA ALA G 459 14.98 40.06 -14.00
C ALA G 459 15.88 38.84 -14.04
N GLY G 460 16.31 38.37 -12.87
CA GLY G 460 17.15 37.19 -12.82
C GLY G 460 16.43 35.91 -13.19
N SER G 461 15.10 35.89 -13.07
CA SER G 461 14.32 34.69 -13.35
C SER G 461 14.22 34.46 -14.86
N THR G 462 15.31 33.94 -15.43
CA THR G 462 15.36 33.59 -16.85
C THR G 462 16.07 32.26 -17.07
N MET G 463 15.99 31.33 -16.12
CA MET G 463 16.78 30.10 -16.23
C MET G 463 16.21 29.16 -17.27
N LEU G 464 14.90 29.22 -17.54
CA LEU G 464 14.26 28.30 -18.47
C LEU G 464 13.82 28.95 -19.77
N ILE G 465 13.92 30.28 -19.88
CA ILE G 465 13.48 30.99 -21.07
C ILE G 465 14.61 31.82 -21.67
N PHE G 466 15.86 31.47 -21.36
CA PHE G 466 17.00 32.21 -21.89
C PHE G 466 17.10 32.05 -23.40
N ASN G 467 16.80 30.86 -23.91
CA ASN G 467 16.89 30.60 -25.35
C ASN G 467 15.81 31.31 -26.15
N TYR G 468 14.82 31.91 -25.49
CA TYR G 468 13.75 32.58 -26.21
C TYR G 468 14.27 33.74 -27.03
N LYS G 469 15.36 34.38 -26.58
CA LYS G 469 15.93 35.50 -27.32
C LYS G 469 16.37 35.07 -28.72
N GLU G 470 17.04 33.94 -28.83
CA GLU G 470 17.52 33.45 -30.12
C GLU G 470 16.52 32.54 -30.81
N ASP G 471 15.43 32.16 -30.14
CA ASP G 471 14.45 31.25 -30.72
C ASP G 471 13.23 31.96 -31.27
N TYR G 472 12.73 32.99 -30.59
CA TYR G 472 11.54 33.71 -31.02
C TYR G 472 11.74 35.22 -31.02
N GLY G 473 12.95 35.70 -30.80
CA GLY G 473 13.19 37.14 -30.78
C GLY G 473 12.51 37.87 -29.65
N VAL G 474 12.55 37.30 -28.45
CA VAL G 474 11.92 37.90 -27.28
C VAL G 474 12.91 38.81 -26.58
N ASN G 475 12.53 40.06 -26.36
CA ASN G 475 13.38 41.04 -25.70
C ASN G 475 12.97 41.17 -24.23
N PHE G 476 13.87 40.80 -23.33
CA PHE G 476 13.65 40.92 -21.91
C PHE G 476 14.32 42.19 -21.41
N LYS G 477 13.54 43.08 -20.81
CA LYS G 477 14.07 44.34 -20.30
C LYS G 477 13.24 44.77 -19.10
N VAL G 478 13.72 44.47 -17.90
CA VAL G 478 13.12 44.92 -16.66
C VAL G 478 14.24 45.38 -15.73
N THR G 479 14.06 46.55 -15.12
CA THR G 479 15.09 47.15 -14.29
C THR G 479 14.47 47.67 -12.99
N PRO G 480 15.24 47.67 -11.91
CA PRO G 480 14.72 48.20 -10.64
C PRO G 480 14.51 49.71 -10.74
N TYR G 481 13.55 50.19 -9.96
CA TYR G 481 13.27 51.61 -9.89
C TYR G 481 14.45 52.35 -9.25
N ASP G 482 14.69 53.57 -9.72
CA ASP G 482 15.75 54.38 -9.15
C ASP G 482 15.41 54.79 -7.72
N LEU G 483 16.41 54.73 -6.84
CA LEU G 483 16.21 55.06 -5.43
C LEU G 483 16.28 56.57 -5.27
N LYS G 484 15.12 57.20 -5.06
CA LYS G 484 15.03 58.63 -4.90
C LYS G 484 13.70 58.96 -4.22
N ALA G 485 13.48 60.24 -3.98
CA ALA G 485 12.22 60.68 -3.37
C ALA G 485 11.06 60.46 -4.35
N TYR G 486 9.98 59.87 -3.85
CA TYR G 486 8.81 59.59 -4.65
C TYR G 486 7.56 60.10 -3.93
N ALA G 487 6.63 60.64 -4.69
CA ALA G 487 5.36 61.07 -4.13
C ALA G 487 4.53 59.85 -3.72
N GLN G 488 3.59 60.07 -2.81
CA GLN G 488 2.79 58.96 -2.31
C GLN G 488 1.96 58.31 -3.41
N ASP G 489 1.33 59.13 -4.26
CA ASP G 489 0.51 58.58 -5.34
C ASP G 489 1.37 57.82 -6.36
N GLU G 490 2.54 58.37 -6.69
CA GLU G 490 3.43 57.69 -7.62
C GLU G 490 3.90 56.36 -7.06
N ALA G 491 4.27 56.33 -5.78
CA ALA G 491 4.69 55.08 -5.15
C ALA G 491 3.55 54.08 -5.12
N MET G 492 2.33 54.54 -4.82
CA MET G 492 1.18 53.64 -4.80
C MET G 492 0.91 53.06 -6.18
N LYS G 493 1.01 53.89 -7.23
CA LYS G 493 0.80 53.39 -8.58
C LYS G 493 1.86 52.37 -8.96
N MET G 494 3.12 52.64 -8.62
CA MET G 494 4.20 51.71 -8.93
C MET G 494 3.99 50.39 -8.19
N LEU G 495 3.57 50.46 -6.92
CA LEU G 495 3.29 49.24 -6.17
C LEU G 495 2.13 48.46 -6.75
N LYS G 496 1.07 49.15 -7.17
CA LYS G 496 -0.06 48.46 -7.78
C LYS G 496 0.36 47.74 -9.04
N TRP G 497 1.20 48.40 -9.86
CA TRP G 497 1.68 47.74 -11.07
C TRP G 497 2.58 46.55 -10.74
N GLU G 498 3.41 46.67 -9.71
CA GLU G 498 4.24 45.55 -9.30
C GLU G 498 3.40 44.37 -8.84
N ARG G 499 2.35 44.64 -8.07
CA ARG G 499 1.45 43.57 -7.64
C ARG G 499 0.76 42.93 -8.83
N ARG G 500 0.33 43.75 -9.79
CA ARG G 500 -0.37 43.22 -10.97
C ARG G 500 0.55 42.31 -11.77
N VAL G 501 1.80 42.71 -11.97
CA VAL G 501 2.71 41.89 -12.78
C VAL G 501 3.31 40.74 -11.99
N GLU G 502 3.22 40.76 -10.66
CA GLU G 502 3.78 39.67 -9.87
C GLU G 502 2.74 38.58 -9.59
N PHE G 503 1.55 38.95 -9.14
CA PHE G 503 0.54 37.98 -8.76
C PHE G 503 -0.57 37.86 -9.79
N GLY G 504 -0.26 38.10 -11.07
CA GLY G 504 -1.23 37.83 -12.10
C GLY G 504 -1.57 36.36 -12.16
N MET G 505 -2.84 36.07 -12.46
CA MET G 505 -3.38 34.73 -12.57
C MET G 505 -3.40 33.98 -11.24
N GLU G 506 -3.08 34.65 -10.14
CA GLU G 506 -3.00 34.02 -8.83
C GLU G 506 -4.21 34.31 -7.94
N SER G 507 -5.27 34.88 -8.52
CA SER G 507 -6.57 35.01 -7.86
C SER G 507 -6.52 35.93 -6.64
N SER G 508 -5.95 37.12 -6.84
CA SER G 508 -5.99 38.16 -5.83
C SER G 508 -6.24 39.55 -6.39
N ARG G 509 -6.35 39.69 -7.72
CA ARG G 509 -6.49 41.01 -8.32
C ARG G 509 -7.80 41.67 -7.91
N PHE G 510 -8.90 40.94 -7.96
CA PHE G 510 -10.19 41.54 -7.61
C PHE G 510 -10.23 41.93 -6.14
N PHE G 511 -9.68 41.10 -5.25
CA PHE G 511 -9.67 41.44 -3.84
C PHE G 511 -8.79 42.66 -3.58
N ASP G 512 -7.66 42.76 -4.28
CA ASP G 512 -6.82 43.95 -4.14
C ASP G 512 -7.55 45.19 -4.61
N LEU G 513 -8.27 45.09 -5.73
CA LEU G 513 -9.02 46.23 -6.23
C LEU G 513 -10.11 46.65 -5.25
N VAL G 514 -10.82 45.67 -4.68
CA VAL G 514 -11.87 45.98 -3.71
C VAL G 514 -11.28 46.64 -2.48
N ARG G 515 -10.15 46.13 -1.99
CA ARG G 515 -9.52 46.72 -0.81
C ARG G 515 -9.07 48.14 -1.10
N TRP G 516 -8.49 48.39 -2.27
CA TRP G 516 -8.02 49.72 -2.61
C TRP G 516 -9.16 50.68 -2.89
N GLY G 517 -10.34 50.18 -3.27
CA GLY G 517 -11.49 51.03 -3.52
C GLY G 517 -11.63 51.50 -4.94
N GLU G 518 -10.67 51.23 -5.82
CA GLU G 518 -10.75 51.60 -7.23
C GLU G 518 -11.33 50.49 -8.09
N ALA G 519 -11.96 49.49 -7.47
CA ALA G 519 -12.45 48.34 -8.22
C ALA G 519 -13.47 48.73 -9.27
N LYS G 520 -14.40 49.62 -8.91
CA LYS G 520 -15.45 50.01 -9.86
C LYS G 520 -14.86 50.67 -11.09
N ASP G 521 -13.99 51.66 -10.90
CA ASP G 521 -13.41 52.36 -12.04
C ASP G 521 -12.56 51.44 -12.88
N VAL G 522 -11.73 50.61 -12.23
CA VAL G 522 -10.84 49.71 -12.97
C VAL G 522 -11.66 48.72 -13.79
N ILE G 523 -12.70 48.14 -13.18
CA ILE G 523 -13.50 47.14 -13.88
C ILE G 523 -14.27 47.76 -15.04
N ASN G 524 -14.82 48.96 -14.83
CA ASN G 524 -15.54 49.62 -15.92
C ASN G 524 -14.61 49.95 -17.07
N ALA G 525 -13.41 50.46 -16.77
CA ALA G 525 -12.45 50.74 -17.84
C ALA G 525 -12.05 49.47 -18.56
N TYR G 526 -11.85 48.38 -17.83
CA TYR G 526 -11.49 47.11 -18.44
C TYR G 526 -12.61 46.61 -19.36
N TYR G 527 -13.87 46.74 -18.90
CA TYR G 527 -15.00 46.35 -19.74
C TYR G 527 -15.04 47.15 -21.03
N VAL G 528 -14.87 48.47 -20.92
CA VAL G 528 -14.93 49.32 -22.11
C VAL G 528 -13.80 48.97 -23.07
N THR G 529 -12.60 48.77 -22.53
CA THR G 529 -11.44 48.48 -23.38
C THR G 529 -11.58 47.13 -24.07
N GLU G 530 -12.04 46.11 -23.35
CA GLU G 530 -12.08 44.76 -23.88
C GLU G 530 -13.35 44.45 -24.66
N ALA G 531 -14.36 45.33 -24.61
CA ALA G 531 -15.56 45.10 -25.42
C ALA G 531 -15.25 45.14 -26.90
N SER G 532 -14.18 45.84 -27.30
CA SER G 532 -13.82 45.91 -28.70
C SER G 532 -13.37 44.55 -29.24
N ARG G 533 -12.51 43.87 -28.48
CA ARG G 533 -11.96 42.59 -28.91
C ARG G 533 -12.72 41.38 -28.38
N CYS G 534 -13.73 41.59 -27.54
CA CYS G 534 -14.54 40.49 -27.03
C CYS G 534 -15.99 40.93 -26.96
N SER G 535 -16.88 40.11 -27.51
CA SER G 535 -18.30 40.42 -27.51
C SER G 535 -19.00 39.98 -26.22
N ILE G 536 -18.30 39.28 -25.34
CA ILE G 536 -18.91 38.84 -24.08
C ILE G 536 -19.22 40.04 -23.20
N TYR G 537 -18.37 41.07 -23.23
CA TYR G 537 -18.53 42.24 -22.41
C TYR G 537 -19.41 43.31 -23.07
N LYS G 538 -20.26 42.92 -24.01
CA LYS G 538 -21.12 43.89 -24.68
C LYS G 538 -22.12 44.51 -23.71
N ASN G 539 -22.69 43.71 -22.82
CA ASN G 539 -23.68 44.18 -21.85
C ASN G 539 -23.12 44.24 -20.43
N ALA G 540 -21.80 44.10 -20.26
CA ALA G 540 -21.22 44.09 -18.93
C ALA G 540 -21.30 45.47 -18.29
N GLY G 541 -21.52 45.49 -16.98
CA GLY G 541 -21.59 46.73 -16.23
C GLY G 541 -21.42 46.52 -14.75
N PHE G 542 -20.59 47.34 -14.12
CA PHE G 542 -20.26 47.20 -12.70
C PHE G 542 -20.98 48.28 -11.91
N THR G 543 -21.68 47.86 -10.85
CA THR G 543 -22.41 48.78 -9.99
C THR G 543 -21.50 49.28 -8.87
N GLU G 544 -21.66 50.56 -8.51
CA GLU G 544 -20.70 51.22 -7.62
C GLU G 544 -20.63 50.55 -6.26
N ASN G 545 -21.78 50.24 -5.66
CA ASN G 545 -21.82 49.77 -4.28
C ASN G 545 -22.52 48.42 -4.15
N LYS G 546 -22.60 47.65 -5.21
CA LYS G 546 -23.29 46.37 -5.18
C LYS G 546 -22.38 45.20 -5.53
N ASN G 547 -21.61 45.31 -6.61
CA ASN G 547 -20.94 44.16 -7.20
C ASN G 547 -19.53 43.92 -6.66
N GLU G 548 -19.08 44.69 -5.68
CA GLU G 548 -17.76 44.47 -5.12
C GLU G 548 -17.74 43.43 -4.01
N TYR G 549 -18.89 42.86 -3.68
CA TYR G 549 -18.97 41.79 -2.69
C TYR G 549 -20.07 40.83 -3.11
N LEU G 550 -19.82 39.53 -2.93
CA LEU G 550 -20.84 38.54 -3.23
C LEU G 550 -22.02 38.68 -2.28
N PRO G 551 -23.24 38.57 -2.77
CA PRO G 551 -24.40 38.65 -1.87
C PRO G 551 -24.46 37.45 -0.94
N VAL G 552 -24.99 37.69 0.26
CA VAL G 552 -25.21 36.57 1.19
C VAL G 552 -26.25 35.64 0.60
N PRO G 553 -26.03 34.32 0.61
CA PRO G 553 -26.95 33.42 -0.07
C PRO G 553 -28.37 33.53 0.46
N PHE G 554 -29.32 33.53 -0.48
CA PHE G 554 -30.73 33.64 -0.12
C PHE G 554 -31.19 32.43 0.68
N GLU G 555 -30.67 31.25 0.35
CA GLU G 555 -31.03 30.07 1.12
C GLU G 555 -30.59 30.18 2.57
N GLN G 556 -29.37 30.67 2.80
CA GLN G 556 -28.90 30.86 4.17
C GLN G 556 -29.71 31.92 4.88
N ILE G 557 -30.05 33.02 4.20
CA ILE G 557 -30.85 34.06 4.82
C ILE G 557 -32.21 33.52 5.22
N SER G 558 -32.84 32.75 4.34
CA SER G 558 -34.14 32.16 4.65
C SER G 558 -34.03 31.17 5.80
N ALA G 559 -32.98 30.35 5.81
CA ALA G 559 -32.83 29.37 6.88
C ALA G 559 -32.66 30.04 8.23
N SER G 560 -31.82 31.07 8.31
CA SER G 560 -31.64 31.83 9.54
C SER G 560 -32.49 33.09 9.43
N ASN G 561 -33.79 32.92 9.67
CA ASN G 561 -34.72 34.02 9.52
C ASN G 561 -34.47 35.12 10.56
N GLY G 562 -34.51 36.36 10.10
CA GLY G 562 -34.33 37.50 10.98
C GLY G 562 -32.96 37.59 11.61
N ASN G 563 -31.96 36.93 11.05
CA ASN G 563 -30.62 36.93 11.61
C ASN G 563 -29.55 37.40 10.63
N TYR G 564 -29.69 37.10 9.34
CA TYR G 564 -28.71 37.49 8.34
C TYR G 564 -29.24 38.68 7.57
N THR G 565 -28.40 39.69 7.39
CA THR G 565 -28.75 40.87 6.61
C THR G 565 -27.97 40.84 5.30
N GLN G 566 -28.68 41.05 4.20
CA GLN G 566 -28.05 41.06 2.88
C GLN G 566 -27.09 42.23 2.76
N ASN G 567 -26.08 42.06 1.91
CA ASN G 567 -25.11 43.12 1.68
C ASN G 567 -25.77 44.33 1.04
N PHE G 568 -25.09 45.47 1.13
CA PHE G 568 -25.63 46.70 0.57
C PHE G 568 -25.75 46.60 -0.94
N GLY G 569 -26.85 47.12 -1.47
CA GLY G 569 -27.08 47.14 -2.90
C GLY G 569 -27.81 45.94 -3.45
N TRP G 570 -28.03 44.90 -2.65
CA TRP G 570 -28.74 43.72 -3.12
C TRP G 570 -30.16 43.70 -2.56
N ARG H 118 -64.48 -11.56 -2.03
CA ARG H 118 -64.36 -11.69 -0.59
C ARG H 118 -63.20 -10.84 -0.09
N LYS H 119 -63.52 -9.85 0.73
CA LYS H 119 -62.51 -8.95 1.29
C LYS H 119 -62.03 -9.48 2.63
N ALA H 120 -60.71 -9.43 2.83
CA ALA H 120 -60.13 -9.93 4.08
C ALA H 120 -60.61 -9.11 5.29
N ASP H 121 -60.65 -7.79 5.14
CA ASP H 121 -61.05 -6.92 6.26
C ASP H 121 -62.55 -6.73 6.34
N LEU H 122 -63.22 -6.57 5.19
CA LEU H 122 -64.67 -6.50 5.08
C LEU H 122 -65.23 -5.22 5.69
N THR H 123 -64.37 -4.40 6.30
CA THR H 123 -64.83 -3.14 6.87
C THR H 123 -63.82 -2.01 6.67
N GLY H 124 -62.91 -2.14 5.72
CA GLY H 124 -61.95 -1.10 5.43
C GLY H 124 -61.74 -0.87 3.96
N ALA H 125 -60.73 -0.07 3.62
CA ALA H 125 -60.43 0.24 2.22
C ALA H 125 -59.65 -0.92 1.63
N VAL H 126 -60.39 -1.86 1.04
CA VAL H 126 -59.81 -3.06 0.45
C VAL H 126 -60.16 -3.07 -1.03
N SER H 127 -59.15 -3.25 -1.87
CA SER H 127 -59.34 -3.38 -3.31
C SER H 127 -58.90 -4.76 -3.75
N VAL H 128 -59.78 -5.48 -4.43
CA VAL H 128 -59.49 -6.83 -4.91
C VAL H 128 -59.08 -6.74 -6.37
N VAL H 129 -57.91 -7.28 -6.70
CA VAL H 129 -57.35 -7.20 -8.04
C VAL H 129 -57.58 -8.53 -8.74
N LYS H 130 -58.06 -8.47 -9.98
CA LYS H 130 -58.40 -9.67 -10.73
C LYS H 130 -57.14 -10.24 -11.36
N VAL H 131 -56.66 -11.37 -10.82
CA VAL H 131 -55.39 -11.94 -11.24
C VAL H 131 -55.45 -12.42 -12.68
N ASP H 132 -56.63 -12.83 -13.16
CA ASP H 132 -56.75 -13.24 -14.55
C ASP H 132 -56.44 -12.09 -15.49
N GLU H 133 -57.03 -10.93 -15.23
CA GLU H 133 -56.72 -9.75 -16.04
C GLU H 133 -55.30 -9.25 -15.80
N ILE H 134 -54.74 -9.54 -14.62
CA ILE H 134 -53.35 -9.19 -14.37
C ILE H 134 -52.42 -10.00 -15.28
N GLN H 135 -52.63 -11.32 -15.33
CA GLN H 135 -51.81 -12.17 -16.17
C GLN H 135 -52.12 -12.01 -17.65
N LYS H 136 -53.29 -11.46 -17.99
CA LYS H 136 -53.58 -11.19 -19.40
C LYS H 136 -52.58 -10.21 -20.00
N GLN H 137 -52.14 -9.22 -19.22
CA GLN H 137 -51.18 -8.26 -19.72
C GLN H 137 -49.81 -8.88 -19.99
N GLY H 138 -49.50 -9.99 -19.32
CA GLY H 138 -48.24 -10.68 -19.58
C GLY H 138 -47.00 -9.90 -19.22
N GLU H 139 -46.99 -9.26 -18.05
CA GLU H 139 -45.85 -8.50 -17.58
C GLU H 139 -45.05 -9.31 -16.56
N ASN H 140 -43.76 -9.05 -16.50
CA ASN H 140 -42.92 -9.72 -15.52
C ASN H 140 -43.30 -9.33 -14.10
N ASN H 141 -43.63 -8.06 -13.90
CA ASN H 141 -43.98 -7.56 -12.57
C ASN H 141 -45.48 -7.43 -12.46
N PRO H 142 -46.15 -8.21 -11.61
CA PRO H 142 -47.60 -8.01 -11.42
C PRO H 142 -47.95 -6.63 -10.90
N VAL H 143 -47.06 -6.02 -10.12
CA VAL H 143 -47.29 -4.65 -9.66
C VAL H 143 -47.36 -3.71 -10.85
N LYS H 144 -46.42 -3.85 -11.79
CA LYS H 144 -46.48 -3.06 -13.00
C LYS H 144 -47.71 -3.39 -13.84
N ALA H 145 -48.14 -4.65 -13.82
CA ALA H 145 -49.34 -5.04 -14.56
C ALA H 145 -50.57 -4.30 -14.02
N LEU H 146 -50.69 -4.20 -12.69
CA LEU H 146 -51.81 -3.49 -12.09
C LEU H 146 -51.55 -1.98 -12.04
N GLN H 147 -51.16 -1.41 -13.18
CA GLN H 147 -50.72 -0.01 -13.20
C GLN H 147 -51.85 0.95 -12.89
N GLY H 148 -53.02 0.73 -13.49
CA GLY H 148 -54.12 1.66 -13.29
C GLY H 148 -55.44 1.00 -12.96
N ARG H 149 -55.38 -0.18 -12.35
CA ARG H 149 -56.57 -0.94 -12.02
C ARG H 149 -57.01 -0.79 -10.57
N VAL H 150 -56.31 0.02 -9.78
CA VAL H 150 -56.63 0.23 -8.37
C VAL H 150 -56.79 1.72 -8.14
N PRO H 151 -57.94 2.19 -7.65
CA PRO H 151 -58.09 3.61 -7.37
C PRO H 151 -57.16 4.08 -6.26
N GLY H 152 -56.70 5.32 -6.38
CA GLY H 152 -55.80 5.87 -5.39
C GLY H 152 -54.50 5.11 -5.26
N MET H 153 -53.96 4.65 -6.38
CA MET H 153 -52.72 3.86 -6.36
C MET H 153 -51.98 4.16 -7.66
N ASN H 154 -50.88 4.90 -7.55
CA ASN H 154 -50.12 5.34 -8.71
C ASN H 154 -48.91 4.43 -8.88
N ILE H 155 -48.80 3.84 -10.07
CA ILE H 155 -47.65 3.01 -10.43
C ILE H 155 -46.91 3.70 -11.56
N THR H 156 -45.64 4.01 -11.34
CA THR H 156 -44.79 4.62 -12.35
C THR H 156 -43.71 3.64 -12.75
N ALA H 157 -43.64 3.31 -14.03
CA ALA H 157 -42.67 2.36 -14.55
C ALA H 157 -41.92 3.00 -15.71
N ASP H 158 -40.58 2.96 -15.63
CA ASP H 158 -39.78 3.55 -16.70
C ASP H 158 -39.85 2.75 -17.98
N GLY H 159 -39.96 1.43 -17.89
CA GLY H 159 -40.01 0.57 -19.05
C GLY H 159 -38.78 -0.27 -19.30
N ASN H 160 -37.84 -0.32 -18.35
CA ASN H 160 -36.63 -1.12 -18.47
C ASN H 160 -36.99 -2.60 -18.60
N PRO H 161 -36.04 -3.46 -19.01
CA PRO H 161 -36.39 -4.88 -19.16
C PRO H 161 -36.94 -5.51 -17.90
N SER H 162 -36.44 -5.10 -16.73
CA SER H 162 -37.02 -5.56 -15.48
C SER H 162 -38.37 -4.87 -15.26
N GLY H 163 -39.14 -5.41 -14.34
CA GLY H 163 -40.46 -4.86 -14.08
C GLY H 163 -40.45 -3.85 -12.95
N SER H 164 -39.28 -3.32 -12.63
CA SER H 164 -39.14 -2.41 -11.50
C SER H 164 -40.04 -1.19 -11.68
N ALA H 165 -40.76 -0.84 -10.61
CA ALA H 165 -41.71 0.26 -10.67
C ALA H 165 -41.82 0.89 -9.29
N THR H 166 -42.33 2.12 -9.27
CA THR H 166 -42.54 2.88 -8.06
C THR H 166 -44.02 2.95 -7.74
N VAL H 167 -44.38 2.64 -6.51
CA VAL H 167 -45.77 2.54 -6.06
C VAL H 167 -46.03 3.63 -5.04
N ARG H 168 -47.11 4.38 -5.23
CA ARG H 168 -47.56 5.40 -4.28
C ARG H 168 -49.03 5.17 -4.00
N ILE H 169 -49.37 4.78 -2.78
CA ILE H 169 -50.75 4.51 -2.39
C ILE H 169 -51.28 5.72 -1.64
N ARG H 170 -52.44 6.21 -2.07
CA ARG H 170 -53.09 7.37 -1.45
C ARG H 170 -52.19 8.61 -1.52
N GLY H 171 -51.46 8.74 -2.61
CA GLY H 171 -50.58 9.86 -2.78
C GLY H 171 -49.36 9.77 -1.87
N ILE H 172 -48.68 10.90 -1.74
CA ILE H 172 -47.51 11.00 -0.87
C ILE H 172 -47.98 11.26 0.54
N GLY H 173 -47.63 10.35 1.46
CA GLY H 173 -48.10 10.47 2.82
C GLY H 173 -47.01 10.73 3.84
N THR H 174 -45.76 10.71 3.41
CA THR H 174 -44.64 10.93 4.32
C THR H 174 -43.45 11.45 3.55
N LEU H 175 -42.59 12.18 4.25
CA LEU H 175 -41.40 12.76 3.63
C LEU H 175 -40.30 11.73 3.40
N ASN H 176 -40.20 10.74 4.27
CA ASN H 176 -39.25 9.64 4.07
C ASN H 176 -39.84 8.59 3.14
N ASN H 177 -39.25 7.40 3.10
CA ASN H 177 -39.61 6.37 2.13
C ASN H 177 -41.13 6.13 2.12
N ASN H 178 -41.70 6.11 0.91
CA ASN H 178 -43.14 5.98 0.72
C ASN H 178 -43.54 4.64 0.12
N ASP H 179 -42.63 3.67 0.08
CA ASP H 179 -42.95 2.39 -0.55
C ASP H 179 -43.97 1.62 0.29
N PRO H 180 -44.89 0.91 -0.34
CA PRO H 180 -45.86 0.12 0.41
C PRO H 180 -45.24 -1.18 0.93
N LEU H 181 -46.01 -1.89 1.75
CA LEU H 181 -45.57 -3.13 2.35
C LEU H 181 -46.17 -4.31 1.59
N TYR H 182 -45.32 -5.15 1.01
CA TYR H 182 -45.76 -6.36 0.34
C TYR H 182 -45.75 -7.51 1.32
N ILE H 183 -46.85 -8.25 1.39
CA ILE H 183 -46.98 -9.42 2.24
C ILE H 183 -47.34 -10.60 1.34
N ILE H 184 -46.37 -11.48 1.12
CA ILE H 184 -46.56 -12.67 0.30
C ILE H 184 -46.61 -13.87 1.23
N ASP H 185 -47.79 -14.51 1.30
CA ASP H 185 -47.99 -15.68 2.14
C ASP H 185 -47.65 -15.40 3.60
N GLY H 186 -48.01 -14.21 4.06
CA GLY H 186 -47.81 -13.84 5.45
C GLY H 186 -46.44 -13.31 5.81
N VAL H 187 -45.54 -13.16 4.84
CA VAL H 187 -44.18 -12.68 5.09
C VAL H 187 -44.09 -11.25 4.61
N PRO H 188 -43.92 -10.27 5.50
CA PRO H 188 -43.82 -8.87 5.04
C PRO H 188 -42.48 -8.59 4.40
N THR H 189 -42.52 -7.78 3.34
CA THR H 189 -41.31 -7.38 2.65
C THR H 189 -41.56 -6.09 1.90
N LYS H 190 -40.48 -5.39 1.57
CA LYS H 190 -40.55 -4.16 0.80
C LYS H 190 -39.80 -4.24 -0.52
N ALA H 191 -39.13 -5.36 -0.80
CA ALA H 191 -38.43 -5.51 -2.07
C ALA H 191 -39.43 -5.60 -3.22
N GLY H 192 -38.96 -5.18 -4.40
CA GLY H 192 -39.84 -5.18 -5.56
C GLY H 192 -40.21 -6.59 -6.00
N MET H 193 -41.37 -6.69 -6.63
CA MET H 193 -41.88 -7.98 -7.09
C MET H 193 -41.37 -8.36 -8.47
N HIS H 194 -40.63 -7.48 -9.14
CA HIS H 194 -40.07 -7.82 -10.44
C HIS H 194 -39.08 -8.97 -10.35
N GLU H 195 -38.52 -9.21 -9.16
CA GLU H 195 -37.52 -10.23 -8.93
C GLU H 195 -38.12 -11.54 -8.43
N LEU H 196 -39.45 -11.64 -8.38
CA LEU H 196 -40.16 -12.85 -8.03
C LEU H 196 -41.00 -13.31 -9.21
N ASN H 197 -41.64 -14.46 -9.05
CA ASN H 197 -42.51 -15.01 -10.09
C ASN H 197 -43.93 -14.52 -9.84
N GLY H 198 -44.51 -13.87 -10.84
CA GLY H 198 -45.85 -13.32 -10.74
C GLY H 198 -46.94 -14.12 -11.39
N ASN H 199 -46.63 -15.31 -11.92
CA ASN H 199 -47.63 -16.13 -12.60
C ASN H 199 -48.15 -17.25 -11.70
N ASP H 200 -47.89 -17.18 -10.40
CA ASP H 200 -48.36 -18.17 -9.43
C ASP H 200 -49.08 -17.46 -8.28
N ILE H 201 -49.98 -16.55 -8.61
CA ILE H 201 -50.69 -15.74 -7.64
C ILE H 201 -52.17 -16.08 -7.70
N GLU H 202 -52.76 -16.43 -6.56
CA GLU H 202 -54.20 -16.63 -6.49
C GLU H 202 -54.94 -15.31 -6.39
N SER H 203 -54.52 -14.43 -5.48
CA SER H 203 -55.27 -13.20 -5.27
C SER H 203 -54.35 -12.07 -4.87
N ILE H 204 -54.77 -10.85 -5.16
CA ILE H 204 -54.08 -9.64 -4.77
C ILE H 204 -55.07 -8.72 -4.09
N GLN H 205 -54.76 -8.26 -2.89
CA GLN H 205 -55.62 -7.35 -2.15
C GLN H 205 -54.82 -6.15 -1.70
N VAL H 206 -55.31 -4.97 -2.02
CA VAL H 206 -54.65 -3.72 -1.65
C VAL H 206 -55.42 -3.14 -0.47
N LEU H 207 -54.76 -3.10 0.69
CA LEU H 207 -55.30 -2.50 1.90
C LEU H 207 -54.75 -1.08 1.99
N LYS H 208 -55.62 -0.10 1.80
CA LYS H 208 -55.22 1.29 1.74
C LYS H 208 -55.60 2.06 3.00
N ASP H 209 -56.32 1.45 3.92
CA ASP H 209 -56.78 2.10 5.14
C ASP H 209 -55.86 1.74 6.29
N ALA H 210 -55.53 2.72 7.11
CA ALA H 210 -54.68 2.47 8.27
C ALA H 210 -55.35 1.51 9.24
N ALA H 211 -56.64 1.69 9.48
CA ALA H 211 -57.36 0.82 10.41
C ALA H 211 -57.38 -0.62 9.92
N SER H 212 -57.60 -0.82 8.62
CA SER H 212 -57.69 -2.17 8.07
C SER H 212 -56.33 -2.83 7.95
N ALA H 213 -55.30 -2.07 7.57
CA ALA H 213 -53.98 -2.62 7.29
C ALA H 213 -53.04 -2.59 8.49
N SER H 214 -53.48 -2.03 9.62
CA SER H 214 -52.59 -1.93 10.78
C SER H 214 -52.21 -3.30 11.31
N ILE H 215 -53.17 -4.24 11.32
CA ILE H 215 -52.92 -5.54 11.93
C ILE H 215 -51.95 -6.38 11.10
N TYR H 216 -51.73 -6.04 9.84
CA TYR H 216 -50.82 -6.83 9.01
C TYR H 216 -49.36 -6.47 9.19
N GLY H 217 -49.05 -5.41 9.92
CA GLY H 217 -47.65 -5.08 10.15
C GLY H 217 -47.52 -3.68 10.70
N SER H 218 -46.32 -3.39 11.21
CA SER H 218 -45.99 -2.08 11.74
C SER H 218 -45.48 -1.12 10.68
N ARG H 219 -45.32 -1.59 9.44
CA ARG H 219 -44.88 -0.76 8.33
C ARG H 219 -46.01 -0.52 7.33
N ALA H 220 -47.24 -0.41 7.83
CA ALA H 220 -48.42 -0.25 6.99
C ALA H 220 -48.81 1.21 6.80
N ALA H 221 -47.88 2.14 7.01
CA ALA H 221 -48.21 3.55 6.87
C ALA H 221 -48.54 3.92 5.43
N ASN H 222 -47.86 3.29 4.46
CA ASN H 222 -48.03 3.65 3.06
C ASN H 222 -48.85 2.62 2.29
N GLY H 223 -49.67 1.84 2.98
CA GLY H 223 -50.50 0.85 2.33
C GLY H 223 -49.83 -0.52 2.28
N VAL H 224 -50.67 -1.55 2.18
CA VAL H 224 -50.21 -2.93 2.21
C VAL H 224 -50.80 -3.66 1.02
N ILE H 225 -50.03 -4.57 0.43
CA ILE H 225 -50.49 -5.40 -0.67
C ILE H 225 -50.29 -6.86 -0.25
N ILE H 226 -51.40 -7.57 -0.06
CA ILE H 226 -51.35 -8.99 0.26
C ILE H 226 -51.45 -9.79 -1.03
N ILE H 227 -50.48 -10.68 -1.23
CA ILE H 227 -50.44 -11.53 -2.41
C ILE H 227 -50.56 -12.97 -1.94
N THR H 228 -51.64 -13.63 -2.32
CA THR H 228 -51.87 -15.04 -1.99
C THR H 228 -51.53 -15.88 -3.20
N THR H 229 -50.55 -16.77 -3.05
CA THR H 229 -50.03 -17.58 -4.13
C THR H 229 -50.90 -18.81 -4.35
N LYS H 230 -50.61 -19.53 -5.42
CA LYS H 230 -51.41 -20.69 -5.79
C LYS H 230 -51.19 -21.84 -4.82
N GLN H 231 -52.27 -22.55 -4.51
CA GLN H 231 -52.23 -23.73 -3.67
C GLN H 231 -53.07 -24.82 -4.31
N GLY H 232 -52.74 -26.07 -3.99
CA GLY H 232 -53.49 -27.18 -4.52
C GLY H 232 -54.92 -27.21 -4.04
N LYS H 233 -55.87 -27.16 -4.97
CA LYS H 233 -57.28 -27.23 -4.60
C LYS H 233 -57.63 -28.64 -4.17
N LYS H 234 -58.51 -28.74 -3.17
CA LYS H 234 -58.88 -30.03 -2.60
C LYS H 234 -59.52 -30.93 -3.64
N GLY H 235 -59.06 -32.19 -3.67
CA GLY H 235 -59.71 -33.21 -4.44
C GLY H 235 -59.42 -33.23 -5.92
N GLN H 236 -58.40 -32.52 -6.39
CA GLN H 236 -58.10 -32.52 -7.81
C GLN H 236 -56.61 -32.25 -8.03
N ILE H 237 -56.14 -32.67 -9.20
CA ILE H 237 -54.78 -32.42 -9.65
C ILE H 237 -54.84 -31.72 -11.00
N LYS H 238 -54.06 -30.66 -11.15
CA LYS H 238 -54.11 -29.86 -12.36
C LYS H 238 -52.71 -29.40 -12.74
N ILE H 239 -52.55 -29.06 -14.02
CA ILE H 239 -51.29 -28.58 -14.57
C ILE H 239 -51.60 -27.49 -15.58
N ASN H 240 -50.68 -26.54 -15.70
CA ASN H 240 -50.83 -25.42 -16.63
C ASN H 240 -49.46 -25.09 -17.21
N PHE H 241 -49.38 -25.07 -18.54
CA PHE H 241 -48.18 -24.67 -19.25
C PHE H 241 -48.50 -23.46 -20.11
N ASP H 242 -47.75 -22.38 -19.91
CA ASP H 242 -47.98 -21.13 -20.63
C ASP H 242 -46.70 -20.74 -21.37
N ALA H 243 -46.83 -20.42 -22.64
CA ALA H 243 -45.71 -19.95 -23.45
C ALA H 243 -46.07 -18.61 -24.07
N SER H 244 -45.08 -17.75 -24.23
CA SER H 244 -45.32 -16.41 -24.74
C SER H 244 -44.06 -15.87 -25.39
N VAL H 245 -44.20 -15.35 -26.61
CA VAL H 245 -43.10 -14.72 -27.34
C VAL H 245 -43.57 -13.38 -27.85
N SER H 246 -42.80 -12.32 -27.59
CA SER H 246 -43.19 -10.97 -27.92
C SER H 246 -42.01 -10.21 -28.51
N ALA H 247 -42.33 -9.23 -29.35
CA ALA H 247 -41.37 -8.31 -29.89
C ALA H 247 -41.69 -6.90 -29.41
N SER H 248 -40.68 -6.21 -28.91
CA SER H 248 -40.82 -4.86 -28.39
C SER H 248 -40.14 -3.88 -29.33
N MET H 249 -40.89 -2.87 -29.78
CA MET H 249 -40.42 -1.89 -30.74
C MET H 249 -40.39 -0.52 -30.10
N TYR H 250 -39.41 0.29 -30.50
CA TYR H 250 -39.26 1.65 -30.01
C TYR H 250 -40.23 2.56 -30.74
N GLN H 251 -41.13 3.19 -29.99
CA GLN H 251 -42.15 4.07 -30.56
C GLN H 251 -41.87 5.55 -30.37
N SER H 252 -41.39 5.95 -29.19
CA SER H 252 -41.14 7.35 -28.89
C SER H 252 -39.76 7.78 -29.35
N LYS H 253 -39.47 7.56 -30.63
CA LYS H 253 -38.18 7.94 -31.21
C LYS H 253 -38.07 9.46 -31.20
N MET H 254 -37.20 9.99 -30.36
CA MET H 254 -37.02 11.43 -30.28
C MET H 254 -36.43 11.95 -31.58
N ASN H 255 -37.06 12.98 -32.14
CA ASN H 255 -36.61 13.54 -33.41
C ASN H 255 -35.48 14.54 -33.16
N VAL H 256 -34.34 14.31 -33.79
CA VAL H 256 -33.18 15.17 -33.64
C VAL H 256 -32.72 15.61 -35.02
N LEU H 257 -31.98 16.70 -35.05
CA LEU H 257 -31.51 17.26 -36.31
C LEU H 257 -30.52 16.34 -36.99
N ASN H 258 -30.67 16.17 -38.30
CA ASN H 258 -29.67 15.48 -39.09
C ASN H 258 -28.53 16.46 -39.40
N THR H 259 -27.65 16.09 -40.31
CA THR H 259 -26.50 16.95 -40.61
C THR H 259 -26.94 18.27 -41.23
N GLU H 260 -27.79 18.21 -42.25
CA GLU H 260 -28.24 19.43 -42.91
C GLU H 260 -29.04 20.31 -41.96
N GLN H 261 -29.92 19.70 -41.17
CA GLN H 261 -30.73 20.47 -40.23
C GLN H 261 -29.85 21.12 -39.16
N TYR H 262 -28.83 20.39 -38.69
CA TYR H 262 -27.91 20.96 -37.71
C TYR H 262 -27.16 22.14 -38.29
N GLY H 263 -26.67 22.01 -39.53
CA GLY H 263 -26.00 23.13 -40.16
C GLY H 263 -26.91 24.32 -40.35
N ARG H 264 -28.15 24.08 -40.77
CA ARG H 264 -29.11 25.16 -40.94
C ARG H 264 -29.40 25.86 -39.62
N ALA H 265 -29.57 25.10 -38.54
CA ALA H 265 -29.83 25.71 -37.24
C ALA H 265 -28.65 26.53 -36.77
N MET H 266 -27.42 26.02 -36.97
CA MET H 266 -26.25 26.78 -36.57
C MET H 266 -26.14 28.08 -37.36
N TRP H 267 -26.40 28.01 -38.67
CA TRP H 267 -26.37 29.22 -39.49
C TRP H 267 -27.43 30.21 -39.03
N GLN H 268 -28.63 29.73 -38.72
CA GLN H 268 -29.69 30.62 -38.27
C GLN H 268 -29.31 31.29 -36.95
N ALA H 269 -28.74 30.54 -36.02
CA ALA H 269 -28.31 31.14 -34.76
C ALA H 269 -27.23 32.20 -35.00
N TYR H 270 -26.27 31.90 -35.87
CA TYR H 270 -25.19 32.85 -36.13
C TYR H 270 -25.73 34.14 -36.74
N VAL H 271 -26.61 34.02 -37.74
CA VAL H 271 -27.12 35.22 -38.40
C VAL H 271 -28.06 35.99 -37.48
N ASN H 272 -28.78 35.29 -36.60
CA ASN H 272 -29.62 35.98 -35.64
C ASN H 272 -28.78 36.78 -34.65
N ASP H 273 -27.66 36.20 -34.20
CA ASP H 273 -26.78 36.91 -33.28
C ASP H 273 -25.92 37.95 -33.97
N GLY H 274 -25.85 37.95 -35.30
CA GLY H 274 -25.07 38.92 -36.02
C GLY H 274 -23.66 38.53 -36.33
N GLU H 275 -23.20 37.36 -35.87
CA GLU H 275 -21.87 36.90 -36.16
C GLU H 275 -21.81 36.27 -37.55
N ASN H 276 -20.60 36.01 -38.02
CA ASN H 276 -20.41 35.42 -39.34
C ASN H 276 -20.55 33.91 -39.26
N PRO H 277 -21.55 33.31 -39.90
CA PRO H 277 -21.72 31.85 -39.81
C PRO H 277 -20.53 31.08 -40.33
N ASN H 278 -19.85 31.59 -41.36
CA ASN H 278 -18.68 30.92 -41.89
C ASN H 278 -17.55 30.84 -40.88
N GLY H 279 -17.61 31.61 -39.80
CA GLY H 279 -16.66 31.50 -38.73
C GLY H 279 -16.98 30.42 -37.72
N ASN H 280 -17.91 29.51 -38.03
CA ASN H 280 -18.31 28.48 -37.09
C ASN H 280 -17.15 27.56 -36.74
N ALA H 281 -16.19 27.40 -37.65
CA ALA H 281 -15.02 26.55 -37.45
C ALA H 281 -15.42 25.10 -37.14
N LEU H 282 -16.50 24.63 -37.75
CA LEU H 282 -16.93 23.24 -37.62
C LEU H 282 -16.94 22.53 -38.96
N GLY H 283 -16.29 23.10 -39.98
CA GLY H 283 -16.27 22.50 -41.29
C GLY H 283 -17.46 22.81 -42.17
N TYR H 284 -18.34 23.71 -41.74
CA TYR H 284 -19.51 24.11 -42.53
C TYR H 284 -19.18 25.38 -43.30
N ALA H 285 -19.44 25.36 -44.60
CA ALA H 285 -19.33 26.53 -45.46
C ALA H 285 -20.71 26.87 -45.99
N TYR H 286 -21.18 28.07 -45.68
CA TYR H 286 -22.55 28.48 -45.98
C TYR H 286 -22.55 29.47 -47.13
N ASN H 287 -23.33 29.16 -48.17
CA ASN H 287 -23.65 30.13 -49.22
C ASN H 287 -24.99 30.73 -48.85
N TRP H 288 -25.00 32.03 -48.58
CA TRP H 288 -26.18 32.69 -48.04
C TRP H 288 -26.20 34.14 -48.49
N GLY H 289 -27.38 34.74 -48.41
CA GLY H 289 -27.54 36.13 -48.81
C GLY H 289 -28.67 36.81 -48.07
N TYR H 290 -29.15 37.93 -48.59
CA TYR H 290 -30.25 38.68 -47.99
C TYR H 290 -31.40 38.80 -49.01
N ASN H 291 -32.62 38.80 -48.49
CA ASN H 291 -33.79 38.97 -49.33
C ASN H 291 -34.08 40.46 -49.51
N ALA H 292 -35.26 40.78 -50.04
CA ALA H 292 -35.64 42.18 -50.24
C ALA H 292 -35.73 42.92 -48.90
N ASP H 293 -36.29 42.27 -47.89
CA ASP H 293 -36.49 42.91 -46.59
C ASP H 293 -35.23 42.92 -45.73
N GLY H 294 -34.15 42.30 -46.18
CA GLY H 294 -32.93 42.24 -45.41
C GLY H 294 -32.79 41.05 -44.49
N ASN H 295 -33.81 40.20 -44.41
CA ASN H 295 -33.70 39.00 -43.59
C ASN H 295 -32.76 38.01 -44.25
N PRO H 296 -31.78 37.47 -43.52
CA PRO H 296 -30.85 36.50 -44.14
C PRO H 296 -31.57 35.24 -44.60
N VAL H 297 -31.10 34.70 -45.72
CA VAL H 297 -31.57 33.43 -46.25
C VAL H 297 -30.36 32.59 -46.60
N LEU H 298 -30.53 31.27 -46.55
CA LEU H 298 -29.44 30.32 -46.77
C LEU H 298 -29.68 29.58 -48.08
N TYR H 299 -28.89 29.90 -49.09
CA TYR H 299 -29.05 29.23 -50.38
C TYR H 299 -28.54 27.80 -50.32
N GLY H 300 -27.42 27.57 -49.63
CA GLY H 300 -26.89 26.21 -49.57
C GLY H 300 -25.78 26.09 -48.56
N MET H 301 -25.35 24.84 -48.36
CA MET H 301 -24.29 24.55 -47.41
C MET H 301 -23.41 23.43 -47.95
N THR H 302 -22.17 23.41 -47.50
CA THR H 302 -21.21 22.36 -47.85
C THR H 302 -20.40 22.01 -46.61
N LEU H 303 -19.85 20.81 -46.60
CA LEU H 303 -19.12 20.32 -45.43
C LEU H 303 -17.75 19.82 -45.84
N SER H 304 -16.78 20.01 -44.94
CA SER H 304 -15.48 19.37 -45.09
C SER H 304 -15.64 17.87 -44.89
N LYS H 305 -14.87 17.09 -45.67
CA LYS H 305 -15.02 15.64 -45.61
C LYS H 305 -14.63 15.09 -44.24
N TYR H 306 -13.54 15.57 -43.68
CA TYR H 306 -13.02 15.06 -42.41
C TYR H 306 -13.11 16.15 -41.35
N LEU H 307 -13.64 15.78 -40.18
CA LEU H 307 -13.80 16.74 -39.09
C LEU H 307 -12.46 17.14 -38.46
N ASP H 308 -11.39 16.40 -38.74
CA ASP H 308 -10.08 16.68 -38.17
C ASP H 308 -9.05 16.83 -39.28
N SER H 309 -7.88 17.32 -38.90
CA SER H 309 -6.77 17.47 -39.84
C SER H 309 -6.01 16.18 -40.09
N LYS H 310 -6.29 15.13 -39.32
CA LYS H 310 -5.63 13.84 -39.51
C LYS H 310 -6.39 12.93 -40.46
N ASN H 311 -7.52 13.37 -41.00
CA ASN H 311 -8.30 12.60 -41.97
C ASN H 311 -8.70 11.23 -41.41
N THR H 312 -9.08 11.21 -40.14
CA THR H 312 -9.46 9.97 -39.47
C THR H 312 -10.93 9.88 -39.11
N MET H 313 -11.66 10.99 -39.17
CA MET H 313 -13.07 11.04 -38.75
C MET H 313 -13.90 11.64 -39.89
N PRO H 314 -14.28 10.82 -40.86
CA PRO H 314 -15.10 11.34 -41.97
C PRO H 314 -16.47 11.78 -41.48
N VAL H 315 -17.00 12.80 -42.14
CA VAL H 315 -18.32 13.31 -41.79
C VAL H 315 -19.38 12.34 -42.32
N ALA H 316 -20.45 12.18 -41.55
CA ALA H 316 -21.51 11.26 -41.94
C ALA H 316 -22.81 11.68 -41.27
N ASP H 317 -23.92 11.22 -41.83
CA ASP H 317 -25.25 11.44 -41.28
C ASP H 317 -25.63 10.21 -40.47
N THR H 318 -25.53 10.31 -39.16
CA THR H 318 -25.70 9.17 -38.26
C THR H 318 -26.97 9.34 -37.45
N ASP H 319 -27.83 8.32 -37.49
CA ASP H 319 -29.02 8.27 -36.63
C ASP H 319 -28.62 7.58 -35.34
N TRP H 320 -28.26 8.37 -34.33
CA TRP H 320 -27.75 7.79 -33.09
C TRP H 320 -28.82 7.00 -32.34
N PHE H 321 -30.06 7.48 -32.34
CA PHE H 321 -31.12 6.75 -31.66
C PHE H 321 -31.36 5.39 -32.31
N ASP H 322 -31.39 5.35 -33.64
CA ASP H 322 -31.52 4.07 -34.32
C ASP H 322 -30.29 3.20 -34.11
N GLU H 323 -29.11 3.80 -34.02
CA GLU H 323 -27.89 3.03 -33.79
C GLU H 323 -27.91 2.36 -32.42
N ILE H 324 -28.38 3.08 -31.39
CA ILE H 324 -28.37 2.54 -30.04
C ILE H 324 -29.62 1.75 -29.69
N THR H 325 -30.65 1.80 -30.53
CA THR H 325 -31.87 1.05 -30.28
C THR H 325 -31.96 -0.16 -31.19
N ARG H 326 -32.81 -1.11 -30.81
CA ARG H 326 -33.01 -2.33 -31.56
C ARG H 326 -34.44 -2.80 -31.34
N THR H 327 -34.76 -3.98 -31.85
CA THR H 327 -36.06 -4.61 -31.64
C THR H 327 -35.88 -5.70 -30.59
N GLY H 328 -36.42 -5.47 -29.39
CA GLY H 328 -36.23 -6.40 -28.31
C GLY H 328 -37.12 -7.62 -28.40
N VAL H 329 -36.70 -8.69 -27.75
CA VAL H 329 -37.43 -9.96 -27.74
C VAL H 329 -37.73 -10.34 -26.30
N ILE H 330 -38.97 -10.74 -26.05
CA ILE H 330 -39.41 -11.18 -24.73
C ILE H 330 -39.92 -12.60 -24.85
N GLN H 331 -39.46 -13.48 -23.98
CA GLN H 331 -39.94 -14.86 -23.99
C GLN H 331 -40.23 -15.31 -22.56
N GLN H 332 -41.40 -15.91 -22.38
CA GLN H 332 -41.88 -16.33 -21.06
C GLN H 332 -42.40 -17.76 -21.16
N TYR H 333 -41.96 -18.61 -20.22
CA TYR H 333 -42.40 -19.99 -20.16
C TYR H 333 -42.69 -20.36 -18.72
N ASN H 334 -43.93 -20.72 -18.44
CA ASN H 334 -44.35 -21.07 -17.08
C ASN H 334 -44.94 -22.48 -17.09
N LEU H 335 -44.68 -23.23 -16.02
CA LEU H 335 -45.18 -24.59 -15.88
C LEU H 335 -45.54 -24.78 -14.40
N SER H 336 -46.82 -24.77 -14.10
CA SER H 336 -47.31 -24.95 -12.75
C SER H 336 -48.09 -26.25 -12.66
N VAL H 337 -48.07 -26.87 -11.48
CA VAL H 337 -48.78 -28.12 -11.26
C VAL H 337 -49.14 -28.23 -9.78
N SER H 338 -50.40 -28.53 -9.51
CA SER H 338 -50.91 -28.56 -8.14
C SER H 338 -51.70 -29.83 -7.92
N ASN H 339 -51.73 -30.29 -6.67
CA ASN H 339 -52.45 -31.48 -6.29
C ASN H 339 -53.00 -31.31 -4.89
N GLY H 340 -54.31 -31.52 -4.73
CA GLY H 340 -54.92 -31.38 -3.43
C GLY H 340 -55.52 -32.67 -2.91
N SER H 341 -55.70 -32.76 -1.59
CA SER H 341 -56.28 -33.93 -0.97
C SER H 341 -56.86 -33.52 0.38
N GLU H 342 -57.59 -34.45 1.01
CA GLU H 342 -58.17 -34.15 2.31
C GLU H 342 -57.11 -34.07 3.40
N LYS H 343 -56.00 -34.79 3.24
CA LYS H 343 -54.94 -34.79 4.23
C LYS H 343 -53.85 -33.77 3.95
N GLY H 344 -53.96 -33.03 2.85
CA GLY H 344 -52.96 -32.03 2.52
C GLY H 344 -53.04 -31.65 1.05
N SER H 345 -52.18 -30.72 0.69
CA SER H 345 -52.12 -30.24 -0.69
C SER H 345 -50.72 -29.71 -0.96
N SER H 346 -50.42 -29.55 -2.25
CA SER H 346 -49.10 -29.09 -2.65
C SER H 346 -49.17 -28.47 -4.04
N PHE H 347 -48.16 -27.67 -4.35
CA PHE H 347 -48.10 -26.91 -5.59
C PHE H 347 -46.64 -26.68 -5.94
N PHE H 348 -46.32 -26.75 -7.23
CA PHE H 348 -44.95 -26.64 -7.71
C PHE H 348 -44.95 -25.92 -9.05
N SER H 349 -44.17 -24.85 -9.15
CA SER H 349 -44.16 -24.00 -10.34
C SER H 349 -42.73 -23.70 -10.76
N LEU H 350 -42.49 -23.73 -12.07
CA LEU H 350 -41.22 -23.38 -12.66
C LEU H 350 -41.44 -22.32 -13.73
N GLY H 351 -40.73 -21.21 -13.63
CA GLY H 351 -40.93 -20.10 -14.55
C GLY H 351 -39.62 -19.57 -15.09
N TYR H 352 -39.67 -19.14 -16.34
CA TYR H 352 -38.52 -18.54 -17.00
C TYR H 352 -38.99 -17.31 -17.75
N TYR H 353 -38.26 -16.21 -17.60
CA TYR H 353 -38.59 -14.96 -18.27
C TYR H 353 -37.32 -14.36 -18.83
N LYS H 354 -37.39 -13.81 -20.03
CA LYS H 354 -36.25 -13.12 -20.62
C LYS H 354 -36.75 -11.93 -21.42
N ASN H 355 -36.06 -10.81 -21.28
CA ASN H 355 -36.43 -9.57 -21.95
C ASN H 355 -35.17 -8.89 -22.43
N LEU H 356 -35.03 -8.73 -23.74
CA LEU H 356 -33.99 -7.91 -24.33
C LEU H 356 -34.54 -6.51 -24.53
N GLY H 357 -33.91 -5.52 -23.91
CA GLY H 357 -34.41 -4.17 -24.00
C GLY H 357 -34.26 -3.59 -25.39
N VAL H 358 -35.03 -2.52 -25.64
CA VAL H 358 -34.92 -1.83 -26.92
C VAL H 358 -33.55 -1.19 -27.07
N ILE H 359 -32.97 -0.70 -25.97
CA ILE H 359 -31.60 -0.22 -26.00
C ILE H 359 -30.66 -1.41 -26.08
N LYS H 360 -29.66 -1.30 -26.95
CA LYS H 360 -28.74 -2.41 -27.19
C LYS H 360 -27.93 -2.74 -25.93
N ASP H 361 -27.58 -4.01 -25.80
CA ASP H 361 -26.70 -4.50 -24.73
C ASP H 361 -27.31 -4.30 -23.34
N THR H 362 -28.64 -4.28 -23.26
CA THR H 362 -29.34 -4.25 -21.98
C THR H 362 -30.37 -5.37 -21.98
N ASP H 363 -30.39 -6.17 -20.92
CA ASP H 363 -31.30 -7.30 -20.88
C ASP H 363 -31.54 -7.73 -19.45
N PHE H 364 -32.57 -8.57 -19.27
CA PHE H 364 -32.95 -9.05 -17.95
C PHE H 364 -33.60 -10.41 -18.10
N ASP H 365 -33.05 -11.43 -17.44
CA ASP H 365 -33.66 -12.75 -17.42
C ASP H 365 -33.81 -13.23 -15.98
N ARG H 366 -34.75 -14.16 -15.80
CA ARG H 366 -35.13 -14.60 -14.46
C ARG H 366 -35.60 -16.05 -14.51
N PHE H 367 -35.05 -16.87 -13.63
CA PHE H 367 -35.52 -18.22 -13.37
C PHE H 367 -36.22 -18.22 -12.02
N SER H 368 -37.29 -19.00 -11.89
CA SER H 368 -38.04 -19.03 -10.65
C SER H 368 -38.58 -20.44 -10.42
N ALA H 369 -38.60 -20.84 -9.15
CA ALA H 369 -39.13 -22.14 -8.75
C ALA H 369 -39.83 -21.99 -7.42
N ARG H 370 -41.12 -22.30 -7.38
CA ARG H 370 -41.93 -22.14 -6.17
C ARG H 370 -42.49 -23.48 -5.74
N MET H 371 -42.38 -23.78 -4.45
CA MET H 371 -42.91 -25.01 -3.87
C MET H 371 -43.74 -24.64 -2.64
N ASN H 372 -45.03 -24.97 -2.67
CA ASN H 372 -45.92 -24.76 -1.54
C ASN H 372 -46.53 -26.08 -1.13
N SER H 373 -46.80 -26.24 0.16
CA SER H 373 -47.48 -27.43 0.64
C SER H 373 -48.12 -27.14 1.98
N ASP H 374 -49.15 -27.92 2.30
CA ASP H 374 -49.79 -27.89 3.61
C ASP H 374 -50.24 -29.28 3.96
N TYR H 375 -50.10 -29.64 5.24
CA TYR H 375 -50.36 -30.99 5.74
C TYR H 375 -51.28 -30.89 6.94
N LYS H 376 -52.34 -31.70 6.95
CA LYS H 376 -53.31 -31.73 8.04
C LYS H 376 -53.18 -33.04 8.79
N LEU H 377 -53.07 -32.96 10.12
CA LEU H 377 -52.74 -34.11 10.94
C LEU H 377 -53.64 -34.17 12.16
N ILE H 378 -53.83 -35.39 12.66
CA ILE H 378 -54.56 -35.67 13.90
C ILE H 378 -55.96 -35.08 13.82
N ASP H 379 -56.78 -35.62 12.92
CA ASP H 379 -58.16 -35.15 12.74
C ASP H 379 -58.20 -33.65 12.52
N ASP H 380 -57.26 -33.14 11.72
CA ASP H 380 -57.15 -31.74 11.36
C ASP H 380 -56.88 -30.84 12.56
N ILE H 381 -56.45 -31.40 13.69
CA ILE H 381 -56.07 -30.58 14.83
C ILE H 381 -54.77 -29.83 14.55
N LEU H 382 -53.81 -30.50 13.91
CA LEU H 382 -52.52 -29.89 13.62
C LEU H 382 -52.40 -29.63 12.13
N THR H 383 -51.68 -28.57 11.78
CA THR H 383 -51.43 -28.24 10.38
C THR H 383 -50.00 -27.72 10.26
N ILE H 384 -49.29 -28.19 9.25
CA ILE H 384 -47.93 -27.74 8.99
C ILE H 384 -47.84 -27.36 7.52
N GLY H 385 -47.50 -26.10 7.25
CA GLY H 385 -47.44 -25.62 5.89
C GLY H 385 -46.14 -24.88 5.63
N GLN H 386 -45.79 -24.81 4.34
CA GLN H 386 -44.62 -24.08 3.92
C GLN H 386 -44.85 -23.51 2.53
N HIS H 387 -44.25 -22.35 2.29
CA HIS H 387 -44.25 -21.70 0.99
C HIS H 387 -42.83 -21.21 0.73
N PHE H 388 -42.15 -21.78 -0.26
CA PHE H 388 -40.78 -21.40 -0.56
C PHE H 388 -40.67 -21.03 -2.03
N THR H 389 -39.81 -20.06 -2.32
CA THR H 389 -39.53 -19.71 -3.70
C THR H 389 -38.07 -19.34 -3.87
N LEU H 390 -37.52 -19.77 -5.00
CA LEU H 390 -36.12 -19.56 -5.37
C LEU H 390 -36.08 -18.82 -6.69
N ASN H 391 -35.37 -17.70 -6.73
CA ASN H 391 -35.33 -16.86 -7.92
C ASN H 391 -33.90 -16.49 -8.25
N ARG H 392 -33.60 -16.43 -9.55
CA ARG H 392 -32.27 -16.06 -10.03
C ARG H 392 -32.44 -15.13 -11.22
N THR H 393 -32.12 -13.87 -11.03
CA THR H 393 -32.25 -12.85 -12.07
C THR H 393 -30.88 -12.33 -12.48
N SER H 394 -30.58 -12.41 -13.76
CA SER H 394 -29.35 -11.87 -14.31
C SER H 394 -29.68 -10.69 -15.21
N GLU H 395 -29.02 -9.55 -14.97
CA GLU H 395 -29.40 -8.33 -15.66
C GLU H 395 -28.18 -7.52 -16.06
N VAL H 396 -28.24 -6.95 -17.26
CA VAL H 396 -27.34 -5.89 -17.70
C VAL H 396 -28.17 -4.64 -17.90
N GLN H 397 -27.84 -3.58 -17.19
CA GLN H 397 -28.60 -2.35 -17.19
C GLN H 397 -27.94 -1.30 -18.07
N ALA H 398 -28.76 -0.40 -18.59
CA ALA H 398 -28.24 0.69 -19.41
C ALA H 398 -27.48 1.69 -18.54
N PRO H 399 -26.42 2.29 -19.08
CA PRO H 399 -25.70 3.32 -18.32
C PRO H 399 -26.56 4.55 -18.12
N GLY H 400 -26.27 5.27 -17.04
CA GLY H 400 -27.01 6.47 -16.71
C GLY H 400 -26.93 7.54 -17.78
N GLY H 401 -28.08 8.08 -18.16
CA GLY H 401 -28.12 9.14 -19.16
C GLY H 401 -27.66 8.72 -20.54
N ILE H 402 -27.89 7.46 -20.93
CA ILE H 402 -27.53 7.02 -22.27
C ILE H 402 -28.41 7.71 -23.31
N ILE H 403 -29.71 7.85 -23.03
CA ILE H 403 -30.59 8.58 -23.93
C ILE H 403 -30.17 10.04 -24.03
N GLU H 404 -29.78 10.63 -22.90
CA GLU H 404 -29.30 12.00 -22.90
C GLU H 404 -28.06 12.15 -23.77
N THR H 405 -27.10 11.22 -23.65
CA THR H 405 -25.90 11.29 -24.47
C THR H 405 -26.22 11.12 -25.94
N ALA H 406 -27.14 10.19 -26.27
CA ALA H 406 -27.50 9.98 -27.67
C ALA H 406 -28.18 11.20 -28.26
N LEU H 407 -29.01 11.88 -27.47
CA LEU H 407 -29.62 13.12 -27.94
C LEU H 407 -28.60 14.23 -28.09
N ASP H 408 -27.62 14.28 -27.18
CA ASP H 408 -26.67 15.39 -27.19
C ASP H 408 -25.66 15.28 -28.32
N ILE H 409 -25.18 14.08 -28.61
CA ILE H 409 -24.09 13.95 -29.59
C ILE H 409 -24.60 14.35 -30.97
N PRO H 410 -23.90 15.22 -31.70
CA PRO H 410 -24.37 15.61 -33.03
C PRO H 410 -24.32 14.45 -34.02
N SER H 411 -25.21 14.53 -35.02
CA SER H 411 -25.33 13.47 -36.01
C SER H 411 -24.17 13.44 -36.99
N ALA H 412 -23.32 14.47 -37.01
CA ALA H 412 -22.20 14.48 -37.95
C ALA H 412 -21.09 13.52 -37.54
N ILE H 413 -21.06 13.09 -36.29
CA ILE H 413 -20.00 12.18 -35.83
C ILE H 413 -20.26 10.79 -36.38
N PRO H 414 -19.30 10.18 -37.06
CA PRO H 414 -19.49 8.80 -37.52
C PRO H 414 -19.45 7.81 -36.38
N VAL H 415 -20.12 6.67 -36.58
CA VAL H 415 -20.08 5.61 -35.58
C VAL H 415 -18.67 5.02 -35.49
N TYR H 416 -18.04 4.79 -36.63
CA TYR H 416 -16.71 4.20 -36.70
C TYR H 416 -15.76 5.16 -37.41
N ALA H 417 -14.52 5.18 -36.97
CA ALA H 417 -13.50 6.04 -37.55
C ALA H 417 -13.00 5.43 -38.86
N SER H 418 -12.00 6.05 -39.46
CA SER H 418 -11.46 5.53 -40.73
C SER H 418 -10.76 4.20 -40.53
N ASP H 419 -10.11 4.02 -39.38
CA ASP H 419 -9.36 2.80 -39.09
C ASP H 419 -10.22 1.72 -38.43
N GLY H 420 -11.52 1.95 -38.28
CA GLY H 420 -12.39 0.98 -37.66
C GLY H 420 -12.60 1.15 -36.17
N SER H 421 -11.86 2.05 -35.52
CA SER H 421 -12.07 2.31 -34.11
C SER H 421 -13.36 3.10 -33.92
N TRP H 422 -13.78 3.20 -32.66
CA TRP H 422 -15.02 3.90 -32.35
C TRP H 422 -14.90 5.38 -32.70
N GLY H 423 -15.91 5.89 -33.40
CA GLY H 423 -15.92 7.29 -33.75
C GLY H 423 -16.17 8.19 -32.55
N GLY H 424 -15.62 9.39 -32.61
CA GLY H 424 -15.73 10.32 -31.52
C GLY H 424 -15.51 11.75 -31.96
N PRO H 425 -15.88 12.70 -31.09
CA PRO H 425 -15.71 14.12 -31.44
C PRO H 425 -14.24 14.48 -31.58
N VAL H 426 -13.96 15.33 -32.58
CA VAL H 426 -12.63 15.89 -32.79
C VAL H 426 -12.79 17.37 -33.11
N GLY H 427 -11.71 18.11 -32.93
CA GLY H 427 -11.74 19.54 -33.22
C GLY H 427 -12.72 20.27 -32.32
N GLY H 428 -13.54 21.12 -32.93
CA GLY H 428 -14.48 21.94 -32.18
C GLY H 428 -15.78 21.27 -31.81
N TRP H 429 -15.95 20.00 -32.16
CA TRP H 429 -17.18 19.30 -31.86
C TRP H 429 -17.32 19.08 -30.35
N PRO H 430 -18.56 19.06 -29.84
CA PRO H 430 -18.76 19.02 -28.39
C PRO H 430 -18.25 17.71 -27.78
N ASP H 431 -17.86 17.81 -26.51
CA ASP H 431 -17.31 16.67 -25.77
C ASP H 431 -18.44 15.78 -25.26
N ARG H 432 -18.90 14.90 -26.15
CA ARG H 432 -19.91 13.91 -25.80
C ARG H 432 -19.40 12.54 -26.22
N ARG H 433 -19.50 11.58 -25.31
CA ARG H 433 -19.00 10.24 -25.59
C ARG H 433 -19.88 9.56 -26.64
N ASN H 434 -19.31 8.56 -27.30
CA ASN H 434 -20.06 7.79 -28.28
C ASN H 434 -21.04 6.88 -27.57
N PRO H 435 -22.35 7.04 -27.77
CA PRO H 435 -23.31 6.17 -27.05
C PRO H 435 -23.18 4.71 -27.44
N ARG H 436 -22.90 4.41 -28.72
CA ARG H 436 -22.74 3.04 -29.14
C ARG H 436 -21.53 2.40 -28.46
N ALA H 437 -20.42 3.13 -28.38
CA ALA H 437 -19.25 2.62 -27.69
C ALA H 437 -19.51 2.47 -26.19
N VAL H 438 -20.28 3.38 -25.61
CA VAL H 438 -20.61 3.27 -24.19
C VAL H 438 -21.40 1.99 -23.93
N LEU H 439 -22.40 1.71 -24.78
CA LEU H 439 -23.17 0.48 -24.64
C LEU H 439 -22.30 -0.75 -24.85
N GLU H 440 -21.40 -0.69 -25.84
CA GLU H 440 -20.53 -1.83 -26.10
C GLU H 440 -19.62 -2.12 -24.92
N TYR H 441 -19.12 -1.07 -24.27
CA TYR H 441 -18.26 -1.28 -23.10
C TYR H 441 -19.06 -1.70 -21.88
N ASN H 442 -20.31 -1.27 -21.78
CA ASN H 442 -21.14 -1.63 -20.64
C ASN H 442 -21.82 -2.98 -20.78
N LYS H 443 -21.75 -3.60 -21.96
CA LYS H 443 -22.43 -4.88 -22.16
C LYS H 443 -21.95 -5.97 -21.22
N ASP H 444 -20.75 -5.84 -20.65
CA ASP H 444 -20.21 -6.87 -19.78
C ASP H 444 -20.56 -6.67 -18.31
N ASN H 445 -21.19 -5.55 -17.95
CA ASN H 445 -21.50 -5.26 -16.55
C ASN H 445 -22.80 -5.96 -16.15
N ARG H 446 -22.71 -7.28 -16.04
CA ARG H 446 -23.85 -8.13 -15.73
C ARG H 446 -23.84 -8.50 -14.26
N TYR H 447 -25.00 -8.38 -13.61
CA TYR H 447 -25.12 -8.74 -12.21
C TYR H 447 -26.11 -9.89 -12.04
N THR H 448 -25.81 -10.78 -11.09
CA THR H 448 -26.62 -11.93 -10.78
C THR H 448 -27.22 -11.75 -9.39
N TYR H 449 -28.51 -12.08 -9.27
CA TYR H 449 -29.27 -11.82 -8.04
C TYR H 449 -30.02 -13.09 -7.68
N TRP H 450 -29.75 -13.62 -6.50
CA TRP H 450 -30.42 -14.80 -5.98
C TRP H 450 -31.35 -14.39 -4.84
N ARG H 451 -32.58 -14.89 -4.88
CA ARG H 451 -33.59 -14.58 -3.89
C ARG H 451 -34.15 -15.88 -3.33
N MET H 452 -34.16 -16.01 -2.00
CA MET H 452 -34.67 -17.17 -1.29
C MET H 452 -35.76 -16.64 -0.38
N PHE H 453 -37.02 -16.83 -0.76
CA PHE H 453 -38.15 -16.27 0.00
C PHE H 453 -38.98 -17.44 0.51
N GLY H 454 -38.86 -17.74 1.80
CA GLY H 454 -39.48 -18.92 2.35
C GLY H 454 -40.30 -18.61 3.59
N ASP H 455 -41.19 -19.53 3.92
CA ASP H 455 -42.06 -19.41 5.07
C ASP H 455 -42.47 -20.81 5.52
N ALA H 456 -42.50 -21.00 6.84
CA ALA H 456 -42.97 -22.25 7.43
C ALA H 456 -43.87 -21.91 8.62
N TYR H 457 -45.08 -22.45 8.63
CA TYR H 457 -46.04 -22.16 9.68
C TYR H 457 -46.61 -23.45 10.25
N VAL H 458 -46.93 -23.39 11.54
CA VAL H 458 -47.59 -24.49 12.24
C VAL H 458 -48.85 -23.94 12.92
N ASN H 459 -49.96 -24.65 12.75
CA ASN H 459 -51.25 -24.26 13.29
C ASN H 459 -51.77 -25.38 14.18
N LEU H 460 -52.32 -25.00 15.33
CA LEU H 460 -52.83 -25.97 16.29
C LEU H 460 -54.22 -25.51 16.74
N THR H 461 -55.18 -26.43 16.73
CA THR H 461 -56.55 -26.15 17.16
C THR H 461 -56.89 -27.04 18.35
N PRO H 462 -56.65 -26.57 19.58
CA PRO H 462 -57.01 -27.38 20.75
C PRO H 462 -58.48 -27.74 20.81
N PHE H 463 -59.36 -26.83 20.41
CA PHE H 463 -60.79 -27.14 20.33
C PHE H 463 -61.39 -26.32 19.19
N LYS H 464 -62.71 -26.21 19.17
CA LYS H 464 -63.40 -25.68 17.99
C LYS H 464 -63.02 -24.24 17.70
N GLY H 465 -62.99 -23.39 18.73
CA GLY H 465 -62.79 -21.98 18.51
C GLY H 465 -61.38 -21.46 18.59
N PHE H 466 -60.46 -22.24 19.14
CA PHE H 466 -59.11 -21.77 19.43
C PHE H 466 -58.15 -22.15 18.32
N ASN H 467 -57.30 -21.21 17.94
CA ASN H 467 -56.27 -21.44 16.93
C ASN H 467 -54.99 -20.76 17.37
N LEU H 468 -53.88 -21.51 17.35
CA LEU H 468 -52.56 -20.97 17.63
C LEU H 468 -51.70 -21.18 16.40
N ARG H 469 -51.19 -20.09 15.83
CA ARG H 469 -50.37 -20.15 14.63
C ARG H 469 -48.99 -19.56 14.93
N SER H 470 -47.95 -20.32 14.61
CA SER H 470 -46.57 -19.84 14.72
C SER H 470 -45.95 -19.88 13.33
N THR H 471 -45.44 -18.74 12.88
CA THR H 471 -44.96 -18.57 11.52
C THR H 471 -43.53 -18.07 11.55
N PHE H 472 -42.65 -18.69 10.77
CA PHE H 472 -41.28 -18.25 10.61
C PHE H 472 -41.02 -17.96 9.13
N GLY H 473 -40.64 -16.73 8.83
CA GLY H 473 -40.36 -16.32 7.47
C GLY H 473 -38.90 -15.98 7.28
N LEU H 474 -38.40 -16.17 6.06
CA LEU H 474 -37.02 -15.93 5.73
C LEU H 474 -36.94 -15.28 4.36
N ASP H 475 -36.06 -14.30 4.21
CA ASP H 475 -35.86 -13.60 2.95
C ASP H 475 -34.36 -13.34 2.79
N TYR H 476 -33.68 -14.24 2.10
CA TYR H 476 -32.24 -14.13 1.88
C TYR H 476 -31.98 -13.65 0.46
N ALA H 477 -31.23 -12.57 0.33
CA ALA H 477 -30.92 -12.00 -0.97
C ALA H 477 -29.40 -11.93 -1.15
N ASN H 478 -28.96 -12.30 -2.34
CA ASN H 478 -27.55 -12.31 -2.71
C ASN H 478 -27.39 -11.59 -4.03
N LYS H 479 -26.36 -10.76 -4.14
CA LYS H 479 -26.11 -10.02 -5.38
C LYS H 479 -24.62 -10.05 -5.67
N GLN H 480 -24.26 -10.51 -6.86
CA GLN H 480 -22.87 -10.60 -7.28
C GLN H 480 -22.70 -9.90 -8.61
N ALA H 481 -21.78 -8.95 -8.67
CA ALA H 481 -21.55 -8.17 -9.87
C ALA H 481 -20.07 -8.00 -10.12
N ARG H 482 -19.73 -7.77 -11.37
CA ARG H 482 -18.35 -7.50 -11.78
C ARG H 482 -18.38 -6.41 -12.84
N TYR H 483 -17.94 -5.21 -12.46
CA TYR H 483 -17.99 -4.05 -13.35
C TYR H 483 -16.61 -3.80 -13.93
N PHE H 484 -16.55 -3.61 -15.25
CA PHE H 484 -15.30 -3.42 -15.97
C PHE H 484 -15.20 -1.99 -16.48
N THR H 485 -13.98 -1.48 -16.53
CA THR H 485 -13.67 -0.15 -17.05
C THR H 485 -12.63 -0.30 -18.15
N TYR H 486 -13.09 -0.56 -19.37
CA TYR H 486 -12.16 -0.70 -20.48
C TYR H 486 -11.60 0.66 -20.88
N PRO H 487 -10.33 0.74 -21.26
CA PRO H 487 -9.80 1.97 -21.83
C PRO H 487 -10.53 2.33 -23.11
N TYR H 488 -10.79 3.63 -23.28
CA TYR H 488 -11.44 4.11 -24.49
C TYR H 488 -10.75 5.37 -24.97
N GLN H 489 -10.80 5.58 -26.29
CA GLN H 489 -10.22 6.78 -26.90
C GLN H 489 -11.07 7.11 -28.12
N GLU H 490 -12.02 8.02 -27.94
CA GLU H 490 -12.97 8.42 -28.97
C GLU H 490 -12.65 9.87 -29.33
N GLY H 491 -11.75 10.04 -30.30
CA GLY H 491 -11.31 11.38 -30.65
C GLY H 491 -10.57 12.00 -29.49
N THR H 492 -11.06 13.14 -29.02
CA THR H 492 -10.48 13.83 -27.87
C THR H 492 -11.02 13.32 -26.55
N GLN H 493 -11.97 12.39 -26.57
CA GLN H 493 -12.56 11.84 -25.35
C GLN H 493 -11.83 10.56 -24.99
N THR H 494 -11.17 10.56 -23.83
CA THR H 494 -10.42 9.39 -23.39
C THR H 494 -10.27 9.44 -21.88
N ASN H 495 -9.93 8.29 -21.30
CA ASN H 495 -9.69 8.16 -19.87
C ASN H 495 -8.23 7.84 -19.58
N ASN H 496 -7.33 8.21 -20.49
CA ASN H 496 -5.89 7.96 -20.33
C ASN H 496 -5.59 6.48 -20.17
N GLY H 497 -6.33 5.64 -20.90
CA GLY H 497 -6.07 4.21 -20.86
C GLY H 497 -6.28 3.58 -19.51
N LYS H 498 -7.34 3.96 -18.81
CA LYS H 498 -7.63 3.41 -17.49
C LYS H 498 -8.36 2.07 -17.64
N SER H 499 -7.74 1.00 -17.19
CA SER H 499 -8.35 -0.32 -17.16
C SER H 499 -8.54 -0.74 -15.71
N ALA H 500 -9.75 -1.14 -15.36
CA ALA H 500 -10.06 -1.47 -13.98
C ALA H 500 -11.19 -2.48 -13.93
N VAL H 501 -11.28 -3.15 -12.77
CA VAL H 501 -12.35 -4.11 -12.51
C VAL H 501 -12.85 -3.88 -11.09
N GLU H 502 -14.14 -4.15 -10.90
CA GLU H 502 -14.83 -3.91 -9.63
C GLU H 502 -15.71 -5.11 -9.34
N ALA H 503 -15.29 -5.95 -8.38
CA ALA H 503 -16.07 -7.11 -7.98
C ALA H 503 -16.82 -6.80 -6.70
N LYS H 504 -18.14 -6.78 -6.78
CA LYS H 504 -18.99 -6.36 -5.68
C LYS H 504 -19.89 -7.51 -5.24
N GLN H 505 -20.15 -7.58 -3.94
CA GLN H 505 -20.99 -8.62 -3.36
C GLN H 505 -21.89 -8.00 -2.30
N GLU H 506 -23.17 -8.36 -2.31
CA GLU H 506 -24.13 -7.82 -1.36
C GLU H 506 -24.99 -8.95 -0.81
N HIS H 507 -25.30 -8.87 0.48
CA HIS H 507 -26.13 -9.84 1.16
C HIS H 507 -27.22 -9.11 1.93
N TRP H 508 -28.45 -9.59 1.80
CA TRP H 508 -29.57 -9.12 2.61
C TRP H 508 -30.22 -10.34 3.25
N THR H 509 -30.39 -10.31 4.56
CA THR H 509 -30.98 -11.44 5.30
C THR H 509 -32.05 -10.89 6.23
N LYS H 510 -33.30 -11.19 5.92
CA LYS H 510 -34.44 -10.75 6.73
C LYS H 510 -35.19 -11.98 7.22
N TRP H 511 -35.39 -12.07 8.52
CA TRP H 511 -36.16 -13.18 9.09
C TRP H 511 -37.21 -12.66 10.05
N MET H 512 -38.39 -13.26 9.97
CA MET H 512 -39.56 -12.87 10.75
C MET H 512 -40.11 -14.07 11.48
N TRP H 513 -40.48 -13.87 12.75
CA TRP H 513 -41.15 -14.87 13.54
C TRP H 513 -42.48 -14.32 14.02
N ASN H 514 -43.52 -15.15 13.98
CA ASN H 514 -44.87 -14.72 14.30
C ASN H 514 -45.51 -15.73 15.25
N ALA H 515 -46.38 -15.23 16.13
CA ALA H 515 -47.16 -16.08 17.01
C ALA H 515 -48.53 -15.46 17.17
N ILE H 516 -49.57 -16.16 16.69
CA ILE H 516 -50.93 -15.64 16.66
C ILE H 516 -51.84 -16.61 17.41
N ALA H 517 -52.66 -16.06 18.31
CA ALA H 517 -53.68 -16.82 19.01
C ALA H 517 -55.03 -16.21 18.69
N THR H 518 -55.94 -17.03 18.15
CA THR H 518 -57.24 -16.56 17.69
C THR H 518 -58.35 -17.38 18.33
N TYR H 519 -59.45 -16.72 18.68
CA TYR H 519 -60.63 -17.38 19.21
C TYR H 519 -61.87 -16.83 18.53
N GLN H 520 -62.82 -17.71 18.25
CA GLN H 520 -64.07 -17.35 17.60
C GLN H 520 -65.25 -17.86 18.41
N LEU H 521 -66.29 -17.04 18.51
CA LEU H 521 -67.50 -17.38 19.25
C LEU H 521 -68.72 -17.04 18.41
N GLU H 522 -69.71 -17.92 18.46
CA GLU H 522 -70.94 -17.79 17.66
C GLU H 522 -72.16 -17.90 18.57
N VAL H 523 -72.14 -17.19 19.69
CA VAL H 523 -73.23 -17.26 20.65
C VAL H 523 -74.40 -16.42 20.16
N GLY H 524 -75.59 -17.03 20.11
CA GLY H 524 -76.78 -16.32 19.67
C GLY H 524 -76.60 -15.78 18.26
N LYS H 525 -76.96 -14.51 18.07
CA LYS H 525 -76.75 -13.82 16.81
C LYS H 525 -75.45 -13.02 16.79
N HIS H 526 -74.65 -13.10 17.85
CA HIS H 526 -73.41 -12.34 17.95
C HIS H 526 -72.24 -13.21 17.50
N ARG H 527 -71.39 -12.66 16.64
CA ARG H 527 -70.17 -13.31 16.20
C ARG H 527 -68.99 -12.51 16.74
N GLY H 528 -68.11 -13.18 17.47
CA GLY H 528 -66.99 -12.48 18.08
C GLY H 528 -65.65 -13.15 17.86
N ASP H 529 -64.72 -12.44 17.23
CA ASP H 529 -63.37 -12.94 16.99
C ASP H 529 -62.38 -12.09 17.77
N VAL H 530 -61.52 -12.76 18.53
CA VAL H 530 -60.49 -12.08 19.32
C VAL H 530 -59.14 -12.69 18.95
N MET H 531 -58.21 -11.84 18.52
CA MET H 531 -56.90 -12.29 18.09
C MET H 531 -55.83 -11.48 18.82
N ILE H 532 -54.78 -12.17 19.28
CA ILE H 532 -53.61 -11.52 19.83
C ILE H 532 -52.40 -12.09 19.11
N GLY H 533 -51.32 -11.31 19.05
CA GLY H 533 -50.17 -11.73 18.28
C GLY H 533 -48.90 -11.02 18.70
N MET H 534 -47.79 -11.73 18.56
CA MET H 534 -46.46 -11.19 18.81
C MET H 534 -45.59 -11.48 17.59
N GLU H 535 -44.90 -10.44 17.10
CA GLU H 535 -44.10 -10.54 15.89
C GLU H 535 -42.71 -9.98 16.12
N LEU H 536 -41.71 -10.66 15.60
CA LEU H 536 -40.32 -10.21 15.63
C LEU H 536 -39.78 -10.18 14.22
N ASN H 537 -39.07 -9.10 13.88
CA ASN H 537 -38.43 -8.95 12.58
C ASN H 537 -36.97 -8.59 12.80
N ARG H 538 -36.09 -9.18 11.98
CA ARG H 538 -34.68 -8.82 12.03
C ARG H 538 -34.13 -8.77 10.62
N GLU H 539 -33.53 -7.63 10.25
CA GLU H 539 -32.89 -7.45 8.96
C GLU H 539 -31.43 -7.15 9.17
N ASP H 540 -30.56 -7.86 8.42
CA ASP H 540 -29.13 -7.63 8.42
C ASP H 540 -28.65 -7.53 6.99
N ASP H 541 -28.01 -6.41 6.65
CA ASP H 541 -27.48 -6.18 5.32
C ASP H 541 -25.98 -6.00 5.40
N SER H 542 -25.28 -6.47 4.36
CA SER H 542 -23.84 -6.28 4.28
C SER H 542 -23.45 -6.21 2.83
N HIS H 543 -22.28 -5.61 2.58
CA HIS H 543 -21.76 -5.55 1.22
C HIS H 543 -20.27 -5.30 1.28
N PHE H 544 -19.55 -5.80 0.28
CA PHE H 544 -18.12 -5.55 0.18
C PHE H 544 -17.71 -5.68 -1.27
N SER H 545 -16.67 -4.93 -1.64
CA SER H 545 -16.23 -4.85 -3.02
C SER H 545 -14.72 -4.72 -3.08
N GLY H 546 -14.14 -5.28 -4.12
CA GLY H 546 -12.73 -5.11 -4.42
C GLY H 546 -12.57 -4.41 -5.76
N TYR H 547 -11.54 -3.58 -5.86
CA TYR H 547 -11.29 -2.77 -7.04
C TYR H 547 -9.84 -2.91 -7.44
N LYS H 548 -9.60 -3.25 -8.71
CA LYS H 548 -8.25 -3.50 -9.21
C LYS H 548 -8.05 -2.72 -10.50
N GLU H 549 -6.78 -2.46 -10.84
CA GLU H 549 -6.45 -1.61 -11.98
C GLU H 549 -5.30 -2.23 -12.78
N ASP H 550 -4.95 -1.57 -13.88
CA ASP H 550 -3.76 -1.87 -14.68
C ASP H 550 -3.80 -3.30 -15.24
N PHE H 551 -4.77 -3.51 -16.13
CA PHE H 551 -4.89 -4.76 -16.86
C PHE H 551 -4.30 -4.63 -18.25
N SER H 552 -4.00 -5.77 -18.87
CA SER H 552 -3.31 -5.83 -20.15
C SER H 552 -4.16 -6.38 -21.28
N ILE H 553 -4.74 -7.57 -21.10
CA ILE H 553 -5.49 -8.20 -22.19
C ILE H 553 -6.78 -7.44 -22.48
N LEU H 554 -7.43 -6.93 -21.42
CA LEU H 554 -8.66 -6.15 -21.54
C LEU H 554 -9.81 -6.97 -22.14
N THR H 555 -10.10 -8.08 -21.47
CA THR H 555 -11.25 -8.91 -21.79
C THR H 555 -11.86 -9.39 -20.47
N PRO H 556 -13.17 -9.67 -20.45
CA PRO H 556 -13.79 -10.12 -19.20
C PRO H 556 -13.16 -11.38 -18.63
N ASP H 557 -12.68 -12.29 -19.48
CA ASP H 557 -12.05 -13.50 -18.98
C ASP H 557 -10.77 -13.18 -18.21
N TYR H 558 -9.94 -12.28 -18.77
CA TYR H 558 -8.68 -11.96 -18.13
C TYR H 558 -8.86 -11.02 -16.94
N MET H 559 -9.83 -10.11 -16.99
CA MET H 559 -9.97 -9.10 -15.96
C MET H 559 -10.47 -9.69 -14.64
N TRP H 560 -9.53 -10.07 -13.78
CA TRP H 560 -9.80 -10.50 -12.42
C TRP H 560 -8.83 -9.79 -11.49
N PRO H 561 -9.22 -9.57 -10.23
CA PRO H 561 -8.33 -8.85 -9.31
C PRO H 561 -6.97 -9.49 -9.15
N ASP H 562 -6.88 -10.82 -9.21
CA ASP H 562 -5.57 -11.46 -9.17
C ASP H 562 -4.75 -11.11 -10.40
N ALA H 563 -5.39 -11.07 -11.57
CA ALA H 563 -4.67 -10.73 -12.79
C ALA H 563 -4.33 -9.26 -12.87
N GLY H 564 -4.97 -8.42 -12.07
CA GLY H 564 -4.64 -7.00 -12.07
C GLY H 564 -3.24 -6.73 -11.56
N SER H 565 -2.66 -5.63 -12.02
CA SER H 565 -1.30 -5.26 -11.66
C SER H 565 -1.21 -3.77 -11.35
N GLY H 566 -2.18 -3.27 -10.59
CA GLY H 566 -2.20 -1.86 -10.26
C GLY H 566 -2.70 -1.58 -8.85
N THR H 567 -3.16 -0.36 -8.61
CA THR H 567 -3.65 0.02 -7.30
C THR H 567 -4.92 -0.75 -6.98
N ALA H 568 -5.00 -1.26 -5.75
CA ALA H 568 -6.14 -2.04 -5.28
C ALA H 568 -6.85 -1.29 -4.17
N GLN H 569 -8.17 -1.39 -4.15
CA GLN H 569 -9.00 -0.77 -3.13
C GLN H 569 -10.02 -1.78 -2.63
N ALA H 570 -10.43 -1.62 -1.37
CA ALA H 570 -11.41 -2.48 -0.75
C ALA H 570 -12.45 -1.63 -0.04
N TYR H 571 -13.73 -1.96 -0.27
CA TYR H 571 -14.83 -1.27 0.38
C TYR H 571 -15.72 -2.29 1.07
N GLY H 572 -16.38 -1.87 2.14
CA GLY H 572 -17.25 -2.78 2.86
C GLY H 572 -18.05 -2.11 3.96
N ALA H 573 -19.30 -2.52 4.12
CA ALA H 573 -20.17 -1.96 5.13
C ALA H 573 -21.21 -2.97 5.54
N GLY H 574 -21.83 -2.71 6.69
CA GLY H 574 -22.88 -3.57 7.18
C GLY H 574 -23.80 -2.79 8.10
N GLU H 575 -25.05 -3.22 8.16
CA GLU H 575 -26.05 -2.54 8.98
C GLU H 575 -27.20 -3.50 9.23
N GLY H 576 -28.20 -3.03 9.95
CA GLY H 576 -29.37 -3.84 10.23
C GLY H 576 -30.26 -3.17 11.25
N TYR H 577 -31.40 -3.81 11.48
CA TYR H 577 -32.37 -3.30 12.45
C TYR H 577 -33.30 -4.44 12.87
N SER H 578 -34.04 -4.18 13.94
CA SER H 578 -34.95 -5.15 14.52
C SER H 578 -36.26 -4.48 14.90
N LEU H 579 -37.34 -5.25 14.84
CA LEU H 579 -38.68 -4.79 15.13
C LEU H 579 -39.38 -5.78 16.05
N VAL H 580 -40.10 -5.25 17.03
CA VAL H 580 -40.92 -6.06 17.94
C VAL H 580 -42.32 -5.48 17.94
N SER H 581 -43.33 -6.36 17.87
CA SER H 581 -44.70 -5.89 17.80
C SER H 581 -45.60 -6.80 18.62
N PHE H 582 -46.52 -6.18 19.37
CA PHE H 582 -47.59 -6.88 20.07
C PHE H 582 -48.91 -6.27 19.63
N PHE H 583 -49.74 -7.06 18.96
CA PHE H 583 -50.96 -6.53 18.38
C PHE H 583 -52.18 -7.32 18.84
N GLY H 584 -53.31 -6.64 18.90
CA GLY H 584 -54.58 -7.24 19.26
C GLY H 584 -55.70 -6.75 18.37
N LYS H 585 -56.61 -7.65 18.00
CA LYS H 585 -57.71 -7.36 17.12
C LYS H 585 -58.99 -7.96 17.69
N MET H 586 -60.10 -7.24 17.56
CA MET H 586 -61.38 -7.74 18.05
C MET H 586 -62.45 -7.35 17.04
N ASN H 587 -63.18 -8.35 16.56
CA ASN H 587 -64.25 -8.16 15.58
C ASN H 587 -65.56 -8.63 16.18
N TYR H 588 -66.58 -7.78 16.12
CA TYR H 588 -67.90 -8.10 16.65
C TYR H 588 -68.94 -7.86 15.56
N SER H 589 -69.82 -8.83 15.35
CA SER H 589 -70.87 -8.74 14.37
C SER H 589 -72.20 -9.06 15.02
N TYR H 590 -73.17 -8.16 14.87
CA TYR H 590 -74.50 -8.34 15.41
C TYR H 590 -75.49 -8.47 14.27
N ALA H 591 -76.29 -9.53 14.30
CA ALA H 591 -77.33 -9.82 13.32
C ALA H 591 -76.79 -9.88 11.90
N ASP H 592 -75.48 -10.07 11.75
CA ASP H 592 -74.81 -9.97 10.45
C ASP H 592 -75.14 -8.64 9.77
N ARG H 593 -75.39 -7.63 10.58
CA ARG H 593 -75.82 -6.32 10.10
C ARG H 593 -74.96 -5.18 10.62
N TYR H 594 -74.52 -5.24 11.87
CA TYR H 594 -73.65 -4.23 12.45
C TYR H 594 -72.29 -4.83 12.77
N LEU H 595 -71.23 -4.19 12.26
CA LEU H 595 -69.88 -4.71 12.38
C LEU H 595 -69.03 -3.68 13.11
N LEU H 596 -68.25 -4.14 14.08
CA LEU H 596 -67.33 -3.29 14.83
C LEU H 596 -65.97 -3.98 14.88
N SER H 597 -64.91 -3.21 14.71
CA SER H 597 -63.56 -3.73 14.76
C SER H 597 -62.69 -2.79 15.57
N LEU H 598 -61.94 -3.34 16.53
CA LEU H 598 -61.02 -2.56 17.34
C LEU H 598 -59.66 -3.25 17.35
N THR H 599 -58.62 -2.53 16.98
CA THR H 599 -57.28 -3.09 17.03
C THR H 599 -56.34 -2.13 17.76
N LEU H 600 -55.37 -2.72 18.45
CA LEU H 600 -54.35 -2.01 19.19
C LEU H 600 -52.99 -2.58 18.82
N ARG H 601 -51.99 -1.70 18.70
CA ARG H 601 -50.66 -2.17 18.34
C ARG H 601 -49.62 -1.48 19.20
N ARG H 602 -48.69 -2.27 19.75
CA ARG H 602 -47.55 -1.77 20.49
C ARG H 602 -46.31 -2.15 19.68
N ASP H 603 -45.64 -1.16 19.10
CA ASP H 603 -44.55 -1.38 18.17
C ASP H 603 -43.28 -0.74 18.70
N GLY H 604 -42.17 -1.46 18.59
CA GLY H 604 -40.87 -0.93 18.94
C GLY H 604 -39.85 -1.31 17.90
N SER H 605 -38.87 -0.43 17.71
CA SER H 605 -37.83 -0.63 16.72
C SER H 605 -36.47 -0.33 17.34
N SER H 606 -35.44 -0.95 16.77
CA SER H 606 -34.08 -0.70 17.23
C SER H 606 -33.55 0.65 16.78
N ARG H 607 -34.28 1.37 15.94
CA ARG H 607 -33.82 2.65 15.41
C ARG H 607 -34.03 3.80 16.38
N PHE H 608 -34.71 3.58 17.51
CA PHE H 608 -34.99 4.63 18.48
C PHE H 608 -34.31 4.30 19.81
N GLY H 609 -34.17 5.33 20.63
CA GLY H 609 -33.59 5.15 21.95
C GLY H 609 -34.53 4.39 22.87
N LYS H 610 -34.00 4.03 24.04
CA LYS H 610 -34.76 3.22 24.98
C LYS H 610 -36.00 3.97 25.48
N ASN H 611 -35.87 5.28 25.69
CA ASN H 611 -37.00 6.06 26.20
C ASN H 611 -38.15 6.10 25.21
N HIS H 612 -37.85 6.25 23.92
CA HIS H 612 -38.86 6.39 22.88
C HIS H 612 -38.91 5.17 21.96
N ARG H 613 -38.59 4.00 22.50
CA ARG H 613 -38.52 2.80 21.66
C ARG H 613 -39.90 2.35 21.21
N TYR H 614 -40.87 2.34 22.12
CA TYR H 614 -42.18 1.76 21.85
C TYR H 614 -43.24 2.84 21.69
N ALA H 615 -44.26 2.51 20.89
CA ALA H 615 -45.37 3.40 20.64
C ALA H 615 -46.64 2.58 20.48
N THR H 616 -47.78 3.22 20.73
CA THR H 616 -49.08 2.58 20.71
C THR H 616 -49.96 3.22 19.65
N PHE H 617 -50.63 2.40 18.85
CA PHE H 617 -51.47 2.85 17.75
C PHE H 617 -52.83 2.17 17.85
N PRO H 618 -53.91 2.91 18.06
CA PRO H 618 -55.25 2.30 18.03
C PRO H 618 -55.94 2.49 16.69
N SER H 619 -56.94 1.64 16.41
CA SER H 619 -57.75 1.79 15.22
C SER H 619 -59.12 1.21 15.46
N VAL H 620 -60.15 1.87 14.94
CA VAL H 620 -61.54 1.48 15.10
C VAL H 620 -62.23 1.53 13.74
N SER H 621 -63.12 0.58 13.50
CA SER H 621 -63.87 0.51 12.25
C SER H 621 -65.30 0.14 12.55
N LEU H 622 -66.24 0.81 11.88
CA LEU H 622 -67.66 0.53 11.99
C LEU H 622 -68.22 0.23 10.61
N GLY H 623 -69.21 -0.65 10.57
CA GLY H 623 -69.85 -1.00 9.31
C GLY H 623 -71.31 -1.33 9.56
N TRP H 624 -72.14 -1.00 8.58
CA TRP H 624 -73.57 -1.20 8.69
C TRP H 624 -74.10 -1.66 7.34
N ARG H 625 -74.64 -2.88 7.30
CA ARG H 625 -75.24 -3.43 6.09
C ARG H 625 -76.68 -2.95 6.02
N ILE H 626 -76.90 -1.86 5.27
CA ILE H 626 -78.21 -1.25 5.25
C ILE H 626 -79.23 -2.15 4.58
N THR H 627 -78.79 -2.98 3.62
CA THR H 627 -79.71 -3.86 2.92
C THR H 627 -80.32 -4.92 3.81
N GLN H 628 -79.69 -5.25 4.93
CA GLN H 628 -80.24 -6.23 5.87
C GLN H 628 -81.37 -5.67 6.72
N GLU H 629 -81.53 -4.36 6.77
CA GLU H 629 -82.61 -3.77 7.54
C GLU H 629 -83.97 -4.07 6.90
N ASN H 630 -84.99 -4.20 7.74
CA ASN H 630 -86.30 -4.64 7.28
C ASN H 630 -87.12 -3.52 6.64
N PHE H 631 -86.66 -2.28 6.71
CA PHE H 631 -87.43 -1.16 6.17
C PHE H 631 -87.14 -0.89 4.70
N MET H 632 -86.32 -1.74 4.05
CA MET H 632 -86.16 -1.67 2.61
C MET H 632 -86.16 -3.06 1.98
N LYS H 633 -86.92 -3.99 2.56
CA LYS H 633 -87.02 -5.32 1.97
C LYS H 633 -87.71 -5.31 0.61
N GLU H 634 -88.51 -4.28 0.32
CA GLU H 634 -89.19 -4.19 -0.96
C GLU H 634 -88.29 -3.73 -2.09
N LEU H 635 -87.08 -3.25 -1.77
CA LEU H 635 -86.14 -2.78 -2.79
C LEU H 635 -85.39 -3.98 -3.36
N THR H 636 -86.05 -4.70 -4.25
CA THR H 636 -85.47 -5.90 -4.84
C THR H 636 -84.27 -5.57 -5.70
N TRP H 637 -84.31 -4.44 -6.42
CA TRP H 637 -83.20 -4.07 -7.30
C TRP H 637 -81.93 -3.83 -6.50
N LEU H 638 -82.04 -3.17 -5.35
CA LEU H 638 -80.88 -2.94 -4.49
C LEU H 638 -80.46 -4.24 -3.83
N ASP H 639 -79.49 -4.94 -4.43
CA ASP H 639 -79.10 -6.25 -3.93
C ASP H 639 -78.36 -6.14 -2.60
N ASP H 640 -77.41 -5.21 -2.50
CA ASP H 640 -76.62 -5.07 -1.29
C ASP H 640 -76.14 -3.63 -1.16
N LEU H 641 -76.13 -3.13 0.07
CA LEU H 641 -75.64 -1.79 0.34
C LEU H 641 -74.99 -1.78 1.72
N LYS H 642 -73.76 -1.30 1.80
CA LYS H 642 -73.00 -1.28 3.03
C LYS H 642 -72.34 0.08 3.21
N LEU H 643 -72.48 0.65 4.40
CA LEU H 643 -71.85 1.92 4.75
C LEU H 643 -70.85 1.67 5.86
N ARG H 644 -69.59 2.04 5.64
CA ARG H 644 -68.55 1.78 6.60
C ARG H 644 -67.72 3.04 6.85
N ALA H 645 -67.16 3.14 8.04
CA ALA H 645 -66.26 4.21 8.42
C ALA H 645 -65.13 3.61 9.24
N SER H 646 -64.02 4.34 9.30
CA SER H 646 -62.87 3.85 10.04
C SER H 646 -61.96 5.00 10.41
N TRP H 647 -61.44 4.96 11.63
CA TRP H 647 -60.43 5.89 12.10
C TRP H 647 -59.28 5.09 12.68
N GLY H 648 -58.10 5.22 12.10
CA GLY H 648 -56.96 4.43 12.52
C GLY H 648 -55.71 5.28 12.66
N GLN H 649 -54.79 4.77 13.47
CA GLN H 649 -53.47 5.35 13.62
C GLN H 649 -52.43 4.29 13.32
N THR H 650 -51.39 4.67 12.57
CA THR H 650 -50.30 3.77 12.22
C THR H 650 -48.98 4.49 12.44
N GLY H 651 -47.93 3.69 12.58
CA GLY H 651 -46.61 4.19 12.91
C GLY H 651 -45.65 4.08 11.74
N ASN H 652 -44.76 5.04 11.63
CA ASN H 652 -43.71 5.04 10.61
C ASN H 652 -42.36 5.21 11.29
N GLN H 653 -41.40 4.37 10.88
CA GLN H 653 -40.03 4.46 11.36
C GLN H 653 -39.02 4.19 10.26
N GLU H 654 -39.44 4.28 8.99
CA GLU H 654 -38.57 3.94 7.86
C GLU H 654 -37.56 5.07 7.65
N ILE H 655 -36.52 5.04 8.49
CA ILE H 655 -35.45 6.02 8.45
C ILE H 655 -34.12 5.27 8.39
N SER H 656 -33.03 6.04 8.39
CA SER H 656 -31.71 5.43 8.39
C SER H 656 -31.48 4.68 9.69
N ASN H 657 -30.73 3.59 9.60
CA ASN H 657 -30.49 2.75 10.77
C ASN H 657 -29.73 3.51 11.85
N LEU H 658 -28.73 4.29 11.45
CA LEU H 658 -27.95 5.09 12.39
C LEU H 658 -28.50 6.52 12.36
N ALA H 659 -29.65 6.70 13.01
CA ALA H 659 -30.33 7.98 13.02
C ALA H 659 -30.17 8.76 14.32
N ARG H 660 -30.05 8.07 15.44
CA ARG H 660 -29.94 8.72 16.74
C ARG H 660 -28.49 8.86 17.21
N TYR H 661 -27.53 8.48 16.38
CA TYR H 661 -26.12 8.50 16.75
C TYR H 661 -25.40 9.63 16.03
N THR H 662 -24.42 10.22 16.72
CA THR H 662 -23.51 11.17 16.10
C THR H 662 -22.42 10.37 15.42
N ILE H 663 -22.49 10.26 14.09
CA ILE H 663 -21.64 9.38 13.33
C ILE H 663 -20.33 10.09 13.01
N TYR H 664 -19.21 9.48 13.37
CA TYR H 664 -17.89 9.91 12.94
C TYR H 664 -17.25 8.75 12.17
N ALA H 665 -16.93 9.00 10.90
CA ALA H 665 -16.42 7.94 10.05
C ALA H 665 -15.00 8.25 9.60
N PRO H 666 -14.15 7.24 9.49
CA PRO H 666 -12.76 7.46 9.02
C PRO H 666 -12.68 7.40 7.50
N ASN H 667 -13.28 8.39 6.84
CA ASN H 667 -13.28 8.42 5.38
C ASN H 667 -11.89 8.78 4.86
N TYR H 668 -11.08 7.75 4.57
CA TYR H 668 -9.73 8.00 4.07
C TYR H 668 -9.76 8.71 2.73
N GLY H 669 -10.67 8.32 1.84
CA GLY H 669 -10.76 8.94 0.54
C GLY H 669 -10.55 7.95 -0.60
N THR H 670 -10.84 6.68 -0.33
CA THR H 670 -10.67 5.64 -1.34
C THR H 670 -11.86 5.51 -2.27
N THR H 671 -12.96 6.22 -2.01
CA THR H 671 -14.14 6.15 -2.84
C THR H 671 -14.03 7.14 -4.00
N ASP H 672 -14.43 6.68 -5.19
CA ASP H 672 -14.44 7.56 -6.35
C ASP H 672 -15.44 8.69 -6.16
N SER H 673 -15.02 9.90 -6.54
CA SER H 673 -15.88 11.07 -6.45
C SER H 673 -15.68 11.91 -7.70
N PHE H 674 -16.79 12.45 -8.22
CA PHE H 674 -16.75 13.29 -9.40
C PHE H 674 -16.56 14.75 -9.00
N GLY H 675 -15.60 15.42 -9.63
CA GLY H 675 -15.31 16.80 -9.33
C GLY H 675 -14.33 17.01 -8.20
N GLY H 676 -13.92 15.94 -7.50
CA GLY H 676 -12.94 16.05 -6.45
C GLY H 676 -13.46 16.42 -5.09
N GLN H 677 -14.78 16.55 -4.92
CA GLN H 677 -15.35 16.85 -3.61
C GLN H 677 -15.55 15.58 -2.79
N SER H 678 -14.47 14.80 -2.64
CA SER H 678 -14.55 13.53 -1.95
C SER H 678 -14.73 13.69 -0.44
N TYR H 679 -14.35 14.85 0.11
CA TYR H 679 -14.40 15.10 1.55
C TYR H 679 -13.60 14.07 2.32
N GLY H 680 -12.51 13.59 1.72
CA GLY H 680 -11.70 12.58 2.36
C GLY H 680 -10.89 13.13 3.50
N THR H 681 -10.24 12.21 4.22
CA THR H 681 -9.44 12.55 5.40
C THR H 681 -8.06 11.93 5.24
N ALA H 682 -7.19 12.63 4.53
CA ALA H 682 -5.81 12.19 4.32
C ALA H 682 -5.02 13.37 3.82
N TYR H 683 -3.97 13.74 4.53
CA TYR H 683 -3.18 14.91 4.19
C TYR H 683 -1.70 14.57 4.22
N ASP H 684 -0.96 15.02 3.20
CA ASP H 684 0.48 14.85 3.16
C ASP H 684 1.09 15.91 4.07
N ILE H 685 0.99 15.65 5.38
CA ILE H 685 1.45 16.63 6.36
C ILE H 685 2.96 16.77 6.30
N THR H 686 3.68 15.73 5.92
CA THR H 686 5.14 15.84 5.78
C THR H 686 5.49 16.65 4.55
N GLY H 687 4.74 16.51 3.46
CA GLY H 687 4.99 17.26 2.26
C GLY H 687 5.95 16.57 1.32
N SER H 688 5.67 15.31 0.99
CA SER H 688 6.53 14.51 0.11
C SER H 688 5.78 13.98 -1.09
N ASN H 689 4.66 14.59 -1.47
CA ASN H 689 3.83 14.14 -2.58
C ASN H 689 3.43 12.68 -2.42
N GLY H 690 3.06 12.31 -1.20
CA GLY H 690 2.57 10.96 -0.95
C GLY H 690 3.70 9.97 -0.91
N GLY H 691 3.57 8.90 -1.70
CA GLY H 691 4.54 7.83 -1.68
C GLY H 691 4.34 6.81 -0.60
N GLY H 692 3.19 6.81 0.08
CA GLY H 692 2.95 5.87 1.14
C GLY H 692 1.60 6.10 1.77
N VAL H 693 1.36 5.43 2.89
CA VAL H 693 0.10 5.54 3.61
C VAL H 693 0.10 6.87 4.35
N LEU H 694 -0.76 7.78 3.93
CA LEU H 694 -0.85 9.09 4.54
C LEU H 694 -1.57 9.03 5.88
N PRO H 695 -1.27 9.93 6.80
CA PRO H 695 -2.05 10.00 8.05
C PRO H 695 -3.51 10.31 7.77
N SER H 696 -4.39 9.72 8.57
CA SER H 696 -5.82 9.88 8.36
C SER H 696 -6.50 10.36 9.63
N GLY H 697 -7.83 10.37 9.62
CA GLY H 697 -8.60 10.83 10.76
C GLY H 697 -10.07 10.50 10.64
N PHE H 698 -10.93 11.35 11.17
CA PHE H 698 -12.37 11.11 11.18
C PHE H 698 -13.11 12.37 10.75
N LYS H 699 -14.28 12.18 10.16
CA LYS H 699 -15.15 13.27 9.76
C LYS H 699 -16.57 12.98 10.23
N ARG H 700 -17.31 14.05 10.52
CA ARG H 700 -18.66 13.91 11.03
C ARG H 700 -19.64 13.74 9.88
N ASN H 701 -20.44 12.67 9.95
CA ASN H 701 -21.44 12.40 8.92
C ASN H 701 -22.79 12.99 9.27
N GLN H 702 -23.19 12.91 10.54
CA GLN H 702 -24.47 13.45 10.97
C GLN H 702 -24.41 13.73 12.46
N ILE H 703 -25.37 14.52 12.93
CA ILE H 703 -25.49 14.85 14.35
C ILE H 703 -26.61 14.01 14.94
N GLY H 704 -26.32 13.31 16.03
CA GLY H 704 -27.32 12.45 16.63
C GLY H 704 -28.43 13.24 17.30
N ASN H 705 -29.59 12.60 17.38
CA ASN H 705 -30.75 13.16 18.05
C ASN H 705 -31.40 12.06 18.88
N ASP H 706 -31.41 12.22 20.18
CA ASP H 706 -31.89 11.19 21.09
C ASP H 706 -33.39 11.27 21.36
N ASN H 707 -34.10 12.21 20.73
CA ASN H 707 -35.52 12.40 20.99
C ASN H 707 -36.39 12.02 19.80
N ILE H 708 -35.84 11.26 18.85
CA ILE H 708 -36.63 10.84 17.69
C ILE H 708 -37.61 9.75 18.11
N LYS H 709 -38.87 9.88 17.70
CA LYS H 709 -39.91 8.93 18.00
C LYS H 709 -40.66 8.58 16.72
N TRP H 710 -41.70 7.76 16.86
CA TRP H 710 -42.43 7.27 15.70
C TRP H 710 -43.21 8.39 15.02
N GLU H 711 -43.22 8.36 13.69
CA GLU H 711 -44.15 9.20 12.93
C GLU H 711 -45.55 8.64 13.06
N THR H 712 -46.53 9.50 13.35
CA THR H 712 -47.89 9.05 13.59
C THR H 712 -48.77 9.47 12.42
N THR H 713 -49.37 8.50 11.76
CA THR H 713 -50.26 8.75 10.62
C THR H 713 -51.68 8.39 11.02
N THR H 714 -52.58 9.36 10.97
CA THR H 714 -53.98 9.18 11.30
C THR H 714 -54.79 9.18 10.01
N GLN H 715 -55.56 8.12 9.79
CA GLN H 715 -56.34 7.97 8.57
C GLN H 715 -57.81 7.81 8.92
N THR H 716 -58.65 8.62 8.28
CA THR H 716 -60.10 8.53 8.41
C THR H 716 -60.68 8.18 7.05
N ASN H 717 -61.46 7.10 7.00
CA ASN H 717 -62.00 6.59 5.75
C ASN H 717 -63.50 6.40 5.87
N VAL H 718 -64.22 6.78 4.81
CA VAL H 718 -65.67 6.58 4.74
C VAL H 718 -65.99 5.96 3.40
N GLY H 719 -66.67 4.82 3.41
CA GLY H 719 -66.90 4.07 2.19
C GLY H 719 -68.35 3.60 2.08
N ILE H 720 -68.81 3.53 0.85
CA ILE H 720 -70.14 3.00 0.51
C ILE H 720 -69.96 1.96 -0.58
N ASP H 721 -70.38 0.73 -0.29
CA ASP H 721 -70.34 -0.36 -1.26
C ASP H 721 -71.76 -0.70 -1.68
N PHE H 722 -71.98 -0.81 -2.99
CA PHE H 722 -73.31 -1.11 -3.51
C PHE H 722 -73.25 -2.20 -4.56
N SER H 723 -74.32 -2.97 -4.64
CA SER H 723 -74.49 -4.02 -5.62
C SER H 723 -75.97 -4.06 -6.02
N LEU H 724 -76.23 -4.01 -7.32
CA LEU H 724 -77.57 -3.86 -7.84
C LEU H 724 -77.83 -4.86 -8.96
N PHE H 725 -79.11 -5.22 -9.10
CA PHE H 725 -79.59 -6.07 -10.19
C PHE H 725 -78.97 -7.47 -10.12
N LYS H 726 -79.05 -8.08 -8.94
CA LYS H 726 -78.53 -9.42 -8.69
C LYS H 726 -77.04 -9.50 -9.00
N GLN H 727 -76.29 -8.61 -8.35
CA GLN H 727 -74.84 -8.53 -8.47
C GLN H 727 -74.40 -8.28 -9.91
N SER H 728 -75.20 -7.52 -10.67
CA SER H 728 -74.85 -7.18 -12.04
C SER H 728 -74.11 -5.86 -12.12
N LEU H 729 -74.48 -4.88 -11.30
CA LEU H 729 -73.83 -3.58 -11.26
C LEU H 729 -73.30 -3.37 -9.86
N TYR H 730 -71.99 -3.53 -9.68
CA TYR H 730 -71.37 -3.39 -8.38
C TYR H 730 -70.45 -2.17 -8.37
N GLY H 731 -70.17 -1.66 -7.18
CA GLY H 731 -69.32 -0.48 -7.09
C GLY H 731 -69.06 -0.09 -5.66
N SER H 732 -68.16 0.87 -5.52
CA SER H 732 -67.73 1.39 -4.22
C SER H 732 -67.29 2.83 -4.38
N LEU H 733 -67.56 3.62 -3.34
CA LEU H 733 -67.15 5.01 -3.28
C LEU H 733 -66.47 5.27 -1.96
N GLU H 734 -65.27 5.83 -1.99
CA GLU H 734 -64.46 6.04 -0.81
C GLU H 734 -64.03 7.49 -0.71
N TYR H 735 -63.98 8.00 0.52
CA TYR H 735 -63.40 9.30 0.80
C TYR H 735 -62.45 9.15 1.98
N TYR H 736 -61.22 9.64 1.82
CA TYR H 736 -60.20 9.43 2.83
C TYR H 736 -59.47 10.72 3.15
N TYR H 737 -59.08 10.83 4.42
CA TYR H 737 -58.29 11.94 4.93
C TYR H 737 -57.13 11.36 5.71
N LYS H 738 -55.91 11.62 5.23
CA LYS H 738 -54.69 11.15 5.87
C LYS H 738 -53.95 12.35 6.44
N LYS H 739 -53.48 12.21 7.69
CA LYS H 739 -52.75 13.28 8.35
C LYS H 739 -51.54 12.67 9.03
N ALA H 740 -50.34 12.98 8.53
CA ALA H 740 -49.11 12.48 9.10
C ALA H 740 -48.45 13.58 9.92
N THR H 741 -48.14 13.27 11.18
CA THR H 741 -47.54 14.21 12.10
C THR H 741 -46.30 13.61 12.74
N ASP H 742 -45.46 14.49 13.28
CA ASP H 742 -44.16 14.11 13.83
C ASP H 742 -43.33 13.36 12.81
N ILE H 743 -43.36 13.84 11.56
CA ILE H 743 -42.69 13.15 10.47
C ILE H 743 -41.19 13.19 10.68
N LEU H 744 -40.57 12.01 10.64
CA LEU H 744 -39.12 11.92 10.77
C LEU H 744 -38.47 12.40 9.48
N THR H 745 -37.87 13.58 9.52
CA THR H 745 -37.25 14.18 8.35
C THR H 745 -35.78 14.47 8.63
N GLU H 746 -34.98 14.36 7.57
CA GLU H 746 -33.54 14.62 7.63
C GLU H 746 -33.31 16.09 7.32
N MET H 747 -33.38 16.93 8.36
CA MET H 747 -33.16 18.35 8.17
C MET H 747 -31.67 18.62 8.06
N ALA H 748 -31.29 19.42 7.07
CA ALA H 748 -29.89 19.76 6.86
C ALA H 748 -29.44 20.80 7.88
N GLY H 749 -28.14 21.06 7.87
CA GLY H 749 -27.59 22.05 8.78
C GLY H 749 -27.98 23.46 8.38
N VAL H 750 -27.82 24.38 9.34
CA VAL H 750 -28.16 25.77 9.10
C VAL H 750 -27.28 26.39 8.03
N GLY H 751 -26.08 25.84 7.81
CA GLY H 751 -25.19 26.35 6.80
C GLY H 751 -23.84 26.72 7.37
N VAL H 752 -23.84 27.34 8.55
CA VAL H 752 -22.60 27.60 9.28
C VAL H 752 -22.26 26.44 10.19
N LEU H 753 -23.17 25.49 10.37
CA LEU H 753 -22.89 24.30 11.18
C LEU H 753 -21.91 23.37 10.48
N GLY H 754 -21.76 23.48 9.17
CA GLY H 754 -20.77 22.73 8.44
C GLY H 754 -21.22 21.31 8.12
N GLU H 755 -20.23 20.47 7.82
CA GLU H 755 -20.50 19.10 7.43
C GLU H 755 -21.06 18.30 8.61
N GLY H 756 -21.89 17.31 8.28
CA GLY H 756 -22.53 16.52 9.31
C GLY H 756 -23.66 17.20 10.03
N GLY H 757 -24.11 18.37 9.55
CA GLY H 757 -25.20 19.06 10.20
C GLY H 757 -26.55 18.43 9.98
N SER H 758 -26.66 17.48 9.04
CA SER H 758 -27.92 16.80 8.81
C SER H 758 -28.29 15.96 10.02
N ARG H 759 -29.56 16.01 10.39
CA ARG H 759 -30.04 15.29 11.56
C ARG H 759 -31.52 14.98 11.40
N TRP H 760 -31.94 13.87 12.00
CA TRP H 760 -33.34 13.44 11.95
C TRP H 760 -34.15 14.12 13.05
N ILE H 761 -35.31 14.63 12.67
CA ILE H 761 -36.15 15.36 13.61
C ILE H 761 -37.62 15.08 13.31
N ASN H 762 -38.46 15.20 14.33
CA ASN H 762 -39.90 15.02 14.21
C ASN H 762 -40.55 16.40 14.10
N SER H 763 -40.45 17.00 12.91
CA SER H 763 -40.96 18.35 12.68
C SER H 763 -41.67 18.44 11.34
N GLY H 764 -42.52 17.45 11.04
CA GLY H 764 -43.21 17.41 9.77
C GLY H 764 -44.72 17.30 9.97
N ALA H 765 -45.44 17.64 8.90
CA ALA H 765 -46.90 17.54 8.89
C ALA H 765 -47.37 17.48 7.45
N MET H 766 -48.10 16.43 7.10
CA MET H 766 -48.60 16.24 5.75
C MET H 766 -50.09 15.89 5.79
N LYS H 767 -50.82 16.35 4.78
CA LYS H 767 -52.25 16.12 4.67
C LYS H 767 -52.60 15.62 3.28
N ASN H 768 -53.53 14.67 3.20
CA ASN H 768 -53.95 14.08 1.94
C ASN H 768 -55.46 13.85 1.98
N GLN H 769 -56.20 14.60 1.20
CA GLN H 769 -57.63 14.38 1.03
C GLN H 769 -57.87 13.76 -0.33
N GLY H 770 -58.65 12.70 -0.37
CA GLY H 770 -58.84 11.98 -1.61
C GLY H 770 -60.20 11.34 -1.75
N PHE H 771 -60.62 11.15 -2.99
CA PHE H 771 -61.86 10.47 -3.36
C PHE H 771 -61.52 9.32 -4.31
N GLU H 772 -62.25 8.22 -4.18
CA GLU H 772 -62.09 7.07 -5.05
C GLU H 772 -63.46 6.56 -5.45
N PHE H 773 -63.58 6.07 -6.67
CA PHE H 773 -64.84 5.52 -7.17
C PHE H 773 -64.54 4.36 -8.09
N ASN H 774 -64.98 3.16 -7.70
CA ASN H 774 -64.83 1.95 -8.48
C ASN H 774 -66.21 1.50 -8.95
N LEU H 775 -66.33 1.17 -10.23
CA LEU H 775 -67.59 0.74 -10.79
C LEU H 775 -67.36 -0.46 -11.71
N GLY H 776 -68.34 -1.35 -11.74
CA GLY H 776 -68.28 -2.52 -12.60
C GLY H 776 -69.65 -3.01 -12.99
N TYR H 777 -69.81 -3.38 -14.26
CA TYR H 777 -71.09 -3.86 -14.77
C TYR H 777 -70.85 -5.08 -15.64
N ARG H 778 -71.47 -6.20 -15.26
CA ARG H 778 -71.36 -7.43 -16.02
C ARG H 778 -72.74 -7.96 -16.34
N ASN H 779 -72.95 -8.36 -17.59
CA ASN H 779 -74.24 -8.86 -18.04
C ASN H 779 -74.03 -9.65 -19.33
N LYS H 780 -75.04 -10.42 -19.70
CA LYS H 780 -75.00 -11.22 -20.91
C LYS H 780 -75.86 -10.56 -21.99
N THR H 781 -75.93 -11.22 -23.14
CA THR H 781 -76.65 -10.69 -24.30
C THR H 781 -77.49 -11.81 -24.90
N ALA H 782 -78.55 -11.43 -25.60
CA ALA H 782 -79.49 -12.40 -26.15
C ALA H 782 -78.82 -13.35 -27.13
N PHE H 783 -77.94 -12.80 -28.03
CA PHE H 783 -77.32 -13.62 -29.06
C PHE H 783 -76.03 -14.29 -28.61
N GLY H 784 -75.63 -14.12 -27.35
CA GLY H 784 -74.50 -14.87 -26.83
C GLY H 784 -73.21 -14.08 -26.71
N LEU H 785 -73.30 -12.84 -26.25
CA LEU H 785 -72.14 -12.01 -25.99
C LEU H 785 -72.10 -11.67 -24.51
N THR H 786 -70.95 -11.93 -23.88
CA THR H 786 -70.76 -11.65 -22.46
C THR H 786 -69.82 -10.46 -22.33
N TYR H 787 -70.35 -9.34 -21.85
CA TYR H 787 -69.57 -8.11 -21.70
C TYR H 787 -69.38 -7.79 -20.23
N ASP H 788 -68.13 -7.55 -19.84
CA ASP H 788 -67.77 -7.17 -18.48
C ASP H 788 -67.01 -5.86 -18.53
N LEU H 789 -67.55 -4.84 -17.87
CA LEU H 789 -66.93 -3.52 -17.83
C LEU H 789 -66.54 -3.20 -16.40
N ASN H 790 -65.29 -2.78 -16.21
CA ASN H 790 -64.78 -2.35 -14.91
C ASN H 790 -64.26 -0.93 -15.05
N GLY H 791 -64.94 0.01 -14.42
CA GLY H 791 -64.53 1.40 -14.45
C GLY H 791 -63.83 1.78 -13.15
N ASN H 792 -62.97 2.79 -13.24
CA ASN H 792 -62.24 3.26 -12.07
C ASN H 792 -61.91 4.73 -12.25
N ILE H 793 -62.07 5.51 -11.20
CA ILE H 793 -61.71 6.92 -11.22
C ILE H 793 -61.34 7.33 -9.80
N SER H 794 -60.31 8.18 -9.68
CA SER H 794 -59.85 8.60 -8.37
C SER H 794 -59.19 9.97 -8.48
N THR H 795 -59.13 10.66 -7.35
CA THR H 795 -58.49 11.96 -7.26
C THR H 795 -58.03 12.18 -5.83
N TYR H 796 -57.05 13.06 -5.67
CA TYR H 796 -56.54 13.36 -4.34
C TYR H 796 -55.84 14.71 -4.37
N ARG H 797 -55.68 15.29 -3.19
CA ARG H 797 -54.98 16.56 -3.01
C ARG H 797 -53.99 16.43 -1.87
N ASN H 798 -52.74 16.84 -2.13
CA ASN H 798 -51.67 16.74 -1.15
C ASN H 798 -51.29 18.14 -0.68
N GLU H 799 -50.92 18.25 0.59
CA GLU H 799 -50.57 19.53 1.18
C GLU H 799 -49.58 19.32 2.31
N ILE H 800 -48.57 20.20 2.39
CA ILE H 800 -47.59 20.18 3.46
C ILE H 800 -47.95 21.28 4.44
N LEU H 801 -48.09 20.92 5.72
CA LEU H 801 -48.56 21.84 6.74
C LEU H 801 -47.45 22.40 7.61
N GLU H 802 -46.47 21.58 7.98
CA GLU H 802 -45.33 22.03 8.76
C GLU H 802 -44.06 21.44 8.18
N LEU H 803 -42.95 22.14 8.39
CA LEU H 803 -41.67 21.72 7.85
C LEU H 803 -40.57 22.44 8.61
N PRO H 804 -39.41 21.80 8.81
CA PRO H 804 -38.29 22.50 9.44
C PRO H 804 -37.83 23.68 8.60
N GLU H 805 -37.29 24.69 9.28
CA GLU H 805 -36.92 25.94 8.60
C GLU H 805 -35.84 25.71 7.57
N THR H 806 -34.83 24.90 7.91
CA THR H 806 -33.75 24.63 6.95
C THR H 806 -34.27 23.87 5.73
N VAL H 807 -35.17 22.91 5.94
CA VAL H 807 -35.74 22.17 4.82
C VAL H 807 -36.55 23.10 3.92
N ALA H 808 -37.37 23.95 4.53
CA ALA H 808 -38.15 24.90 3.73
C ALA H 808 -37.24 25.85 2.97
N ALA H 809 -36.12 26.24 3.57
CA ALA H 809 -35.20 27.16 2.90
C ALA H 809 -34.49 26.48 1.72
N ASN H 810 -33.97 25.28 1.93
CA ASN H 810 -33.23 24.62 0.86
C ASN H 810 -34.15 24.07 -0.22
N GLY H 811 -35.43 23.89 0.07
CA GLY H 811 -36.38 23.47 -0.94
C GLY H 811 -36.14 22.08 -1.50
N LYS H 812 -35.78 21.13 -0.64
CA LYS H 812 -35.64 19.75 -1.09
C LYS H 812 -36.98 19.18 -1.50
N PHE H 813 -38.03 19.51 -0.75
CA PHE H 813 -39.37 19.00 -1.02
C PHE H 813 -40.18 19.92 -1.92
N GLY H 814 -39.60 21.01 -2.40
CA GLY H 814 -40.30 21.91 -3.29
C GLY H 814 -39.97 23.37 -3.06
N GLY H 815 -40.33 24.22 -4.02
CA GLY H 815 -40.08 25.64 -3.92
C GLY H 815 -38.76 26.10 -4.53
N ASN H 816 -37.89 25.17 -4.93
CA ASN H 816 -36.60 25.48 -5.55
C ASN H 816 -35.72 26.36 -4.68
N GLY H 817 -35.96 26.39 -3.37
CA GLY H 817 -35.19 27.22 -2.49
C GLY H 817 -35.53 28.69 -2.55
N VAL H 818 -36.60 29.07 -3.23
CA VAL H 818 -37.01 30.46 -3.35
C VAL H 818 -38.13 30.80 -2.38
N LYS H 819 -39.16 29.94 -2.33
CA LYS H 819 -40.27 30.13 -1.40
C LYS H 819 -40.56 28.83 -0.69
N SER H 820 -41.07 28.94 0.53
CA SER H 820 -41.35 27.76 1.34
C SER H 820 -42.51 26.97 0.74
N VAL H 821 -42.37 25.64 0.74
CA VAL H 821 -43.40 24.77 0.18
C VAL H 821 -44.55 24.55 1.16
N VAL H 822 -44.43 25.06 2.39
CA VAL H 822 -45.47 24.87 3.39
C VAL H 822 -46.78 25.47 2.88
N GLY H 823 -47.86 24.71 3.00
CA GLY H 823 -49.15 25.14 2.49
C GLY H 823 -49.39 24.82 1.03
N HIS H 824 -48.47 24.11 0.38
CA HIS H 824 -48.60 23.76 -1.02
C HIS H 824 -48.34 22.28 -1.21
N THR H 825 -48.61 21.80 -2.42
CA THR H 825 -48.45 20.39 -2.73
C THR H 825 -46.99 19.98 -2.67
N TYR H 826 -46.76 18.73 -2.25
CA TYR H 826 -45.43 18.18 -2.23
C TYR H 826 -44.82 18.19 -3.62
N GLY H 827 -43.60 18.68 -3.73
CA GLY H 827 -42.92 18.75 -5.01
C GLY H 827 -43.26 19.94 -5.88
N ALA H 828 -44.07 20.88 -5.39
CA ALA H 828 -44.41 22.06 -6.18
C ALA H 828 -43.18 22.92 -6.39
N GLN H 829 -43.12 23.58 -7.55
CA GLN H 829 -41.96 24.35 -7.96
C GLN H 829 -42.34 25.80 -8.19
N VAL H 830 -41.38 26.69 -7.93
CA VAL H 830 -41.55 28.12 -8.10
C VAL H 830 -40.65 28.58 -9.24
N GLY H 831 -41.22 29.32 -10.18
CA GLY H 831 -40.48 29.80 -11.32
C GLY H 831 -41.09 31.07 -11.89
N TYR H 832 -40.49 31.54 -12.98
CA TYR H 832 -40.98 32.73 -13.66
C TYR H 832 -42.21 32.37 -14.50
N ILE H 833 -42.82 33.39 -15.09
CA ILE H 833 -43.97 33.22 -15.98
C ILE H 833 -43.60 33.78 -17.33
N ALA H 834 -43.68 32.94 -18.37
CA ALA H 834 -43.29 33.34 -19.72
C ALA H 834 -44.54 33.83 -20.46
N ASP H 835 -44.58 35.12 -20.74
CA ASP H 835 -45.70 35.73 -21.46
C ASP H 835 -45.36 35.87 -22.94
N GLY H 836 -45.19 34.72 -23.60
CA GLY H 836 -44.85 34.75 -25.00
C GLY H 836 -43.41 35.19 -25.22
N ILE H 837 -43.14 35.64 -26.44
CA ILE H 837 -41.81 36.10 -26.82
C ILE H 837 -41.92 37.49 -27.45
N PHE H 838 -40.81 38.21 -27.41
CA PHE H 838 -40.76 39.53 -28.02
C PHE H 838 -40.77 39.39 -29.54
N LYS H 839 -41.58 40.21 -30.21
CA LYS H 839 -41.66 40.18 -31.65
C LYS H 839 -41.18 41.46 -32.33
N SER H 840 -40.91 42.51 -31.56
CA SER H 840 -40.39 43.74 -32.14
C SER H 840 -39.69 44.55 -31.07
N GLN H 841 -38.83 45.47 -31.53
CA GLN H 841 -38.14 46.36 -30.60
C GLN H 841 -39.12 47.24 -29.85
N ASP H 842 -40.25 47.59 -30.49
CA ASP H 842 -41.29 48.34 -29.79
C ASP H 842 -41.85 47.53 -28.63
N GLU H 843 -42.09 46.23 -28.84
CA GLU H 843 -42.55 45.37 -27.76
C GLU H 843 -41.51 45.27 -26.66
N VAL H 844 -40.23 45.14 -27.04
CA VAL H 844 -39.17 45.05 -26.05
C VAL H 844 -39.13 46.31 -25.20
N ASP H 845 -39.23 47.48 -25.83
CA ASP H 845 -39.22 48.73 -25.09
C ASP H 845 -40.44 48.88 -24.20
N ASN H 846 -41.62 48.49 -24.72
CA ASN H 846 -42.85 48.61 -23.94
C ASN H 846 -42.82 47.73 -22.70
N HIS H 847 -42.27 46.53 -22.82
CA HIS H 847 -42.20 45.64 -21.67
C HIS H 847 -41.26 46.20 -20.60
N ALA H 848 -41.47 45.74 -19.38
CA ALA H 848 -40.61 46.15 -18.27
C ALA H 848 -39.18 45.70 -18.53
N THR H 849 -38.23 46.51 -18.06
CA THR H 849 -36.82 46.25 -18.33
C THR H 849 -36.38 44.93 -17.71
N GLN H 850 -35.58 44.18 -18.46
CA GLN H 850 -35.03 42.93 -17.98
C GLN H 850 -33.71 42.67 -18.68
N GLU H 851 -32.83 41.93 -18.01
CA GLU H 851 -31.51 41.66 -18.55
C GLU H 851 -31.59 40.73 -19.75
N GLY H 852 -30.92 41.10 -20.83
CA GLY H 852 -30.88 40.26 -22.01
C GLY H 852 -32.10 40.30 -22.89
N ALA H 853 -33.04 41.23 -22.64
CA ALA H 853 -34.22 41.33 -23.47
C ALA H 853 -33.84 41.78 -24.88
N ALA H 854 -34.42 41.10 -25.88
CA ALA H 854 -34.15 41.41 -27.27
C ALA H 854 -35.28 40.85 -28.12
N VAL H 855 -35.21 41.08 -29.42
CA VAL H 855 -36.22 40.59 -30.34
C VAL H 855 -36.11 39.08 -30.45
N GLY H 856 -37.25 38.40 -30.31
CA GLY H 856 -37.26 36.95 -30.39
C GLY H 856 -36.95 36.23 -29.10
N ARG H 857 -36.81 36.95 -27.99
CA ARG H 857 -36.50 36.35 -26.70
C ARG H 857 -37.75 36.21 -25.84
N ILE H 858 -37.65 35.34 -24.84
CA ILE H 858 -38.79 35.08 -23.97
C ILE H 858 -39.08 36.29 -23.11
N ARG H 859 -40.34 36.70 -23.07
CA ARG H 859 -40.80 37.79 -22.24
C ARG H 859 -41.34 37.24 -20.93
N TYR H 860 -40.86 37.79 -19.81
CA TYR H 860 -41.23 37.32 -18.49
C TYR H 860 -42.16 38.33 -17.83
N ARG H 861 -43.25 37.83 -17.27
CA ARG H 861 -44.24 38.70 -16.64
C ARG H 861 -43.68 39.35 -15.39
N ASP H 862 -44.05 40.61 -15.17
CA ASP H 862 -43.70 41.34 -13.96
C ASP H 862 -44.80 41.11 -12.94
N ILE H 863 -44.57 40.22 -11.98
CA ILE H 863 -45.60 39.83 -11.04
C ILE H 863 -45.91 40.96 -10.07
N ASP H 864 -44.88 41.61 -9.53
CA ASP H 864 -45.08 42.65 -8.54
C ASP H 864 -45.17 44.06 -9.13
N HIS H 865 -45.06 44.19 -10.45
CA HIS H 865 -45.20 45.46 -11.14
C HIS H 865 -44.21 46.51 -10.61
N ASN H 866 -42.99 46.06 -10.32
CA ASN H 866 -41.94 46.97 -9.88
C ASN H 866 -41.20 47.62 -11.03
N GLY H 867 -41.48 47.19 -12.27
CA GLY H 867 -40.82 47.74 -13.44
C GLY H 867 -39.56 47.02 -13.85
N VAL H 868 -39.08 46.07 -13.06
CA VAL H 868 -37.85 45.34 -13.37
C VAL H 868 -38.06 43.86 -13.03
N ILE H 869 -37.54 42.99 -13.90
CA ILE H 869 -37.64 41.55 -13.69
C ILE H 869 -36.45 41.12 -12.83
N ASP H 870 -36.73 40.47 -11.71
CA ASP H 870 -35.69 40.06 -10.77
C ASP H 870 -36.15 38.79 -10.08
N GLU H 871 -35.50 38.47 -8.95
CA GLU H 871 -35.84 37.26 -8.21
C GLU H 871 -37.27 37.27 -7.71
N ARG H 872 -37.76 38.45 -7.30
CA ARG H 872 -39.07 38.55 -6.71
C ARG H 872 -40.21 38.33 -7.70
N ASP H 873 -39.90 38.26 -8.99
CA ASP H 873 -40.91 38.01 -10.02
C ASP H 873 -41.07 36.52 -10.30
N GLN H 874 -41.29 35.74 -9.26
CA GLN H 874 -41.52 34.31 -9.38
C GLN H 874 -42.76 33.92 -8.58
N ASN H 875 -43.46 32.89 -9.05
CA ASN H 875 -44.68 32.43 -8.43
C ASN H 875 -44.75 30.91 -8.55
N TRP H 876 -45.82 30.34 -8.00
CA TRP H 876 -46.03 28.90 -8.06
C TRP H 876 -46.55 28.51 -9.44
N ILE H 877 -45.79 27.69 -10.15
CA ILE H 877 -46.11 27.35 -11.53
C ILE H 877 -46.29 25.86 -11.76
N TYR H 878 -45.79 25.00 -10.87
CA TYR H 878 -45.80 23.55 -11.08
C TYR H 878 -46.55 22.87 -9.95
N ASP H 879 -47.39 21.91 -10.30
CA ASP H 879 -48.16 21.13 -9.33
C ASP H 879 -48.25 19.70 -9.84
N PRO H 880 -47.49 18.78 -9.25
CA PRO H 880 -47.46 17.40 -9.75
C PRO H 880 -48.60 16.54 -9.23
N THR H 881 -49.81 17.09 -9.25
CA THR H 881 -50.99 16.38 -8.78
C THR H 881 -52.02 16.34 -9.90
N PRO H 882 -52.37 15.16 -10.42
CA PRO H 882 -53.37 15.10 -11.48
C PRO H 882 -54.74 15.52 -10.98
N SER H 883 -55.53 16.08 -11.89
CA SER H 883 -56.92 16.38 -11.55
C SER H 883 -57.68 15.10 -11.24
N PHE H 884 -57.51 14.07 -12.05
CA PHE H 884 -58.07 12.75 -11.73
C PHE H 884 -57.46 11.70 -12.64
N SER H 885 -57.31 10.49 -12.09
CA SER H 885 -56.77 9.36 -12.82
C SER H 885 -57.85 8.30 -12.94
N TYR H 886 -58.05 7.77 -14.14
CA TYR H 886 -59.12 6.84 -14.42
C TYR H 886 -58.60 5.66 -15.22
N GLY H 887 -59.37 4.58 -15.20
CA GLY H 887 -59.05 3.39 -15.95
C GLY H 887 -60.32 2.65 -16.33
N LEU H 888 -60.25 1.92 -17.44
CA LEU H 888 -61.42 1.20 -17.94
C LEU H 888 -60.98 -0.13 -18.52
N ASN H 889 -61.64 -1.21 -18.09
CA ASN H 889 -61.37 -2.55 -18.57
C ASN H 889 -62.63 -3.10 -19.22
N ILE H 890 -62.49 -3.62 -20.44
CA ILE H 890 -63.60 -4.19 -21.20
C ILE H 890 -63.22 -5.62 -21.56
N TYR H 891 -64.12 -6.56 -21.26
CA TYR H 891 -63.91 -7.98 -21.55
C TYR H 891 -65.12 -8.50 -22.30
N LEU H 892 -64.92 -8.89 -23.55
CA LEU H 892 -66.00 -9.38 -24.39
C LEU H 892 -65.75 -10.85 -24.75
N GLU H 893 -66.73 -11.69 -24.50
CA GLU H 893 -66.66 -13.11 -24.80
C GLU H 893 -67.76 -13.46 -25.80
N TYR H 894 -67.38 -14.13 -26.89
CA TYR H 894 -68.32 -14.49 -27.94
C TYR H 894 -67.73 -15.63 -28.75
N LYS H 895 -68.40 -16.79 -28.70
CA LYS H 895 -68.06 -17.96 -29.51
C LYS H 895 -66.56 -18.28 -29.43
N ASN H 896 -66.11 -18.57 -28.22
CA ASN H 896 -64.74 -18.96 -27.92
C ASN H 896 -63.72 -17.87 -28.23
N PHE H 897 -64.17 -16.64 -28.47
CA PHE H 897 -63.29 -15.51 -28.72
C PHE H 897 -63.41 -14.54 -27.56
N ASP H 898 -62.30 -14.24 -26.89
CA ASP H 898 -62.30 -13.29 -25.80
C ASP H 898 -61.39 -12.11 -26.13
N LEU H 899 -61.93 -10.91 -26.03
CA LEU H 899 -61.20 -9.68 -26.29
C LEU H 899 -61.14 -8.86 -25.01
N THR H 900 -59.94 -8.56 -24.56
CA THR H 900 -59.69 -7.74 -23.38
C THR H 900 -59.06 -6.43 -23.80
N MET H 901 -59.52 -5.34 -23.20
CA MET H 901 -59.09 -4.00 -23.61
C MET H 901 -59.04 -3.13 -22.36
N PHE H 902 -57.84 -2.76 -21.93
CA PHE H 902 -57.65 -1.91 -20.76
C PHE H 902 -57.03 -0.59 -21.19
N TRP H 903 -57.74 0.49 -20.91
CA TRP H 903 -57.30 1.86 -21.12
C TRP H 903 -56.99 2.50 -19.78
N GLN H 904 -55.97 3.37 -19.74
CA GLN H 904 -55.66 4.14 -18.56
C GLN H 904 -55.44 5.59 -18.96
N GLY H 905 -56.03 6.50 -18.19
CA GLY H 905 -55.92 7.92 -18.50
C GLY H 905 -55.64 8.72 -17.25
N VAL H 906 -54.92 9.82 -17.44
CA VAL H 906 -54.63 10.78 -16.39
C VAL H 906 -54.98 12.16 -16.93
N GLN H 907 -55.70 12.94 -16.13
CA GLN H 907 -56.16 14.25 -16.58
C GLN H 907 -55.79 15.31 -15.54
N GLY H 908 -55.32 16.45 -16.03
CA GLY H 908 -55.01 17.57 -15.16
C GLY H 908 -53.67 17.50 -14.47
N VAL H 909 -52.66 16.93 -15.12
CA VAL H 909 -51.33 16.78 -14.54
C VAL H 909 -50.35 17.62 -15.35
N ASP H 910 -49.46 18.32 -14.65
CA ASP H 910 -48.41 19.11 -15.27
C ASP H 910 -47.07 18.41 -15.10
N ILE H 911 -46.20 18.59 -16.09
CA ILE H 911 -44.89 17.96 -16.09
C ILE H 911 -43.84 18.98 -16.48
N ILE H 912 -42.69 18.93 -15.82
CA ILE H 912 -41.54 19.75 -16.19
C ILE H 912 -40.77 19.00 -17.26
N SER H 913 -40.65 19.59 -18.44
CA SER H 913 -40.05 18.94 -19.60
C SER H 913 -38.59 19.35 -19.72
N ASP H 914 -37.68 18.45 -19.35
CA ASP H 914 -36.27 18.68 -19.58
C ASP H 914 -35.88 18.50 -21.04
N VAL H 915 -36.67 17.73 -21.80
CA VAL H 915 -36.40 17.58 -23.22
C VAL H 915 -36.65 18.89 -23.96
N LYS H 916 -37.65 19.67 -23.52
CA LYS H 916 -37.90 20.97 -24.13
C LYS H 916 -36.69 21.88 -24.02
N LYS H 917 -35.92 21.74 -22.93
CA LYS H 917 -34.75 22.57 -22.71
C LYS H 917 -33.79 22.50 -23.88
N LYS H 918 -33.64 21.31 -24.48
CA LYS H 918 -32.73 21.11 -25.60
C LYS H 918 -33.44 20.89 -26.92
N SER H 919 -34.77 20.90 -26.94
CA SER H 919 -35.50 20.80 -28.19
C SER H 919 -36.09 22.13 -28.67
N ASP H 920 -36.20 23.12 -27.79
CA ASP H 920 -36.75 24.42 -28.16
C ASP H 920 -35.75 25.55 -28.14
N PHE H 921 -34.52 25.31 -27.68
CA PHE H 921 -33.51 26.35 -27.57
C PHE H 921 -32.20 25.87 -28.16
N TRP H 922 -31.42 26.82 -28.65
CA TRP H 922 -30.06 26.59 -29.11
C TRP H 922 -29.11 27.21 -28.12
N SER H 923 -28.06 26.48 -27.75
CA SER H 923 -27.06 26.95 -26.79
C SER H 923 -27.69 27.30 -25.45
N ALA H 924 -28.65 26.48 -25.01
CA ALA H 924 -29.21 26.57 -23.67
C ALA H 924 -28.84 25.37 -22.82
N SER H 925 -27.86 24.59 -23.25
CA SER H 925 -27.40 23.42 -22.54
C SER H 925 -26.11 23.72 -21.79
N ASN H 926 -25.50 22.68 -21.23
CA ASN H 926 -24.25 22.86 -20.50
C ASN H 926 -23.14 23.36 -21.42
N VAL H 927 -23.02 22.76 -22.60
CA VAL H 927 -21.98 23.11 -23.56
C VAL H 927 -22.65 23.41 -24.89
N GLY H 928 -21.94 24.17 -25.72
CA GLY H 928 -22.50 24.58 -26.99
C GLY H 928 -22.35 23.53 -28.08
N PHE H 929 -23.03 23.81 -29.19
CA PHE H 929 -22.93 23.00 -30.41
C PHE H 929 -23.41 21.57 -30.20
N LEU H 930 -24.31 21.36 -29.25
CA LEU H 930 -24.90 20.05 -29.05
C LEU H 930 -26.06 19.83 -30.01
N ASN H 931 -26.36 18.57 -30.27
CA ASN H 931 -27.51 18.23 -31.11
C ASN H 931 -28.80 18.57 -30.38
N LYS H 932 -29.78 19.07 -31.13
CA LYS H 932 -31.05 19.51 -30.59
C LYS H 932 -32.20 18.77 -31.27
N GLY H 933 -33.42 19.06 -30.82
CA GLY H 933 -34.59 18.43 -31.39
C GLY H 933 -34.95 19.01 -32.75
N THR H 934 -35.76 18.25 -33.48
CA THR H 934 -36.14 18.65 -34.84
C THR H 934 -37.05 19.88 -34.83
N ARG H 935 -37.88 20.02 -33.80
CA ARG H 935 -38.81 21.15 -33.75
C ARG H 935 -38.10 22.49 -33.53
N LEU H 936 -36.79 22.46 -33.25
CA LEU H 936 -36.03 23.70 -33.16
C LEU H 936 -36.05 24.47 -34.48
N LEU H 937 -36.23 23.77 -35.60
CA LEU H 937 -36.20 24.44 -36.90
C LEU H 937 -37.33 25.45 -37.06
N ASN H 938 -38.46 25.22 -36.42
CA ASN H 938 -39.59 26.13 -36.50
C ASN H 938 -39.52 27.21 -35.42
N ALA H 939 -38.38 27.88 -35.33
CA ALA H 939 -38.20 28.96 -34.37
C ALA H 939 -38.65 30.28 -34.97
N TRP H 940 -38.92 31.24 -34.11
CA TRP H 940 -39.38 32.54 -34.56
C TRP H 940 -38.28 33.27 -35.33
N SER H 941 -38.70 33.96 -36.40
CA SER H 941 -37.81 34.75 -37.22
C SER H 941 -38.64 35.74 -38.00
N PRO H 942 -38.04 36.81 -38.53
CA PRO H 942 -38.81 37.71 -39.40
C PRO H 942 -39.41 36.99 -40.60
N THR H 943 -38.75 35.95 -41.10
CA THR H 943 -39.30 35.14 -42.18
C THR H 943 -40.39 34.19 -41.68
N ASN H 944 -40.37 33.84 -40.40
CA ASN H 944 -41.33 32.89 -39.82
C ASN H 944 -42.00 33.57 -38.62
N PRO H 945 -42.94 34.47 -38.86
CA PRO H 945 -43.53 35.23 -37.75
C PRO H 945 -44.53 34.43 -36.93
N ASN H 946 -45.23 33.50 -37.58
CA ASN H 946 -46.28 32.71 -36.92
C ASN H 946 -45.62 31.54 -36.18
N SER H 947 -44.99 31.86 -35.06
CA SER H 947 -44.33 30.84 -34.25
C SER H 947 -44.23 31.35 -32.83
N ASP H 948 -44.05 30.41 -31.90
CA ASP H 948 -43.87 30.73 -30.49
C ASP H 948 -42.50 30.33 -29.95
N ILE H 949 -41.76 29.49 -30.65
CA ILE H 949 -40.42 29.09 -30.20
C ILE H 949 -39.49 30.30 -30.30
N PRO H 950 -38.71 30.60 -29.27
CA PRO H 950 -37.84 31.78 -29.32
C PRO H 950 -36.78 31.65 -30.41
N ALA H 951 -36.34 32.79 -30.92
CA ALA H 951 -35.35 32.81 -31.98
C ALA H 951 -34.03 32.21 -31.51
N LEU H 952 -33.33 31.56 -32.43
CA LEU H 952 -32.07 30.92 -32.10
C LEU H 952 -31.01 31.94 -31.75
N THR H 953 -30.14 31.56 -30.81
CA THR H 953 -29.04 32.42 -30.40
C THR H 953 -27.90 31.54 -29.89
N ARG H 954 -26.69 32.09 -29.93
CA ARG H 954 -25.53 31.36 -29.45
C ARG H 954 -25.20 31.63 -28.00
N SER H 955 -25.73 32.69 -27.42
CA SER H 955 -25.46 33.04 -26.03
C SER H 955 -26.79 33.17 -25.29
N ASP H 956 -26.83 32.62 -24.08
CA ASP H 956 -28.02 32.70 -23.23
C ASP H 956 -28.01 33.99 -22.41
N THR H 957 -28.04 35.11 -23.13
CA THR H 957 -28.06 36.42 -22.48
C THR H 957 -29.33 36.61 -21.67
N ASN H 958 -30.47 36.16 -22.21
CA ASN H 958 -31.74 36.30 -21.51
C ASN H 958 -31.89 35.34 -20.34
N ASN H 959 -30.96 34.40 -20.19
CA ASN H 959 -31.03 33.38 -19.14
C ASN H 959 -32.35 32.61 -19.21
N GLU H 960 -32.55 31.95 -20.36
CA GLU H 960 -33.77 31.18 -20.58
C GLU H 960 -33.72 29.81 -19.92
N GLN H 961 -32.58 29.43 -19.33
CA GLN H 961 -32.51 28.19 -18.57
C GLN H 961 -33.23 28.27 -17.25
N ARG H 962 -33.65 29.45 -16.81
CA ARG H 962 -34.33 29.60 -15.54
C ARG H 962 -35.67 28.87 -15.56
N VAL H 963 -36.11 28.44 -14.38
CA VAL H 963 -37.38 27.74 -14.26
C VAL H 963 -38.51 28.71 -14.58
N SER H 964 -39.38 28.31 -15.50
CA SER H 964 -40.46 29.17 -15.95
C SER H 964 -41.59 28.30 -16.48
N THR H 965 -42.73 28.95 -16.76
CA THR H 965 -43.89 28.24 -17.29
C THR H 965 -43.66 27.70 -18.69
N TYR H 966 -42.58 28.12 -19.36
CA TYR H 966 -42.30 27.62 -20.70
C TYR H 966 -42.07 26.11 -20.68
N PHE H 967 -41.37 25.61 -19.66
CA PHE H 967 -41.05 24.20 -19.55
C PHE H 967 -42.15 23.38 -18.87
N VAL H 968 -43.24 24.01 -18.46
CA VAL H 968 -44.37 23.31 -17.87
C VAL H 968 -45.38 23.02 -18.96
N GLU H 969 -45.71 21.75 -19.14
CA GLU H 969 -46.62 21.33 -20.20
C GLU H 969 -47.77 20.52 -19.60
N ASN H 970 -48.80 20.32 -20.41
CA ASN H 970 -49.95 19.53 -20.02
C ASN H 970 -49.63 18.06 -20.20
N GLY H 971 -49.48 17.34 -19.10
CA GLY H 971 -49.16 15.93 -19.13
C GLY H 971 -50.36 15.01 -19.23
N SER H 972 -51.56 15.55 -19.42
CA SER H 972 -52.74 14.72 -19.52
C SER H 972 -52.64 13.78 -20.71
N PHE H 973 -53.06 12.53 -20.52
CA PHE H 973 -52.95 11.53 -21.56
C PHE H 973 -54.00 10.45 -21.34
N LEU H 974 -54.19 9.65 -22.37
CA LEU H 974 -55.06 8.47 -22.28
C LEU H 974 -54.49 7.42 -23.24
N LYS H 975 -53.97 6.33 -22.69
CA LYS H 975 -53.32 5.31 -23.51
C LYS H 975 -53.99 3.96 -23.31
N LEU H 976 -54.10 3.23 -24.41
CA LEU H 976 -54.58 1.85 -24.38
C LEU H 976 -53.48 0.99 -23.78
N ARG H 977 -53.58 0.74 -22.47
CA ARG H 977 -52.52 0.01 -21.79
C ARG H 977 -52.37 -1.40 -22.32
N ASN H 978 -53.48 -2.08 -22.60
CA ASN H 978 -53.38 -3.46 -23.06
C ASN H 978 -54.56 -3.81 -23.94
N ILE H 979 -54.30 -4.59 -24.98
CA ILE H 979 -55.36 -5.20 -25.79
C ILE H 979 -54.95 -6.63 -26.07
N GLN H 980 -55.91 -7.54 -26.05
CA GLN H 980 -55.60 -8.95 -26.22
C GLN H 980 -56.80 -9.65 -26.84
N LEU H 981 -56.57 -10.33 -27.97
CA LEU H 981 -57.59 -11.15 -28.61
C LEU H 981 -57.17 -12.60 -28.52
N GLY H 982 -58.05 -13.45 -28.02
CA GLY H 982 -57.73 -14.85 -27.82
C GLY H 982 -58.83 -15.75 -28.32
N TYR H 983 -58.42 -16.94 -28.74
CA TYR H 983 -59.33 -18.00 -29.19
C TYR H 983 -59.10 -19.23 -28.34
N THR H 984 -60.18 -19.81 -27.83
CA THR H 984 -60.13 -20.99 -27.00
C THR H 984 -60.61 -22.20 -27.80
N VAL H 985 -59.82 -23.26 -27.81
CA VAL H 985 -60.21 -24.48 -28.52
C VAL H 985 -61.45 -25.06 -27.86
N PRO H 986 -62.46 -25.50 -28.61
CA PRO H 986 -63.68 -26.01 -27.99
C PRO H 986 -63.41 -27.22 -27.13
N ALA H 987 -64.25 -27.38 -26.10
CA ALA H 987 -64.03 -28.42 -25.10
C ALA H 987 -64.06 -29.81 -25.70
N VAL H 988 -64.92 -30.04 -26.69
CA VAL H 988 -65.01 -31.37 -27.29
C VAL H 988 -63.71 -31.72 -28.01
N ILE H 989 -63.13 -30.77 -28.76
CA ILE H 989 -61.84 -31.04 -29.40
C ILE H 989 -60.75 -31.20 -28.34
N SER H 990 -60.82 -30.43 -27.26
CA SER H 990 -59.83 -30.57 -26.20
C SER H 990 -59.85 -31.97 -25.59
N LYS H 991 -61.04 -32.47 -25.27
CA LYS H 991 -61.13 -33.82 -24.71
C LYS H 991 -60.77 -34.88 -25.74
N LYS H 992 -61.09 -34.66 -27.01
CA LYS H 992 -60.69 -35.60 -28.06
C LYS H 992 -59.17 -35.68 -28.15
N MET H 993 -58.49 -34.55 -28.04
CA MET H 993 -57.03 -34.50 -28.08
C MET H 993 -56.40 -34.76 -26.71
N ARG H 994 -57.21 -35.03 -25.69
CA ARG H 994 -56.81 -35.51 -24.36
C ARG H 994 -56.19 -34.45 -23.47
N MET H 995 -56.30 -33.17 -23.80
CA MET H 995 -55.84 -32.12 -22.90
C MET H 995 -57.00 -31.21 -22.51
N ASP H 996 -56.81 -30.51 -21.39
CA ASP H 996 -57.78 -29.57 -20.87
C ASP H 996 -57.73 -28.25 -21.61
N ARG H 997 -58.29 -27.20 -21.00
CA ARG H 997 -58.41 -25.87 -21.56
C ARG H 997 -57.18 -25.48 -22.38
N LEU H 998 -57.42 -25.15 -23.65
CA LEU H 998 -56.38 -24.76 -24.59
C LEU H 998 -56.73 -23.41 -25.19
N ARG H 999 -55.79 -22.48 -25.16
CA ARG H 999 -56.07 -21.12 -25.59
C ARG H 999 -54.86 -20.54 -26.32
N PHE H 1000 -55.13 -19.78 -27.38
CA PHE H 1000 -54.12 -18.98 -28.05
C PHE H 1000 -54.53 -17.52 -27.96
N TYR H 1001 -53.54 -16.62 -27.96
CA TYR H 1001 -53.86 -15.21 -27.86
C TYR H 1001 -52.76 -14.37 -28.50
N CYS H 1002 -53.17 -13.21 -29.01
CA CYS H 1002 -52.26 -12.18 -29.50
C CYS H 1002 -52.61 -10.87 -28.83
N SER H 1003 -51.62 -10.18 -28.29
CA SER H 1003 -51.83 -8.98 -27.50
C SER H 1003 -50.88 -7.88 -27.91
N ALA H 1004 -51.28 -6.65 -27.62
CA ALA H 1004 -50.44 -5.47 -27.81
C ALA H 1004 -50.47 -4.63 -26.55
N GLN H 1005 -49.29 -4.24 -26.10
CA GLN H 1005 -49.13 -3.41 -24.90
C GLN H 1005 -48.53 -2.07 -25.31
N ASN H 1006 -49.14 -0.99 -24.80
CA ASN H 1006 -48.74 0.38 -25.12
C ASN H 1006 -48.84 0.66 -26.62
N LEU H 1007 -49.88 0.12 -27.25
CA LEU H 1007 -50.02 0.24 -28.70
C LEU H 1007 -50.41 1.66 -29.11
N LEU H 1008 -51.39 2.25 -28.42
CA LEU H 1008 -51.96 3.52 -28.83
C LEU H 1008 -52.06 4.47 -27.64
N THR H 1009 -51.89 5.76 -27.92
CA THR H 1009 -51.99 6.78 -26.89
C THR H 1009 -52.52 8.07 -27.48
N ILE H 1010 -53.19 8.86 -26.65
CA ILE H 1010 -53.70 10.17 -27.03
C ILE H 1010 -53.16 11.18 -26.02
N LYS H 1011 -52.60 12.27 -26.54
CA LYS H 1011 -51.97 13.30 -25.73
C LYS H 1011 -52.53 14.65 -26.10
N SER H 1012 -52.43 15.60 -25.17
CA SER H 1012 -52.89 16.95 -25.42
C SER H 1012 -51.99 17.65 -26.42
N LYS H 1013 -52.58 18.58 -27.18
CA LYS H 1013 -51.81 19.34 -28.16
C LYS H 1013 -50.79 20.26 -27.49
N ASN H 1014 -50.99 20.60 -26.21
CA ASN H 1014 -50.06 21.45 -25.50
C ASN H 1014 -48.74 20.75 -25.17
N PHE H 1015 -48.68 19.43 -25.31
CA PHE H 1015 -47.47 18.67 -25.05
C PHE H 1015 -46.63 18.61 -26.31
N THR H 1016 -45.52 19.34 -26.32
CA THR H 1016 -44.68 19.38 -27.52
C THR H 1016 -43.87 18.11 -27.69
N GLY H 1017 -43.58 17.40 -26.59
CA GLY H 1017 -42.81 16.19 -26.66
C GLY H 1017 -43.68 14.99 -26.99
N GLU H 1018 -43.19 13.82 -26.60
CA GLU H 1018 -43.92 12.57 -26.82
C GLU H 1018 -43.82 11.71 -25.58
N ASP H 1019 -44.72 10.73 -25.49
CA ASP H 1019 -44.85 9.84 -24.34
C ASP H 1019 -45.00 10.63 -23.05
N PRO H 1020 -46.17 11.22 -22.81
CA PRO H 1020 -46.34 12.05 -21.60
C PRO H 1020 -46.07 11.32 -20.31
N GLU H 1021 -46.26 10.00 -20.27
CA GLU H 1021 -45.97 9.25 -19.06
C GLU H 1021 -44.48 9.33 -18.72
N ASN H 1022 -43.62 9.29 -19.73
CA ASN H 1022 -42.17 9.34 -19.56
C ASN H 1022 -41.62 10.48 -20.40
N PRO H 1023 -41.78 11.72 -19.94
CA PRO H 1023 -41.35 12.88 -20.73
C PRO H 1023 -39.91 13.30 -20.53
N ASN H 1024 -39.08 12.48 -19.89
CA ASN H 1024 -37.71 12.83 -19.57
C ASN H 1024 -36.76 11.85 -20.26
N PHE H 1025 -35.48 11.95 -19.90
CA PHE H 1025 -34.43 11.15 -20.53
C PHE H 1025 -34.28 9.77 -19.89
N SER H 1026 -35.31 9.28 -19.20
CA SER H 1026 -35.25 7.95 -18.62
C SER H 1026 -35.46 6.91 -19.72
N TYR H 1027 -35.53 5.64 -19.32
CA TYR H 1027 -35.58 4.56 -20.28
C TYR H 1027 -36.91 4.60 -21.02
N PRO H 1028 -36.91 4.41 -22.34
CA PRO H 1028 -38.16 4.53 -23.10
C PRO H 1028 -39.11 3.37 -22.85
N ILE H 1029 -40.38 3.63 -23.09
CA ILE H 1029 -41.44 2.63 -22.98
C ILE H 1029 -41.75 2.11 -24.39
N PRO H 1030 -41.56 0.82 -24.66
CA PRO H 1030 -41.78 0.30 -26.01
C PRO H 1030 -43.20 -0.21 -26.22
N VAL H 1031 -43.50 -0.53 -27.47
CA VAL H 1031 -44.74 -1.19 -27.85
C VAL H 1031 -44.46 -2.68 -27.95
N ASN H 1032 -45.26 -3.49 -27.25
CA ASN H 1032 -45.05 -4.92 -27.21
C ASN H 1032 -46.12 -5.63 -28.03
N ILE H 1033 -45.70 -6.50 -28.94
CA ILE H 1033 -46.60 -7.35 -29.70
C ILE H 1033 -46.31 -8.79 -29.30
N THR H 1034 -47.29 -9.46 -28.72
CA THR H 1034 -47.09 -10.75 -28.05
C THR H 1034 -48.01 -11.80 -28.65
N PHE H 1035 -47.48 -13.01 -28.80
CA PHE H 1035 -48.26 -14.18 -29.16
C PHE H 1035 -48.00 -15.26 -28.12
N GLY H 1036 -49.07 -15.83 -27.57
CA GLY H 1036 -48.93 -16.79 -26.49
C GLY H 1036 -49.97 -17.87 -26.54
N LEU H 1037 -49.71 -18.93 -25.77
CA LEU H 1037 -50.61 -20.07 -25.67
C LEU H 1037 -50.62 -20.59 -24.23
N ASN H 1038 -51.77 -21.14 -23.85
CA ASN H 1038 -51.98 -21.75 -22.55
C ASN H 1038 -52.56 -23.14 -22.74
N ILE H 1039 -52.01 -24.12 -22.03
CA ILE H 1039 -52.41 -25.52 -22.14
C ILE H 1039 -52.68 -26.05 -20.74
N GLY H 1040 -53.79 -26.77 -20.57
CA GLY H 1040 -54.13 -27.30 -19.27
C GLY H 1040 -53.96 -28.79 -19.09
N PHE H 1041 -53.71 -29.52 -20.18
CA PHE H 1041 -53.61 -30.99 -20.14
C PHE H 1041 -54.77 -31.64 -19.37
#